data_5EOM
#
_entry.id   5EOM
#
_cell.length_a   115.000
_cell.length_b   177.760
_cell.length_c   134.940
_cell.angle_alpha   90.00
_cell.angle_beta   97.58
_cell.angle_gamma   90.00
#
_symmetry.space_group_name_H-M   'P 1 21 1'
#
loop_
_entity.id
_entity.type
_entity.pdbx_description
1 polymer 'Protein mab-21-like 1'
2 non-polymer 'CITRIC ACID'
3 non-polymer 'trimethylamine oxide'
4 non-polymer "CYTIDINE-5'-TRIPHOSPHATE"
5 water water
#
_entity_poly.entity_id   1
_entity_poly.type   'polypeptide(L)'
_entity_poly.pdbx_seq_one_letter_code
;GAMDIAAQAKLVYHLNKYYNEKCQARKAAIAKTIREVCKVVSDVLKEVEVQEPRFISSLNEMDNRYEGLEVISPTEFEVV
LYLNQMGVFNFVDDGSLPGCAVLKLSDGRKRSMSLWVEFITASGYLSARKIRSRFQTLVAQAVDKCSYRDVVKMVADTSE
VKLRIRDRYVVQITPAFKCTGIWPRSAAHWPLPHIPWPGPNRVAEVKAEGFNLLSKECHSLAGKQSSAESDAWVLQFAEA
ENRLQMGGCRKKCLSILKTLRDRHLELPGQPLNNYHMKTLVSYECEKHPRESDWDESCLGDRLNGILLQLISCLQCRRCP
HYFLPNLDLFQGKPHSALENAAKQTWRLAREILTNPKSLEKL
;
_entity_poly.pdbx_strand_id   A,B,D,E,F,G,H,I,J,C
#
# COMPACT_ATOMS: atom_id res chain seq x y z
N ASP A 4 -30.01 -11.55 -17.57
CA ASP A 4 -29.41 -12.36 -16.53
C ASP A 4 -29.81 -11.88 -15.13
N ILE A 5 -30.10 -10.58 -15.02
CA ILE A 5 -30.71 -10.08 -13.80
C ILE A 5 -32.16 -10.57 -13.73
N ALA A 6 -32.80 -10.73 -14.89
CA ALA A 6 -34.15 -11.26 -14.93
C ALA A 6 -34.20 -12.70 -14.47
N ALA A 7 -33.17 -13.50 -14.82
CA ALA A 7 -33.17 -14.90 -14.40
C ALA A 7 -32.89 -15.04 -12.92
N GLN A 8 -31.95 -14.27 -12.38
CA GLN A 8 -31.70 -14.30 -10.94
C GLN A 8 -32.91 -13.78 -10.17
N ALA A 9 -33.54 -12.73 -10.67
CA ALA A 9 -34.76 -12.22 -10.05
C ALA A 9 -35.89 -13.23 -10.16
N LYS A 10 -35.99 -13.92 -11.29
CA LYS A 10 -37.03 -14.92 -11.46
C LYS A 10 -36.87 -16.07 -10.47
N LEU A 11 -35.63 -16.48 -10.20
CA LEU A 11 -35.39 -17.53 -9.22
C LEU A 11 -35.80 -17.09 -7.82
N VAL A 12 -35.47 -15.85 -7.44
CA VAL A 12 -35.84 -15.35 -6.11
C VAL A 12 -37.35 -15.28 -5.98
N TYR A 13 -38.04 -14.85 -7.04
CA TYR A 13 -39.49 -14.73 -7.00
C TYR A 13 -40.16 -16.09 -6.76
N HIS A 14 -39.75 -17.11 -7.50
CA HIS A 14 -40.43 -18.40 -7.39
C HIS A 14 -40.03 -19.16 -6.13
N LEU A 15 -38.82 -18.92 -5.62
CA LEU A 15 -38.45 -19.50 -4.33
C LEU A 15 -39.32 -18.94 -3.22
N ASN A 16 -39.63 -17.64 -3.28
CA ASN A 16 -40.49 -17.04 -2.27
C ASN A 16 -41.93 -17.56 -2.39
N LYS A 17 -42.42 -17.79 -3.61
CA LYS A 17 -43.71 -18.46 -3.74
C LYS A 17 -43.65 -19.86 -3.16
N TYR A 18 -42.57 -20.59 -3.43
CA TYR A 18 -42.40 -21.92 -2.87
C TYR A 18 -42.40 -21.88 -1.35
N TYR A 19 -41.69 -20.92 -0.77
CA TYR A 19 -41.69 -20.77 0.68
C TYR A 19 -43.08 -20.41 1.19
N ASN A 20 -43.76 -19.49 0.51
CA ASN A 20 -45.08 -19.06 0.98
C ASN A 20 -46.13 -20.15 0.82
N GLU A 21 -45.94 -21.06 -0.14
CA GLU A 21 -46.93 -22.11 -0.37
C GLU A 21 -46.50 -23.44 0.24
N LYS A 22 -45.53 -24.13 -0.36
CA LYS A 22 -45.16 -25.46 0.12
C LYS A 22 -44.52 -25.41 1.51
N CYS A 23 -43.63 -24.45 1.76
CA CYS A 23 -42.98 -24.41 3.06
C CYS A 23 -43.97 -24.07 4.17
N GLN A 24 -44.91 -23.17 3.90
CA GLN A 24 -45.90 -22.81 4.91
C GLN A 24 -46.85 -23.96 5.19
N ALA A 25 -47.25 -24.70 4.16
CA ALA A 25 -48.07 -25.89 4.37
C ALA A 25 -47.30 -26.94 5.16
N ARG A 26 -46.02 -27.14 4.83
CA ARG A 26 -45.20 -28.10 5.57
C ARG A 26 -45.12 -27.74 7.04
N LYS A 27 -44.90 -26.46 7.36
CA LYS A 27 -44.85 -26.06 8.76
C LYS A 27 -46.15 -26.36 9.47
N ALA A 28 -47.28 -26.16 8.79
CA ALA A 28 -48.58 -26.40 9.41
C ALA A 28 -48.83 -27.89 9.60
N ALA A 29 -48.49 -28.70 8.59
CA ALA A 29 -48.73 -30.13 8.68
C ALA A 29 -47.87 -30.77 9.77
N ILE A 30 -46.60 -30.40 9.85
CA ILE A 30 -45.71 -30.97 10.85
C ILE A 30 -46.11 -30.50 12.24
N ALA A 31 -46.56 -29.24 12.37
CA ALA A 31 -47.05 -28.76 13.65
C ALA A 31 -48.25 -29.58 14.12
N LYS A 32 -49.14 -29.93 13.19
CA LYS A 32 -50.28 -30.79 13.53
C LYS A 32 -49.80 -32.16 13.98
N THR A 33 -48.85 -32.75 13.24
CA THR A 33 -48.31 -34.05 13.64
C THR A 33 -47.60 -33.96 14.98
N ILE A 34 -46.86 -32.86 15.22
CA ILE A 34 -46.16 -32.71 16.49
C ILE A 34 -47.14 -32.62 17.63
N ARG A 35 -48.28 -31.97 17.41
CA ARG A 35 -49.28 -31.79 18.45
C ARG A 35 -49.85 -33.13 18.89
N GLU A 36 -50.20 -33.99 17.94
CA GLU A 36 -50.79 -35.29 18.27
C GLU A 36 -49.73 -36.27 18.76
N VAL A 37 -48.48 -36.10 18.33
CA VAL A 37 -47.42 -37.00 18.75
C VAL A 37 -46.96 -36.68 20.16
N CYS A 38 -46.90 -35.40 20.53
CA CYS A 38 -46.42 -35.02 21.84
C CYS A 38 -47.40 -35.35 22.95
N LYS A 39 -48.71 -35.29 22.68
CA LYS A 39 -49.65 -35.66 23.72
C LYS A 39 -49.65 -37.16 24.00
N VAL A 40 -49.23 -37.96 23.02
CA VAL A 40 -48.95 -39.37 23.27
C VAL A 40 -47.64 -39.52 24.05
N VAL A 41 -46.64 -38.71 23.73
CA VAL A 41 -45.37 -38.78 24.42
C VAL A 41 -45.52 -38.30 25.86
N SER A 42 -46.32 -37.27 26.08
CA SER A 42 -46.53 -36.76 27.42
C SER A 42 -47.23 -37.79 28.31
N ASP A 43 -48.17 -38.55 27.73
CA ASP A 43 -48.87 -39.57 28.52
C ASP A 43 -47.94 -40.73 28.88
N VAL A 44 -47.11 -41.17 27.93
CA VAL A 44 -46.12 -42.20 28.21
C VAL A 44 -45.13 -41.71 29.25
N LEU A 45 -44.68 -40.46 29.12
CA LEU A 45 -43.63 -39.95 30.00
C LEU A 45 -44.16 -39.70 31.40
N LYS A 46 -45.41 -39.25 31.53
CA LYS A 46 -45.99 -39.07 32.85
C LYS A 46 -46.19 -40.40 33.57
N GLU A 47 -46.33 -41.50 32.82
CA GLU A 47 -46.37 -42.81 33.46
C GLU A 47 -45.00 -43.21 33.99
N VAL A 48 -43.94 -42.90 33.24
CA VAL A 48 -42.58 -43.14 33.72
C VAL A 48 -42.32 -42.36 35.01
N GLU A 49 -42.75 -41.09 35.06
CA GLU A 49 -42.37 -40.22 36.16
C GLU A 49 -43.00 -40.64 37.48
N VAL A 50 -44.18 -41.26 37.46
CA VAL A 50 -44.74 -41.79 38.71
C VAL A 50 -43.91 -42.96 39.21
N GLN A 51 -43.41 -43.80 38.30
CA GLN A 51 -42.52 -44.89 38.70
C GLN A 51 -41.12 -44.41 39.06
N GLU A 52 -40.65 -43.34 38.43
CA GLU A 52 -39.28 -42.86 38.64
C GLU A 52 -39.30 -41.35 38.48
N PRO A 53 -39.35 -40.61 39.59
CA PRO A 53 -39.47 -39.14 39.50
C PRO A 53 -38.25 -38.44 38.92
N ARG A 54 -37.11 -39.11 38.79
CA ARG A 54 -35.93 -38.45 38.22
C ARG A 54 -36.09 -38.20 36.73
N PHE A 55 -36.98 -38.94 36.06
CA PHE A 55 -37.28 -38.73 34.64
C PHE A 55 -38.50 -37.82 34.55
N ILE A 56 -38.28 -36.52 34.67
CA ILE A 56 -39.38 -35.56 34.56
C ILE A 56 -39.55 -35.15 33.10
N SER A 57 -40.79 -34.94 32.70
CA SER A 57 -41.09 -34.53 31.33
C SER A 57 -40.72 -33.07 31.14
N SER A 58 -39.76 -32.81 30.24
CA SER A 58 -39.38 -31.45 29.87
C SER A 58 -40.03 -31.04 28.56
N LEU A 59 -41.33 -31.30 28.44
CA LEU A 59 -42.09 -30.93 27.24
C LEU A 59 -42.77 -29.58 27.47
N ASN A 60 -41.96 -28.54 27.42
CA ASN A 60 -42.43 -27.17 27.61
C ASN A 60 -42.80 -26.59 26.26
N GLU A 61 -44.08 -26.25 26.08
CA GLU A 61 -44.49 -25.62 24.82
C GLU A 61 -44.09 -24.16 24.75
N MET A 62 -43.74 -23.55 25.89
CA MET A 62 -43.14 -22.22 25.98
C MET A 62 -43.78 -21.19 25.04
N ASN A 64 -42.97 -20.32 20.63
CA ASN A 64 -44.09 -21.24 20.86
C ASN A 64 -43.80 -22.59 20.22
N ARG A 65 -42.84 -23.32 20.79
CA ARG A 65 -42.46 -24.63 20.30
CA ARG A 65 -42.43 -24.63 20.30
C ARG A 65 -42.12 -25.52 21.50
N TYR A 66 -41.97 -26.81 21.24
CA TYR A 66 -41.64 -27.79 22.27
C TYR A 66 -40.13 -27.80 22.45
N GLU A 67 -39.67 -27.38 23.63
CA GLU A 67 -38.25 -27.39 23.92
C GLU A 67 -37.73 -28.82 23.91
N GLY A 68 -36.58 -29.02 23.25
CA GLY A 68 -35.96 -30.32 23.16
C GLY A 68 -36.42 -31.17 22.00
N LEU A 69 -37.36 -30.71 21.20
CA LEU A 69 -37.90 -31.49 20.10
C LEU A 69 -37.23 -31.10 18.80
N GLU A 70 -36.81 -32.10 18.02
CA GLU A 70 -36.14 -31.92 16.74
C GLU A 70 -36.91 -32.68 15.67
N VAL A 71 -37.09 -32.05 14.51
CA VAL A 71 -37.72 -32.69 13.37
C VAL A 71 -36.66 -33.34 12.50
N ILE A 72 -36.84 -34.63 12.22
CA ILE A 72 -35.97 -35.38 11.32
C ILE A 72 -36.64 -35.55 9.95
N SER A 73 -37.94 -35.78 9.97
CA SER A 73 -38.73 -36.08 8.79
C SER A 73 -40.17 -35.73 9.12
N PRO A 74 -41.05 -35.64 8.10
CA PRO A 74 -42.47 -35.43 8.40
C PRO A 74 -43.07 -36.49 9.31
N THR A 75 -42.43 -37.65 9.48
CA THR A 75 -42.96 -38.73 10.32
C THR A 75 -41.99 -39.18 11.39
N GLU A 76 -40.87 -38.49 11.56
CA GLU A 76 -39.84 -38.90 12.52
C GLU A 76 -39.38 -37.71 13.33
N PHE A 77 -39.21 -37.92 14.64
CA PHE A 77 -38.89 -36.84 15.56
C PHE A 77 -37.95 -37.38 16.63
N GLU A 78 -37.22 -36.46 17.28
CA GLU A 78 -36.44 -36.80 18.46
C GLU A 78 -36.78 -35.79 19.55
N VAL A 79 -37.22 -36.30 20.69
CA VAL A 79 -37.48 -35.50 21.87
C VAL A 79 -36.31 -35.67 22.83
N VAL A 80 -35.68 -34.56 23.17
CA VAL A 80 -34.59 -34.56 24.14
C VAL A 80 -35.19 -34.38 25.52
N LEU A 81 -35.02 -35.38 26.38
CA LEU A 81 -35.57 -35.37 27.71
C LEU A 81 -34.48 -34.88 28.66
N TYR A 82 -34.60 -33.64 29.11
CA TYR A 82 -33.57 -33.06 29.97
C TYR A 82 -33.77 -33.56 31.39
N LEU A 83 -32.70 -34.07 31.97
CA LEU A 83 -32.74 -34.69 33.28
C LEU A 83 -32.23 -33.70 34.32
N ASN A 84 -33.00 -33.54 35.40
CA ASN A 84 -32.49 -32.82 36.54
C ASN A 84 -31.18 -33.44 37.00
N GLN A 85 -30.30 -32.59 37.51
CA GLN A 85 -29.07 -33.09 38.11
C GLN A 85 -28.65 -32.12 39.20
N MET A 86 -27.81 -32.61 40.09
CA MET A 86 -27.30 -31.77 41.17
CA MET A 86 -27.27 -31.81 41.18
C MET A 86 -26.08 -30.98 40.76
N GLY A 87 -25.29 -31.48 39.80
CA GLY A 87 -24.10 -30.77 39.36
C GLY A 87 -22.87 -31.19 40.13
N VAL A 88 -22.76 -32.50 40.40
CA VAL A 88 -21.60 -33.04 41.09
C VAL A 88 -20.58 -33.64 40.14
N PHE A 89 -20.81 -33.55 38.84
CA PHE A 89 -19.97 -34.18 37.84
C PHE A 89 -19.09 -33.17 37.13
N ASN A 90 -17.92 -33.63 36.70
CA ASN A 90 -17.01 -32.85 35.88
C ASN A 90 -17.18 -33.23 34.42
N PHE A 91 -17.23 -32.22 33.56
CA PHE A 91 -17.24 -32.44 32.12
C PHE A 91 -15.83 -32.73 31.64
N VAL A 92 -15.66 -33.87 30.96
CA VAL A 92 -14.35 -34.30 30.47
C VAL A 92 -14.49 -34.68 29.00
N ASP A 93 -13.77 -33.98 28.14
CA ASP A 93 -13.79 -34.22 26.70
C ASP A 93 -12.35 -34.22 26.18
N ASP A 94 -11.71 -35.38 26.22
CA ASP A 94 -10.57 -35.65 25.37
C ASP A 94 -11.07 -36.29 24.08
N GLY A 95 -10.19 -36.38 23.08
CA GLY A 95 -10.66 -36.91 21.83
C GLY A 95 -10.63 -38.42 21.73
N SER A 96 -10.67 -39.09 22.88
CA SER A 96 -10.64 -40.56 22.89
C SER A 96 -11.89 -41.13 22.26
N LEU A 97 -13.05 -40.51 22.52
CA LEU A 97 -14.30 -40.87 21.87
C LEU A 97 -14.74 -39.67 21.03
N PRO A 98 -14.46 -39.67 19.73
CA PRO A 98 -14.81 -38.50 18.90
C PRO A 98 -16.31 -38.25 18.89
N GLY A 99 -16.69 -36.98 19.07
CA GLY A 99 -18.07 -36.59 19.15
C GLY A 99 -18.74 -36.94 20.46
N CYS A 100 -17.98 -37.41 21.44
CA CYS A 100 -18.53 -37.86 22.71
C CYS A 100 -17.73 -37.24 23.85
N ALA A 101 -18.32 -37.25 25.04
CA ALA A 101 -17.68 -36.74 26.23
C ALA A 101 -18.15 -37.56 27.42
N VAL A 102 -17.60 -37.26 28.59
CA VAL A 102 -17.77 -38.10 29.76
C VAL A 102 -18.01 -37.23 30.99
N LEU A 103 -18.77 -37.77 31.94
CA LEU A 103 -19.08 -37.07 33.18
C LEU A 103 -18.51 -37.88 34.33
N LYS A 104 -17.63 -37.25 35.11
CA LYS A 104 -16.94 -37.94 36.19
C LYS A 104 -17.20 -37.20 37.50
N LEU A 105 -17.25 -37.97 38.58
CA LEU A 105 -17.59 -37.40 39.88
C LEU A 105 -16.42 -36.58 40.41
N SER A 106 -16.75 -35.46 41.07
CA SER A 106 -15.77 -34.40 41.27
C SER A 106 -14.65 -34.82 42.22
N ASP A 107 -14.98 -35.57 43.27
CA ASP A 107 -13.96 -36.22 44.08
C ASP A 107 -14.52 -37.53 44.60
N GLY A 108 -13.63 -38.36 45.16
CA GLY A 108 -13.89 -39.74 45.56
C GLY A 108 -15.21 -40.26 46.12
N ARG A 109 -15.74 -39.56 47.13
CA ARG A 109 -17.02 -39.90 47.70
C ARG A 109 -17.95 -38.72 47.33
N LYS A 110 -19.16 -38.74 47.92
CA LYS A 110 -20.29 -37.88 47.54
C LYS A 110 -21.07 -38.60 46.44
N ARG A 111 -20.83 -39.89 46.23
CA ARG A 111 -21.71 -40.64 45.34
C ARG A 111 -23.14 -40.63 45.87
N SER A 112 -23.28 -40.72 47.20
CA SER A 112 -24.56 -40.48 47.85
C SER A 112 -25.16 -39.14 47.46
N MET A 113 -24.31 -38.15 47.16
CA MET A 113 -24.81 -36.81 46.86
C MET A 113 -25.52 -36.74 45.52
N SER A 114 -25.24 -37.66 44.61
CA SER A 114 -25.85 -37.57 43.29
C SER A 114 -27.25 -38.17 43.29
N LEU A 115 -28.08 -37.65 42.38
CA LEU A 115 -29.44 -38.14 42.18
C LEU A 115 -29.43 -39.47 41.44
N TRP A 116 -28.34 -39.77 40.73
CA TRP A 116 -28.17 -40.95 39.90
C TRP A 116 -27.10 -41.87 40.47
N VAL A 117 -27.08 -41.99 41.80
CA VAL A 117 -26.01 -42.68 42.51
C VAL A 117 -25.78 -44.10 41.97
N GLU A 118 -26.87 -44.82 41.68
CA GLU A 118 -26.69 -46.21 41.24
C GLU A 118 -26.10 -46.30 39.83
N PHE A 119 -26.16 -45.21 39.06
CA PHE A 119 -25.67 -45.22 37.69
C PHE A 119 -24.24 -44.74 37.56
N ILE A 120 -23.58 -44.39 38.66
CA ILE A 120 -22.17 -44.01 38.64
C ILE A 120 -21.33 -45.27 38.79
N THR A 121 -20.35 -45.45 37.92
CA THR A 121 -19.53 -46.64 37.93
C THR A 121 -18.57 -46.64 39.12
N ALA A 122 -17.86 -47.76 39.29
CA ALA A 122 -16.80 -47.81 40.28
C ALA A 122 -15.68 -46.85 39.92
N SER A 123 -15.42 -46.66 38.62
CA SER A 123 -14.43 -45.68 38.18
C SER A 123 -14.87 -44.25 38.46
N GLY A 124 -16.15 -44.03 38.73
CA GLY A 124 -16.66 -42.71 39.02
C GLY A 124 -17.33 -42.00 37.86
N TYR A 125 -17.70 -42.71 36.81
CA TYR A 125 -18.30 -42.12 35.62
C TYR A 125 -19.81 -42.34 35.63
N LEU A 126 -20.54 -41.30 35.24
CA LEU A 126 -21.99 -41.41 35.06
C LEU A 126 -22.27 -42.06 33.70
N SER A 127 -22.89 -43.23 33.74
CA SER A 127 -23.03 -44.09 32.57
C SER A 127 -24.25 -43.69 31.75
N ALA A 128 -24.02 -43.31 30.49
CA ALA A 128 -25.14 -43.03 29.58
C ALA A 128 -25.94 -44.29 29.28
N ARG A 129 -25.25 -45.43 29.09
CA ARG A 129 -25.94 -46.66 28.71
C ARG A 129 -26.81 -47.19 29.84
N LYS A 130 -26.31 -47.14 31.07
CA LYS A 130 -27.09 -47.63 32.21
C LYS A 130 -28.35 -46.81 32.43
N ILE A 131 -28.27 -45.50 32.20
CA ILE A 131 -29.43 -44.65 32.37
C ILE A 131 -30.47 -44.93 31.29
N ARG A 132 -30.02 -45.03 30.04
CA ARG A 132 -30.94 -45.31 28.94
C ARG A 132 -31.60 -46.67 29.08
N SER A 133 -30.85 -47.67 29.57
CA SER A 133 -31.41 -49.01 29.71
C SER A 133 -32.53 -49.02 30.75
N ARG A 134 -32.29 -48.38 31.90
CA ARG A 134 -33.33 -48.22 32.91
C ARG A 134 -34.52 -47.45 32.33
N PHE A 135 -34.25 -46.39 31.59
CA PHE A 135 -35.32 -45.61 30.96
C PHE A 135 -36.09 -46.45 29.95
N GLN A 136 -35.39 -47.32 29.20
CA GLN A 136 -36.06 -48.17 28.23
C GLN A 136 -37.03 -49.13 28.91
N THR A 137 -36.60 -49.75 30.02
CA THR A 137 -37.50 -50.65 30.75
C THR A 137 -38.72 -49.91 31.27
N LEU A 138 -38.55 -48.68 31.76
CA LEU A 138 -39.68 -47.91 32.24
C LEU A 138 -40.63 -47.56 31.10
N VAL A 139 -40.09 -47.19 29.94
CA VAL A 139 -40.94 -46.82 28.80
C VAL A 139 -41.68 -48.03 28.27
N ALA A 140 -41.00 -49.19 28.18
CA ALA A 140 -41.65 -50.39 27.70
C ALA A 140 -42.83 -50.78 28.58
N GLN A 141 -42.75 -50.50 29.88
CA GLN A 141 -43.87 -50.75 30.77
C GLN A 141 -44.97 -49.71 30.57
N ALA A 142 -44.60 -48.46 30.32
CA ALA A 142 -45.60 -47.40 30.19
C ALA A 142 -46.46 -47.56 28.94
N VAL A 143 -45.85 -47.95 27.81
CA VAL A 143 -46.63 -48.10 26.57
C VAL A 143 -47.63 -49.25 26.65
N ASP A 144 -47.51 -50.15 27.62
CA ASP A 144 -48.51 -51.19 27.81
C ASP A 144 -49.58 -50.79 28.82
N LYS A 145 -49.39 -49.69 29.54
CA LYS A 145 -50.25 -49.29 30.64
C LYS A 145 -50.98 -47.96 30.41
N CYS A 146 -50.41 -47.06 29.61
CA CYS A 146 -50.98 -45.72 29.49
C CYS A 146 -52.29 -45.74 28.71
N SER A 147 -53.01 -44.62 28.79
CA SER A 147 -54.32 -44.50 28.16
C SER A 147 -54.25 -44.68 26.65
N TYR A 148 -53.14 -44.28 26.02
CA TYR A 148 -52.98 -44.34 24.57
C TYR A 148 -52.40 -45.66 24.10
N ARG A 149 -52.40 -46.70 24.95
CA ARG A 149 -51.59 -47.89 24.67
C ARG A 149 -51.98 -48.57 23.36
N ASP A 150 -53.23 -48.41 22.91
CA ASP A 150 -53.64 -49.03 21.66
C ASP A 150 -52.95 -48.41 20.44
N VAL A 151 -52.43 -47.20 20.56
CA VAL A 151 -51.82 -46.49 19.43
C VAL A 151 -50.32 -46.32 19.58
N VAL A 152 -49.73 -46.83 20.65
CA VAL A 152 -48.29 -46.72 20.88
C VAL A 152 -47.72 -48.11 21.08
N LYS A 153 -46.73 -48.46 20.26
CA LYS A 153 -45.84 -49.57 20.53
C LYS A 153 -44.43 -49.00 20.67
N MET A 154 -43.54 -49.79 21.25
CA MET A 154 -42.14 -49.41 21.35
C MET A 154 -41.34 -50.18 20.33
N VAL A 155 -40.43 -49.49 19.65
CA VAL A 155 -39.67 -50.12 18.57
C VAL A 155 -38.72 -51.16 19.16
N ALA A 156 -38.65 -52.31 18.51
CA ALA A 156 -37.88 -53.44 19.01
C ALA A 156 -36.49 -53.49 18.37
N ASP A 157 -35.65 -54.36 18.93
CA ASP A 157 -34.32 -54.65 18.41
C ASP A 157 -33.40 -53.43 18.43
N THR A 158 -33.72 -52.41 19.23
CA THR A 158 -32.87 -51.23 19.35
C THR A 158 -32.68 -50.89 20.83
N SER A 159 -31.46 -50.44 21.16
CA SER A 159 -31.18 -49.94 22.51
C SER A 159 -31.71 -48.53 22.71
N GLU A 160 -32.03 -47.82 21.63
CA GLU A 160 -32.66 -46.52 21.76
C GLU A 160 -34.12 -46.68 22.16
N VAL A 161 -34.66 -45.68 22.84
CA VAL A 161 -36.07 -45.67 23.20
C VAL A 161 -36.82 -44.96 22.08
N LYS A 162 -37.60 -45.73 21.31
CA LYS A 162 -38.38 -45.18 20.21
C LYS A 162 -39.82 -45.63 20.35
N LEU A 163 -40.75 -44.70 20.21
CA LEU A 163 -42.17 -45.00 20.20
C LEU A 163 -42.65 -44.92 18.76
N ARG A 164 -43.42 -45.93 18.34
CA ARG A 164 -44.08 -45.90 17.05
C ARG A 164 -45.55 -45.67 17.29
N ILE A 165 -46.08 -44.58 16.75
CA ILE A 165 -47.41 -44.06 17.09
C ILE A 165 -48.33 -44.22 15.87
N ARG A 166 -49.45 -44.90 16.08
CA ARG A 166 -50.46 -45.13 15.04
C ARG A 166 -49.85 -45.75 13.80
N ASP A 167 -48.76 -46.49 13.98
CA ASP A 167 -48.06 -47.18 12.89
C ASP A 167 -47.62 -46.21 11.80
N ARG A 168 -47.39 -44.94 12.16
CA ARG A 168 -46.98 -43.93 11.20
C ARG A 168 -45.76 -43.17 11.67
N TYR A 169 -45.79 -42.69 12.90
CA TYR A 169 -44.81 -41.74 13.42
C TYR A 169 -43.86 -42.44 14.38
N VAL A 170 -42.59 -42.06 14.31
CA VAL A 170 -41.55 -42.61 15.17
C VAL A 170 -40.92 -41.47 15.96
N VAL A 171 -40.82 -41.64 17.27
CA VAL A 171 -40.27 -40.63 18.16
C VAL A 171 -39.18 -41.28 19.00
N GLN A 172 -37.96 -40.77 18.90
CA GLN A 172 -36.89 -41.19 19.78
C GLN A 172 -36.88 -40.25 20.97
N ILE A 173 -36.87 -40.82 22.18
CA ILE A 173 -36.83 -40.03 23.40
C ILE A 173 -35.46 -40.26 24.02
N THR A 174 -34.64 -39.20 24.02
CA THR A 174 -33.24 -39.31 24.36
C THR A 174 -32.95 -38.61 25.69
N PRO A 175 -32.55 -39.35 26.72
CA PRO A 175 -32.16 -38.70 27.98
C PRO A 175 -30.93 -37.82 27.77
N ALA A 176 -30.90 -36.69 28.48
CA ALA A 176 -29.85 -35.72 28.21
C ALA A 176 -29.62 -34.84 29.43
N PHE A 177 -28.43 -34.26 29.48
CA PHE A 177 -28.07 -33.23 30.44
C PHE A 177 -27.68 -31.97 29.67
N LYS A 178 -28.15 -30.83 30.15
CA LYS A 178 -27.84 -29.55 29.54
C LYS A 178 -26.57 -29.02 30.21
N CYS A 179 -25.56 -28.69 29.40
CA CYS A 179 -24.31 -28.16 29.92
C CYS A 179 -24.20 -26.68 29.56
N THR A 180 -24.11 -25.85 30.60
CA THR A 180 -23.89 -24.42 30.47
C THR A 180 -22.57 -24.05 31.14
N GLY A 181 -22.08 -22.86 30.86
CA GLY A 181 -20.84 -22.40 31.47
C GLY A 181 -19.62 -23.19 31.06
N ILE A 182 -19.63 -23.76 29.86
CA ILE A 182 -18.49 -24.52 29.36
C ILE A 182 -18.62 -24.63 27.86
N TRP A 183 -17.51 -24.43 27.15
CA TRP A 183 -17.48 -24.80 25.76
C TRP A 183 -16.58 -26.02 25.59
N PRO A 184 -17.00 -27.01 24.81
CA PRO A 184 -16.24 -28.26 24.74
C PRO A 184 -14.91 -28.09 24.01
N ARG A 185 -13.93 -28.88 24.45
CA ARG A 185 -12.60 -28.84 23.84
C ARG A 185 -12.67 -29.21 22.37
N SER A 186 -13.52 -30.17 22.02
CA SER A 186 -13.69 -30.59 20.62
C SER A 186 -14.27 -29.50 19.74
N ALA A 187 -14.82 -28.45 20.34
CA ALA A 187 -15.39 -27.33 19.60
C ALA A 187 -14.65 -26.03 19.87
N ALA A 188 -13.56 -26.06 20.64
CA ALA A 188 -12.83 -24.86 21.00
C ALA A 188 -12.13 -24.19 19.83
N HIS A 189 -11.99 -24.89 18.69
CA HIS A 189 -11.43 -24.25 17.50
C HIS A 189 -12.37 -23.20 16.93
N TRP A 190 -13.67 -23.40 17.10
CA TRP A 190 -14.69 -22.49 16.59
C TRP A 190 -14.81 -21.28 17.51
N PRO A 191 -14.94 -20.07 16.95
CA PRO A 191 -14.99 -19.68 15.54
C PRO A 191 -13.60 -19.57 14.92
N LEU A 192 -13.53 -19.80 13.62
CA LEU A 192 -12.26 -19.78 12.92
C LEU A 192 -11.64 -18.38 13.00
N PRO A 193 -10.31 -18.30 13.13
CA PRO A 193 -9.68 -16.99 13.42
C PRO A 193 -9.90 -15.96 12.33
N HIS A 194 -9.87 -16.38 11.07
CA HIS A 194 -9.94 -15.44 9.97
C HIS A 194 -11.37 -15.06 9.62
N ILE A 195 -12.30 -16.02 9.68
CA ILE A 195 -13.62 -15.82 9.08
C ILE A 195 -14.35 -14.66 9.75
N PRO A 196 -14.87 -13.71 8.97
CA PRO A 196 -15.59 -12.56 9.56
C PRO A 196 -16.88 -12.95 10.26
N TRP A 197 -17.25 -14.22 10.27
CA TRP A 197 -18.56 -14.64 10.74
C TRP A 197 -18.47 -15.81 11.71
N PRO A 198 -19.26 -15.77 12.79
CA PRO A 198 -20.17 -14.64 13.03
C PRO A 198 -19.49 -13.49 13.75
N GLY A 199 -20.22 -12.39 13.93
CA GLY A 199 -19.74 -11.31 14.74
C GLY A 199 -19.35 -11.82 16.11
N PRO A 200 -18.28 -11.26 16.68
CA PRO A 200 -17.87 -11.69 18.02
C PRO A 200 -18.99 -11.59 19.02
N ASN A 201 -19.85 -10.59 18.86
CA ASN A 201 -21.06 -10.48 19.67
C ASN A 201 -21.97 -11.68 19.46
N ARG A 202 -22.05 -12.20 18.23
CA ARG A 202 -22.90 -13.36 17.97
C ARG A 202 -22.28 -14.62 18.55
N VAL A 203 -20.95 -14.73 18.50
CA VAL A 203 -20.26 -15.90 19.04
C VAL A 203 -20.51 -16.02 20.54
N ALA A 204 -20.44 -14.89 21.25
CA ALA A 204 -20.58 -14.91 22.71
C ALA A 204 -21.97 -15.38 23.15
N GLU A 205 -23.00 -15.16 22.36
CA GLU A 205 -24.31 -15.68 22.74
C GLU A 205 -24.50 -17.13 22.30
N VAL A 206 -23.89 -17.54 21.20
CA VAL A 206 -23.95 -18.94 20.79
C VAL A 206 -23.26 -19.82 21.85
N LYS A 207 -22.06 -19.42 22.27
CA LYS A 207 -21.39 -20.21 23.30
C LYS A 207 -22.12 -20.12 24.63
N ALA A 208 -22.82 -19.02 24.89
CA ALA A 208 -23.63 -18.91 26.09
C ALA A 208 -24.84 -19.82 26.03
N GLU A 209 -25.26 -20.21 24.82
CA GLU A 209 -26.38 -21.12 24.64
C GLU A 209 -26.09 -22.49 25.23
N GLY A 210 -24.82 -22.84 25.39
CA GLY A 210 -24.39 -24.11 25.92
C GLY A 210 -24.59 -25.21 24.89
N PHE A 211 -24.58 -26.44 25.40
CA PHE A 211 -24.70 -27.63 24.57
C PHE A 211 -25.32 -28.74 25.39
N ASN A 212 -25.67 -29.83 24.71
CA ASN A 212 -26.31 -30.96 25.37
C ASN A 212 -25.44 -32.21 25.27
N LEU A 213 -25.58 -33.08 26.27
CA LEU A 213 -24.98 -34.40 26.30
C LEU A 213 -26.10 -35.42 26.22
N LEU A 214 -26.10 -36.24 25.17
CA LEU A 214 -27.19 -37.15 24.89
C LEU A 214 -26.76 -38.60 25.11
N SER A 215 -27.70 -39.40 25.63
CA SER A 215 -27.51 -40.83 25.80
C SER A 215 -28.08 -41.53 24.58
N LYS A 216 -27.20 -41.80 23.61
CA LYS A 216 -27.53 -42.58 22.43
C LYS A 216 -26.27 -43.30 22.00
N GLU A 217 -26.38 -44.13 20.96
CA GLU A 217 -25.22 -44.80 20.40
C GLU A 217 -24.60 -43.94 19.30
N CYS A 218 -23.35 -44.27 18.98
CA CYS A 218 -22.57 -43.55 17.99
C CYS A 218 -21.35 -44.37 17.61
N HIS A 219 -20.74 -43.98 16.48
CA HIS A 219 -19.42 -44.41 15.93
C HIS A 219 -19.56 -44.83 14.48
N GLU A 229 -17.33 -51.29 22.06
CA GLU A 229 -18.10 -50.67 23.12
C GLU A 229 -17.37 -49.52 23.79
N SER A 230 -18.11 -48.44 24.01
CA SER A 230 -17.82 -47.46 25.04
C SER A 230 -19.16 -46.96 25.56
N ASP A 231 -19.14 -46.26 26.68
CA ASP A 231 -20.39 -45.67 27.17
C ASP A 231 -20.09 -44.23 27.61
N ALA A 232 -20.17 -43.32 26.66
CA ALA A 232 -20.01 -41.90 26.86
C ALA A 232 -21.25 -41.19 26.35
N TRP A 233 -21.29 -39.88 26.55
CA TRP A 233 -22.42 -39.07 26.14
C TRP A 233 -22.10 -38.37 24.82
N VAL A 234 -23.10 -38.31 23.94
CA VAL A 234 -22.92 -37.74 22.62
C VAL A 234 -23.13 -36.24 22.69
N LEU A 235 -22.23 -35.47 22.08
CA LEU A 235 -22.35 -34.03 22.07
C LEU A 235 -23.38 -33.59 21.04
N GLN A 236 -24.14 -32.56 21.39
CA GLN A 236 -25.18 -32.04 20.52
C GLN A 236 -25.29 -30.53 20.75
N PHE A 237 -25.51 -29.79 19.67
CA PHE A 237 -25.45 -28.32 19.72
C PHE A 237 -26.72 -27.70 19.13
N ALA A 238 -27.88 -28.31 19.37
CA ALA A 238 -29.11 -27.87 18.75
C ALA A 238 -29.37 -26.38 18.99
N GLU A 239 -29.33 -25.96 20.24
CA GLU A 239 -29.67 -24.57 20.57
C GLU A 239 -28.61 -23.61 20.04
N ALA A 240 -27.33 -24.00 20.08
CA ALA A 240 -26.28 -23.16 19.53
C ALA A 240 -26.43 -23.03 18.02
N GLU A 241 -26.78 -24.13 17.34
CA GLU A 241 -26.97 -24.10 15.89
C GLU A 241 -28.09 -23.16 15.49
N ASN A 242 -29.21 -23.18 16.22
CA ASN A 242 -30.36 -22.35 15.86
C ASN A 242 -30.07 -20.87 16.07
N ARG A 243 -29.36 -20.51 17.14
CA ARG A 243 -28.99 -19.11 17.36
C ARG A 243 -27.98 -18.66 16.32
N LEU A 244 -27.21 -19.58 15.77
CA LEU A 244 -26.16 -19.23 14.83
C LEU A 244 -26.71 -18.78 13.48
N GLN A 245 -27.86 -19.34 13.06
CA GLN A 245 -28.38 -19.14 11.72
C GLN A 245 -29.46 -18.06 11.65
N MET A 246 -29.56 -17.23 12.68
CA MET A 246 -30.46 -16.09 12.65
C MET A 246 -29.93 -14.98 11.75
N GLY A 247 -30.84 -14.24 11.14
CA GLY A 247 -30.50 -13.09 10.32
C GLY A 247 -30.64 -13.38 8.85
N GLY A 248 -31.08 -12.37 8.09
CA GLY A 248 -31.21 -12.50 6.66
C GLY A 248 -32.20 -13.58 6.29
N CYS A 249 -31.95 -14.19 5.13
CA CYS A 249 -32.79 -15.25 4.60
C CYS A 249 -32.25 -16.64 4.91
N ARG A 250 -31.39 -16.75 5.93
CA ARG A 250 -30.79 -18.03 6.27
C ARG A 250 -31.85 -19.08 6.61
N LYS A 251 -32.76 -18.76 7.55
CA LYS A 251 -33.77 -19.73 7.93
C LYS A 251 -34.76 -19.98 6.81
N LYS A 252 -35.12 -18.94 6.05
CA LYS A 252 -35.98 -19.15 4.89
C LYS A 252 -35.35 -20.13 3.92
N CYS A 253 -34.03 -19.99 3.71
CA CYS A 253 -33.29 -20.94 2.89
C CYS A 253 -33.33 -22.34 3.46
N LEU A 254 -33.12 -22.47 4.77
CA LEU A 254 -33.16 -23.77 5.40
C LEU A 254 -34.53 -24.42 5.27
N SER A 255 -35.60 -23.63 5.41
CA SER A 255 -36.95 -24.19 5.28
C SER A 255 -37.18 -24.70 3.87
N ILE A 256 -36.72 -23.97 2.86
CA ILE A 256 -36.85 -24.43 1.47
C ILE A 256 -36.10 -25.74 1.28
N LEU A 257 -34.90 -25.85 1.85
CA LEU A 257 -34.12 -27.08 1.73
C LEU A 257 -34.83 -28.26 2.36
N LYS A 258 -35.34 -28.09 3.58
CA LYS A 258 -36.05 -29.17 4.25
C LYS A 258 -37.27 -29.59 3.44
N THR A 259 -37.94 -28.63 2.80
CA THR A 259 -39.13 -28.95 2.01
C THR A 259 -38.77 -29.70 0.73
N LEU A 260 -37.73 -29.24 0.04
CA LEU A 260 -37.29 -29.96 -1.17
C LEU A 260 -36.80 -31.35 -0.83
N ARG A 261 -36.12 -31.52 0.30
CA ARG A 261 -35.66 -32.85 0.70
C ARG A 261 -36.84 -33.77 0.99
N ASP A 262 -37.83 -33.28 1.73
CA ASP A 262 -39.01 -34.10 2.03
C ASP A 262 -39.70 -34.58 0.76
N ARG A 263 -39.81 -33.70 -0.23
CA ARG A 263 -40.62 -34.00 -1.42
C ARG A 263 -39.86 -34.71 -2.52
N HIS A 264 -38.52 -34.61 -2.54
CA HIS A 264 -37.77 -35.15 -3.67
C HIS A 264 -36.52 -35.94 -3.28
N LEU A 265 -36.03 -35.86 -2.05
CA LEU A 265 -34.79 -36.52 -1.67
C LEU A 265 -34.98 -37.47 -0.49
N GLU A 266 -36.20 -37.99 -0.34
CA GLU A 266 -36.47 -39.09 0.60
C GLU A 266 -36.24 -40.41 -0.14
N LEU A 267 -35.03 -40.93 -0.01
CA LEU A 267 -34.51 -41.96 -0.89
C LEU A 267 -34.21 -43.26 -0.13
N PRO A 268 -34.15 -44.40 -0.84
CA PRO A 268 -33.82 -45.66 -0.18
C PRO A 268 -32.48 -45.57 0.55
N GLY A 269 -32.50 -46.03 1.81
CA GLY A 269 -31.34 -45.92 2.67
C GLY A 269 -31.28 -44.65 3.49
N GLN A 270 -32.22 -43.72 3.28
CA GLN A 270 -32.25 -42.44 3.97
C GLN A 270 -30.90 -41.74 3.99
N PRO A 271 -30.29 -41.50 2.82
CA PRO A 271 -28.97 -40.83 2.82
C PRO A 271 -29.02 -39.41 3.33
N LEU A 272 -30.14 -38.70 3.14
CA LEU A 272 -30.26 -37.29 3.50
C LEU A 272 -31.40 -37.10 4.48
N ASN A 273 -31.14 -36.32 5.53
CA ASN A 273 -32.14 -35.89 6.51
C ASN A 273 -32.03 -34.38 6.71
N ASN A 274 -32.93 -33.84 7.53
CA ASN A 274 -32.97 -32.39 7.72
C ASN A 274 -31.69 -31.85 8.34
N TYR A 275 -31.01 -32.66 9.16
CA TYR A 275 -29.80 -32.17 9.81
C TYR A 275 -28.65 -32.00 8.82
N HIS A 276 -28.65 -32.72 7.70
CA HIS A 276 -27.69 -32.45 6.64
C HIS A 276 -27.90 -31.07 6.05
N MET A 277 -29.15 -30.74 5.72
CA MET A 277 -29.48 -29.40 5.25
C MET A 277 -29.08 -28.35 6.27
N LYS A 278 -29.36 -28.59 7.55
CA LYS A 278 -29.01 -27.64 8.60
C LYS A 278 -27.51 -27.41 8.66
N THR A 279 -26.72 -28.48 8.53
CA THR A 279 -25.26 -28.33 8.59
C THR A 279 -24.74 -27.55 7.38
N LEU A 280 -25.30 -27.79 6.20
CA LEU A 280 -24.80 -27.13 5.00
C LEU A 280 -25.06 -25.62 5.04
N VAL A 281 -26.21 -25.21 5.59
CA VAL A 281 -26.49 -23.78 5.72
C VAL A 281 -25.43 -23.09 6.57
N SER A 282 -25.03 -23.72 7.68
CA SER A 282 -23.99 -23.15 8.53
C SER A 282 -22.66 -23.03 7.78
N TYR A 283 -22.30 -24.06 7.02
CA TYR A 283 -21.05 -23.99 6.25
C TYR A 283 -21.14 -22.93 5.16
N GLU A 284 -22.31 -22.80 4.53
CA GLU A 284 -22.49 -21.75 3.53
C GLU A 284 -22.35 -20.37 4.16
N CYS A 285 -22.68 -20.24 5.43
CA CYS A 285 -22.47 -18.98 6.14
C CYS A 285 -20.99 -18.67 6.28
N GLU A 286 -20.15 -19.69 6.47
CA GLU A 286 -18.71 -19.44 6.54
C GLU A 286 -18.15 -19.08 5.17
N LYS A 287 -18.64 -19.72 4.11
CA LYS A 287 -18.19 -19.38 2.76
C LYS A 287 -18.66 -18.00 2.33
N HIS A 288 -19.76 -17.51 2.88
CA HIS A 288 -20.29 -16.19 2.56
C HIS A 288 -20.62 -15.50 3.88
N PRO A 289 -19.61 -14.87 4.50
CA PRO A 289 -19.78 -14.40 5.88
C PRO A 289 -20.48 -13.07 6.02
N ARG A 290 -20.61 -12.29 4.95
CA ARG A 290 -21.21 -10.98 5.06
C ARG A 290 -22.72 -11.08 5.20
N GLU A 291 -23.30 -10.15 5.96
CA GLU A 291 -24.76 -10.09 6.07
C GLU A 291 -25.41 -9.81 4.73
N SER A 292 -24.75 -9.04 3.87
CA SER A 292 -25.31 -8.76 2.55
C SER A 292 -25.35 -10.01 1.68
N ASP A 293 -24.52 -11.01 1.97
CA ASP A 293 -24.58 -12.27 1.24
C ASP A 293 -25.84 -13.06 1.56
N TRP A 294 -26.55 -12.71 2.64
CA TRP A 294 -27.79 -13.36 3.01
C TRP A 294 -28.97 -12.40 2.97
N ASP A 295 -28.81 -11.31 2.22
CA ASP A 295 -29.93 -10.44 1.87
C ASP A 295 -31.00 -11.24 1.14
N GLU A 296 -32.23 -10.69 1.13
CA GLU A 296 -33.34 -11.39 0.49
C GLU A 296 -33.08 -11.61 -1.00
N SER A 297 -32.38 -10.68 -1.65
CA SER A 297 -32.09 -10.82 -3.08
C SER A 297 -31.07 -11.90 -3.36
N CYS A 298 -30.32 -12.35 -2.36
CA CYS A 298 -29.34 -13.41 -2.53
C CYS A 298 -29.91 -14.80 -2.30
N LEU A 299 -31.22 -14.92 -2.09
CA LEU A 299 -31.80 -16.23 -1.76
C LEU A 299 -31.52 -17.26 -2.84
N GLY A 300 -31.61 -16.86 -4.11
CA GLY A 300 -31.34 -17.79 -5.19
C GLY A 300 -29.88 -18.22 -5.23
N ASP A 301 -28.96 -17.27 -5.06
CA ASP A 301 -27.54 -17.60 -5.06
C ASP A 301 -27.20 -18.54 -3.90
N ARG A 302 -27.75 -18.29 -2.72
CA ARG A 302 -27.43 -19.12 -1.56
C ARG A 302 -27.97 -20.54 -1.73
N LEU A 303 -29.21 -20.68 -2.20
CA LEU A 303 -29.77 -22.01 -2.42
C LEU A 303 -29.00 -22.78 -3.46
N ASN A 304 -28.61 -22.12 -4.56
CA ASN A 304 -27.80 -22.76 -5.59
C ASN A 304 -26.47 -23.24 -5.02
N GLY A 305 -25.78 -22.36 -4.29
CA GLY A 305 -24.52 -22.73 -3.69
C GLY A 305 -24.64 -23.91 -2.74
N ILE A 306 -25.73 -23.97 -1.97
CA ILE A 306 -25.91 -25.05 -1.01
C ILE A 306 -26.19 -26.36 -1.73
N LEU A 307 -27.05 -26.33 -2.75
CA LEU A 307 -27.36 -27.54 -3.50
C LEU A 307 -26.12 -28.11 -4.17
N LEU A 308 -25.31 -27.26 -4.81
CA LEU A 308 -24.06 -27.73 -5.39
C LEU A 308 -23.11 -28.25 -4.31
N GLN A 309 -23.08 -27.58 -3.16
CA GLN A 309 -22.27 -28.07 -2.05
C GLN A 309 -22.78 -29.41 -1.55
N LEU A 310 -24.10 -29.60 -1.54
CA LEU A 310 -24.68 -30.88 -1.16
C LEU A 310 -24.27 -31.98 -2.12
N ILE A 311 -24.30 -31.70 -3.41
CA ILE A 311 -23.88 -32.68 -4.41
C ILE A 311 -22.42 -33.06 -4.23
N SER A 312 -21.57 -32.08 -3.93
CA SER A 312 -20.15 -32.37 -3.69
C SER A 312 -19.96 -33.27 -2.49
N CYS A 313 -20.68 -32.99 -1.40
CA CYS A 313 -20.58 -33.84 -0.22
C CYS A 313 -20.98 -35.28 -0.54
N LEU A 314 -22.07 -35.45 -1.27
CA LEU A 314 -22.52 -36.79 -1.63
C LEU A 314 -21.51 -37.49 -2.52
N GLN A 315 -20.97 -36.78 -3.52
CA GLN A 315 -20.03 -37.41 -4.44
C GLN A 315 -18.71 -37.72 -3.74
N CYS A 316 -18.27 -36.86 -2.83
CA CYS A 316 -17.05 -37.08 -2.06
C CYS A 316 -17.23 -38.05 -0.89
N ARG A 317 -18.45 -38.55 -0.64
CA ARG A 317 -18.73 -39.49 0.44
C ARG A 317 -18.39 -38.93 1.82
N ARG A 318 -18.57 -37.62 2.00
CA ARG A 318 -18.11 -36.99 3.24
C ARG A 318 -18.92 -35.70 3.47
N CYS A 319 -19.53 -35.60 4.65
CA CYS A 319 -20.31 -34.44 5.04
C CYS A 319 -20.02 -34.14 6.50
N PRO A 320 -19.01 -33.32 6.78
CA PRO A 320 -18.57 -33.14 8.16
C PRO A 320 -19.55 -32.35 9.01
N HIS A 321 -19.63 -32.73 10.28
CA HIS A 321 -20.37 -31.99 11.29
C HIS A 321 -19.77 -30.60 11.46
N TYR A 322 -20.63 -29.60 11.71
CA TYR A 322 -20.16 -28.21 11.70
C TYR A 322 -19.26 -27.91 12.89
N PHE A 323 -19.68 -28.26 14.10
CA PHE A 323 -18.89 -28.00 15.29
C PHE A 323 -17.86 -29.08 15.55
N LEU A 324 -18.09 -30.29 15.06
CA LEU A 324 -17.20 -31.43 15.26
C LEU A 324 -16.74 -31.90 13.90
N PRO A 325 -15.73 -31.25 13.31
CA PRO A 325 -15.31 -31.61 11.95
C PRO A 325 -14.78 -33.02 11.81
N ASN A 326 -14.33 -33.65 12.90
CA ASN A 326 -13.90 -35.04 12.83
C ASN A 326 -15.05 -36.01 12.58
N LEU A 327 -16.29 -35.58 12.74
CA LEU A 327 -17.45 -36.43 12.53
C LEU A 327 -18.01 -36.27 11.13
N ASP A 328 -18.38 -37.40 10.54
CA ASP A 328 -18.91 -37.46 9.19
C ASP A 328 -20.38 -37.87 9.29
N LEU A 329 -21.28 -36.98 8.86
CA LEU A 329 -22.71 -37.22 8.95
C LEU A 329 -23.20 -38.25 7.94
N PHE A 330 -22.33 -38.77 7.08
CA PHE A 330 -22.67 -39.87 6.19
C PHE A 330 -22.17 -41.21 6.70
N GLN A 331 -21.52 -41.25 7.86
CA GLN A 331 -20.93 -42.48 8.36
C GLN A 331 -21.98 -43.57 8.54
N GLY A 332 -21.72 -44.72 7.93
CA GLY A 332 -22.68 -45.80 7.90
C GLY A 332 -23.64 -45.76 6.73
N LYS A 333 -23.52 -44.79 5.86
CA LYS A 333 -24.47 -44.89 4.76
C LYS A 333 -23.80 -45.52 3.55
N PRO A 334 -24.47 -46.48 2.90
CA PRO A 334 -23.85 -47.12 1.74
C PRO A 334 -23.67 -46.12 0.60
N HIS A 335 -22.52 -46.22 -0.06
CA HIS A 335 -22.16 -45.26 -1.09
C HIS A 335 -23.14 -45.28 -2.25
N SER A 336 -23.78 -46.42 -2.51
CA SER A 336 -24.80 -46.49 -3.54
C SER A 336 -25.97 -45.56 -3.24
N ALA A 337 -26.31 -45.41 -1.95
CA ALA A 337 -27.38 -44.49 -1.58
C ALA A 337 -26.93 -43.04 -1.70
N LEU A 338 -25.72 -42.74 -1.25
CA LEU A 338 -25.18 -41.40 -1.42
C LEU A 338 -25.06 -41.03 -2.90
N GLU A 339 -24.60 -41.98 -3.73
CA GLU A 339 -24.48 -41.69 -5.15
C GLU A 339 -25.84 -41.44 -5.79
N ASN A 340 -26.84 -42.24 -5.40
CA ASN A 340 -28.19 -42.01 -5.90
C ASN A 340 -28.70 -40.65 -5.48
N ALA A 341 -28.43 -40.23 -4.24
CA ALA A 341 -28.84 -38.92 -3.78
C ALA A 341 -28.16 -37.81 -4.57
N ALA A 342 -26.87 -38.00 -4.90
CA ALA A 342 -26.18 -37.02 -5.73
C ALA A 342 -26.84 -36.88 -7.09
N LYS A 343 -27.20 -38.01 -7.70
CA LYS A 343 -27.84 -37.99 -9.01
C LYS A 343 -29.21 -37.32 -8.95
N GLN A 344 -29.96 -37.52 -7.86
CA GLN A 344 -31.27 -36.87 -7.73
C GLN A 344 -31.13 -35.40 -7.35
N THR A 345 -30.20 -35.08 -6.46
CA THR A 345 -29.97 -33.69 -6.08
C THR A 345 -29.48 -32.89 -7.28
N TRP A 346 -28.60 -33.49 -8.10
CA TRP A 346 -28.11 -32.79 -9.28
C TRP A 346 -29.25 -32.49 -10.25
N ARG A 347 -30.08 -33.50 -10.54
CA ARG A 347 -31.20 -33.29 -11.46
C ARG A 347 -32.21 -32.31 -10.89
N LEU A 348 -32.41 -32.30 -9.58
CA LEU A 348 -33.30 -31.33 -8.96
C LEU A 348 -32.73 -29.92 -9.11
N ALA A 349 -31.46 -29.73 -8.74
CA ALA A 349 -30.84 -28.41 -8.84
C ALA A 349 -30.79 -27.92 -10.28
N ARG A 350 -30.67 -28.83 -11.25
CA ARG A 350 -30.66 -28.40 -12.65
C ARG A 350 -32.04 -27.92 -13.10
N GLU A 351 -33.10 -28.63 -12.70
CA GLU A 351 -34.44 -28.22 -13.10
C GLU A 351 -34.80 -26.86 -12.50
N ILE A 352 -34.47 -26.65 -11.23
CA ILE A 352 -34.78 -25.38 -10.58
C ILE A 352 -34.04 -24.24 -11.27
N LEU A 353 -32.75 -24.43 -11.54
CA LEU A 353 -31.96 -23.37 -12.15
C LEU A 353 -32.35 -23.14 -13.60
N THR A 354 -32.64 -24.21 -14.34
CA THR A 354 -33.03 -24.07 -15.74
C THR A 354 -34.34 -23.30 -15.88
N ASN A 355 -35.34 -23.65 -15.05
CA ASN A 355 -36.64 -22.98 -15.10
C ASN A 355 -37.20 -22.90 -13.69
N PRO A 356 -37.04 -21.76 -13.00
CA PRO A 356 -37.58 -21.64 -11.64
C PRO A 356 -39.09 -21.82 -11.56
N LYS A 357 -39.84 -21.63 -12.65
CA LYS A 357 -41.27 -21.86 -12.61
C LYS A 357 -41.61 -23.31 -12.29
N SER A 358 -40.64 -24.22 -12.45
CA SER A 358 -40.85 -25.62 -12.08
C SER A 358 -41.15 -25.76 -10.60
N LEU A 359 -40.73 -24.80 -9.78
CA LEU A 359 -41.00 -24.84 -8.34
C LEU A 359 -42.50 -24.90 -8.05
N GLU A 360 -43.32 -24.37 -8.95
CA GLU A 360 -44.77 -24.46 -8.75
C GLU A 360 -45.25 -25.89 -8.66
N LYS A 361 -44.62 -26.79 -9.42
CA LYS A 361 -45.00 -28.20 -9.47
C LYS A 361 -43.99 -29.09 -8.77
N LEU A 362 -43.15 -28.54 -7.90
CA LEU A 362 -42.24 -29.31 -7.07
C LEU A 362 -42.75 -29.34 -5.63
N GLY B 1 -15.21 -18.37 -19.39
CA GLY B 1 -16.18 -19.24 -20.04
C GLY B 1 -15.58 -20.54 -20.52
N ALA B 2 -16.37 -21.61 -20.48
CA ALA B 2 -15.89 -22.91 -20.93
C ALA B 2 -15.76 -22.98 -22.44
N MET B 3 -16.64 -22.27 -23.16
CA MET B 3 -16.58 -22.28 -24.62
C MET B 3 -15.37 -21.51 -25.14
N ASP B 4 -14.97 -20.45 -24.44
CA ASP B 4 -13.80 -19.66 -24.83
C ASP B 4 -12.49 -20.19 -24.26
N ILE B 5 -12.51 -20.91 -23.14
CA ILE B 5 -11.26 -21.59 -22.74
C ILE B 5 -11.00 -22.74 -23.70
N ALA B 6 -12.06 -23.37 -24.21
CA ALA B 6 -11.89 -24.40 -25.22
C ALA B 6 -11.40 -23.79 -26.52
N ALA B 7 -11.89 -22.59 -26.85
CA ALA B 7 -11.43 -21.89 -28.05
C ALA B 7 -10.02 -21.36 -27.88
N GLN B 8 -9.68 -20.87 -26.68
CA GLN B 8 -8.32 -20.42 -26.43
C GLN B 8 -7.34 -21.58 -26.52
N ALA B 9 -7.73 -22.74 -26.00
CA ALA B 9 -6.88 -23.93 -26.09
C ALA B 9 -6.74 -24.40 -27.53
N LYS B 10 -7.83 -24.33 -28.30
CA LYS B 10 -7.76 -24.73 -29.70
C LYS B 10 -6.81 -23.83 -30.49
N LEU B 11 -6.83 -22.53 -30.20
CA LEU B 11 -5.91 -21.61 -30.87
C LEU B 11 -4.47 -21.93 -30.52
N VAL B 12 -4.19 -22.22 -29.25
CA VAL B 12 -2.83 -22.57 -28.84
C VAL B 12 -2.39 -23.87 -29.51
N TYR B 13 -3.31 -24.83 -29.64
CA TYR B 13 -2.98 -26.10 -30.29
C TYR B 13 -2.58 -25.88 -31.74
N HIS B 14 -3.37 -25.10 -32.48
CA HIS B 14 -3.13 -24.95 -33.91
C HIS B 14 -1.96 -24.02 -34.21
N LEU B 15 -1.66 -23.07 -33.34
CA LEU B 15 -0.46 -22.27 -33.52
C LEU B 15 0.80 -23.11 -33.36
N ASN B 16 0.81 -24.03 -32.40
CA ASN B 16 1.98 -24.88 -32.22
C ASN B 16 2.13 -25.86 -33.37
N LYS B 17 1.02 -26.37 -33.89
CA LYS B 17 1.08 -27.14 -35.13
C LYS B 17 1.64 -26.28 -36.26
N TYR B 18 1.17 -25.03 -36.36
CA TYR B 18 1.70 -24.12 -37.36
C TYR B 18 3.19 -23.87 -37.15
N TYR B 19 3.62 -23.67 -35.91
CA TYR B 19 5.05 -23.47 -35.63
C TYR B 19 5.85 -24.72 -35.98
N ASN B 20 5.33 -25.90 -35.63
CA ASN B 20 6.07 -27.13 -35.91
C ASN B 20 6.12 -27.45 -37.39
N GLU B 21 5.13 -27.00 -38.16
CA GLU B 21 5.08 -27.31 -39.58
C GLU B 21 5.63 -26.18 -40.45
N LYS B 22 4.87 -25.09 -40.59
CA LYS B 22 5.28 -24.02 -41.50
C LYS B 22 6.51 -23.26 -40.99
N CYS B 23 6.56 -22.94 -39.69
CA CYS B 23 7.68 -22.15 -39.19
C CYS B 23 9.00 -22.92 -39.27
N GLN B 24 8.98 -24.22 -38.95
CA GLN B 24 10.20 -25.00 -39.03
C GLN B 24 10.67 -25.16 -40.47
N ALA B 25 9.74 -25.31 -41.40
CA ALA B 25 10.12 -25.35 -42.81
C ALA B 25 10.74 -24.02 -43.23
N ARG B 26 10.17 -22.90 -42.77
CA ARG B 26 10.75 -21.59 -43.07
C ARG B 26 12.17 -21.47 -42.54
N LYS B 27 12.41 -21.92 -41.31
CA LYS B 27 13.76 -21.85 -40.75
C LYS B 27 14.75 -22.66 -41.57
N ALA B 28 14.34 -23.84 -42.03
CA ALA B 28 15.25 -24.68 -42.80
C ALA B 28 15.51 -24.10 -44.18
N ALA B 29 14.47 -23.59 -44.83
CA ALA B 29 14.64 -23.02 -46.16
C ALA B 29 15.50 -21.77 -46.12
N ILE B 30 15.28 -20.92 -45.12
CA ILE B 30 16.07 -19.69 -45.00
C ILE B 30 17.50 -20.00 -44.63
N ALA B 31 17.71 -21.01 -43.77
CA ALA B 31 19.07 -21.41 -43.42
C ALA B 31 19.83 -21.86 -44.65
N LYS B 32 19.19 -22.61 -45.54
CA LYS B 32 19.86 -23.02 -46.77
C LYS B 32 20.20 -21.81 -47.64
N THR B 33 19.25 -20.89 -47.79
CA THR B 33 19.51 -19.69 -48.59
C THR B 33 20.62 -18.84 -47.98
N ILE B 34 20.65 -18.76 -46.64
CA ILE B 34 21.67 -17.94 -45.98
C ILE B 34 23.07 -18.48 -46.26
N ARG B 35 23.24 -19.79 -46.24
CA ARG B 35 24.56 -20.37 -46.48
C ARG B 35 25.03 -20.10 -47.91
N GLU B 36 24.12 -20.14 -48.88
CA GLU B 36 24.49 -19.77 -50.24
C GLU B 36 24.82 -18.28 -50.31
N VAL B 37 24.03 -17.46 -49.64
CA VAL B 37 24.27 -16.01 -49.64
C VAL B 37 25.61 -15.69 -48.99
N CYS B 38 25.96 -16.42 -47.92
CA CYS B 38 27.19 -16.12 -47.20
C CYS B 38 28.42 -16.60 -47.96
N LYS B 39 28.31 -17.69 -48.72
CA LYS B 39 29.37 -18.06 -49.65
C LYS B 39 29.67 -16.90 -50.59
N VAL B 40 28.62 -16.31 -51.16
CA VAL B 40 28.79 -15.28 -52.17
C VAL B 40 29.31 -13.98 -51.54
N VAL B 41 28.81 -13.63 -50.36
CA VAL B 41 29.26 -12.40 -49.73
C VAL B 41 30.72 -12.51 -49.32
N SER B 42 31.13 -13.67 -48.80
CA SER B 42 32.53 -13.85 -48.44
C SER B 42 33.42 -13.80 -49.67
N ASP B 43 32.96 -14.36 -50.79
CA ASP B 43 33.75 -14.34 -52.02
C ASP B 43 33.89 -12.93 -52.59
N VAL B 44 32.79 -12.17 -52.61
CA VAL B 44 32.85 -10.79 -53.07
C VAL B 44 33.75 -9.97 -52.17
N LEU B 45 33.67 -10.20 -50.86
CA LEU B 45 34.43 -9.38 -49.93
C LEU B 45 35.92 -9.68 -49.98
N LYS B 46 36.29 -10.91 -50.34
CA LYS B 46 37.72 -11.21 -50.47
C LYS B 46 38.35 -10.43 -51.61
N GLU B 47 37.62 -10.27 -52.73
CA GLU B 47 38.14 -9.47 -53.82
C GLU B 47 38.29 -8.01 -53.41
N VAL B 48 37.31 -7.50 -52.65
CA VAL B 48 37.41 -6.15 -52.10
C VAL B 48 38.63 -6.01 -51.20
N GLU B 49 38.87 -7.02 -50.35
CA GLU B 49 39.93 -6.90 -49.36
C GLU B 49 41.30 -6.90 -50.02
N VAL B 50 41.45 -7.55 -51.17
CA VAL B 50 42.69 -7.48 -51.93
C VAL B 50 42.88 -6.08 -52.51
N GLN B 51 41.80 -5.47 -53.00
CA GLN B 51 41.90 -4.13 -53.55
C GLN B 51 42.05 -3.08 -52.46
N GLU B 52 41.47 -3.32 -51.29
CA GLU B 52 41.48 -2.32 -50.21
C GLU B 52 41.49 -3.11 -48.91
N PRO B 53 42.68 -3.34 -48.32
CA PRO B 53 42.74 -4.14 -47.09
C PRO B 53 42.06 -3.48 -45.91
N ARG B 54 41.72 -2.19 -46.00
CA ARG B 54 41.07 -1.51 -44.89
C ARG B 54 39.63 -1.97 -44.68
N PHE B 55 39.01 -2.56 -45.71
CA PHE B 55 37.67 -3.12 -45.59
C PHE B 55 37.68 -4.59 -45.22
N ILE B 56 38.81 -5.12 -44.76
CA ILE B 56 38.84 -6.47 -44.20
C ILE B 56 37.90 -6.53 -43.01
N SER B 57 37.01 -7.52 -43.02
CA SER B 57 36.11 -7.70 -41.90
C SER B 57 35.67 -9.15 -41.81
N SER B 58 35.59 -9.64 -40.57
CA SER B 58 35.23 -11.03 -40.32
C SER B 58 33.83 -11.32 -40.81
N LEU B 59 33.69 -12.42 -41.56
CA LEU B 59 32.42 -12.92 -42.08
C LEU B 59 32.26 -14.32 -41.48
N ASN B 60 31.71 -14.38 -40.28
CA ASN B 60 31.88 -15.54 -39.41
C ASN B 60 30.55 -16.20 -39.07
N GLU B 61 30.55 -17.53 -39.09
CA GLU B 61 29.42 -18.37 -38.72
C GLU B 61 29.70 -18.93 -37.33
N MET B 62 29.14 -18.31 -36.30
CA MET B 62 29.39 -18.69 -34.92
C MET B 62 28.12 -19.27 -34.31
N ASP B 63 28.11 -20.60 -34.12
CA ASP B 63 27.05 -21.32 -33.42
C ASP B 63 25.71 -21.21 -34.17
N ASN B 64 25.70 -21.79 -35.37
CA ASN B 64 24.49 -21.94 -36.18
C ASN B 64 23.87 -20.61 -36.62
N ARG B 65 24.51 -19.51 -36.27
CA ARG B 65 24.10 -18.18 -36.71
C ARG B 65 25.26 -17.52 -37.43
N TYR B 66 24.94 -16.76 -38.48
CA TYR B 66 25.94 -15.94 -39.15
C TYR B 66 25.94 -14.57 -38.48
N GLU B 67 27.01 -14.28 -37.76
CA GLU B 67 27.12 -13.05 -36.98
C GLU B 67 26.93 -11.83 -37.86
N GLY B 68 26.01 -10.95 -37.46
CA GLY B 68 25.78 -9.71 -38.16
C GLY B 68 24.76 -9.75 -39.27
N LEU B 69 24.15 -10.90 -39.52
CA LEU B 69 23.22 -11.07 -40.64
C LEU B 69 21.78 -10.93 -40.14
N GLU B 70 20.97 -10.22 -40.93
CA GLU B 70 19.56 -10.00 -40.65
C GLU B 70 18.72 -10.54 -41.79
N VAL B 71 17.64 -11.25 -41.43
CA VAL B 71 16.69 -11.72 -42.41
C VAL B 71 15.57 -10.69 -42.53
N ILE B 72 15.30 -10.25 -43.74
CA ILE B 72 14.21 -9.35 -44.04
C ILE B 72 13.03 -10.10 -44.63
N SER B 73 13.34 -11.06 -45.48
CA SER B 73 12.36 -11.88 -46.20
C SER B 73 13.08 -13.13 -46.65
N PRO B 74 12.35 -14.14 -47.14
CA PRO B 74 13.02 -15.31 -47.69
C PRO B 74 14.03 -14.99 -48.80
N THR B 75 13.97 -13.80 -49.39
CA THR B 75 14.86 -13.45 -50.49
C THR B 75 15.66 -12.18 -50.24
N GLU B 76 15.59 -11.60 -49.04
CA GLU B 76 16.28 -10.35 -48.74
C GLU B 76 17.01 -10.46 -47.41
N PHE B 77 18.25 -9.97 -47.39
CA PHE B 77 19.12 -10.09 -46.23
C PHE B 77 19.98 -8.83 -46.11
N GLU B 78 20.46 -8.58 -44.90
CA GLU B 78 21.42 -7.51 -44.64
C GLU B 78 22.60 -8.09 -43.89
N VAL B 79 23.79 -7.94 -44.45
CA VAL B 79 25.03 -8.33 -43.79
C VAL B 79 25.68 -7.06 -43.26
N VAL B 80 25.91 -7.02 -41.95
CA VAL B 80 26.59 -5.91 -41.31
C VAL B 80 28.09 -6.17 -41.35
N LEU B 81 28.81 -5.30 -42.05
CA LEU B 81 30.25 -5.47 -42.24
C LEU B 81 30.94 -4.60 -41.20
N TYR B 82 31.49 -5.22 -40.16
CA TYR B 82 32.10 -4.48 -39.07
C TYR B 82 33.50 -4.05 -39.44
N LEU B 83 33.78 -2.76 -39.31
CA LEU B 83 35.08 -2.22 -39.68
C LEU B 83 35.88 -1.97 -38.41
N ASN B 84 37.17 -2.27 -38.48
CA ASN B 84 38.00 -2.22 -37.28
C ASN B 84 38.09 -0.80 -36.76
N GLN B 85 38.15 -0.68 -35.44
CA GLN B 85 38.14 0.60 -34.77
C GLN B 85 38.67 0.40 -33.36
N MET B 86 39.56 1.30 -32.92
CA MET B 86 40.10 1.20 -31.57
C MET B 86 40.44 2.61 -31.11
N GLY B 87 39.46 3.29 -30.51
CA GLY B 87 39.65 4.66 -30.08
C GLY B 87 39.93 5.60 -31.23
N VAL B 88 39.82 5.07 -32.45
CA VAL B 88 40.21 5.79 -33.64
C VAL B 88 39.00 6.54 -34.20
N PHE B 89 37.94 6.65 -33.39
CA PHE B 89 36.83 7.57 -33.63
C PHE B 89 35.94 7.61 -32.38
N ASN B 90 35.87 8.74 -31.68
CA ASN B 90 34.95 8.85 -30.56
C ASN B 90 33.53 9.12 -31.06
N PHE B 91 32.55 8.70 -30.28
CA PHE B 91 31.15 8.67 -30.70
C PHE B 91 30.35 9.73 -29.96
N VAL B 92 29.46 10.41 -30.69
CA VAL B 92 28.70 11.54 -30.19
C VAL B 92 27.23 11.31 -30.51
N ASP B 93 26.40 11.18 -29.47
CA ASP B 93 24.96 11.04 -29.62
C ASP B 93 24.26 12.17 -28.87
N ASP B 94 23.92 13.22 -29.60
CA ASP B 94 22.88 14.15 -29.19
C ASP B 94 21.65 13.87 -30.04
N GLY B 95 20.60 14.67 -29.83
CA GLY B 95 19.38 14.41 -30.55
C GLY B 95 19.22 15.18 -31.84
N SER B 96 20.34 15.60 -32.43
CA SER B 96 20.27 16.45 -33.62
C SER B 96 19.57 15.72 -34.76
N LEU B 97 19.91 14.45 -34.99
CA LEU B 97 19.28 13.63 -36.01
C LEU B 97 18.67 12.41 -35.33
N PRO B 98 17.35 12.23 -35.39
CA PRO B 98 16.72 11.14 -34.64
C PRO B 98 17.11 9.78 -35.20
N GLY B 99 17.52 8.87 -34.30
CA GLY B 99 17.97 7.55 -34.70
C GLY B 99 19.36 7.50 -35.28
N CYS B 100 20.13 8.59 -35.23
CA CYS B 100 21.44 8.66 -35.85
C CYS B 100 22.47 9.26 -34.90
N ALA B 101 23.74 9.05 -35.22
CA ALA B 101 24.86 9.58 -34.45
C ALA B 101 26.01 9.88 -35.40
N VAL B 102 27.09 10.44 -34.86
CA VAL B 102 28.21 10.96 -35.65
C VAL B 102 29.52 10.59 -34.98
N LEU B 103 30.59 10.49 -35.79
CA LEU B 103 31.92 10.09 -35.32
C LEU B 103 32.96 11.17 -35.58
N LYS B 104 33.63 11.61 -34.52
CA LYS B 104 34.66 12.64 -34.57
C LYS B 104 35.92 12.13 -33.88
N LEU B 105 37.06 12.73 -34.23
CA LEU B 105 38.35 12.37 -33.67
C LEU B 105 38.89 13.39 -32.65
N SER B 106 39.65 12.88 -31.67
CA SER B 106 40.66 13.69 -30.97
C SER B 106 41.49 14.49 -31.96
N ASP B 107 41.45 15.82 -31.81
CA ASP B 107 42.05 16.71 -32.79
C ASP B 107 43.52 16.37 -33.06
N GLY B 108 44.26 16.01 -32.02
CA GLY B 108 45.67 15.69 -32.18
C GLY B 108 45.95 14.42 -32.95
N SER B 112 44.49 14.68 -37.71
CA SER B 112 43.51 14.21 -38.69
C SER B 112 44.13 13.31 -39.74
N MET B 113 45.20 12.61 -39.37
CA MET B 113 45.93 11.75 -40.31
C MET B 113 45.86 10.29 -39.89
N SER B 114 44.66 9.75 -39.74
CA SER B 114 44.51 8.36 -39.32
C SER B 114 44.31 7.50 -40.57
N LEU B 115 43.71 6.32 -40.39
CA LEU B 115 43.50 5.36 -41.48
C LEU B 115 42.41 5.77 -42.46
N TRP B 116 41.46 6.62 -42.05
CA TRP B 116 40.32 6.95 -42.90
C TRP B 116 40.33 8.42 -43.34
N VAL B 117 41.54 8.96 -43.56
CA VAL B 117 41.74 10.39 -43.81
C VAL B 117 40.87 10.90 -44.96
N GLU B 118 40.77 10.13 -46.04
CA GLU B 118 40.02 10.61 -47.19
C GLU B 118 38.52 10.68 -46.94
N PHE B 119 38.01 9.99 -45.92
CA PHE B 119 36.60 9.99 -45.61
C PHE B 119 36.22 10.92 -44.46
N ILE B 120 37.19 11.62 -43.87
CA ILE B 120 36.93 12.56 -42.78
C ILE B 120 36.61 13.93 -43.35
N THR B 121 35.56 14.56 -42.84
CA THR B 121 35.13 15.87 -43.30
C THR B 121 36.15 16.93 -42.84
N ALA B 122 35.98 18.16 -43.34
CA ALA B 122 36.81 19.26 -42.86
C ALA B 122 36.51 19.59 -41.41
N SER B 123 35.25 19.48 -41.00
CA SER B 123 34.88 19.68 -39.60
C SER B 123 35.41 18.57 -38.69
N GLY B 124 35.88 17.46 -39.24
CA GLY B 124 36.42 16.37 -38.46
C GLY B 124 35.50 15.19 -38.26
N TYR B 125 34.47 15.03 -39.10
CA TYR B 125 33.50 13.97 -38.94
C TYR B 125 33.82 12.84 -39.92
N LEU B 126 33.66 11.59 -39.48
CA LEU B 126 33.77 10.46 -40.38
C LEU B 126 32.47 10.30 -41.16
N SER B 127 32.54 10.46 -42.47
CA SER B 127 31.34 10.53 -43.28
C SER B 127 30.86 9.13 -43.63
N ALA B 128 29.65 8.78 -43.21
CA ALA B 128 29.05 7.51 -43.60
C ALA B 128 28.75 7.47 -45.10
N ARG B 129 28.44 8.62 -45.70
CA ARG B 129 28.12 8.64 -47.12
C ARG B 129 29.34 8.36 -47.98
N LYS B 130 30.50 8.89 -47.58
CA LYS B 130 31.70 8.72 -48.39
C LYS B 130 32.27 7.30 -48.26
N ILE B 131 32.28 6.76 -47.05
CA ILE B 131 32.74 5.39 -46.86
C ILE B 131 31.87 4.43 -47.67
N ARG B 132 30.55 4.62 -47.59
CA ARG B 132 29.65 3.76 -48.35
C ARG B 132 29.86 3.91 -49.85
N SER B 133 30.12 5.14 -50.31
CA SER B 133 30.31 5.37 -51.74
C SER B 133 31.59 4.69 -52.24
N ARG B 134 32.68 4.81 -51.48
CA ARG B 134 33.91 4.11 -51.84
C ARG B 134 33.72 2.60 -51.77
N PHE B 135 33.15 2.11 -50.68
CA PHE B 135 32.84 0.70 -50.54
C PHE B 135 31.98 0.22 -51.70
N GLN B 136 31.04 1.05 -52.14
CA GLN B 136 30.20 0.69 -53.29
C GLN B 136 31.04 0.54 -54.55
N THR B 137 31.98 1.46 -54.78
CA THR B 137 32.84 1.37 -55.95
C THR B 137 33.71 0.12 -55.90
N LEU B 138 34.25 -0.22 -54.73
CA LEU B 138 35.09 -1.40 -54.60
C LEU B 138 34.29 -2.68 -54.84
N VAL B 139 33.08 -2.74 -54.30
CA VAL B 139 32.25 -3.92 -54.50
C VAL B 139 31.85 -4.05 -55.96
N ALA B 140 31.60 -2.92 -56.63
CA ALA B 140 31.24 -2.94 -58.04
C ALA B 140 32.31 -3.60 -58.90
N GLN B 141 33.59 -3.43 -58.55
CA GLN B 141 34.64 -4.16 -59.28
C GLN B 141 34.67 -5.62 -58.85
N ALA B 142 34.44 -5.89 -57.56
CA ALA B 142 34.56 -7.25 -57.04
C ALA B 142 33.54 -8.20 -57.66
N VAL B 143 32.30 -7.73 -57.88
CA VAL B 143 31.30 -8.62 -58.46
C VAL B 143 31.64 -9.07 -59.87
N ASP B 144 32.55 -8.36 -60.55
CA ASP B 144 33.00 -8.79 -61.86
C ASP B 144 34.29 -9.61 -61.80
N LYS B 145 34.99 -9.59 -60.67
CA LYS B 145 36.24 -10.32 -60.50
C LYS B 145 36.10 -11.58 -59.66
N CYS B 146 35.03 -11.70 -58.88
CA CYS B 146 34.94 -12.75 -57.86
C CYS B 146 34.57 -14.08 -58.49
N SER B 147 34.69 -15.14 -57.68
CA SER B 147 34.44 -16.50 -58.15
C SER B 147 33.00 -16.67 -58.64
N TYR B 148 32.06 -15.99 -58.00
CA TYR B 148 30.65 -16.12 -58.34
C TYR B 148 30.19 -15.07 -59.36
N ARG B 149 31.14 -14.49 -60.10
CA ARG B 149 30.83 -13.34 -60.96
C ARG B 149 29.74 -13.65 -61.97
N ASP B 150 29.63 -14.90 -62.41
CA ASP B 150 28.62 -15.25 -63.41
C ASP B 150 27.21 -15.21 -62.85
N VAL B 151 27.04 -15.31 -61.53
CA VAL B 151 25.73 -15.35 -60.90
C VAL B 151 25.45 -14.15 -60.00
N VAL B 152 26.34 -13.18 -59.93
CA VAL B 152 26.17 -12.03 -59.06
C VAL B 152 26.23 -10.74 -59.87
N LYS B 153 25.30 -9.84 -59.57
CA LYS B 153 25.29 -8.48 -60.09
C LYS B 153 25.05 -7.53 -58.94
N MET B 154 25.35 -6.25 -59.15
CA MET B 154 25.14 -5.24 -58.13
C MET B 154 23.90 -4.42 -58.46
N VAL B 155 23.08 -4.17 -57.44
CA VAL B 155 21.82 -3.46 -57.64
C VAL B 155 22.10 -1.99 -57.93
N ALA B 156 21.37 -1.43 -58.90
CA ALA B 156 21.59 -0.07 -59.34
C ALA B 156 20.59 0.89 -58.71
N ASP B 157 20.87 2.19 -58.88
CA ASP B 157 19.98 3.27 -58.46
C ASP B 157 19.77 3.27 -56.94
N THR B 158 20.85 3.12 -56.21
CA THR B 158 20.81 3.22 -54.75
C THR B 158 22.21 3.49 -54.23
N SER B 159 22.30 4.32 -53.19
CA SER B 159 23.58 4.54 -52.53
C SER B 159 23.95 3.40 -51.60
N GLU B 160 23.06 2.42 -51.44
CA GLU B 160 23.34 1.23 -50.65
C GLU B 160 24.06 0.19 -51.51
N VAL B 161 24.97 -0.54 -50.88
CA VAL B 161 25.63 -1.65 -51.56
C VAL B 161 24.73 -2.87 -51.44
N LYS B 162 24.12 -3.27 -52.55
CA LYS B 162 23.24 -4.44 -52.58
C LYS B 162 23.67 -5.38 -53.69
N LEU B 163 23.75 -6.67 -53.36
CA LEU B 163 24.09 -7.71 -54.33
C LEU B 163 22.82 -8.47 -54.69
N ARG B 164 22.61 -8.70 -55.99
CA ARG B 164 21.54 -9.56 -56.46
C ARG B 164 22.15 -10.86 -56.94
N ILE B 165 21.76 -11.98 -56.33
CA ILE B 165 22.41 -13.27 -56.50
C ILE B 165 21.46 -14.22 -57.23
N ARG B 166 21.96 -14.83 -58.32
CA ARG B 166 21.20 -15.78 -59.12
C ARG B 166 19.83 -15.23 -59.51
N ASP B 167 19.72 -13.90 -59.57
CA ASP B 167 18.47 -13.19 -59.85
C ASP B 167 17.32 -13.67 -58.95
N ARG B 168 17.66 -14.09 -57.74
CA ARG B 168 16.66 -14.57 -56.80
C ARG B 168 16.76 -13.90 -55.43
N TYR B 169 17.97 -13.56 -54.99
CA TYR B 169 18.21 -13.10 -53.62
C TYR B 169 18.94 -11.77 -53.66
N VAL B 170 18.60 -10.90 -52.71
CA VAL B 170 19.23 -9.59 -52.58
C VAL B 170 19.85 -9.47 -51.20
N VAL B 171 21.10 -9.06 -51.15
CA VAL B 171 21.87 -8.93 -49.92
C VAL B 171 22.44 -7.52 -49.85
N GLN B 172 22.10 -6.79 -48.79
CA GLN B 172 22.73 -5.50 -48.54
C GLN B 172 23.93 -5.70 -47.63
N ILE B 173 25.06 -5.12 -48.01
CA ILE B 173 26.27 -5.17 -47.23
C ILE B 173 26.47 -3.78 -46.66
N THR B 174 26.34 -3.66 -45.35
CA THR B 174 26.29 -2.36 -44.69
C THR B 174 27.54 -2.15 -43.88
N PRO B 175 28.41 -1.20 -44.23
CA PRO B 175 29.56 -0.91 -43.38
C PRO B 175 29.08 -0.39 -42.04
N ALA B 176 29.77 -0.80 -40.97
CA ALA B 176 29.25 -0.52 -39.64
C ALA B 176 30.37 -0.55 -38.62
N PHE B 177 30.12 0.10 -37.49
CA PHE B 177 30.99 0.03 -36.33
C PHE B 177 30.21 -0.50 -35.14
N LYS B 178 30.80 -1.44 -34.41
CA LYS B 178 30.19 -2.07 -33.25
C LYS B 178 30.63 -1.37 -31.96
N CYS B 179 29.66 -0.95 -31.16
CA CYS B 179 29.91 -0.46 -29.82
C CYS B 179 29.33 -1.48 -28.84
N THR B 180 30.18 -2.06 -28.00
CA THR B 180 29.73 -3.01 -27.01
C THR B 180 30.01 -2.48 -25.60
N GLY B 181 29.17 -2.91 -24.66
CA GLY B 181 29.27 -2.48 -23.29
C GLY B 181 28.94 -1.01 -23.05
N ILE B 182 28.28 -0.36 -24.00
CA ILE B 182 27.99 1.07 -23.91
C ILE B 182 26.61 1.32 -24.49
N TRP B 183 25.84 2.20 -23.85
CA TRP B 183 24.48 2.47 -24.27
C TRP B 183 24.37 3.92 -24.73
N PRO B 184 23.73 4.20 -25.86
CA PRO B 184 23.69 5.56 -26.38
C PRO B 184 22.74 6.45 -25.59
N ARG B 185 22.99 7.76 -25.66
CA ARG B 185 22.16 8.71 -24.91
C ARG B 185 20.74 8.79 -25.49
N SER B 186 20.59 8.60 -26.80
CA SER B 186 19.26 8.64 -27.39
C SER B 186 18.34 7.57 -26.82
N ALA B 187 18.91 6.55 -26.16
CA ALA B 187 18.14 5.49 -25.52
C ALA B 187 18.36 5.42 -24.02
N ALA B 188 19.12 6.35 -23.44
CA ALA B 188 19.43 6.27 -22.01
C ALA B 188 18.21 6.44 -21.13
N HIS B 189 17.09 6.93 -21.67
CA HIS B 189 15.85 7.00 -20.92
C HIS B 189 15.28 5.61 -20.64
N TRP B 190 15.54 4.66 -21.52
CA TRP B 190 14.94 3.33 -21.46
C TRP B 190 15.53 2.44 -20.38
N PRO B 191 14.67 1.72 -19.64
CA PRO B 191 13.20 1.78 -19.71
C PRO B 191 12.63 2.88 -18.82
N LEU B 192 11.51 3.48 -19.21
CA LEU B 192 10.90 4.49 -18.36
C LEU B 192 10.40 3.85 -17.06
N PRO B 193 10.43 4.61 -15.95
CA PRO B 193 10.10 4.01 -14.65
C PRO B 193 8.70 3.43 -14.57
N HIS B 194 7.74 3.97 -15.32
CA HIS B 194 6.37 3.48 -15.22
C HIS B 194 6.24 2.02 -15.65
N ILE B 195 7.04 1.59 -16.61
CA ILE B 195 6.84 0.26 -17.20
C ILE B 195 7.39 -0.80 -16.25
N PRO B 196 6.60 -1.80 -15.88
CA PRO B 196 7.09 -2.88 -15.02
C PRO B 196 8.10 -3.79 -15.70
N TRP B 197 8.26 -3.71 -17.01
CA TRP B 197 9.13 -4.61 -17.76
C TRP B 197 10.24 -3.86 -18.47
N PRO B 198 11.45 -4.43 -18.51
CA PRO B 198 11.80 -5.73 -17.92
C PRO B 198 12.50 -5.65 -16.56
N GLY B 199 12.80 -6.82 -15.99
CA GLY B 199 13.58 -6.91 -14.79
C GLY B 199 14.89 -6.15 -14.88
N PRO B 200 15.37 -5.64 -13.75
CA PRO B 200 16.59 -4.83 -13.77
C PRO B 200 17.79 -5.57 -14.33
N ASN B 201 17.89 -6.89 -14.06
CA ASN B 201 18.95 -7.69 -14.67
C ASN B 201 18.75 -7.80 -16.17
N ARG B 202 17.51 -7.94 -16.62
CA ARG B 202 17.23 -7.97 -18.05
C ARG B 202 17.64 -6.66 -18.71
N VAL B 203 17.40 -5.53 -18.04
CA VAL B 203 17.85 -4.25 -18.56
C VAL B 203 19.36 -4.20 -18.63
N ALA B 204 20.03 -4.65 -17.56
CA ALA B 204 21.49 -4.66 -17.54
C ALA B 204 22.07 -5.61 -18.58
N GLU B 205 21.39 -6.72 -18.86
CA GLU B 205 21.86 -7.63 -19.90
C GLU B 205 21.67 -7.01 -21.29
N VAL B 206 20.53 -6.37 -21.52
CA VAL B 206 20.26 -5.75 -22.82
C VAL B 206 21.28 -4.65 -23.10
N LYS B 207 21.52 -3.77 -22.13
CA LYS B 207 22.44 -2.65 -22.32
C LYS B 207 23.87 -3.13 -22.51
N ALA B 208 24.23 -4.29 -21.94
CA ALA B 208 25.58 -4.80 -22.12
C ALA B 208 25.83 -5.27 -23.55
N GLU B 209 24.77 -5.61 -24.30
CA GLU B 209 24.94 -5.97 -25.70
C GLU B 209 25.44 -4.80 -26.54
N GLY B 210 25.24 -3.56 -26.08
CA GLY B 210 25.67 -2.41 -26.83
C GLY B 210 24.77 -2.15 -28.03
N PHE B 211 25.34 -1.41 -28.99
CA PHE B 211 24.59 -1.00 -30.17
C PHE B 211 25.56 -0.89 -31.33
N ASN B 212 25.00 -0.77 -32.53
CA ASN B 212 25.78 -0.69 -33.76
C ASN B 212 25.52 0.64 -34.46
N LEU B 213 26.52 1.11 -35.21
CA LEU B 213 26.39 2.28 -36.05
C LEU B 213 26.55 1.84 -37.50
N LEU B 214 25.49 2.03 -38.29
CA LEU B 214 25.44 1.53 -39.66
C LEU B 214 25.44 2.68 -40.66
N SER B 215 26.12 2.46 -41.80
CA SER B 215 26.15 3.40 -42.91
C SER B 215 25.05 3.03 -43.90
N LYS B 216 23.92 3.73 -43.83
CA LYS B 216 22.87 3.58 -44.82
C LYS B 216 22.01 4.83 -44.80
N GLU B 217 21.09 4.90 -45.77
CA GLU B 217 20.16 6.01 -45.85
C GLU B 217 19.09 5.90 -44.78
N CYS B 218 18.56 7.04 -44.37
CA CYS B 218 17.49 7.08 -43.37
C CYS B 218 16.70 8.39 -43.46
N GLU B 229 26.60 16.26 -44.43
CA GLU B 229 25.23 16.71 -44.71
C GLU B 229 24.29 15.51 -44.84
N SER B 230 23.69 15.13 -43.71
CA SER B 230 22.88 13.92 -43.58
C SER B 230 23.70 12.65 -43.79
N ASP B 231 25.02 12.75 -43.69
CA ASP B 231 25.90 11.58 -43.78
C ASP B 231 26.29 11.07 -42.41
N ALA B 232 25.30 10.97 -41.52
CA ALA B 232 25.49 10.43 -40.18
C ALA B 232 25.26 8.91 -40.20
N TRP B 233 25.54 8.29 -39.07
CA TRP B 233 25.44 6.84 -38.94
C TRP B 233 24.16 6.44 -38.23
N VAL B 234 23.52 5.38 -38.73
CA VAL B 234 22.21 4.93 -38.24
C VAL B 234 22.40 3.95 -37.09
N LEU B 235 21.63 4.13 -36.03
CA LEU B 235 21.70 3.27 -34.86
C LEU B 235 20.96 1.96 -35.10
N GLN B 236 21.49 0.87 -34.53
CA GLN B 236 20.88 -0.45 -34.61
C GLN B 236 21.16 -1.19 -33.31
N PHE B 237 20.17 -1.96 -32.85
CA PHE B 237 20.21 -2.61 -31.54
C PHE B 237 19.94 -4.10 -31.67
N ALA B 238 20.43 -4.73 -32.73
CA ALA B 238 20.10 -6.12 -33.01
C ALA B 238 20.41 -7.03 -31.83
N GLU B 239 21.65 -6.99 -31.33
CA GLU B 239 22.04 -7.85 -30.22
C GLU B 239 21.17 -7.60 -28.99
N ALA B 240 20.98 -6.33 -28.64
CA ALA B 240 20.18 -5.99 -27.46
C ALA B 240 18.74 -6.43 -27.62
N GLU B 241 18.17 -6.25 -28.81
CA GLU B 241 16.80 -6.66 -29.07
C GLU B 241 16.63 -8.16 -28.88
N ASN B 242 17.59 -8.97 -29.34
CA ASN B 242 17.47 -10.41 -29.19
C ASN B 242 17.54 -10.83 -27.73
N ARG B 243 18.49 -10.25 -26.98
CA ARG B 243 18.58 -10.50 -25.55
C ARG B 243 17.32 -10.06 -24.83
N LEU B 244 16.60 -9.09 -25.38
CA LEU B 244 15.41 -8.55 -24.72
C LEU B 244 14.24 -9.51 -24.83
N GLN B 245 14.12 -10.26 -25.93
CA GLN B 245 12.95 -11.07 -26.19
C GLN B 245 13.12 -12.53 -25.80
N MET B 246 14.14 -12.83 -24.99
CA MET B 246 14.30 -14.20 -24.50
C MET B 246 13.32 -14.49 -23.37
N GLY B 247 12.92 -15.75 -23.29
CA GLY B 247 12.06 -16.22 -22.21
C GLY B 247 10.66 -16.48 -22.74
N GLY B 248 10.04 -17.53 -22.22
CA GLY B 248 8.67 -17.87 -22.57
C GLY B 248 8.51 -18.18 -24.04
N CYS B 249 7.33 -17.87 -24.57
CA CYS B 249 6.99 -18.11 -25.97
C CYS B 249 7.17 -16.88 -26.83
N ARG B 250 7.96 -15.91 -26.37
CA ARG B 250 8.15 -14.67 -27.12
C ARG B 250 8.71 -14.94 -28.52
N LYS B 251 9.84 -15.67 -28.59
CA LYS B 251 10.46 -15.89 -29.89
C LYS B 251 9.64 -16.80 -30.78
N LYS B 252 8.93 -17.78 -30.19
CA LYS B 252 8.06 -18.61 -31.01
C LYS B 252 6.91 -17.78 -31.58
N CYS B 253 6.39 -16.83 -30.80
CA CYS B 253 5.39 -15.91 -31.33
C CYS B 253 5.97 -15.10 -32.49
N LEU B 254 7.20 -14.60 -32.34
CA LEU B 254 7.83 -13.84 -33.41
C LEU B 254 8.00 -14.67 -34.66
N SER B 255 8.35 -15.95 -34.51
CA SER B 255 8.54 -16.82 -35.68
C SER B 255 7.22 -17.00 -36.43
N ILE B 256 6.13 -17.19 -35.70
CA ILE B 256 4.81 -17.33 -36.34
C ILE B 256 4.44 -16.05 -37.10
N LEU B 257 4.72 -14.89 -36.50
CA LEU B 257 4.43 -13.61 -37.16
C LEU B 257 5.25 -13.47 -38.44
N LYS B 258 6.54 -13.76 -38.37
CA LYS B 258 7.41 -13.67 -39.54
C LYS B 258 6.95 -14.64 -40.63
N THR B 259 6.43 -15.80 -40.23
CA THR B 259 5.95 -16.77 -41.21
C THR B 259 4.63 -16.31 -41.83
N LEU B 260 3.70 -15.82 -41.01
CA LEU B 260 2.45 -15.29 -41.55
C LEU B 260 2.70 -14.08 -42.44
N ARG B 261 3.68 -13.24 -42.09
CA ARG B 261 3.99 -12.09 -42.92
C ARG B 261 4.51 -12.53 -44.28
N ASP B 262 5.42 -13.51 -44.30
CA ASP B 262 5.93 -14.02 -45.57
C ASP B 262 4.81 -14.53 -46.46
N ARG B 263 3.84 -15.23 -45.86
CA ARG B 263 2.85 -15.96 -46.62
C ARG B 263 1.62 -15.12 -46.96
N HIS B 264 1.35 -14.04 -46.22
CA HIS B 264 0.13 -13.29 -46.44
C HIS B 264 0.27 -11.78 -46.45
N LEU B 265 1.39 -11.21 -46.00
CA LEU B 265 1.52 -9.77 -45.88
C LEU B 265 2.72 -9.23 -46.65
N GLU B 266 3.14 -9.92 -47.71
CA GLU B 266 4.10 -9.37 -48.66
C GLU B 266 3.28 -8.62 -49.70
N LEU B 267 3.14 -7.32 -49.48
CA LEU B 267 2.15 -6.51 -50.15
C LEU B 267 2.80 -5.46 -51.06
N PRO B 268 2.07 -4.97 -52.06
CA PRO B 268 2.63 -3.93 -52.93
C PRO B 268 3.09 -2.72 -52.13
N GLY B 269 4.33 -2.30 -52.40
CA GLY B 269 4.96 -1.25 -51.64
C GLY B 269 5.75 -1.74 -50.45
N GLN B 270 5.64 -3.03 -50.13
CA GLN B 270 6.32 -3.62 -48.98
C GLN B 270 6.07 -2.84 -47.70
N PRO B 271 4.81 -2.68 -47.28
CA PRO B 271 4.55 -1.93 -46.04
C PRO B 271 5.05 -2.62 -44.79
N LEU B 272 5.13 -3.95 -44.79
CA LEU B 272 5.49 -4.71 -43.60
C LEU B 272 6.73 -5.56 -43.86
N ASN B 273 7.65 -5.54 -42.90
CA ASN B 273 8.85 -6.37 -42.90
C ASN B 273 8.97 -7.07 -41.54
N ASN B 274 9.98 -7.93 -41.42
CA ASN B 274 10.15 -8.68 -40.18
C ASN B 274 10.44 -7.77 -39.00
N TYR B 275 11.09 -6.64 -39.23
CA TYR B 275 11.49 -5.77 -38.12
C TYR B 275 10.28 -5.10 -37.48
N HIS B 276 9.19 -4.91 -38.22
CA HIS B 276 7.95 -4.44 -37.60
C HIS B 276 7.43 -5.48 -36.63
N MET B 277 7.39 -6.75 -37.05
CA MET B 277 6.99 -7.83 -36.16
C MET B 277 7.86 -7.87 -34.91
N LYS B 278 9.17 -7.75 -35.08
CA LYS B 278 10.07 -7.79 -33.93
C LYS B 278 9.80 -6.64 -32.97
N THR B 279 9.53 -5.44 -33.48
CA THR B 279 9.28 -4.30 -32.61
C THR B 279 7.97 -4.47 -31.85
N LEU B 280 6.93 -5.00 -32.49
CA LEU B 280 5.65 -5.16 -31.82
C LEU B 280 5.73 -6.19 -30.70
N VAL B 281 6.51 -7.25 -30.89
CA VAL B 281 6.71 -8.24 -29.82
C VAL B 281 7.31 -7.57 -28.59
N SER B 282 8.27 -6.67 -28.80
CA SER B 282 8.86 -5.94 -27.68
C SER B 282 7.81 -5.10 -26.95
N TYR B 283 6.87 -4.52 -27.70
CA TYR B 283 5.86 -3.68 -27.08
C TYR B 283 4.78 -4.51 -26.40
N GLU B 284 4.42 -5.66 -26.98
CA GLU B 284 3.55 -6.59 -26.28
C GLU B 284 4.17 -7.05 -24.97
N CYS B 285 5.51 -7.10 -24.91
CA CYS B 285 6.19 -7.44 -23.67
C CYS B 285 6.01 -6.35 -22.62
N GLU B 286 5.99 -5.08 -23.04
CA GLU B 286 5.75 -4.01 -22.06
C GLU B 286 4.31 -4.03 -21.59
N LYS B 287 3.36 -4.23 -22.49
CA LYS B 287 1.97 -4.36 -22.09
C LYS B 287 1.78 -5.52 -21.12
N HIS B 288 2.37 -6.67 -21.44
CA HIS B 288 2.22 -7.87 -20.63
C HIS B 288 3.57 -8.18 -20.02
N PRO B 289 3.89 -7.57 -18.87
CA PRO B 289 5.26 -7.60 -18.35
C PRO B 289 5.61 -8.85 -17.59
N ARG B 290 4.62 -9.63 -17.20
CA ARG B 290 4.81 -10.76 -16.31
C ARG B 290 5.21 -11.99 -17.11
N GLU B 291 6.08 -12.82 -16.51
CA GLU B 291 6.60 -13.96 -17.26
C GLU B 291 5.51 -14.97 -17.56
N SER B 292 4.55 -15.16 -16.65
CA SER B 292 3.45 -16.07 -16.93
C SER B 292 2.55 -15.54 -18.03
N ASP B 293 2.59 -14.24 -18.31
CA ASP B 293 1.85 -13.73 -19.46
C ASP B 293 2.46 -14.21 -20.76
N TRP B 294 3.67 -14.77 -20.72
CA TRP B 294 4.29 -15.38 -21.89
C TRP B 294 4.56 -16.86 -21.69
N ASP B 295 3.91 -17.49 -20.71
CA ASP B 295 3.92 -18.95 -20.65
C ASP B 295 3.29 -19.52 -21.93
N GLU B 296 3.50 -20.83 -22.12
CA GLU B 296 3.06 -21.48 -23.36
C GLU B 296 1.55 -21.38 -23.57
N SER B 297 0.75 -21.40 -22.50
CA SER B 297 -0.70 -21.34 -22.67
C SER B 297 -1.20 -19.98 -23.16
N CYS B 298 -0.39 -18.93 -23.03
CA CYS B 298 -0.77 -17.59 -23.47
C CYS B 298 -0.41 -17.32 -24.93
N LEU B 299 0.08 -18.33 -25.66
CA LEU B 299 0.58 -18.10 -27.01
C LEU B 299 -0.49 -17.50 -27.92
N GLY B 300 -1.72 -17.99 -27.84
CA GLY B 300 -2.77 -17.46 -28.67
C GLY B 300 -3.15 -16.04 -28.32
N ASP B 301 -3.24 -15.74 -27.03
CA ASP B 301 -3.59 -14.39 -26.59
C ASP B 301 -2.53 -13.38 -27.01
N ARG B 302 -1.25 -13.73 -26.85
CA ARG B 302 -0.18 -12.79 -27.19
C ARG B 302 -0.12 -12.57 -28.70
N LEU B 303 -0.24 -13.64 -29.48
CA LEU B 303 -0.23 -13.48 -30.93
C LEU B 303 -1.43 -12.65 -31.40
N ASN B 304 -2.60 -12.93 -30.83
CA ASN B 304 -3.80 -12.17 -31.19
C ASN B 304 -3.61 -10.69 -30.84
N GLY B 305 -3.11 -10.41 -29.63
CA GLY B 305 -2.87 -9.04 -29.23
C GLY B 305 -1.89 -8.32 -30.15
N ILE B 306 -0.86 -9.03 -30.62
CA ILE B 306 0.13 -8.40 -31.50
C ILE B 306 -0.49 -8.09 -32.86
N LEU B 307 -1.28 -9.01 -33.41
CA LEU B 307 -1.91 -8.77 -34.69
C LEU B 307 -2.83 -7.55 -34.63
N LEU B 308 -3.65 -7.46 -33.58
CA LEU B 308 -4.49 -6.29 -33.40
C LEU B 308 -3.65 -5.04 -33.21
N GLN B 309 -2.53 -5.16 -32.49
CA GLN B 309 -1.62 -4.03 -32.33
C GLN B 309 -1.02 -3.62 -33.67
N LEU B 310 -0.73 -4.59 -34.53
CA LEU B 310 -0.22 -4.28 -35.86
C LEU B 310 -1.26 -3.51 -36.68
N ILE B 311 -2.51 -3.96 -36.64
CA ILE B 311 -3.58 -3.25 -37.35
C ILE B 311 -3.70 -1.82 -36.84
N SER B 312 -3.58 -1.64 -35.52
CA SER B 312 -3.65 -0.29 -34.95
C SER B 312 -2.51 0.58 -35.45
N CYS B 313 -1.29 0.03 -35.50
CA CYS B 313 -0.16 0.79 -36.02
C CYS B 313 -0.40 1.21 -37.46
N LEU B 314 -0.90 0.29 -38.28
CA LEU B 314 -1.15 0.58 -39.68
C LEU B 314 -2.22 1.66 -39.85
N GLN B 315 -3.31 1.55 -39.09
CA GLN B 315 -4.41 2.50 -39.21
C GLN B 315 -4.04 3.87 -38.66
N CYS B 316 -3.25 3.91 -37.59
CA CYS B 316 -2.78 5.19 -37.06
C CYS B 316 -1.63 5.76 -37.87
N ARG B 317 -1.15 5.03 -38.88
CA ARG B 317 -0.07 5.45 -39.77
C ARG B 317 1.24 5.71 -39.02
N ARG B 318 1.43 5.06 -37.86
CA ARG B 318 2.65 5.25 -37.09
C ARG B 318 3.00 3.94 -36.38
N CYS B 319 4.29 3.61 -36.38
CA CYS B 319 4.82 2.44 -35.70
C CYS B 319 6.17 2.82 -35.10
N PRO B 320 6.19 3.28 -33.86
CA PRO B 320 7.43 3.83 -33.29
C PRO B 320 8.47 2.74 -33.03
N HIS B 321 9.72 3.13 -33.20
CA HIS B 321 10.86 2.30 -32.83
C HIS B 321 10.83 2.05 -31.32
N TYR B 322 11.29 0.86 -30.90
CA TYR B 322 11.14 0.48 -29.51
C TYR B 322 12.08 1.28 -28.60
N PHE B 323 13.36 1.36 -28.96
CA PHE B 323 14.33 2.07 -28.13
C PHE B 323 14.38 3.56 -28.43
N LEU B 324 13.98 3.98 -29.63
CA LEU B 324 13.96 5.37 -30.04
C LEU B 324 12.52 5.69 -30.41
N PRO B 325 11.67 5.99 -29.42
CA PRO B 325 10.24 6.17 -29.72
C PRO B 325 9.94 7.33 -30.64
N ASN B 326 10.83 8.32 -30.72
CA ASN B 326 10.69 9.43 -31.66
C ASN B 326 10.85 9.00 -33.12
N LEU B 327 11.35 7.80 -33.37
CA LEU B 327 11.55 7.31 -34.72
C LEU B 327 10.35 6.49 -35.14
N ASP B 328 9.90 6.70 -36.38
CA ASP B 328 8.70 6.05 -36.90
C ASP B 328 9.10 5.06 -37.99
N LEU B 329 8.83 3.77 -37.74
CA LEU B 329 9.19 2.71 -38.68
C LEU B 329 8.29 2.68 -39.90
N PHE B 330 7.25 3.50 -39.98
CA PHE B 330 6.41 3.62 -41.16
C PHE B 330 6.74 4.84 -42.02
N GLN B 331 7.66 5.69 -41.55
CA GLN B 331 8.01 6.89 -42.31
C GLN B 331 8.54 6.51 -43.68
N GLY B 332 7.99 7.15 -44.71
CA GLY B 332 8.36 6.86 -46.08
C GLY B 332 7.46 5.86 -46.78
N LYS B 333 6.43 5.34 -46.10
CA LYS B 333 5.53 4.42 -46.78
C LYS B 333 4.25 5.14 -47.17
N PRO B 334 3.77 4.96 -48.40
CA PRO B 334 2.51 5.62 -48.79
C PRO B 334 1.35 5.04 -48.00
N HIS B 335 0.45 5.94 -47.58
CA HIS B 335 -0.65 5.55 -46.71
C HIS B 335 -1.58 4.54 -47.37
N SER B 336 -1.69 4.55 -48.69
CA SER B 336 -2.50 3.55 -49.37
C SER B 336 -1.99 2.14 -49.12
N ALA B 337 -0.66 1.98 -49.02
CA ALA B 337 -0.11 0.65 -48.74
C ALA B 337 -0.35 0.25 -47.29
N LEU B 338 -0.20 1.19 -46.36
CA LEU B 338 -0.54 0.92 -44.97
C LEU B 338 -2.01 0.55 -44.82
N GLU B 339 -2.90 1.25 -45.55
CA GLU B 339 -4.32 0.96 -45.49
C GLU B 339 -4.61 -0.45 -46.01
N ASN B 340 -3.97 -0.82 -47.12
CA ASN B 340 -4.12 -2.17 -47.66
C ASN B 340 -3.60 -3.21 -46.68
N ALA B 341 -2.46 -2.96 -46.03
CA ALA B 341 -1.93 -3.90 -45.06
C ALA B 341 -2.85 -4.05 -43.85
N ALA B 342 -3.47 -2.95 -43.42
CA ALA B 342 -4.45 -3.02 -42.34
C ALA B 342 -5.62 -3.92 -42.72
N LYS B 343 -6.10 -3.77 -43.96
CA LYS B 343 -7.16 -4.64 -44.45
C LYS B 343 -6.75 -6.11 -44.46
N GLN B 344 -5.57 -6.40 -45.02
CA GLN B 344 -5.15 -7.80 -45.16
C GLN B 344 -4.80 -8.41 -43.81
N THR B 345 -4.15 -7.65 -42.94
CA THR B 345 -3.84 -8.16 -41.61
C THR B 345 -5.13 -8.44 -40.84
N TRP B 346 -6.12 -7.55 -40.97
CA TRP B 346 -7.39 -7.74 -40.29
C TRP B 346 -8.11 -8.98 -40.79
N ARG B 347 -8.17 -9.15 -42.13
CA ARG B 347 -8.77 -10.36 -42.69
C ARG B 347 -8.05 -11.60 -42.19
N LEU B 348 -6.73 -11.54 -42.07
CA LEU B 348 -5.95 -12.67 -41.59
C LEU B 348 -6.21 -12.95 -40.11
N ALA B 349 -6.15 -11.90 -39.28
CA ALA B 349 -6.35 -12.09 -37.84
C ALA B 349 -7.72 -12.65 -37.52
N ARG B 350 -8.75 -12.23 -38.26
CA ARG B 350 -10.10 -12.75 -38.03
C ARG B 350 -10.16 -14.24 -38.35
N GLU B 351 -9.70 -14.61 -39.55
CA GLU B 351 -9.79 -16.01 -39.98
C GLU B 351 -9.10 -16.93 -38.98
N ILE B 352 -7.96 -16.52 -38.45
CA ILE B 352 -7.28 -17.30 -37.43
C ILE B 352 -8.13 -17.36 -36.17
N LEU B 353 -8.65 -16.21 -35.74
CA LEU B 353 -9.45 -16.18 -34.51
C LEU B 353 -10.79 -16.86 -34.71
N THR B 354 -11.41 -16.68 -35.88
CA THR B 354 -12.71 -17.32 -36.14
C THR B 354 -12.59 -18.84 -36.10
N ASN B 355 -11.58 -19.38 -36.76
CA ASN B 355 -11.36 -20.84 -36.80
C ASN B 355 -9.87 -21.09 -36.81
N PRO B 356 -9.27 -21.40 -35.67
CA PRO B 356 -7.82 -21.67 -35.64
C PRO B 356 -7.39 -22.81 -36.54
N LYS B 357 -8.30 -23.72 -36.89
CA LYS B 357 -7.96 -24.81 -37.81
C LYS B 357 -7.60 -24.28 -39.20
N SER B 358 -7.97 -23.03 -39.52
CA SER B 358 -7.58 -22.44 -40.78
C SER B 358 -6.06 -22.34 -40.93
N LEU B 359 -5.33 -22.32 -39.82
CA LEU B 359 -3.87 -22.25 -39.87
C LEU B 359 -3.28 -23.42 -40.66
N GLU B 360 -3.98 -24.56 -40.72
CA GLU B 360 -3.48 -25.68 -41.50
C GLU B 360 -3.32 -25.31 -42.96
N LYS B 361 -4.17 -24.42 -43.48
CA LYS B 361 -4.11 -24.00 -44.87
C LYS B 361 -3.65 -22.55 -45.02
N LEU B 362 -3.02 -21.99 -43.99
CA LEU B 362 -2.38 -20.70 -44.09
C LEU B 362 -0.86 -20.88 -44.13
N ALA C 2 -20.05 -5.21 -23.64
CA ALA C 2 -20.55 -6.51 -24.08
C ALA C 2 -22.03 -6.43 -24.44
N MET C 3 -22.67 -7.58 -24.59
CA MET C 3 -24.10 -7.63 -24.82
C MET C 3 -24.90 -7.17 -23.62
N ASP C 4 -24.24 -6.89 -22.50
CA ASP C 4 -24.89 -6.42 -21.27
C ASP C 4 -24.84 -4.90 -21.11
N ILE C 5 -23.85 -4.24 -21.70
CA ILE C 5 -23.82 -2.78 -21.62
C ILE C 5 -24.87 -2.17 -22.55
N ALA C 6 -25.13 -2.81 -23.70
CA ALA C 6 -26.13 -2.31 -24.63
C ALA C 6 -27.55 -2.44 -24.08
N ALA C 7 -27.84 -3.53 -23.38
CA ALA C 7 -29.18 -3.72 -22.83
C ALA C 7 -29.44 -2.76 -21.68
N GLN C 8 -28.42 -2.49 -20.87
CA GLN C 8 -28.54 -1.50 -19.81
C GLN C 8 -28.83 -0.11 -20.40
N ALA C 9 -28.16 0.22 -21.51
CA ALA C 9 -28.42 1.50 -22.18
C ALA C 9 -29.83 1.57 -22.74
N LYS C 10 -30.34 0.46 -23.29
CA LYS C 10 -31.68 0.45 -23.84
C LYS C 10 -32.72 0.71 -22.76
N LEU C 11 -32.53 0.12 -21.58
CA LEU C 11 -33.46 0.35 -20.48
C LEU C 11 -33.45 1.81 -20.05
N VAL C 12 -32.26 2.40 -19.97
CA VAL C 12 -32.16 3.81 -19.57
C VAL C 12 -32.83 4.70 -20.62
N TYR C 13 -32.69 4.35 -21.90
CA TYR C 13 -33.30 5.15 -22.95
C TYR C 13 -34.82 5.16 -22.83
N HIS C 14 -35.42 3.98 -22.64
CA HIS C 14 -36.88 3.91 -22.62
C HIS C 14 -37.47 4.40 -21.31
N LEU C 15 -36.71 4.31 -20.20
CA LEU C 15 -37.17 4.91 -18.96
C LEU C 15 -37.25 6.42 -19.07
N ASN C 16 -36.27 7.04 -19.75
CA ASN C 16 -36.31 8.50 -19.93
C ASN C 16 -37.42 8.92 -20.87
N LYS C 17 -37.70 8.13 -21.92
CA LYS C 17 -38.88 8.43 -22.73
C LYS C 17 -40.14 8.31 -21.89
N TYR C 18 -40.23 7.26 -21.08
CA TYR C 18 -41.39 7.09 -20.20
C TYR C 18 -41.53 8.27 -19.24
N TYR C 19 -40.43 8.72 -18.65
CA TYR C 19 -40.46 9.88 -17.77
C TYR C 19 -40.90 11.14 -18.53
N ASN C 20 -40.36 11.35 -19.73
CA ASN C 20 -40.69 12.56 -20.48
C ASN C 20 -42.13 12.53 -21.00
N GLU C 21 -42.70 11.34 -21.21
CA GLU C 21 -44.06 11.25 -21.74
C GLU C 21 -45.09 11.00 -20.66
N LYS C 22 -45.15 9.79 -20.11
CA LYS C 22 -46.20 9.44 -19.16
C LYS C 22 -46.05 10.19 -17.84
N CYS C 23 -44.82 10.28 -17.31
CA CYS C 23 -44.65 10.94 -16.02
C CYS C 23 -44.96 12.43 -16.10
N GLN C 24 -44.55 13.09 -17.20
CA GLN C 24 -44.84 14.50 -17.35
C GLN C 24 -46.33 14.76 -17.52
N ALA C 25 -47.02 13.88 -18.25
CA ALA C 25 -48.47 13.99 -18.36
C ALA C 25 -49.14 13.81 -17.00
N ARG C 26 -48.67 12.85 -16.21
CA ARG C 26 -49.20 12.65 -14.87
C ARG C 26 -49.03 13.90 -14.02
N LYS C 27 -47.84 14.52 -14.09
CA LYS C 27 -47.58 15.73 -13.31
C LYS C 27 -48.57 16.83 -13.68
N ALA C 28 -48.90 16.95 -14.97
CA ALA C 28 -49.84 17.98 -15.40
C ALA C 28 -51.26 17.67 -14.93
N ALA C 29 -51.68 16.41 -15.02
CA ALA C 29 -53.03 16.05 -14.63
C ALA C 29 -53.25 16.21 -13.12
N ILE C 30 -52.26 15.80 -12.32
CA ILE C 30 -52.40 15.95 -10.87
C ILE C 30 -52.33 17.40 -10.47
N ALA C 31 -51.47 18.17 -11.15
CA ALA C 31 -51.43 19.62 -10.93
C ALA C 31 -52.77 20.25 -11.26
N LYS C 32 -53.44 19.75 -12.31
CA LYS C 32 -54.76 20.24 -12.67
C LYS C 32 -55.74 20.05 -11.52
N THR C 33 -55.72 18.87 -10.90
CA THR C 33 -56.55 18.63 -9.73
C THR C 33 -56.15 19.52 -8.57
N ILE C 34 -54.84 19.74 -8.38
CA ILE C 34 -54.35 20.49 -7.22
C ILE C 34 -54.84 21.93 -7.25
N ARG C 35 -54.71 22.61 -8.40
CA ARG C 35 -55.09 24.01 -8.45
C ARG C 35 -56.58 24.20 -8.19
N GLU C 36 -57.42 23.31 -8.73
CA GLU C 36 -58.86 23.43 -8.52
C GLU C 36 -59.29 22.91 -7.16
N VAL C 37 -58.63 21.88 -6.63
CA VAL C 37 -58.92 21.44 -5.28
C VAL C 37 -58.52 22.51 -4.27
N CYS C 38 -57.41 23.20 -4.53
CA CYS C 38 -56.97 24.25 -3.63
C CYS C 38 -57.86 25.48 -3.71
N LYS C 39 -58.62 25.63 -4.81
CA LYS C 39 -59.67 26.64 -4.85
C LYS C 39 -60.78 26.30 -3.87
N VAL C 40 -61.09 25.02 -3.72
CA VAL C 40 -62.23 24.62 -2.89
C VAL C 40 -61.83 24.52 -1.42
N VAL C 41 -60.66 23.94 -1.14
CA VAL C 41 -60.24 23.73 0.24
C VAL C 41 -59.88 25.06 0.90
N SER C 42 -59.16 25.93 0.20
CA SER C 42 -58.79 27.21 0.79
C SER C 42 -60.03 28.08 1.06
N ASP C 43 -61.02 28.02 0.19
CA ASP C 43 -62.24 28.79 0.39
C ASP C 43 -63.03 28.25 1.58
N VAL C 44 -63.09 26.93 1.73
CA VAL C 44 -63.74 26.34 2.90
C VAL C 44 -63.04 26.78 4.17
N LEU C 45 -61.71 26.77 4.17
CA LEU C 45 -60.95 27.19 5.34
C LEU C 45 -60.92 28.71 5.49
N LYS C 46 -61.13 29.45 4.41
CA LYS C 46 -61.25 30.91 4.52
C LYS C 46 -62.46 31.30 5.37
N GLU C 47 -63.50 30.47 5.37
CA GLU C 47 -64.67 30.72 6.20
C GLU C 47 -64.47 30.22 7.63
N VAL C 48 -63.79 29.08 7.81
CA VAL C 48 -63.46 28.59 9.14
C VAL C 48 -62.66 29.64 9.90
N GLU C 49 -61.71 30.31 9.23
CA GLU C 49 -60.81 31.21 9.94
C GLU C 49 -61.52 32.45 10.47
N VAL C 50 -62.60 32.89 9.82
CA VAL C 50 -63.38 33.98 10.40
C VAL C 50 -64.02 33.51 11.70
N GLN C 51 -64.44 32.25 11.75
CA GLN C 51 -64.94 31.69 13.00
C GLN C 51 -63.80 31.44 13.97
N GLU C 52 -62.60 31.16 13.48
CA GLU C 52 -61.47 30.82 14.34
C GLU C 52 -60.13 31.28 13.79
N PRO C 53 -59.59 32.40 14.30
CA PRO C 53 -58.30 32.90 13.80
C PRO C 53 -57.12 31.97 14.12
N ARG C 54 -57.28 31.00 15.02
CA ARG C 54 -56.18 30.10 15.35
C ARG C 54 -55.84 29.11 14.24
N PHE C 55 -56.78 28.83 13.35
CA PHE C 55 -56.53 27.88 12.25
C PHE C 55 -56.13 28.63 10.99
N ILE C 56 -54.91 29.19 11.00
CA ILE C 56 -54.47 30.06 9.91
C ILE C 56 -54.37 29.26 8.61
N SER C 57 -54.59 29.95 7.49
CA SER C 57 -54.59 29.33 6.17
C SER C 57 -53.41 29.80 5.34
N ARG C 65 -45.15 24.94 -7.18
CA ARG C 65 -45.96 24.10 -6.32
C ARG C 65 -46.32 24.82 -5.02
N TYR C 66 -47.38 24.35 -4.37
CA TYR C 66 -47.82 24.91 -3.11
C TYR C 66 -47.21 24.01 -2.06
N GLU C 67 -47.29 24.39 -0.79
CA GLU C 67 -46.71 23.56 0.25
C GLU C 67 -47.72 23.11 1.29
N GLY C 68 -47.43 21.97 1.91
CA GLY C 68 -48.30 21.32 2.87
C GLY C 68 -49.17 20.24 2.28
N LEU C 69 -49.10 20.01 0.97
CA LEU C 69 -49.96 19.09 0.25
C LEU C 69 -49.26 17.75 -0.01
N GLU C 70 -50.00 16.67 0.17
CA GLU C 70 -49.53 15.30 -0.07
C GLU C 70 -50.41 14.66 -1.12
N VAL C 71 -49.78 14.02 -2.10
CA VAL C 71 -50.52 13.19 -3.05
C VAL C 71 -50.47 11.76 -2.53
N ILE C 72 -51.64 11.16 -2.34
CA ILE C 72 -51.74 9.76 -1.92
C ILE C 72 -52.09 8.94 -3.15
N SER C 73 -52.88 9.55 -4.03
CA SER C 73 -53.39 8.93 -5.25
C SER C 73 -53.74 10.05 -6.21
N PRO C 74 -53.91 9.76 -7.50
CA PRO C 74 -54.33 10.82 -8.43
C PRO C 74 -55.63 11.52 -8.03
N THR C 75 -56.45 10.90 -7.18
CA THR C 75 -57.71 11.49 -6.75
C THR C 75 -57.83 11.56 -5.24
N GLU C 76 -56.75 11.29 -4.50
CA GLU C 76 -56.75 11.31 -3.05
C GLU C 76 -55.58 12.16 -2.58
N PHE C 77 -55.84 13.02 -1.61
CA PHE C 77 -54.85 14.00 -1.14
C PHE C 77 -54.99 14.20 0.36
N GLU C 78 -53.90 14.70 0.95
CA GLU C 78 -53.88 15.12 2.35
C GLU C 78 -53.29 16.52 2.42
N VAL C 79 -54.03 17.44 3.02
CA VAL C 79 -53.53 18.79 3.30
C VAL C 79 -53.16 18.85 4.78
N VAL C 80 -51.89 19.11 5.06
CA VAL C 80 -51.40 19.27 6.43
C VAL C 80 -51.45 20.75 6.79
N LEU C 81 -52.26 21.09 7.80
CA LEU C 81 -52.49 22.47 8.22
C LEU C 81 -51.65 22.77 9.47
N TYR C 82 -50.62 23.59 9.29
CA TYR C 82 -49.68 23.90 10.37
C TYR C 82 -50.23 24.97 11.31
N LEU C 83 -50.15 24.70 12.61
CA LEU C 83 -50.68 25.59 13.63
C LEU C 83 -49.54 26.33 14.33
N ASN C 84 -49.91 27.41 15.03
CA ASN C 84 -48.97 28.18 15.83
C ASN C 84 -49.12 27.81 17.29
N GLN C 85 -48.00 27.66 17.99
CA GLN C 85 -47.99 27.41 19.42
C GLN C 85 -46.92 28.28 20.06
N MET C 86 -46.96 28.34 21.39
CA MET C 86 -46.03 29.13 22.18
C MET C 86 -44.87 28.32 22.72
N GLY C 87 -44.76 27.05 22.35
CA GLY C 87 -43.71 26.21 22.88
C GLY C 87 -43.79 26.02 24.38
N VAL C 88 -45.00 26.05 24.93
CA VAL C 88 -45.22 25.83 26.36
C VAL C 88 -45.35 24.33 26.60
N PHE C 89 -45.00 23.54 25.59
CA PHE C 89 -45.27 22.10 25.59
C PHE C 89 -43.98 21.32 25.44
N ASN C 90 -43.77 20.37 26.35
CA ASN C 90 -42.67 19.42 26.24
C ASN C 90 -43.02 18.33 25.23
N PHE C 91 -42.14 18.10 24.26
CA PHE C 91 -42.29 16.99 23.35
C PHE C 91 -41.72 15.74 24.00
N VAL C 92 -42.55 14.72 24.19
CA VAL C 92 -42.14 13.48 24.83
C VAL C 92 -42.45 12.31 23.90
N ASP C 93 -41.41 11.66 23.39
CA ASP C 93 -41.54 10.45 22.60
C ASP C 93 -40.83 9.32 23.34
N ASP C 94 -41.50 8.76 24.34
CA ASP C 94 -41.10 7.46 24.84
C ASP C 94 -41.73 6.39 23.97
N GLY C 95 -41.20 5.17 24.05
CA GLY C 95 -41.68 4.14 23.16
C GLY C 95 -43.02 3.57 23.57
N SER C 96 -43.84 4.36 24.27
CA SER C 96 -45.14 3.89 24.74
C SER C 96 -46.06 3.60 23.55
N LEU C 97 -46.09 4.49 22.57
CA LEU C 97 -46.89 4.32 21.37
C LEU C 97 -45.98 4.40 20.15
N PRO C 98 -46.00 3.41 19.26
CA PRO C 98 -45.09 3.41 18.11
C PRO C 98 -45.50 4.43 17.06
N GLY C 99 -44.54 5.23 16.63
CA GLY C 99 -44.81 6.26 15.63
C GLY C 99 -45.54 7.46 16.15
N CYS C 100 -45.72 7.58 17.46
CA CYS C 100 -46.50 8.66 18.04
C CYS C 100 -45.75 9.30 19.20
N ALA C 101 -46.17 10.53 19.51
CA ALA C 101 -45.65 11.27 20.66
C ALA C 101 -46.77 12.18 21.16
N VAL C 102 -46.51 12.86 22.27
CA VAL C 102 -47.52 13.67 22.94
C VAL C 102 -46.83 14.92 23.47
N LEU C 103 -47.63 15.97 23.70
CA LEU C 103 -47.13 17.28 24.13
C LEU C 103 -47.66 17.59 25.52
N LYS C 104 -46.74 17.88 26.44
CA LYS C 104 -47.06 18.08 27.85
C LYS C 104 -46.58 19.45 28.33
N LEU C 105 -47.24 19.95 29.38
CA LEU C 105 -46.94 21.26 29.93
C LEU C 105 -45.58 21.25 30.62
N SER C 106 -45.05 22.45 30.86
CA SER C 106 -43.77 22.61 31.56
C SER C 106 -44.01 23.17 32.96
N ASP C 107 -44.31 24.47 33.05
CA ASP C 107 -44.77 25.02 34.32
C ASP C 107 -46.27 24.78 34.47
N GLY C 108 -46.71 24.67 35.72
CA GLY C 108 -48.13 24.61 35.98
C GLY C 108 -48.84 25.89 35.60
N ARG C 109 -48.11 27.01 35.53
CA ARG C 109 -48.69 28.32 35.29
C ARG C 109 -48.75 28.70 33.81
N LYS C 110 -47.78 28.24 33.00
CA LYS C 110 -47.81 28.53 31.57
C LYS C 110 -49.05 27.97 30.89
N ARG C 111 -49.85 27.19 31.64
CA ARG C 111 -51.08 26.65 31.10
C ARG C 111 -52.01 27.75 30.62
N SER C 112 -52.14 28.82 31.39
CA SER C 112 -52.94 29.96 30.95
C SER C 112 -52.30 30.67 29.78
N MET C 113 -50.96 30.66 29.72
CA MET C 113 -50.25 31.35 28.66
C MET C 113 -50.43 30.68 27.31
N SER C 114 -50.84 29.41 27.28
CA SER C 114 -50.88 28.69 26.01
C SER C 114 -51.98 29.25 25.12
N LEU C 115 -51.80 29.07 23.81
CA LEU C 115 -52.78 29.51 22.83
C LEU C 115 -53.98 28.57 22.79
N TRP C 116 -53.78 27.32 23.23
CA TRP C 116 -54.74 26.23 23.14
C TRP C 116 -55.19 25.78 24.52
N VAL C 117 -55.37 26.74 25.43
CA VAL C 117 -55.61 26.46 26.84
C VAL C 117 -56.76 25.46 27.01
N GLU C 118 -57.79 25.57 26.18
CA GLU C 118 -58.96 24.71 26.30
C GLU C 118 -58.68 23.25 25.93
N PHE C 119 -57.61 23.00 25.19
CA PHE C 119 -57.31 21.65 24.72
C PHE C 119 -56.28 20.93 25.57
N ILE C 120 -55.79 21.55 26.64
CA ILE C 120 -54.88 20.89 27.55
C ILE C 120 -55.71 20.15 28.59
N THR C 121 -55.43 18.87 28.77
CA THR C 121 -56.20 18.09 29.72
C THR C 121 -55.81 18.48 31.14
N ALA C 122 -56.52 17.91 32.12
CA ALA C 122 -56.09 18.06 33.49
C ALA C 122 -54.72 17.41 33.67
N SER C 123 -54.47 16.35 32.90
CA SER C 123 -53.18 15.68 32.89
C SER C 123 -52.08 16.56 32.33
N GLY C 124 -52.43 17.61 31.60
CA GLY C 124 -51.47 18.53 31.05
C GLY C 124 -51.07 18.29 29.61
N TYR C 125 -51.82 17.50 28.86
CA TYR C 125 -51.47 17.14 27.50
C TYR C 125 -52.27 17.92 26.47
N LEU C 126 -51.61 18.34 25.40
CA LEU C 126 -52.30 18.94 24.27
C LEU C 126 -52.93 17.82 23.44
N SER C 127 -54.26 17.82 23.38
CA SER C 127 -55.01 16.68 22.86
C SER C 127 -55.12 16.75 21.34
N ALA C 128 -54.58 15.74 20.66
CA ALA C 128 -54.79 15.63 19.22
C ALA C 128 -56.24 15.34 18.90
N ARG C 129 -56.87 14.44 19.67
CA ARG C 129 -58.24 14.04 19.39
C ARG C 129 -59.22 15.18 19.64
N LYS C 130 -59.04 15.92 20.74
CA LYS C 130 -59.97 17.01 21.06
C LYS C 130 -59.80 18.19 20.12
N ILE C 131 -58.57 18.45 19.67
CA ILE C 131 -58.37 19.50 18.65
C ILE C 131 -59.00 19.07 17.33
N ARG C 132 -58.81 17.81 16.95
CA ARG C 132 -59.38 17.32 15.69
C ARG C 132 -60.91 17.34 15.73
N SER C 133 -61.50 16.97 16.87
CA SER C 133 -62.96 16.95 16.95
C SER C 133 -63.54 18.36 16.86
N ARG C 134 -62.91 19.32 17.55
CA ARG C 134 -63.27 20.72 17.38
C ARG C 134 -63.20 21.13 15.91
N PHE C 135 -62.14 20.71 15.22
CA PHE C 135 -61.96 21.10 13.82
C PHE C 135 -63.00 20.44 12.92
N GLN C 136 -63.34 19.18 13.18
CA GLN C 136 -64.28 18.46 12.31
C GLN C 136 -65.66 19.08 12.30
N THR C 137 -66.22 19.36 13.49
CA THR C 137 -67.56 19.94 13.54
C THR C 137 -67.58 21.32 12.90
N LEU C 138 -66.52 22.10 13.07
CA LEU C 138 -66.42 23.39 12.40
C LEU C 138 -66.38 23.22 10.89
N VAL C 139 -65.74 22.16 10.39
CA VAL C 139 -65.67 21.95 8.95
C VAL C 139 -67.07 21.71 8.40
N ALA C 140 -67.91 21.00 9.16
CA ALA C 140 -69.30 20.81 8.75
C ALA C 140 -70.03 22.14 8.63
N GLN C 141 -69.62 23.14 9.41
CA GLN C 141 -70.21 24.47 9.26
C GLN C 141 -69.72 25.15 7.99
N ALA C 142 -68.42 25.02 7.68
CA ALA C 142 -67.87 25.66 6.50
C ALA C 142 -68.39 25.03 5.22
N VAL C 143 -68.61 23.71 5.23
CA VAL C 143 -69.06 23.01 4.03
C VAL C 143 -70.46 23.45 3.61
N ASP C 144 -71.23 24.09 4.49
CA ASP C 144 -72.55 24.61 4.14
C ASP C 144 -72.57 26.08 3.76
N LYS C 145 -71.75 26.93 4.38
CA LYS C 145 -71.81 28.35 4.07
C LYS C 145 -70.91 28.74 2.92
N CYS C 146 -69.78 28.06 2.72
CA CYS C 146 -68.78 28.49 1.76
C CYS C 146 -69.37 28.67 0.36
N SER C 147 -68.64 29.35 -0.52
CA SER C 147 -69.18 29.64 -1.84
C SER C 147 -69.48 28.37 -2.63
N TYR C 148 -68.68 27.33 -2.44
CA TYR C 148 -68.79 26.08 -3.17
C TYR C 148 -69.60 25.02 -2.43
N ARG C 149 -70.79 25.32 -1.90
CA ARG C 149 -71.48 24.34 -1.06
C ARG C 149 -71.80 23.07 -1.83
N ASP C 150 -72.50 23.20 -2.96
CA ASP C 150 -73.07 22.03 -3.62
C ASP C 150 -72.03 21.23 -4.40
N VAL C 151 -70.75 21.58 -4.29
CA VAL C 151 -69.70 20.83 -4.98
C VAL C 151 -68.84 20.08 -4.00
N VAL C 152 -69.10 20.22 -2.71
CA VAL C 152 -68.33 19.57 -1.66
C VAL C 152 -69.30 18.85 -0.73
N LYS C 153 -69.22 17.52 -0.71
CA LYS C 153 -69.74 16.72 0.38
C LYS C 153 -68.70 16.69 1.49
N MET C 154 -69.08 16.22 2.67
CA MET C 154 -68.09 15.89 3.68
C MET C 154 -68.22 14.43 4.06
N VAL C 155 -67.06 13.75 4.15
CA VAL C 155 -67.07 12.33 4.46
C VAL C 155 -67.48 12.12 5.91
N ALA C 156 -68.35 11.15 6.13
CA ALA C 156 -68.89 10.88 7.45
C ALA C 156 -68.16 9.68 8.05
N ASP C 157 -68.62 9.25 9.23
CA ASP C 157 -68.14 8.02 9.87
C ASP C 157 -66.65 8.02 10.13
N THR C 158 -66.01 9.18 10.14
CA THR C 158 -64.58 9.27 10.39
C THR C 158 -64.29 10.34 11.43
N SER C 159 -63.34 10.04 12.32
CA SER C 159 -62.88 11.00 13.31
C SER C 159 -61.94 12.03 12.70
N GLU C 160 -61.52 11.83 11.46
CA GLU C 160 -60.60 12.73 10.76
C GLU C 160 -61.34 13.45 9.66
N VAL C 161 -60.85 14.65 9.33
CA VAL C 161 -61.56 15.59 8.47
C VAL C 161 -61.26 15.27 7.03
N LYS C 162 -62.28 14.86 6.28
CA LYS C 162 -62.14 14.52 4.88
C LYS C 162 -63.18 15.29 4.08
N LEU C 163 -62.75 15.95 3.00
CA LEU C 163 -63.66 16.62 2.08
C LEU C 163 -63.78 15.77 0.83
N ARG C 164 -65.00 15.55 0.38
CA ARG C 164 -65.27 14.88 -0.88
C ARG C 164 -65.74 15.93 -1.88
N ILE C 165 -64.98 16.13 -2.95
CA ILE C 165 -65.16 17.26 -3.86
C ILE C 165 -65.58 16.73 -5.23
N ARG C 166 -66.73 17.20 -5.71
CA ARG C 166 -67.31 16.76 -6.99
C ARG C 166 -67.43 15.23 -7.04
N ASP C 167 -67.56 14.62 -5.86
CA ASP C 167 -67.80 13.19 -5.67
C ASP C 167 -66.69 12.28 -6.17
N ARG C 168 -65.61 12.84 -6.71
CA ARG C 168 -64.50 12.02 -7.17
C ARG C 168 -63.23 12.19 -6.36
N TYR C 169 -63.02 13.34 -5.73
CA TYR C 169 -61.79 13.60 -5.00
C TYR C 169 -62.04 13.60 -3.50
N VAL C 170 -61.08 13.07 -2.76
CA VAL C 170 -61.09 13.09 -1.30
C VAL C 170 -59.83 13.81 -0.86
N VAL C 171 -59.98 14.82 -0.02
CA VAL C 171 -58.86 15.61 0.49
C VAL C 171 -58.96 15.58 2.00
N GLN C 172 -57.95 15.03 2.65
CA GLN C 172 -57.89 15.04 4.10
C GLN C 172 -57.15 16.27 4.59
N ILE C 173 -57.74 16.96 5.55
CA ILE C 173 -57.13 18.12 6.16
C ILE C 173 -56.75 17.75 7.58
N THR C 174 -55.45 17.65 7.84
CA THR C 174 -54.93 17.12 9.09
C THR C 174 -54.27 18.25 9.87
N PRO C 175 -54.81 18.65 11.02
CA PRO C 175 -54.12 19.67 11.83
C PRO C 175 -52.79 19.16 12.35
N ALA C 176 -51.81 20.07 12.41
CA ALA C 176 -50.45 19.64 12.70
C ALA C 176 -49.63 20.80 13.25
N PHE C 177 -48.54 20.43 13.93
CA PHE C 177 -47.49 21.36 14.34
C PHE C 177 -46.19 20.94 13.69
N LYS C 178 -45.47 21.93 13.15
CA LYS C 178 -44.16 21.71 12.55
C LYS C 178 -43.06 21.82 13.60
N CYS C 179 -42.25 20.78 13.70
CA CYS C 179 -41.07 20.79 14.54
C CYS C 179 -39.85 20.76 13.62
N THR C 180 -39.02 21.80 13.71
CA THR C 180 -37.79 21.88 12.93
C THR C 180 -36.57 21.87 13.81
N GLY C 181 -35.46 21.42 13.22
CA GLY C 181 -34.21 21.34 13.92
C GLY C 181 -34.15 20.33 15.04
N ILE C 182 -35.29 19.77 15.45
CA ILE C 182 -35.35 18.77 16.50
C ILE C 182 -35.56 17.42 15.85
N TRP C 183 -34.74 16.44 16.22
CA TRP C 183 -34.93 15.10 15.70
C TRP C 183 -35.50 14.22 16.79
N PRO C 184 -36.54 13.43 16.51
CA PRO C 184 -37.19 12.66 17.57
C PRO C 184 -36.34 11.48 18.01
N ARG C 185 -36.66 10.98 19.20
CA ARG C 185 -35.86 9.92 19.82
C ARG C 185 -36.02 8.60 19.08
N SER C 186 -37.21 8.30 18.58
CA SER C 186 -37.45 7.06 17.85
C SER C 186 -36.66 6.98 16.55
N ALA C 187 -36.12 8.10 16.08
CA ALA C 187 -35.31 8.12 14.87
C ALA C 187 -33.86 8.52 15.13
N ALA C 188 -33.48 8.73 16.39
CA ALA C 188 -32.12 9.15 16.71
C ALA C 188 -31.10 8.07 16.40
N HIS C 189 -31.54 6.83 16.18
CA HIS C 189 -30.65 5.77 15.76
C HIS C 189 -30.11 6.04 14.35
N TRP C 190 -30.90 6.72 13.53
CA TRP C 190 -30.52 7.02 12.15
C TRP C 190 -29.52 8.17 12.11
N PRO C 191 -28.46 8.05 11.29
CA PRO C 191 -28.17 6.84 10.51
C PRO C 191 -27.39 5.81 11.31
N LEU C 192 -27.64 4.53 11.04
CA LEU C 192 -26.91 3.45 11.69
C LEU C 192 -25.45 3.45 11.26
N PRO C 193 -24.58 2.74 12.00
CA PRO C 193 -23.16 2.72 11.64
C PRO C 193 -22.83 2.02 10.34
N HIS C 194 -23.70 1.09 9.88
CA HIS C 194 -23.31 0.23 8.77
C HIS C 194 -23.14 1.01 7.47
N ILE C 195 -24.05 1.94 7.21
CA ILE C 195 -24.12 2.70 5.96
C ILE C 195 -23.66 4.11 6.27
N PRO C 196 -22.74 4.70 5.47
CA PRO C 196 -22.19 6.03 5.83
C PRO C 196 -23.12 7.08 6.47
N TRP C 197 -24.37 7.34 6.08
CA TRP C 197 -24.99 7.11 4.77
C TRP C 197 -24.38 8.26 3.98
N PRO C 198 -24.40 9.49 4.55
CA PRO C 198 -23.46 10.51 4.08
C PRO C 198 -22.70 11.20 5.20
N GLY C 199 -21.37 11.14 5.16
CA GLY C 199 -20.52 11.89 6.05
C GLY C 199 -20.81 13.39 6.08
N PRO C 200 -20.87 14.04 4.90
CA PRO C 200 -21.14 15.49 4.87
C PRO C 200 -22.51 15.86 5.42
N ASN C 201 -22.87 17.13 5.27
CA ASN C 201 -24.04 17.70 5.92
C ASN C 201 -25.36 17.07 5.48
N ARG C 202 -25.30 16.05 4.62
CA ARG C 202 -26.53 15.41 4.17
C ARG C 202 -27.27 14.75 5.34
N VAL C 203 -26.55 14.30 6.37
CA VAL C 203 -27.22 13.85 7.59
C VAL C 203 -27.81 15.03 8.35
N ALA C 204 -27.01 16.09 8.52
CA ALA C 204 -27.48 17.29 9.21
C ALA C 204 -28.58 17.99 8.41
N GLU C 205 -28.44 18.01 7.08
CA GLU C 205 -29.46 18.62 6.23
C GLU C 205 -30.80 17.96 6.41
N VAL C 206 -30.82 16.62 6.48
CA VAL C 206 -32.07 15.90 6.70
C VAL C 206 -32.59 16.14 8.10
N LYS C 207 -31.72 16.01 9.11
CA LYS C 207 -32.14 16.18 10.50
C LYS C 207 -32.58 17.62 10.75
N ALA C 208 -32.05 18.57 9.98
CA ALA C 208 -32.44 19.96 10.14
C ALA C 208 -33.89 20.19 9.71
N GLU C 209 -34.42 19.35 8.81
CA GLU C 209 -35.80 19.49 8.40
C GLU C 209 -36.78 19.19 9.53
N GLY C 210 -36.34 18.42 10.54
CA GLY C 210 -37.26 18.13 11.61
C GLY C 210 -38.32 17.12 11.20
N PHE C 211 -39.42 17.17 11.92
CA PHE C 211 -40.52 16.23 11.74
C PHE C 211 -41.82 16.97 12.06
N ASN C 212 -42.94 16.34 11.74
CA ASN C 212 -44.25 16.93 11.96
C ASN C 212 -45.05 16.08 12.94
N LEU C 213 -45.94 16.74 13.67
CA LEU C 213 -46.86 16.07 14.58
C LEU C 213 -48.28 16.24 14.04
N LEU C 214 -48.90 15.12 13.66
CA LEU C 214 -50.22 15.10 13.04
C LEU C 214 -51.22 14.40 13.95
N SER C 215 -52.46 14.88 13.94
CA SER C 215 -53.54 14.24 14.69
C SER C 215 -54.31 13.28 13.80
N LYS C 216 -54.33 12.00 14.17
CA LYS C 216 -55.16 10.97 13.54
C LYS C 216 -54.98 9.68 14.31
N GLU C 217 -55.77 8.67 13.93
CA GLU C 217 -55.77 7.40 14.65
C GLU C 217 -54.48 6.62 14.36
N CYS C 218 -54.28 5.57 15.13
CA CYS C 218 -53.00 4.88 15.18
C CYS C 218 -53.12 3.39 14.89
N ASP C 231 -54.96 9.15 22.56
CA ASP C 231 -54.87 10.52 22.08
C ASP C 231 -53.40 10.98 22.03
N ALA C 232 -52.73 10.65 20.93
CA ALA C 232 -51.35 11.06 20.70
C ALA C 232 -51.24 11.72 19.34
N TRP C 233 -50.06 12.28 19.08
CA TRP C 233 -49.77 12.94 17.81
C TRP C 233 -48.94 12.03 16.93
N VAL C 234 -49.23 12.01 15.63
CA VAL C 234 -48.60 11.10 14.68
C VAL C 234 -47.35 11.74 14.13
N LEU C 235 -46.24 11.00 14.11
CA LEU C 235 -44.99 11.49 13.56
C LEU C 235 -45.03 11.38 12.04
N GLN C 236 -44.46 12.37 11.36
CA GLN C 236 -44.40 12.39 9.91
C GLN C 236 -43.15 13.14 9.49
N PHE C 237 -42.48 12.66 8.44
CA PHE C 237 -41.15 13.13 8.08
C PHE C 237 -41.09 13.59 6.62
N ALA C 238 -42.14 14.25 6.14
CA ALA C 238 -42.23 14.63 4.73
C ALA C 238 -41.01 15.43 4.27
N GLU C 239 -40.67 16.49 5.01
CA GLU C 239 -39.59 17.38 4.57
C GLU C 239 -38.22 16.68 4.68
N ALA C 240 -38.00 15.95 5.77
CA ALA C 240 -36.73 15.22 5.92
C ALA C 240 -36.57 14.19 4.81
N GLU C 241 -37.65 13.48 4.47
CA GLU C 241 -37.59 12.51 3.38
C GLU C 241 -37.25 13.18 2.05
N ASN C 242 -37.81 14.36 1.79
CA ASN C 242 -37.55 15.04 0.53
C ASN C 242 -36.10 15.47 0.42
N ARG C 243 -35.54 15.98 1.52
CA ARG C 243 -34.12 16.33 1.53
C ARG C 243 -33.25 15.09 1.34
N LEU C 244 -33.69 13.95 1.87
CA LEU C 244 -32.91 12.72 1.74
C LEU C 244 -32.78 12.29 0.29
N GLN C 245 -33.80 12.55 -0.52
CA GLN C 245 -33.86 12.09 -1.89
C GLN C 245 -33.43 13.15 -2.90
N MET C 246 -32.72 14.18 -2.45
CA MET C 246 -32.17 15.16 -3.37
C MET C 246 -30.96 14.58 -4.09
N GLY C 247 -30.78 14.98 -5.35
CA GLY C 247 -29.58 14.59 -6.06
C GLY C 247 -29.76 13.47 -7.06
N GLY C 248 -29.06 13.55 -8.18
CA GLY C 248 -29.08 12.50 -9.17
C GLY C 248 -30.46 12.24 -9.75
N CYS C 249 -30.72 10.98 -10.10
CA CYS C 249 -31.98 10.55 -10.68
C CYS C 249 -32.93 9.97 -9.64
N ARG C 250 -32.72 10.28 -8.36
CA ARG C 250 -33.59 9.75 -7.31
C ARG C 250 -35.04 10.15 -7.53
N LYS C 251 -35.30 11.45 -7.78
CA LYS C 251 -36.67 11.91 -7.94
C LYS C 251 -37.25 11.47 -9.27
N LYS C 252 -36.43 11.43 -10.33
CA LYS C 252 -36.89 10.85 -11.59
C LYS C 252 -37.33 9.42 -11.39
N CYS C 253 -36.57 8.65 -10.61
CA CYS C 253 -36.93 7.28 -10.29
C CYS C 253 -38.24 7.22 -9.52
N LEU C 254 -38.39 8.10 -8.52
CA LEU C 254 -39.62 8.14 -7.74
C LEU C 254 -40.82 8.50 -8.62
N SER C 255 -40.65 9.43 -9.56
CA SER C 255 -41.75 9.80 -10.44
C SER C 255 -42.18 8.63 -11.32
N ILE C 256 -41.21 7.87 -11.85
CA ILE C 256 -41.53 6.70 -12.66
C ILE C 256 -42.31 5.68 -11.85
N LEU C 257 -41.90 5.45 -10.60
CA LEU C 257 -42.58 4.48 -9.75
C LEU C 257 -44.01 4.89 -9.46
N LYS C 258 -44.22 6.15 -9.06
CA LYS C 258 -45.58 6.63 -8.81
C LYS C 258 -46.44 6.53 -10.05
N THR C 259 -45.84 6.76 -11.22
CA THR C 259 -46.60 6.68 -12.46
C THR C 259 -46.95 5.24 -12.79
N LEU C 260 -45.99 4.33 -12.61
CA LEU C 260 -46.28 2.91 -12.81
C LEU C 260 -47.30 2.41 -11.80
N ARG C 261 -47.22 2.87 -10.56
CA ARG C 261 -48.18 2.45 -9.54
C ARG C 261 -49.58 2.90 -9.88
N ASP C 262 -49.73 4.18 -10.25
CA ASP C 262 -51.05 4.70 -10.63
C ASP C 262 -51.64 3.91 -11.78
N ARG C 263 -50.81 3.54 -12.76
CA ARG C 263 -51.31 2.97 -14.00
C ARG C 263 -51.46 1.46 -13.97
N HIS C 264 -50.78 0.76 -13.07
CA HIS C 264 -50.81 -0.69 -13.10
C HIS C 264 -50.96 -1.38 -11.75
N LEU C 265 -50.75 -0.68 -10.63
CA LEU C 265 -50.73 -1.30 -9.31
C LEU C 265 -51.75 -0.66 -8.37
N GLU C 266 -52.83 -0.12 -8.91
CA GLU C 266 -53.96 0.33 -8.11
C GLU C 266 -54.89 -0.87 -7.95
N LEU C 267 -54.73 -1.59 -6.84
CA LEU C 267 -55.24 -2.93 -6.68
C LEU C 267 -56.30 -3.02 -5.57
N PRO C 268 -57.16 -4.03 -5.61
CA PRO C 268 -58.16 -4.19 -4.55
C PRO C 268 -57.52 -4.29 -3.17
N GLY C 269 -58.04 -3.51 -2.23
CA GLY C 269 -57.46 -3.44 -0.91
C GLY C 269 -56.39 -2.39 -0.73
N GLN C 270 -56.12 -1.60 -1.77
CA GLN C 270 -55.02 -0.66 -1.90
C GLN C 270 -53.76 -1.16 -1.18
N PRO C 271 -53.19 -2.29 -1.61
CA PRO C 271 -51.93 -2.73 -0.99
C PRO C 271 -50.78 -1.74 -1.19
N LEU C 272 -50.77 -0.99 -2.29
CA LEU C 272 -49.68 -0.08 -2.62
C LEU C 272 -50.20 1.33 -2.83
N ASN C 273 -49.52 2.31 -2.22
CA ASN C 273 -49.78 3.73 -2.44
C ASN C 273 -48.44 4.42 -2.72
N ASN C 274 -48.51 5.73 -3.00
CA ASN C 274 -47.30 6.46 -3.35
C ASN C 274 -46.27 6.48 -2.23
N TYR C 275 -46.71 6.43 -0.98
CA TYR C 275 -45.75 6.47 0.13
C TYR C 275 -44.94 5.20 0.22
N HIS C 276 -45.45 4.06 -0.27
CA HIS C 276 -44.62 2.88 -0.39
C HIS C 276 -43.48 3.11 -1.39
N MET C 277 -43.81 3.65 -2.56
CA MET C 277 -42.78 3.96 -3.55
C MET C 277 -41.73 4.90 -2.99
N LYS C 278 -42.16 5.94 -2.28
CA LYS C 278 -41.21 6.88 -1.70
C LYS C 278 -40.30 6.19 -0.68
N THR C 279 -40.88 5.29 0.13
CA THR C 279 -40.08 4.59 1.14
C THR C 279 -39.06 3.67 0.48
N LEU C 280 -39.44 3.01 -0.62
CA LEU C 280 -38.51 2.11 -1.31
C LEU C 280 -37.35 2.88 -1.91
N VAL C 281 -37.61 4.08 -2.44
CA VAL C 281 -36.52 4.90 -2.96
C VAL C 281 -35.53 5.21 -1.85
N SER C 282 -36.04 5.50 -0.65
CA SER C 282 -35.16 5.76 0.49
C SER C 282 -34.32 4.52 0.83
N TYR C 283 -34.95 3.34 0.87
CA TYR C 283 -34.19 2.10 1.06
C TYR C 283 -33.07 2.00 0.05
N GLU C 284 -33.41 2.15 -1.24
CA GLU C 284 -32.41 2.08 -2.30
C GLU C 284 -31.35 3.15 -2.13
N CYS C 285 -31.71 4.30 -1.55
CA CYS C 285 -30.72 5.33 -1.25
C CYS C 285 -29.77 4.88 -0.16
N GLU C 286 -30.29 4.16 0.84
CA GLU C 286 -29.45 3.61 1.89
C GLU C 286 -28.59 2.46 1.38
N LYS C 287 -29.13 1.63 0.49
CA LYS C 287 -28.35 0.54 -0.08
C LYS C 287 -27.24 1.06 -1.00
N HIS C 288 -27.44 2.21 -1.63
CA HIS C 288 -26.48 2.80 -2.56
C HIS C 288 -26.28 4.27 -2.21
N PRO C 289 -25.39 4.58 -1.27
CA PRO C 289 -25.29 5.95 -0.77
C PRO C 289 -24.44 6.86 -1.65
N ARG C 290 -23.48 6.27 -2.36
CA ARG C 290 -22.57 7.06 -3.19
C ARG C 290 -23.35 7.78 -4.29
N GLU C 291 -22.94 9.02 -4.56
CA GLU C 291 -23.69 9.84 -5.52
C GLU C 291 -23.58 9.28 -6.93
N SER C 292 -22.47 8.63 -7.25
CA SER C 292 -22.30 8.02 -8.57
C SER C 292 -23.28 6.86 -8.78
N ASP C 293 -23.80 6.27 -7.71
CA ASP C 293 -24.82 5.23 -7.85
C ASP C 293 -26.15 5.80 -8.33
N TRP C 294 -26.34 7.12 -8.27
CA TRP C 294 -27.55 7.75 -8.77
C TRP C 294 -27.26 8.68 -9.94
N ASP C 295 -26.12 8.49 -10.60
CA ASP C 295 -25.89 9.14 -11.88
C ASP C 295 -26.99 8.77 -12.87
N GLU C 296 -27.10 9.59 -13.92
CA GLU C 296 -28.15 9.37 -14.90
C GLU C 296 -28.02 8.02 -15.59
N SER C 297 -26.79 7.54 -15.78
CA SER C 297 -26.57 6.26 -16.42
C SER C 297 -27.01 5.08 -15.56
N CYS C 298 -27.19 5.28 -14.26
CA CYS C 298 -27.64 4.24 -13.34
C CYS C 298 -29.15 4.15 -13.20
N LEU C 299 -29.92 4.92 -13.97
CA LEU C 299 -31.38 4.97 -13.79
C LEU C 299 -32.00 3.58 -13.93
N GLY C 300 -31.52 2.79 -14.89
CA GLY C 300 -32.07 1.45 -15.07
C GLY C 300 -31.76 0.53 -13.91
N ASP C 301 -30.53 0.57 -13.41
CA ASP C 301 -30.16 -0.27 -12.28
C ASP C 301 -30.97 0.10 -11.04
N ARG C 302 -31.14 1.39 -10.79
CA ARG C 302 -31.85 1.84 -9.59
C ARG C 302 -33.33 1.48 -9.65
N LEU C 303 -33.98 1.76 -10.79
CA LEU C 303 -35.40 1.43 -10.89
C LEU C 303 -35.60 -0.08 -10.82
N ASN C 304 -34.72 -0.86 -11.44
CA ASN C 304 -34.79 -2.31 -11.33
C ASN C 304 -34.65 -2.75 -9.88
N GLY C 305 -33.63 -2.25 -9.18
CA GLY C 305 -33.44 -2.62 -7.79
C GLY C 305 -34.64 -2.29 -6.94
N ILE C 306 -35.29 -1.16 -7.22
CA ILE C 306 -36.45 -0.75 -6.43
C ILE C 306 -37.64 -1.66 -6.73
N LEU C 307 -37.88 -1.97 -8.01
CA LEU C 307 -38.98 -2.86 -8.36
C LEU C 307 -38.81 -4.24 -7.72
N LEU C 308 -37.60 -4.79 -7.81
CA LEU C 308 -37.33 -6.09 -7.18
C LEU C 308 -37.46 -5.99 -5.67
N GLN C 309 -37.04 -4.88 -5.08
CA GLN C 309 -37.22 -4.69 -3.65
C GLN C 309 -38.71 -4.60 -3.29
N LEU C 310 -39.51 -3.97 -4.17
CA LEU C 310 -40.95 -3.91 -3.95
C LEU C 310 -41.55 -5.30 -3.94
N ILE C 311 -41.18 -6.13 -4.91
CA ILE C 311 -41.63 -7.51 -4.96
C ILE C 311 -41.20 -8.27 -3.72
N SER C 312 -39.95 -8.05 -3.29
CA SER C 312 -39.46 -8.71 -2.08
C SER C 312 -40.26 -8.29 -0.86
N CYS C 313 -40.56 -7.00 -0.72
CA CYS C 313 -41.37 -6.52 0.40
C CYS C 313 -42.74 -7.19 0.40
N LEU C 314 -43.38 -7.27 -0.77
CA LEU C 314 -44.70 -7.87 -0.85
C LEU C 314 -44.66 -9.36 -0.50
N GLN C 315 -43.66 -10.07 -1.00
CA GLN C 315 -43.57 -11.50 -0.75
C GLN C 315 -43.19 -11.78 0.70
N CYS C 316 -42.35 -10.95 1.31
CA CYS C 316 -42.00 -11.09 2.72
C CYS C 316 -43.08 -10.52 3.64
N ARG C 317 -44.10 -9.87 3.09
CA ARG C 317 -45.23 -9.30 3.83
C ARG C 317 -44.81 -8.19 4.79
N ARG C 318 -43.63 -7.59 4.62
CA ARG C 318 -43.21 -6.53 5.51
C ARG C 318 -42.57 -5.39 4.73
N CYS C 319 -42.87 -4.16 5.16
CA CYS C 319 -42.31 -2.96 4.54
C CYS C 319 -42.18 -1.90 5.62
N PRO C 320 -41.04 -1.87 6.31
CA PRO C 320 -40.91 -0.97 7.46
C PRO C 320 -40.79 0.49 7.05
N HIS C 321 -41.32 1.37 7.91
CA HIS C 321 -41.11 2.80 7.75
C HIS C 321 -39.62 3.10 7.80
N TYR C 322 -39.17 4.07 7.01
CA TYR C 322 -37.73 4.25 6.85
C TYR C 322 -37.08 4.79 8.12
N PHE C 323 -37.64 5.85 8.69
CA PHE C 323 -37.06 6.44 9.88
C PHE C 323 -37.53 5.76 11.16
N LEU C 324 -38.69 5.09 11.13
CA LEU C 324 -39.26 4.38 12.28
C LEU C 324 -39.40 2.91 11.93
N PRO C 325 -38.33 2.13 12.09
CA PRO C 325 -38.40 0.71 11.69
C PRO C 325 -39.42 -0.13 12.46
N ASN C 326 -39.84 0.29 13.66
CA ASN C 326 -40.91 -0.43 14.34
C ASN C 326 -42.25 -0.30 13.63
N LEU C 327 -42.39 0.61 12.68
CA LEU C 327 -43.64 0.79 11.96
C LEU C 327 -43.58 0.03 10.64
N ASP C 328 -44.66 -0.68 10.32
CA ASP C 328 -44.75 -1.47 9.11
C ASP C 328 -45.85 -0.87 8.23
N LEU C 329 -45.48 -0.42 7.03
CA LEU C 329 -46.43 0.22 6.12
C LEU C 329 -47.41 -0.77 5.49
N PHE C 330 -47.27 -2.07 5.74
CA PHE C 330 -48.25 -3.04 5.31
C PHE C 330 -49.20 -3.43 6.44
N GLN C 331 -49.12 -2.74 7.57
CA GLN C 331 -50.03 -3.01 8.67
C GLN C 331 -51.47 -2.82 8.23
N GLY C 332 -52.35 -3.70 8.71
CA GLY C 332 -53.74 -3.67 8.34
C GLY C 332 -54.02 -4.12 6.92
N LYS C 333 -53.00 -4.52 6.15
CA LYS C 333 -53.25 -4.99 4.80
C LYS C 333 -53.26 -6.51 4.77
N PRO C 334 -54.28 -7.11 4.17
CA PRO C 334 -54.33 -8.59 4.13
C PRO C 334 -53.25 -9.15 3.23
N HIS C 335 -52.64 -10.26 3.66
CA HIS C 335 -51.55 -10.86 2.91
C HIS C 335 -52.01 -11.30 1.52
N SER C 336 -53.29 -11.67 1.38
CA SER C 336 -53.80 -12.00 0.05
C SER C 336 -53.69 -10.81 -0.89
N ALA C 337 -53.85 -9.59 -0.38
CA ALA C 337 -53.69 -8.40 -1.20
C ALA C 337 -52.23 -8.15 -1.52
N LEU C 338 -51.36 -8.33 -0.52
CA LEU C 338 -49.92 -8.21 -0.76
C LEU C 338 -49.45 -9.24 -1.77
N GLU C 339 -49.96 -10.48 -1.67
CA GLU C 339 -49.60 -11.52 -2.63
C GLU C 339 -50.06 -11.20 -4.04
N ASN C 340 -51.30 -10.70 -4.18
CA ASN C 340 -51.77 -10.30 -5.50
C ASN C 340 -50.91 -9.17 -6.06
N ALA C 341 -50.54 -8.21 -5.21
CA ALA C 341 -49.68 -7.12 -5.66
C ALA C 341 -48.31 -7.62 -6.08
N ALA C 342 -47.77 -8.61 -5.36
CA ALA C 342 -46.49 -9.19 -5.75
C ALA C 342 -46.58 -9.82 -7.13
N LYS C 343 -47.65 -10.57 -7.39
CA LYS C 343 -47.84 -11.19 -8.70
C LYS C 343 -47.90 -10.15 -9.80
N GLN C 344 -48.62 -9.05 -9.57
CA GLN C 344 -48.76 -8.03 -10.61
C GLN C 344 -47.49 -7.19 -10.76
N THR C 345 -46.84 -6.87 -9.63
CA THR C 345 -45.60 -6.11 -9.71
C THR C 345 -44.53 -6.93 -10.43
N TRP C 346 -44.46 -8.24 -10.17
CA TRP C 346 -43.51 -9.08 -10.87
C TRP C 346 -43.78 -9.11 -12.37
N ARG C 347 -45.06 -9.22 -12.75
CA ARG C 347 -45.41 -9.23 -14.16
C ARG C 347 -45.02 -7.93 -14.83
N LEU C 348 -45.16 -6.81 -14.12
CA LEU C 348 -44.75 -5.53 -14.66
C LEU C 348 -43.22 -5.45 -14.78
N ALA C 349 -42.51 -5.77 -13.69
CA ALA C 349 -41.06 -5.68 -13.70
C ALA C 349 -40.45 -6.62 -14.72
N ARG C 350 -41.05 -7.81 -14.91
CA ARG C 350 -40.48 -8.74 -15.87
C ARG C 350 -40.59 -8.22 -17.30
N GLU C 351 -41.73 -7.62 -17.65
CA GLU C 351 -41.89 -7.11 -19.00
C GLU C 351 -40.99 -5.90 -19.26
N ILE C 352 -40.81 -5.05 -18.25
CA ILE C 352 -39.96 -3.88 -18.41
C ILE C 352 -38.51 -4.30 -18.63
N LEU C 353 -38.04 -5.24 -17.80
CA LEU C 353 -36.65 -5.68 -17.87
C LEU C 353 -36.40 -6.50 -19.13
N THR C 354 -37.33 -7.39 -19.47
CA THR C 354 -37.18 -8.24 -20.65
C THR C 354 -37.13 -7.43 -21.93
N ASN C 355 -38.04 -6.46 -22.06
CA ASN C 355 -38.11 -5.62 -23.26
C ASN C 355 -38.52 -4.21 -22.83
N PRO C 356 -37.55 -3.32 -22.64
CA PRO C 356 -37.89 -1.95 -22.22
C PRO C 356 -38.77 -1.17 -23.18
N LYS C 357 -38.82 -1.54 -24.47
CA LYS C 357 -39.71 -0.84 -25.39
C LYS C 357 -41.17 -1.03 -24.99
N SER C 358 -41.47 -2.01 -24.14
CA SER C 358 -42.83 -2.19 -23.63
C SER C 358 -43.31 -0.96 -22.87
N LEU C 359 -42.39 -0.16 -22.32
CA LEU C 359 -42.77 1.05 -21.60
C LEU C 359 -43.60 2.00 -22.47
N GLU C 360 -43.41 1.94 -23.80
CA GLU C 360 -44.19 2.79 -24.69
C GLU C 360 -45.68 2.52 -24.57
N LYS C 361 -46.06 1.27 -24.30
CA LYS C 361 -47.46 0.90 -24.16
C LYS C 361 -47.86 0.69 -22.70
N LEU C 362 -47.09 1.25 -21.77
CA LEU C 362 -47.40 1.17 -20.35
C LEU C 362 -47.67 2.56 -19.78
N ASP D 4 29.07 14.63 18.61
CA ASP D 4 29.08 13.25 19.11
C ASP D 4 29.47 12.30 17.99
N ILE D 5 29.31 12.75 16.74
CA ILE D 5 29.78 11.97 15.60
C ILE D 5 31.29 11.76 15.71
N ALA D 6 31.99 12.70 16.36
CA ALA D 6 33.41 12.50 16.63
C ALA D 6 33.63 11.32 17.56
N ALA D 7 32.72 11.14 18.54
CA ALA D 7 32.85 10.03 19.47
C ALA D 7 32.55 8.69 18.79
N GLN D 8 31.56 8.67 17.90
CA GLN D 8 31.27 7.46 17.14
C GLN D 8 32.45 7.09 16.24
N ALA D 9 33.03 8.08 15.56
CA ALA D 9 34.19 7.84 14.73
C ALA D 9 35.39 7.43 15.57
N LYS D 10 35.54 8.03 16.75
CA LYS D 10 36.64 7.68 17.64
C LYS D 10 36.57 6.22 18.07
N LEU D 11 35.37 5.72 18.37
CA LEU D 11 35.21 4.34 18.76
C LEU D 11 35.59 3.39 17.62
N VAL D 12 35.18 3.72 16.40
CA VAL D 12 35.50 2.89 15.25
C VAL D 12 37.02 2.83 15.03
N TYR D 13 37.69 3.95 15.24
CA TYR D 13 39.14 3.98 15.05
C TYR D 13 39.84 3.02 16.01
N HIS D 14 39.48 3.07 17.29
CA HIS D 14 40.17 2.26 18.28
C HIS D 14 39.74 0.80 18.25
N LEU D 15 38.51 0.53 17.82
CA LEU D 15 38.11 -0.86 17.61
C LEU D 15 38.90 -1.50 16.49
N ASN D 16 39.16 -0.76 15.42
CA ASN D 16 39.95 -1.29 14.32
C ASN D 16 41.41 -1.46 14.74
N LYS D 17 41.93 -0.54 15.57
CA LYS D 17 43.24 -0.74 16.17
C LYS D 17 43.25 -2.00 17.04
N TYR D 18 42.20 -2.16 17.86
CA TYR D 18 42.08 -3.34 18.70
C TYR D 18 42.03 -4.62 17.87
N TYR D 19 41.26 -4.61 16.79
CA TYR D 19 41.17 -5.78 15.92
C TYR D 19 42.51 -6.13 15.28
N ASN D 20 43.24 -5.12 14.77
CA ASN D 20 44.48 -5.40 14.07
C ASN D 20 45.56 -5.89 15.01
N GLU D 21 45.48 -5.53 16.28
CA GLU D 21 46.50 -5.87 17.27
C GLU D 21 46.09 -7.09 18.09
N LYS D 22 45.13 -6.91 18.99
CA LYS D 22 44.78 -7.97 19.92
C LYS D 22 44.08 -9.13 19.22
N CYS D 23 43.13 -8.83 18.33
CA CYS D 23 42.37 -9.89 17.67
C CYS D 23 43.23 -10.69 16.70
N GLN D 24 44.10 -10.02 15.95
CA GLN D 24 44.94 -10.74 14.99
C GLN D 24 45.95 -11.63 15.71
N ALA D 25 46.51 -11.16 16.82
CA ALA D 25 47.37 -12.01 17.62
C ALA D 25 46.61 -13.21 18.18
N ARG D 26 45.37 -12.98 18.63
CA ARG D 26 44.53 -14.07 19.12
C ARG D 26 44.32 -15.15 18.06
N LYS D 27 44.03 -14.75 16.82
CA LYS D 27 43.83 -15.74 15.77
C LYS D 27 45.06 -16.61 15.57
N ALA D 28 46.25 -15.99 15.64
CA ALA D 28 47.49 -16.74 15.44
C ALA D 28 47.77 -17.67 16.61
N ALA D 29 47.55 -17.19 17.84
CA ALA D 29 47.83 -18.02 19.01
C ALA D 29 46.90 -19.23 19.07
N ILE D 30 45.63 -19.03 18.75
CA ILE D 30 44.68 -20.14 18.77
C ILE D 30 44.99 -21.12 17.64
N ALA D 31 45.42 -20.61 16.49
CA ALA D 31 45.82 -21.48 15.40
C ALA D 31 46.98 -22.37 15.81
N LYS D 32 47.96 -21.81 16.52
CA LYS D 32 49.08 -22.62 17.02
C LYS D 32 48.59 -23.68 18.00
N THR D 33 47.72 -23.29 18.93
CA THR D 33 47.18 -24.25 19.88
C THR D 33 46.36 -25.33 19.17
N ILE D 34 45.59 -24.95 18.16
CA ILE D 34 44.77 -25.90 17.43
C ILE D 34 45.63 -26.91 16.70
N ARG D 35 46.69 -26.44 16.04
CA ARG D 35 47.67 -27.34 15.42
C ARG D 35 48.20 -28.35 16.42
N GLU D 36 48.53 -27.87 17.61
CA GLU D 36 49.09 -28.72 18.67
C GLU D 36 48.07 -29.76 19.14
N VAL D 37 46.81 -29.36 19.26
CA VAL D 37 45.77 -30.22 19.81
C VAL D 37 45.32 -31.25 18.79
N CYS D 38 45.26 -30.88 17.52
CA CYS D 38 44.76 -31.80 16.49
C CYS D 38 45.74 -32.92 16.22
N LYS D 39 47.03 -32.69 16.46
CA LYS D 39 48.01 -33.77 16.37
C LYS D 39 47.68 -34.89 17.33
N VAL D 40 47.40 -34.54 18.59
CA VAL D 40 47.11 -35.53 19.61
C VAL D 40 45.77 -36.21 19.36
N VAL D 41 44.78 -35.45 18.88
CA VAL D 41 43.45 -36.01 18.65
C VAL D 41 43.50 -37.04 17.51
N SER D 42 44.26 -36.75 16.46
CA SER D 42 44.39 -37.72 15.38
C SER D 42 45.11 -38.97 15.85
N ASP D 43 46.12 -38.80 16.72
CA ASP D 43 46.86 -39.95 17.23
C ASP D 43 46.01 -40.79 18.17
N VAL D 44 45.25 -40.15 19.06
CA VAL D 44 44.35 -40.88 19.94
C VAL D 44 43.30 -41.63 19.12
N LEU D 45 42.78 -40.99 18.08
CA LEU D 45 41.72 -41.60 17.29
C LEU D 45 42.28 -42.73 16.44
N LYS D 46 43.57 -42.63 16.08
CA LYS D 46 44.22 -43.70 15.33
C LYS D 46 44.21 -45.01 16.10
N GLU D 47 44.50 -44.97 17.40
CA GLU D 47 44.41 -46.16 18.24
C GLU D 47 42.98 -46.62 18.43
N VAL D 48 42.04 -45.68 18.57
CA VAL D 48 40.63 -46.06 18.62
C VAL D 48 40.26 -46.85 17.37
N GLU D 49 40.73 -46.41 16.21
CA GLU D 49 40.36 -47.02 14.94
C GLU D 49 40.95 -48.42 14.80
N VAL D 50 42.10 -48.69 15.43
CA VAL D 50 42.66 -50.04 15.40
C VAL D 50 41.78 -51.00 16.18
N GLN D 51 41.29 -50.58 17.35
CA GLN D 51 40.40 -51.44 18.13
C GLN D 51 38.99 -51.50 17.53
N GLU D 52 38.56 -50.42 16.88
CA GLU D 52 37.19 -50.34 16.35
C GLU D 52 37.17 -49.55 15.06
N PRO D 53 37.21 -50.23 13.91
CA PRO D 53 37.22 -49.53 12.62
C PRO D 53 35.91 -48.82 12.28
N ARG D 54 34.81 -49.06 12.99
CA ARG D 54 33.58 -48.35 12.63
C ARG D 54 33.67 -46.86 12.94
N PHE D 55 34.58 -46.47 13.84
CA PHE D 55 34.86 -45.06 14.11
C PHE D 55 36.04 -44.67 13.24
N ILE D 56 35.81 -43.90 12.19
CA ILE D 56 36.88 -43.44 11.30
C ILE D 56 36.91 -41.92 11.33
N SER D 57 38.09 -41.36 11.61
CA SER D 57 38.24 -39.93 11.75
C SER D 57 38.05 -39.21 10.42
N SER D 58 37.62 -37.95 10.51
CA SER D 58 37.43 -37.09 9.35
C SER D 58 37.95 -35.70 9.65
N LEU D 59 39.06 -35.61 10.39
CA LEU D 59 39.63 -34.34 10.83
C LEU D 59 40.83 -34.01 9.95
N ASN D 60 40.53 -33.44 8.78
CA ASN D 60 41.55 -32.98 7.85
C ASN D 60 41.53 -31.45 7.78
N GLU D 61 42.27 -30.91 6.81
CA GLU D 61 42.34 -29.47 6.64
C GLU D 61 42.55 -29.10 5.17
N ASP D 63 40.59 -25.24 2.76
CA ASP D 63 42.00 -25.05 3.10
C ASP D 63 42.16 -24.10 4.29
N ASN D 64 43.10 -24.42 5.16
CA ASN D 64 43.35 -23.60 6.34
C ASN D 64 42.13 -23.50 7.25
N ARG D 65 41.33 -24.57 7.28
CA ARG D 65 40.75 -24.76 8.60
CA ARG D 65 40.76 -24.75 8.59
C ARG D 65 40.53 -26.24 8.82
N TYR D 66 40.33 -26.60 10.09
CA TYR D 66 40.03 -27.98 10.48
C TYR D 66 38.51 -28.12 10.50
N GLU D 67 37.97 -28.78 9.47
CA GLU D 67 36.53 -28.91 9.34
C GLU D 67 35.94 -29.62 10.55
N GLY D 68 34.88 -29.04 11.11
CA GLY D 68 34.20 -29.63 12.24
C GLY D 68 34.72 -29.23 13.61
N LEU D 69 35.75 -28.40 13.68
CA LEU D 69 36.35 -28.04 14.96
C LEU D 69 35.77 -26.70 15.42
N GLU D 70 35.45 -26.63 16.71
CA GLU D 70 34.89 -25.43 17.32
C GLU D 70 35.81 -24.93 18.42
N VAL D 71 36.03 -23.62 18.45
CA VAL D 71 36.78 -22.97 19.52
C VAL D 71 35.77 -22.55 20.58
N ILE D 72 35.99 -23.00 21.81
CA ILE D 72 35.16 -22.63 22.94
C ILE D 72 35.84 -21.56 23.79
N SER D 73 37.16 -21.70 23.91
CA SER D 73 38.00 -20.86 24.75
C SER D 73 39.40 -20.94 24.17
N PRO D 74 40.31 -20.05 24.57
CA PRO D 74 41.70 -20.20 24.10
C PRO D 74 42.31 -21.56 24.42
N THR D 75 41.72 -22.32 25.36
CA THR D 75 42.24 -23.63 25.74
C THR D 75 41.21 -24.75 25.66
N GLU D 76 40.03 -24.50 25.10
CA GLU D 76 38.96 -25.50 25.04
C GLU D 76 38.40 -25.58 23.62
N PHE D 77 38.18 -26.81 23.16
CA PHE D 77 37.76 -27.05 21.79
C PHE D 77 36.79 -28.23 21.74
N GLU D 78 36.02 -28.29 20.67
CA GLU D 78 35.14 -29.41 20.38
C GLU D 78 35.43 -29.92 18.99
N VAL D 79 35.79 -31.19 18.88
CA VAL D 79 35.99 -31.86 17.60
C VAL D 79 34.75 -32.71 17.32
N VAL D 80 34.11 -32.43 16.18
CA VAL D 80 32.97 -33.21 15.73
C VAL D 80 33.48 -34.36 14.88
N LEU D 81 33.24 -35.58 15.34
CA LEU D 81 33.73 -36.79 14.66
C LEU D 81 32.61 -37.33 13.78
N TYR D 82 32.76 -37.16 12.47
CA TYR D 82 31.72 -37.57 11.54
C TYR D 82 31.80 -39.06 11.23
N LEU D 83 30.68 -39.74 11.40
CA LEU D 83 30.56 -41.17 11.15
C LEU D 83 29.82 -41.33 9.84
N ASN D 84 30.36 -42.12 8.93
CA ASN D 84 29.82 -42.15 7.58
C ASN D 84 28.63 -43.09 7.49
N GLN D 85 27.64 -42.67 6.71
CA GLN D 85 26.37 -43.37 6.55
C GLN D 85 25.50 -42.61 5.56
N MET D 86 24.79 -43.33 4.70
CA MET D 86 23.85 -42.69 3.79
C MET D 86 22.43 -43.20 3.95
N GLY D 87 22.23 -44.52 3.97
CA GLY D 87 20.88 -45.02 3.84
C GLY D 87 20.30 -45.82 4.99
N VAL D 88 21.08 -46.06 6.04
CA VAL D 88 20.61 -47.00 7.05
C VAL D 88 19.58 -46.36 7.98
N PHE D 89 19.67 -45.05 8.25
CA PHE D 89 18.82 -44.42 9.26
C PHE D 89 18.00 -43.28 8.66
N ASN D 90 16.73 -43.22 9.05
CA ASN D 90 15.88 -42.07 8.77
C ASN D 90 16.04 -41.06 9.90
N PHE D 91 16.23 -39.80 9.53
CA PHE D 91 16.17 -38.70 10.49
C PHE D 91 14.72 -38.21 10.57
N VAL D 92 14.18 -38.15 11.78
CA VAL D 92 12.85 -37.60 12.00
C VAL D 92 12.95 -36.56 13.12
N ASP D 93 12.41 -35.36 12.85
CA ASP D 93 12.45 -34.25 13.79
C ASP D 93 11.04 -33.73 13.99
N ASP D 94 10.43 -34.09 15.11
CA ASP D 94 9.28 -33.39 15.65
C ASP D 94 9.68 -32.79 16.99
N GLY D 95 8.81 -31.95 17.54
CA GLY D 95 9.16 -31.24 18.76
C GLY D 95 9.10 -32.08 20.02
N SER D 96 9.33 -33.39 19.89
CA SER D 96 9.23 -34.28 21.05
C SER D 96 10.28 -33.90 22.09
N LEU D 97 11.54 -33.80 21.69
CA LEU D 97 12.62 -33.31 22.53
C LEU D 97 13.16 -32.04 21.90
N PRO D 98 13.07 -30.88 22.58
CA PRO D 98 13.41 -29.61 21.92
C PRO D 98 14.90 -29.53 21.61
N GLY D 99 15.21 -29.13 20.38
CA GLY D 99 16.58 -29.05 19.95
C GLY D 99 17.22 -30.39 19.64
N CYS D 100 16.45 -31.46 19.63
CA CYS D 100 16.98 -32.80 19.43
C CYS D 100 16.15 -33.51 18.37
N ALA D 101 16.73 -34.57 17.83
CA ALA D 101 16.06 -35.41 16.85
C ALA D 101 16.55 -36.83 17.07
N VAL D 102 15.99 -37.77 16.32
CA VAL D 102 16.22 -39.18 16.56
C VAL D 102 16.41 -39.87 15.22
N LEU D 103 17.12 -40.98 15.24
CA LEU D 103 17.48 -41.73 14.04
C LEU D 103 16.83 -43.10 14.09
N LYS D 104 16.07 -43.43 13.05
CA LYS D 104 15.33 -44.68 13.03
C LYS D 104 15.74 -45.51 11.83
N LEU D 105 15.79 -46.83 12.01
CA LEU D 105 16.18 -47.74 10.94
C LEU D 105 15.09 -47.83 9.87
N SER D 106 15.51 -47.98 8.62
CA SER D 106 14.57 -48.07 7.51
C SER D 106 13.86 -49.42 7.50
N ASP D 107 12.55 -49.39 7.75
CA ASP D 107 11.74 -50.60 7.76
C ASP D 107 12.40 -51.68 8.62
N GLY D 108 11.90 -52.91 8.51
CA GLY D 108 12.44 -54.03 9.27
C GLY D 108 13.92 -53.84 9.07
N ARG D 109 14.31 -53.93 7.82
CA ARG D 109 15.66 -53.55 7.40
C ARG D 109 16.76 -54.39 8.02
N LYS D 110 16.41 -55.47 8.70
CA LYS D 110 17.41 -56.41 9.24
C LYS D 110 18.51 -55.90 10.15
N ARG D 111 18.21 -55.32 11.27
CA ARG D 111 19.23 -54.95 12.24
C ARG D 111 20.50 -55.79 12.24
N SER D 112 20.40 -57.08 11.89
CA SER D 112 21.58 -57.92 11.83
C SER D 112 22.56 -57.41 10.77
N MET D 113 22.04 -56.87 9.67
CA MET D 113 22.87 -56.37 8.58
C MET D 113 23.06 -54.85 8.66
N SER D 114 23.07 -54.30 9.88
CA SER D 114 23.45 -52.91 10.08
C SER D 114 24.85 -52.84 10.68
N LEU D 115 25.51 -51.71 10.47
CA LEU D 115 26.85 -51.52 11.00
C LEU D 115 26.85 -51.26 12.50
N TRP D 116 25.75 -50.76 13.05
CA TRP D 116 25.68 -50.35 14.45
C TRP D 116 24.66 -51.18 15.23
N VAL D 117 24.58 -52.47 14.91
CA VAL D 117 23.51 -53.33 15.44
C VAL D 117 23.42 -53.26 16.96
N GLU D 118 24.55 -53.26 17.65
CA GLU D 118 24.49 -53.29 19.11
C GLU D 118 24.00 -51.97 19.71
N PHE D 119 24.03 -50.88 18.95
CA PHE D 119 23.61 -49.59 19.47
C PHE D 119 22.18 -49.24 19.09
N ILE D 120 21.50 -50.10 18.35
CA ILE D 120 20.10 -49.89 17.98
C ILE D 120 19.21 -50.53 19.04
N THR D 121 18.23 -49.77 19.52
CA THR D 121 17.30 -50.25 20.54
C THR D 121 16.30 -51.24 19.93
N ALA D 122 15.46 -51.82 20.80
CA ALA D 122 14.37 -52.66 20.32
C ALA D 122 13.35 -51.85 19.53
N SER D 123 13.14 -50.58 19.90
CA SER D 123 12.22 -49.74 19.14
C SER D 123 12.73 -49.43 17.73
N GLY D 124 14.01 -49.66 17.47
CA GLY D 124 14.59 -49.40 16.18
C GLY D 124 15.34 -48.09 16.07
N TYR D 125 15.69 -47.47 17.19
CA TYR D 125 16.37 -46.18 17.22
C TYR D 125 17.85 -46.37 17.51
N LEU D 126 18.67 -45.56 16.83
CA LEU D 126 20.10 -45.52 17.12
C LEU D 126 20.34 -44.65 18.34
N SER D 127 20.85 -45.25 19.41
CA SER D 127 20.93 -44.56 20.69
C SER D 127 22.20 -43.70 20.74
N ALA D 128 22.02 -42.40 20.92
CA ALA D 128 23.16 -41.52 21.09
C ALA D 128 23.92 -41.83 22.37
N ARG D 129 23.21 -42.29 23.41
CA ARG D 129 23.86 -42.62 24.67
C ARG D 129 24.83 -43.79 24.50
N LYS D 130 24.44 -44.82 23.76
CA LYS D 130 25.23 -46.04 23.72
C LYS D 130 26.39 -45.96 22.75
N ILE D 131 26.26 -45.20 21.66
CA ILE D 131 27.42 -44.96 20.80
C ILE D 131 28.48 -44.16 21.54
N ARG D 132 28.06 -43.10 22.24
CA ARG D 132 29.03 -42.31 23.01
C ARG D 132 29.66 -43.14 24.11
N SER D 133 28.89 -44.03 24.73
CA SER D 133 29.41 -44.86 25.80
C SER D 133 30.49 -45.80 25.31
N ARG D 134 30.27 -46.43 24.15
CA ARG D 134 31.31 -47.27 23.56
C ARG D 134 32.51 -46.45 23.13
N PHE D 135 32.26 -45.34 22.42
CA PHE D 135 33.33 -44.45 22.02
C PHE D 135 34.13 -43.98 23.22
N GLN D 136 33.45 -43.69 24.33
CA GLN D 136 34.14 -43.28 25.54
C GLN D 136 35.03 -44.39 26.09
N THR D 137 34.51 -45.63 26.12
CA THR D 137 35.31 -46.76 26.58
C THR D 137 36.52 -46.97 25.68
N LEU D 138 36.34 -46.84 24.36
CA LEU D 138 37.44 -47.00 23.42
C LEU D 138 38.48 -45.91 23.60
N VAL D 139 38.05 -44.67 23.80
CA VAL D 139 38.99 -43.57 23.96
C VAL D 139 39.74 -43.69 25.28
N ALA D 140 39.05 -44.14 26.34
CA ALA D 140 39.70 -44.33 27.62
C ALA D 140 40.86 -45.33 27.50
N GLN D 141 40.72 -46.32 26.62
CA GLN D 141 41.84 -47.23 26.36
C GLN D 141 42.90 -46.56 25.51
N ALA D 142 42.49 -45.75 24.53
CA ALA D 142 43.43 -45.18 23.56
C ALA D 142 44.39 -44.19 24.20
N VAL D 143 43.92 -43.35 25.12
CA VAL D 143 44.80 -42.37 25.75
C VAL D 143 45.90 -43.01 26.58
N ASP D 144 45.77 -44.30 26.90
CA ASP D 144 46.83 -45.04 27.58
C ASP D 144 47.76 -45.77 26.63
N LYS D 145 47.36 -45.93 25.36
CA LYS D 145 48.06 -46.80 24.43
C LYS D 145 48.64 -46.10 23.22
N CYS D 146 48.20 -44.88 22.90
CA CYS D 146 48.61 -44.19 21.69
C CYS D 146 50.00 -43.58 21.85
N SER D 147 50.55 -43.12 20.72
CA SER D 147 51.91 -42.57 20.72
C SER D 147 52.05 -41.37 21.65
N TYR D 148 51.01 -40.54 21.76
CA TYR D 148 51.04 -39.35 22.60
C TYR D 148 50.50 -39.61 24.00
N ARG D 149 50.49 -40.87 24.44
CA ARG D 149 49.86 -41.24 25.70
C ARG D 149 50.43 -40.48 26.89
N ASP D 150 51.70 -40.07 26.80
CA ASP D 150 52.34 -39.42 27.94
C ASP D 150 51.81 -38.01 28.19
N VAL D 151 51.18 -37.39 27.20
CA VAL D 151 50.69 -36.02 27.33
C VAL D 151 49.17 -35.92 27.28
N VAL D 152 48.46 -37.05 27.17
CA VAL D 152 47.00 -37.04 27.04
C VAL D 152 46.36 -37.92 28.12
N LYS D 153 45.32 -37.38 28.74
CA LYS D 153 44.48 -38.08 29.70
C LYS D 153 43.03 -37.82 29.32
N MET D 154 42.13 -38.69 29.78
CA MET D 154 40.71 -38.52 29.49
C MET D 154 40.01 -37.94 30.71
N VAL D 155 39.16 -36.94 30.46
CA VAL D 155 38.49 -36.23 31.54
C VAL D 155 37.43 -37.13 32.17
N ALA D 156 37.37 -37.11 33.50
CA ALA D 156 36.48 -37.97 34.26
C ALA D 156 35.22 -37.22 34.67
N ASP D 157 34.29 -37.95 35.28
CA ASP D 157 33.04 -37.40 35.80
C ASP D 157 32.26 -36.66 34.70
N THR D 158 32.18 -37.30 33.53
CA THR D 158 31.38 -36.77 32.44
C THR D 158 31.06 -37.89 31.46
N SER D 159 29.83 -37.87 30.93
CA SER D 159 29.47 -38.80 29.87
C SER D 159 30.01 -38.37 28.52
N GLU D 160 30.60 -37.18 28.43
CA GLU D 160 31.21 -36.69 27.21
C GLU D 160 32.65 -37.17 27.10
N VAL D 161 33.07 -37.44 25.87
CA VAL D 161 34.46 -37.80 25.62
C VAL D 161 35.28 -36.52 25.57
N LYS D 162 36.11 -36.30 26.59
CA LYS D 162 36.96 -35.12 26.67
C LYS D 162 38.40 -35.53 26.94
N LEU D 163 39.32 -34.94 26.18
CA LEU D 163 40.75 -35.14 26.35
C LEU D 163 41.36 -33.92 27.02
N ARG D 164 42.22 -34.15 28.01
CA ARG D 164 43.04 -33.10 28.58
C ARG D 164 44.48 -33.30 28.09
N ILE D 165 45.02 -32.32 27.40
CA ILE D 165 46.28 -32.44 26.67
C ILE D 165 47.33 -31.55 27.33
N ARG D 166 48.48 -32.15 27.65
CA ARG D 166 49.60 -31.48 28.33
C ARG D 166 49.15 -30.73 29.57
N ASP D 167 47.99 -31.12 30.13
CA ASP D 167 47.40 -30.49 31.30
C ASP D 167 47.09 -29.00 31.06
N ARG D 168 46.98 -28.58 29.80
CA ARG D 168 46.61 -27.22 29.45
C ARG D 168 45.29 -27.12 28.70
N TYR D 169 45.02 -28.05 27.80
CA TYR D 169 43.95 -27.93 26.82
C TYR D 169 42.93 -29.04 26.99
N VAL D 170 41.66 -28.72 26.77
CA VAL D 170 40.56 -29.67 26.84
C VAL D 170 39.88 -29.71 25.49
N VAL D 171 39.70 -30.91 24.95
CA VAL D 171 39.04 -31.12 23.65
C VAL D 171 37.96 -32.17 23.83
N GLN D 172 36.73 -31.79 23.50
CA GLN D 172 35.63 -32.75 23.48
C GLN D 172 35.52 -33.33 22.07
N ILE D 173 35.43 -34.66 21.99
CA ILE D 173 35.30 -35.35 20.71
C ILE D 173 33.89 -35.92 20.66
N THR D 174 33.09 -35.40 19.74
CA THR D 174 31.65 -35.66 19.73
C THR D 174 31.29 -36.48 18.50
N PRO D 175 30.80 -37.72 18.66
CA PRO D 175 30.32 -38.46 17.49
C PRO D 175 29.12 -37.75 16.90
N ALA D 176 29.04 -37.75 15.57
CA ALA D 176 28.04 -36.93 14.92
C ALA D 176 27.75 -37.44 13.52
N PHE D 177 26.57 -37.04 13.00
CA PHE D 177 26.19 -37.26 11.63
C PHE D 177 25.93 -35.93 10.93
N LYS D 178 26.49 -35.76 9.73
CA LYS D 178 26.31 -34.57 8.92
C LYS D 178 25.16 -34.76 7.92
N CYS D 179 24.21 -33.84 7.93
CA CYS D 179 23.12 -33.82 6.95
C CYS D 179 23.32 -32.62 6.03
N THR D 180 23.37 -32.88 4.73
CA THR D 180 23.56 -31.82 3.75
C THR D 180 22.32 -31.64 2.88
N GLY D 181 22.12 -30.40 2.45
CA GLY D 181 21.04 -30.08 1.55
C GLY D 181 19.64 -30.20 2.12
N ILE D 182 19.51 -30.43 3.43
CA ILE D 182 18.20 -30.53 4.07
C ILE D 182 18.21 -29.67 5.33
N TRP D 183 17.03 -29.16 5.68
CA TRP D 183 16.82 -28.32 6.83
C TRP D 183 15.77 -28.97 7.73
N PRO D 184 15.98 -29.04 9.04
CA PRO D 184 15.03 -29.76 9.91
C PRO D 184 13.75 -28.96 10.11
N ARG D 185 12.71 -29.70 10.49
CA ARG D 185 11.39 -29.07 10.71
C ARG D 185 11.37 -28.22 11.97
N SER D 186 12.20 -28.55 12.96
CA SER D 186 12.31 -27.71 14.14
C SER D 186 12.81 -26.30 13.80
N ALA D 187 13.39 -26.12 12.63
CA ALA D 187 13.89 -24.82 12.18
C ALA D 187 13.21 -24.33 10.91
N ALA D 188 12.19 -25.03 10.42
CA ALA D 188 11.55 -24.65 9.16
C ALA D 188 10.81 -23.32 9.25
N HIS D 189 10.55 -22.81 10.46
CA HIS D 189 9.93 -21.49 10.58
C HIS D 189 10.87 -20.38 10.15
N TRP D 190 12.17 -20.59 10.31
CA TRP D 190 13.17 -19.56 10.01
C TRP D 190 13.40 -19.39 8.53
N PRO D 191 13.46 -18.13 8.06
CA PRO D 191 13.24 -16.92 8.85
C PRO D 191 11.76 -16.57 8.90
N LEU D 192 11.32 -15.95 9.99
CA LEU D 192 9.93 -15.54 10.08
C LEU D 192 9.66 -14.49 9.01
N PRO D 193 8.51 -14.53 8.34
CA PRO D 193 8.26 -13.59 7.24
C PRO D 193 8.35 -12.15 7.68
N HIS D 194 8.21 -11.89 8.98
CA HIS D 194 8.25 -10.52 9.50
C HIS D 194 9.63 -9.90 9.32
N ILE D 195 10.68 -10.64 9.68
CA ILE D 195 12.03 -10.07 9.72
C ILE D 195 12.58 -9.99 8.30
N PRO D 196 13.01 -8.81 7.85
CA PRO D 196 13.54 -8.66 6.48
C PRO D 196 14.89 -9.31 6.21
N TRP D 197 15.46 -10.06 7.16
CA TRP D 197 16.83 -10.53 7.01
C TRP D 197 17.02 -12.00 7.30
N PRO D 198 17.84 -12.69 6.49
CA PRO D 198 18.55 -12.12 5.33
C PRO D 198 17.76 -12.19 4.03
N GLY D 199 18.33 -11.64 2.97
CA GLY D 199 17.77 -11.77 1.64
C GLY D 199 17.54 -13.22 1.29
N PRO D 200 16.40 -13.52 0.65
CA PRO D 200 16.05 -14.91 0.35
C PRO D 200 17.11 -15.63 -0.48
N ASN D 201 17.99 -14.91 -1.15
CA ASN D 201 19.10 -15.57 -1.85
C ASN D 201 20.13 -16.09 -0.86
N ARG D 202 20.38 -15.35 0.22
CA ARG D 202 21.28 -15.82 1.27
C ARG D 202 20.61 -16.84 2.17
N VAL D 203 19.29 -16.74 2.36
CA VAL D 203 18.58 -17.71 3.17
C VAL D 203 18.72 -19.10 2.57
N ALA D 204 18.53 -19.21 1.26
CA ALA D 204 18.68 -20.50 0.60
C ALA D 204 20.12 -21.00 0.67
N GLU D 205 21.10 -20.09 0.69
CA GLU D 205 22.47 -20.48 0.94
C GLU D 205 22.63 -21.04 2.34
N VAL D 206 22.00 -20.39 3.32
CA VAL D 206 22.14 -20.82 4.71
C VAL D 206 21.52 -22.20 4.91
N LYS D 207 20.29 -22.39 4.41
CA LYS D 207 19.63 -23.69 4.57
C LYS D 207 20.34 -24.78 3.77
N ALA D 208 21.05 -24.41 2.70
CA ALA D 208 21.78 -25.39 1.92
C ALA D 208 22.94 -26.00 2.70
N GLU D 209 23.43 -25.30 3.72
CA GLU D 209 24.52 -25.83 4.54
C GLU D 209 24.11 -27.10 5.29
N GLY D 210 22.82 -27.32 5.48
CA GLY D 210 22.39 -28.49 6.21
C GLY D 210 22.67 -28.30 7.70
N PHE D 211 22.71 -29.43 8.40
CA PHE D 211 22.87 -29.41 9.85
C PHE D 211 23.57 -30.70 10.27
N ASN D 212 23.95 -30.73 11.54
CA ASN D 212 24.64 -31.86 12.14
C ASN D 212 23.83 -32.44 13.29
N LEU D 213 23.97 -33.75 13.51
CA LEU D 213 23.37 -34.43 14.65
C LEU D 213 24.49 -34.93 15.56
N LEU D 214 24.51 -34.41 16.79
CA LEU D 214 25.60 -34.66 17.73
C LEU D 214 25.15 -35.50 18.92
N SER D 215 26.05 -36.37 19.38
CA SER D 215 25.84 -37.17 20.59
C SER D 215 26.48 -36.43 21.76
N LYS D 216 25.66 -35.76 22.56
CA LYS D 216 26.10 -35.12 23.79
C LYS D 216 24.92 -35.01 24.72
N GLU D 217 25.17 -34.57 25.96
CA GLU D 217 24.08 -34.39 26.89
C GLU D 217 23.35 -33.08 26.61
N SER D 220 22.12 -32.99 27.13
CA SER D 220 21.28 -31.82 26.91
C SER D 220 20.27 -31.66 28.04
N GLU D 229 15.41 -42.68 26.84
CA GLU D 229 15.58 -41.52 27.70
C GLU D 229 16.39 -40.44 26.99
N SER D 230 17.71 -40.55 27.03
CA SER D 230 18.62 -39.58 26.42
C SER D 230 19.31 -40.18 25.21
N ASP D 231 18.55 -40.93 24.40
CA ASP D 231 19.06 -41.55 23.20
C ASP D 231 18.87 -40.68 21.96
N ALA D 232 18.41 -39.45 22.12
CA ALA D 232 18.25 -38.59 20.96
C ALA D 232 19.54 -37.84 20.65
N TRP D 233 19.58 -37.26 19.46
CA TRP D 233 20.75 -36.54 18.96
C TRP D 233 20.51 -35.04 18.99
N VAL D 234 21.56 -34.29 19.33
CA VAL D 234 21.46 -32.85 19.50
C VAL D 234 21.68 -32.18 18.15
N LEU D 235 20.81 -31.23 17.80
CA LEU D 235 20.91 -30.51 16.54
C LEU D 235 21.99 -29.44 16.65
N GLN D 236 22.72 -29.24 15.56
CA GLN D 236 23.80 -28.25 15.55
C GLN D 236 23.91 -27.66 14.15
N PHE D 237 24.16 -26.35 14.08
CA PHE D 237 24.09 -25.60 12.83
C PHE D 237 25.38 -24.82 12.58
N ALA D 238 26.53 -25.43 12.89
CA ALA D 238 27.81 -24.71 12.82
C ALA D 238 28.02 -24.04 11.47
N GLU D 239 27.85 -24.80 10.38
CA GLU D 239 28.12 -24.25 9.05
C GLU D 239 27.04 -23.28 8.61
N ALA D 240 25.78 -23.53 9.02
CA ALA D 240 24.70 -22.62 8.65
C ALA D 240 24.88 -21.25 9.30
N GLU D 241 25.25 -21.23 10.59
CA GLU D 241 25.51 -19.97 11.27
C GLU D 241 26.64 -19.20 10.60
N ASN D 242 27.69 -19.91 10.17
CA ASN D 242 28.84 -19.23 9.58
C ASN D 242 28.48 -18.53 8.28
N ARG D 243 27.71 -19.21 7.42
CA ARG D 243 27.26 -18.59 6.18
C ARG D 243 26.28 -17.46 6.44
N LEU D 244 25.53 -17.55 7.55
CA LEU D 244 24.60 -16.48 7.91
C LEU D 244 25.32 -15.18 8.22
N GLN D 245 26.52 -15.25 8.79
CA GLN D 245 27.23 -14.08 9.28
C GLN D 245 28.26 -13.54 8.30
N MET D 246 28.18 -13.97 7.03
CA MET D 246 29.06 -13.37 6.03
C MET D 246 28.61 -11.97 5.65
N GLY D 247 29.59 -11.12 5.34
CA GLY D 247 29.30 -9.78 4.86
C GLY D 247 29.54 -8.68 5.87
N GLY D 248 30.01 -7.54 5.38
CA GLY D 248 30.22 -6.35 6.20
C GLY D 248 31.25 -6.59 7.31
N CYS D 249 31.05 -5.90 8.42
CA CYS D 249 31.94 -5.98 9.57
C CYS D 249 31.41 -6.96 10.62
N ARG D 250 30.52 -7.88 10.21
CA ARG D 250 29.96 -8.85 11.15
C ARG D 250 31.06 -9.70 11.80
N LYS D 251 31.93 -10.31 10.98
CA LYS D 251 32.97 -11.16 11.55
C LYS D 251 33.99 -10.35 12.35
N LYS D 252 34.35 -9.16 11.86
CA LYS D 252 35.23 -8.30 12.64
C LYS D 252 34.63 -8.00 14.01
N CYS D 253 33.32 -7.75 14.04
CA CYS D 253 32.62 -7.54 15.31
C CYS D 253 32.69 -8.78 16.19
N LEU D 254 32.44 -9.96 15.62
CA LEU D 254 32.48 -11.20 16.39
C LEU D 254 33.88 -11.46 16.95
N SER D 255 34.92 -11.21 16.14
CA SER D 255 36.29 -11.45 16.61
C SER D 255 36.61 -10.55 17.80
N ILE D 256 36.16 -9.29 17.74
CA ILE D 256 36.37 -8.38 18.87
C ILE D 256 35.64 -8.89 20.11
N LEU D 257 34.42 -9.40 19.94
CA LEU D 257 33.67 -9.95 21.06
C LEU D 257 34.39 -11.14 21.68
N LYS D 258 34.86 -12.08 20.83
CA LYS D 258 35.58 -13.23 21.35
C LYS D 258 36.86 -12.81 22.07
N THR D 259 37.51 -11.75 21.57
CA THR D 259 38.75 -11.29 22.19
C THR D 259 38.48 -10.61 23.54
N LEU D 260 37.45 -9.75 23.59
CA LEU D 260 37.08 -9.13 24.86
C LEU D 260 36.65 -10.17 25.89
N ARG D 261 35.95 -11.21 25.45
CA ARG D 261 35.53 -12.26 26.38
C ARG D 261 36.73 -12.97 26.98
N ASP D 262 37.69 -13.34 26.13
CA ASP D 262 38.89 -14.04 26.59
C ASP D 262 39.65 -13.21 27.61
N ARG D 263 39.76 -11.91 27.39
CA ARG D 263 40.64 -11.06 28.18
C ARG D 263 39.97 -10.49 29.42
N HIS D 264 38.64 -10.41 29.45
CA HIS D 264 37.95 -9.77 30.56
C HIS D 264 36.72 -10.51 31.07
N LEU D 265 36.20 -11.50 30.35
CA LEU D 265 34.97 -12.17 30.75
C LEU D 265 35.16 -13.68 30.88
N GLU D 266 36.39 -14.11 31.17
CA GLU D 266 36.65 -15.50 31.54
C GLU D 266 36.49 -15.58 33.05
N LEU D 267 35.30 -15.92 33.50
CA LEU D 267 34.90 -15.73 34.89
C LEU D 267 34.61 -17.07 35.55
N PRO D 268 34.68 -17.14 36.88
CA PRO D 268 34.38 -18.40 37.58
C PRO D 268 33.01 -18.93 37.23
N GLY D 269 32.95 -20.22 36.91
CA GLY D 269 31.74 -20.86 36.46
C GLY D 269 31.54 -20.88 34.96
N GLN D 270 32.47 -20.29 34.20
CA GLN D 270 32.40 -20.22 32.74
C GLN D 270 31.04 -19.73 32.26
N PRO D 271 30.59 -18.54 32.67
CA PRO D 271 29.28 -18.07 32.23
C PRO D 271 29.22 -17.83 30.74
N LEU D 272 30.33 -17.40 30.12
CA LEU D 272 30.36 -17.04 28.71
C LEU D 272 31.45 -17.81 27.98
N ASN D 273 31.12 -18.31 26.79
CA ASN D 273 32.07 -18.90 25.87
C ASN D 273 31.86 -18.28 24.49
N ASN D 274 32.67 -18.70 23.51
CA ASN D 274 32.60 -18.08 22.18
C ASN D 274 31.24 -18.29 21.52
N TYR D 275 30.55 -19.40 21.82
CA TYR D 275 29.28 -19.64 21.15
C TYR D 275 28.19 -18.67 21.60
N HIS D 276 28.29 -18.13 22.81
CA HIS D 276 27.38 -17.08 23.22
C HIS D 276 27.57 -15.84 22.35
N MET D 277 28.83 -15.42 22.18
CA MET D 277 29.13 -14.30 21.30
C MET D 277 28.62 -14.54 19.89
N LYS D 278 28.84 -15.75 19.36
CA LYS D 278 28.40 -16.05 18.00
C LYS D 278 26.90 -15.89 17.84
N THR D 279 26.12 -16.36 18.82
CA THR D 279 24.67 -16.27 18.74
C THR D 279 24.22 -14.82 18.79
N LEU D 280 24.87 -14.00 19.62
CA LEU D 280 24.46 -12.60 19.76
C LEU D 280 24.65 -11.83 18.46
N VAL D 281 25.72 -12.11 17.73
CA VAL D 281 25.93 -11.47 16.43
C VAL D 281 24.78 -11.81 15.48
N SER D 282 24.34 -13.07 15.50
CA SER D 282 23.22 -13.46 14.64
C SER D 282 21.95 -12.68 14.97
N TYR D 283 21.69 -12.45 16.26
CA TYR D 283 20.48 -11.73 16.63
C TYR D 283 20.61 -10.24 16.32
N GLU D 284 21.82 -9.68 16.48
CA GLU D 284 22.04 -8.31 16.06
C GLU D 284 21.83 -8.16 14.55
N CYS D 285 22.07 -9.23 13.79
CA CYS D 285 21.79 -9.20 12.36
C CYS D 285 20.30 -9.12 12.08
N GLU D 286 19.47 -9.81 12.87
CA GLU D 286 18.03 -9.65 12.69
C GLU D 286 17.57 -8.28 13.14
N LYS D 287 18.14 -7.79 14.24
CA LYS D 287 17.75 -6.48 14.76
C LYS D 287 18.08 -5.37 13.77
N HIS D 288 19.19 -5.51 13.05
CA HIS D 288 19.66 -4.52 12.08
C HIS D 288 19.79 -5.20 10.73
N PRO D 289 18.71 -5.28 9.96
CA PRO D 289 18.69 -6.14 8.77
C PRO D 289 19.33 -5.54 7.53
N ARG D 290 19.62 -4.24 7.51
CA ARG D 290 20.17 -3.62 6.33
C ARG D 290 21.66 -3.89 6.23
N GLU D 291 22.13 -4.10 5.00
CA GLU D 291 23.56 -4.27 4.79
C GLU D 291 24.33 -3.03 5.20
N SER D 292 23.72 -1.86 5.03
CA SER D 292 24.35 -0.61 5.42
C SER D 292 24.50 -0.50 6.94
N ASP D 293 23.69 -1.25 7.70
CA ASP D 293 23.85 -1.27 9.15
C ASP D 293 25.11 -1.98 9.60
N TRP D 294 25.78 -2.71 8.69
CA TRP D 294 27.04 -3.38 9.00
C TRP D 294 28.18 -2.82 8.16
N ASP D 295 28.03 -1.59 7.68
CA ASP D 295 29.12 -0.83 7.12
C ASP D 295 30.24 -0.70 8.15
N GLU D 296 31.46 -0.41 7.68
CA GLU D 296 32.60 -0.33 8.58
C GLU D 296 32.41 0.78 9.61
N SER D 297 31.72 1.87 9.24
CA SER D 297 31.49 2.96 10.19
C SER D 297 30.53 2.58 11.30
N CYS D 298 29.74 1.52 11.12
CA CYS D 298 28.80 1.07 12.13
C CYS D 298 29.42 0.10 13.13
N LEU D 299 30.73 -0.17 13.03
CA LEU D 299 31.35 -1.16 13.89
C LEU D 299 31.16 -0.81 15.36
N GLY D 300 31.31 0.47 15.70
CA GLY D 300 31.14 0.88 17.09
C GLY D 300 29.70 0.72 17.57
N ASP D 301 28.75 1.13 16.72
CA ASP D 301 27.34 0.98 17.09
C ASP D 301 26.96 -0.48 17.26
N ARG D 302 27.43 -1.35 16.36
CA ARG D 302 27.08 -2.77 16.44
C ARG D 302 27.68 -3.41 17.69
N LEU D 303 28.94 -3.12 18.00
CA LEU D 303 29.55 -3.66 19.21
C LEU D 303 28.84 -3.14 20.45
N ASN D 304 28.49 -1.85 20.46
CA ASN D 304 27.74 -1.30 21.58
C ASN D 304 26.40 -2.01 21.73
N GLY D 305 25.66 -2.15 20.62
CA GLY D 305 24.38 -2.85 20.68
C GLY D 305 24.51 -4.28 21.16
N ILE D 306 25.56 -4.99 20.73
CA ILE D 306 25.74 -6.37 21.13
C ILE D 306 26.13 -6.46 22.60
N LEU D 307 27.02 -5.58 23.05
CA LEU D 307 27.42 -5.61 24.46
C LEU D 307 26.23 -5.38 25.38
N LEU D 308 25.38 -4.41 25.06
CA LEU D 308 24.15 -4.23 25.83
C LEU D 308 23.25 -5.44 25.70
N GLN D 309 23.20 -6.03 24.50
CA GLN D 309 22.40 -7.22 24.27
C GLN D 309 22.91 -8.38 25.11
N LEU D 310 24.24 -8.47 25.26
CA LEU D 310 24.83 -9.49 26.13
C LEU D 310 24.45 -9.28 27.58
N ILE D 311 24.53 -8.03 28.06
CA ILE D 311 24.13 -7.72 29.43
C ILE D 311 22.67 -8.06 29.65
N SER D 312 21.83 -7.79 28.65
CA SER D 312 20.41 -8.10 28.77
C SER D 312 20.19 -9.60 28.93
N CYS D 313 20.89 -10.42 28.14
CA CYS D 313 20.78 -11.86 28.28
C CYS D 313 21.22 -12.32 29.67
N LEU D 314 22.35 -11.80 30.17
CA LEU D 314 22.84 -12.21 31.48
C LEU D 314 21.87 -11.82 32.58
N GLN D 315 21.33 -10.60 32.54
CA GLN D 315 20.42 -10.17 33.60
C GLN D 315 19.10 -10.91 33.53
N CYS D 316 18.63 -11.24 32.32
CA CYS D 316 17.42 -12.04 32.18
C CYS D 316 17.66 -13.51 32.46
N ARG D 317 18.90 -13.91 32.72
CA ARG D 317 19.25 -15.30 33.04
C ARG D 317 18.85 -16.26 31.93
N ARG D 318 18.82 -15.78 30.68
CA ARG D 318 18.52 -16.65 29.55
C ARG D 318 19.15 -16.09 28.29
N CYS D 319 19.58 -17.01 27.41
CA CYS D 319 20.27 -16.67 26.16
C CYS D 319 19.80 -17.64 25.08
N PRO D 320 18.76 -17.28 24.34
CA PRO D 320 18.16 -18.25 23.42
C PRO D 320 19.05 -18.58 22.23
N HIS D 321 18.98 -19.84 21.82
CA HIS D 321 19.60 -20.32 20.59
C HIS D 321 18.98 -19.61 19.39
N TYR D 322 19.80 -19.35 18.37
CA TYR D 322 19.33 -18.53 17.26
C TYR D 322 18.31 -19.26 16.39
N PHE D 323 18.63 -20.48 15.98
CA PHE D 323 17.72 -21.21 15.09
C PHE D 323 16.62 -21.93 15.86
N LEU D 324 16.87 -22.29 17.12
CA LEU D 324 15.90 -22.97 17.97
C LEU D 324 15.70 -22.09 19.20
N PRO D 325 14.84 -21.06 19.12
CA PRO D 325 14.67 -20.15 20.25
C PRO D 325 14.14 -20.81 21.50
N ASN D 326 13.55 -22.00 21.36
CA ASN D 326 13.07 -22.78 22.50
C ASN D 326 14.22 -23.26 23.39
N LEU D 327 15.46 -23.20 22.89
CA LEU D 327 16.64 -23.66 23.62
C LEU D 327 17.35 -22.49 24.28
N ASP D 328 17.80 -22.70 25.52
CA ASP D 328 18.46 -21.67 26.30
C ASP D 328 19.92 -22.06 26.49
N LEU D 329 20.83 -21.25 25.94
CA LEU D 329 22.26 -21.51 25.99
C LEU D 329 22.86 -21.25 27.36
N PHE D 330 22.09 -20.72 28.32
CA PHE D 330 22.55 -20.55 29.70
C PHE D 330 22.05 -21.67 30.61
N GLN D 331 21.37 -22.67 30.07
CA GLN D 331 20.80 -23.73 30.88
C GLN D 331 21.89 -24.49 31.63
N GLY D 332 21.75 -24.58 32.95
CA GLY D 332 22.73 -25.26 33.77
C GLY D 332 23.80 -24.38 34.36
N LYS D 333 23.74 -23.09 34.14
CA LYS D 333 24.72 -22.14 34.65
C LYS D 333 24.17 -21.52 35.93
N PRO D 334 24.95 -21.45 37.01
CA PRO D 334 24.43 -20.84 38.25
C PRO D 334 24.19 -19.34 38.05
N HIS D 335 23.06 -18.88 38.58
CA HIS D 335 22.65 -17.49 38.34
C HIS D 335 23.61 -16.49 38.97
N SER D 336 24.27 -16.86 40.07
CA SER D 336 25.26 -15.97 40.67
C SER D 336 26.42 -15.69 39.72
N ALA D 337 26.79 -16.67 38.90
CA ALA D 337 27.85 -16.46 37.92
C ALA D 337 27.36 -15.59 36.76
N LEU D 338 26.13 -15.83 36.29
CA LEU D 338 25.57 -14.97 35.26
C LEU D 338 25.49 -13.52 35.72
N GLU D 339 25.12 -13.32 36.99
CA GLU D 339 25.09 -11.97 37.54
C GLU D 339 26.47 -11.34 37.59
N ASN D 340 27.49 -12.11 37.95
CA ASN D 340 28.85 -11.58 37.97
C ASN D 340 29.27 -11.12 36.59
N ALA D 341 28.97 -11.91 35.55
CA ALA D 341 29.33 -11.52 34.19
C ALA D 341 28.56 -10.27 33.76
N ALA D 342 27.31 -10.14 34.19
CA ALA D 342 26.54 -8.95 33.88
C ALA D 342 27.20 -7.70 34.44
N LYS D 343 27.68 -7.77 35.69
CA LYS D 343 28.41 -6.64 36.27
C LYS D 343 29.68 -6.36 35.48
N GLN D 344 30.44 -7.40 35.14
CA GLN D 344 31.72 -7.20 34.47
C GLN D 344 31.52 -6.66 33.05
N THR D 345 30.53 -7.20 32.33
CA THR D 345 30.25 -6.70 30.99
C THR D 345 29.75 -5.25 31.05
N TRP D 346 28.92 -4.93 32.04
CA TRP D 346 28.44 -3.57 32.17
C TRP D 346 29.58 -2.60 32.44
N ARG D 347 30.48 -2.97 33.36
CA ARG D 347 31.66 -2.15 33.63
C ARG D 347 32.55 -2.03 32.41
N LEU D 348 32.70 -3.13 31.65
CA LEU D 348 33.54 -3.10 30.46
C LEU D 348 32.91 -2.24 29.37
N ALA D 349 31.62 -2.45 29.08
CA ALA D 349 30.96 -1.69 28.02
C ALA D 349 30.96 -0.20 28.31
N ARG D 350 30.73 0.18 29.56
CA ARG D 350 30.76 1.60 29.90
C ARG D 350 32.15 2.19 29.72
N GLU D 351 33.20 1.41 29.99
CA GLU D 351 34.55 1.91 29.85
C GLU D 351 34.95 2.10 28.40
N ILE D 352 34.52 1.18 27.53
CA ILE D 352 34.75 1.33 26.09
C ILE D 352 33.99 2.54 25.57
N LEU D 353 32.73 2.69 25.97
CA LEU D 353 31.91 3.80 25.50
C LEU D 353 32.37 5.12 26.10
N THR D 354 32.77 5.13 27.37
CA THR D 354 33.23 6.37 28.00
C THR D 354 34.48 6.90 27.31
N ASN D 355 35.46 6.03 27.08
CA ASN D 355 36.73 6.44 26.45
C ASN D 355 37.23 5.29 25.59
N PRO D 356 37.00 5.34 24.27
CA PRO D 356 37.48 4.26 23.40
C PRO D 356 38.99 4.05 23.42
N LYS D 357 39.78 5.05 23.82
CA LYS D 357 41.22 4.86 23.90
C LYS D 357 41.60 3.81 24.95
N SER D 358 40.68 3.48 25.86
CA SER D 358 40.95 2.41 26.83
C SER D 358 41.19 1.07 26.13
N LEU D 359 40.67 0.90 24.92
CA LEU D 359 40.87 -0.36 24.18
C LEU D 359 42.34 -0.67 23.98
N GLU D 360 43.21 0.35 23.94
CA GLU D 360 44.63 0.08 23.78
C GLU D 360 45.19 -0.76 24.92
N LYS D 361 44.62 -0.60 26.13
CA LYS D 361 45.08 -1.35 27.29
C LYS D 361 44.14 -2.49 27.69
N LEU D 362 43.04 -2.67 26.97
CA LEU D 362 42.18 -3.82 27.19
C LEU D 362 42.68 -5.00 26.36
N GLY E 1 -16.82 -14.54 -23.16
CA GLY E 1 -16.14 -13.27 -23.29
C GLY E 1 -15.08 -13.25 -24.37
N ALA E 2 -14.96 -14.35 -25.11
CA ALA E 2 -14.01 -14.41 -26.22
C ALA E 2 -14.39 -13.40 -27.30
N MET E 3 -15.60 -13.53 -27.83
CA MET E 3 -16.05 -12.68 -28.92
C MET E 3 -16.44 -11.28 -28.48
N ASP E 4 -16.09 -10.88 -27.25
CA ASP E 4 -16.18 -9.46 -26.93
C ASP E 4 -14.92 -8.72 -27.33
N ILE E 5 -13.77 -9.40 -27.35
CA ILE E 5 -12.58 -8.77 -27.93
C ILE E 5 -12.71 -8.76 -29.45
N ALA E 6 -13.36 -9.78 -30.03
CA ALA E 6 -13.59 -9.77 -31.46
C ALA E 6 -14.55 -8.66 -31.85
N ALA E 7 -15.57 -8.43 -31.01
CA ALA E 7 -16.50 -7.34 -31.28
C ALA E 7 -15.88 -5.98 -30.95
N GLN E 8 -15.13 -5.90 -29.86
CA GLN E 8 -14.46 -4.64 -29.51
C GLN E 8 -13.41 -4.28 -30.55
N ALA E 9 -12.65 -5.28 -31.03
CA ALA E 9 -11.66 -5.01 -32.07
C ALA E 9 -12.32 -4.60 -33.38
N LYS E 10 -13.44 -5.24 -33.72
CA LYS E 10 -14.13 -4.88 -34.95
C LYS E 10 -14.62 -3.45 -34.93
N LEU E 11 -15.13 -3.00 -33.77
CA LEU E 11 -15.58 -1.61 -33.65
C LEU E 11 -14.40 -0.65 -33.77
N VAL E 12 -13.28 -0.97 -33.13
CA VAL E 12 -12.11 -0.10 -33.21
C VAL E 12 -11.58 -0.02 -34.64
N TYR E 13 -11.61 -1.14 -35.36
CA TYR E 13 -11.14 -1.16 -36.74
C TYR E 13 -11.95 -0.22 -37.62
N HIS E 14 -13.28 -0.31 -37.55
CA HIS E 14 -14.11 0.46 -38.45
C HIS E 14 -14.21 1.93 -38.05
N LEU E 15 -14.04 2.23 -36.77
CA LEU E 15 -13.96 3.63 -36.37
C LEU E 15 -12.70 4.29 -36.93
N ASN E 16 -11.58 3.57 -36.94
CA ASN E 16 -10.36 4.11 -37.52
C ASN E 16 -10.46 4.25 -39.03
N LYS E 17 -11.12 3.30 -39.70
CA LYS E 17 -11.38 3.46 -41.12
C LYS E 17 -12.27 4.69 -41.37
N TYR E 18 -13.30 4.87 -40.53
CA TYR E 18 -14.16 6.05 -40.64
C TYR E 18 -13.35 7.33 -40.46
N TYR E 19 -12.45 7.35 -39.47
CA TYR E 19 -11.60 8.52 -39.27
C TYR E 19 -10.70 8.77 -40.47
N ASN E 20 -10.08 7.71 -41.02
CA ASN E 20 -9.15 7.89 -42.13
C ASN E 20 -9.88 8.30 -43.40
N GLU E 21 -11.15 7.95 -43.53
CA GLU E 21 -11.92 8.29 -44.73
C GLU E 21 -12.80 9.52 -44.54
N LYS E 22 -13.92 9.41 -43.81
CA LYS E 22 -14.85 10.52 -43.71
C LYS E 22 -14.28 11.69 -42.91
N CYS E 23 -13.63 11.42 -41.77
CA CYS E 23 -13.16 12.52 -40.93
C CYS E 23 -12.05 13.32 -41.63
N GLN E 24 -11.13 12.62 -42.29
CA GLN E 24 -10.03 13.31 -42.96
C GLN E 24 -10.53 14.13 -44.14
N ALA E 25 -11.50 13.59 -44.88
CA ALA E 25 -12.13 14.34 -45.96
C ALA E 25 -12.85 15.56 -45.41
N ARG E 26 -13.53 15.40 -44.27
CA ARG E 26 -14.18 16.53 -43.61
C ARG E 26 -13.16 17.60 -43.26
N LYS E 27 -12.00 17.19 -42.74
CA LYS E 27 -10.95 18.16 -42.43
C LYS E 27 -10.50 18.90 -43.67
N ALA E 28 -10.40 18.19 -44.80
CA ALA E 28 -9.95 18.82 -46.03
C ALA E 28 -11.01 19.76 -46.59
N ALA E 29 -12.28 19.33 -46.59
CA ALA E 29 -13.34 20.17 -47.13
C ALA E 29 -13.53 21.43 -46.30
N ILE E 30 -13.48 21.30 -44.96
CA ILE E 30 -13.64 22.46 -44.09
C ILE E 30 -12.42 23.37 -44.19
N ALA E 31 -11.22 22.79 -44.34
CA ALA E 31 -10.04 23.62 -44.53
C ALA E 31 -10.15 24.47 -45.80
N LYS E 32 -10.68 23.89 -46.88
CA LYS E 32 -10.89 24.66 -48.10
C LYS E 32 -11.87 25.81 -47.87
N THR E 33 -12.98 25.54 -47.18
CA THR E 33 -13.94 26.59 -46.90
C THR E 33 -13.33 27.68 -46.02
N ILE E 34 -12.51 27.27 -45.05
CA ILE E 34 -11.90 28.23 -44.13
C ILE E 34 -10.93 29.15 -44.88
N ARG E 35 -10.22 28.62 -45.87
CA ARG E 35 -9.36 29.45 -46.71
C ARG E 35 -10.14 30.62 -47.30
N GLU E 36 -11.31 30.31 -47.86
CA GLU E 36 -12.08 31.28 -48.64
C GLU E 36 -12.73 32.32 -47.75
N VAL E 37 -13.38 31.89 -46.67
CA VAL E 37 -14.03 32.85 -45.77
C VAL E 37 -13.01 33.75 -45.10
N CYS E 38 -11.82 33.22 -44.78
CA CYS E 38 -10.81 34.03 -44.11
C CYS E 38 -10.20 35.07 -45.04
N LYS E 39 -10.16 34.79 -46.35
CA LYS E 39 -9.80 35.82 -47.31
C LYS E 39 -10.78 36.99 -47.23
N VAL E 40 -12.06 36.68 -46.98
CA VAL E 40 -13.09 37.72 -46.96
C VAL E 40 -13.14 38.40 -45.60
N VAL E 41 -12.95 37.64 -44.51
CA VAL E 41 -13.03 38.24 -43.19
C VAL E 41 -11.86 39.19 -42.94
N SER E 42 -10.65 38.79 -43.35
CA SER E 42 -9.50 39.68 -43.17
C SER E 42 -9.63 40.92 -44.04
N ASP E 43 -10.22 40.79 -45.23
CA ASP E 43 -10.41 41.95 -46.09
C ASP E 43 -11.40 42.93 -45.48
N VAL E 44 -12.48 42.41 -44.90
CA VAL E 44 -13.42 43.25 -44.16
C VAL E 44 -12.72 43.88 -42.96
N LEU E 45 -11.91 43.08 -42.26
CA LEU E 45 -11.29 43.55 -41.02
C LEU E 45 -10.15 44.53 -41.31
N LYS E 46 -9.50 44.41 -42.46
CA LYS E 46 -8.47 45.36 -42.85
C LYS E 46 -9.05 46.75 -43.08
N GLU E 47 -10.31 46.84 -43.52
CA GLU E 47 -10.95 48.15 -43.64
C GLU E 47 -11.40 48.69 -42.30
N VAL E 48 -11.93 47.83 -41.43
CA VAL E 48 -12.23 48.23 -40.06
C VAL E 48 -10.97 48.72 -39.37
N GLU E 49 -9.86 48.03 -39.62
CA GLU E 49 -8.62 48.27 -38.91
C GLU E 49 -8.03 49.64 -39.23
N VAL E 50 -8.28 50.14 -40.45
CA VAL E 50 -7.89 51.49 -40.81
C VAL E 50 -8.76 52.52 -40.10
N GLN E 51 -10.07 52.24 -39.99
CA GLN E 51 -10.98 53.19 -39.37
C GLN E 51 -10.77 53.28 -37.86
N GLU E 52 -10.34 52.19 -37.24
CA GLU E 52 -10.17 52.11 -35.79
C GLU E 52 -9.00 51.18 -35.52
N PRO E 53 -7.80 51.73 -35.26
CA PRO E 53 -6.62 50.88 -35.06
C PRO E 53 -6.72 49.98 -33.83
N ARG E 54 -7.67 50.24 -32.92
CA ARG E 54 -7.83 49.35 -31.79
C ARG E 54 -8.43 48.01 -32.20
N PHE E 55 -9.03 47.92 -33.38
CA PHE E 55 -9.56 46.65 -33.90
C PHE E 55 -8.59 45.95 -34.85
N ILE E 56 -7.32 45.76 -34.47
CA ILE E 56 -6.39 45.01 -35.31
C ILE E 56 -6.83 43.55 -35.37
N SER E 57 -6.89 42.99 -36.57
CA SER E 57 -7.26 41.59 -36.75
C SER E 57 -6.00 40.74 -36.75
N SER E 58 -5.91 39.83 -35.77
CA SER E 58 -4.89 38.79 -35.77
C SER E 58 -5.47 37.45 -36.19
N LEU E 59 -6.36 37.47 -37.19
CA LEU E 59 -6.83 36.25 -37.84
C LEU E 59 -5.80 35.87 -38.89
N ASN E 60 -4.68 35.32 -38.40
CA ASN E 60 -3.57 34.93 -39.26
C ASN E 60 -3.24 33.46 -39.03
N GLU E 61 -3.03 32.75 -40.12
CA GLU E 61 -2.69 31.34 -40.09
C GLU E 61 -1.35 31.14 -39.41
N MET E 62 -1.29 30.18 -38.50
CA MET E 62 -0.08 29.89 -37.78
C MET E 62 -0.03 28.40 -37.45
N ASP E 63 0.84 27.68 -38.15
CA ASP E 63 0.99 26.25 -37.94
C ASP E 63 -0.08 25.44 -38.66
N ASN E 64 -0.77 26.05 -39.61
CA ASN E 64 -1.80 25.31 -40.36
C ASN E 64 -3.19 25.52 -39.76
N ARG E 65 -3.34 26.54 -38.91
CA ARG E 65 -4.61 26.87 -38.28
C ARG E 65 -4.67 28.38 -38.12
N TYR E 66 -5.90 28.90 -38.11
CA TYR E 66 -6.11 30.33 -37.91
C TYR E 66 -6.38 30.60 -36.43
N GLU E 67 -5.58 31.49 -35.85
CA GLU E 67 -5.76 31.83 -34.45
C GLU E 67 -7.14 32.45 -34.23
N GLY E 68 -7.82 32.00 -33.18
CA GLY E 68 -9.09 32.57 -32.80
C GLY E 68 -10.30 32.03 -33.53
N LEU E 69 -10.13 31.08 -34.45
CA LEU E 69 -11.22 30.59 -35.27
C LEU E 69 -11.80 29.29 -34.69
N GLU E 70 -13.14 29.22 -34.68
CA GLU E 70 -13.88 28.05 -34.21
C GLU E 70 -14.80 27.56 -35.33
N VAL E 71 -14.84 26.24 -35.53
CA VAL E 71 -15.78 25.64 -36.47
C VAL E 71 -17.03 25.23 -35.71
N ILE E 72 -18.19 25.71 -36.18
CA ILE E 72 -19.48 25.37 -35.60
C ILE E 72 -20.18 24.36 -36.50
N SER E 73 -19.97 24.50 -37.79
CA SER E 73 -20.65 23.71 -38.81
C SER E 73 -19.78 23.71 -40.05
N PRO E 74 -20.05 22.83 -41.02
CA PRO E 74 -19.33 22.94 -42.29
C PRO E 74 -19.50 24.29 -42.96
N THR E 75 -20.51 25.08 -42.56
CA THR E 75 -20.77 26.39 -43.15
C THR E 75 -20.84 27.51 -42.12
N GLU E 76 -20.51 27.25 -40.85
CA GLU E 76 -20.62 28.26 -39.81
C GLU E 76 -19.34 28.32 -39.00
N PHE E 77 -18.88 29.53 -38.72
CA PHE E 77 -17.60 29.75 -38.06
C PHE E 77 -17.71 30.95 -37.13
N GLU E 78 -16.82 30.98 -36.14
CA GLU E 78 -16.69 32.14 -35.26
C GLU E 78 -15.23 32.55 -35.21
N VAL E 79 -14.96 33.81 -35.54
CA VAL E 79 -13.64 34.39 -35.41
C VAL E 79 -13.63 35.23 -34.14
N VAL E 80 -12.76 34.87 -33.20
CA VAL E 80 -12.57 35.63 -31.97
C VAL E 80 -11.46 36.66 -32.20
N LEU E 81 -11.80 37.93 -32.08
CA LEU E 81 -10.88 39.02 -32.40
C LEU E 81 -10.21 39.51 -31.11
N TYR E 82 -8.96 39.14 -30.92
CA TYR E 82 -8.20 39.47 -29.71
C TYR E 82 -7.54 40.84 -29.86
N LEU E 83 -7.78 41.74 -28.89
CA LEU E 83 -7.24 43.09 -28.93
C LEU E 83 -6.90 43.56 -27.51
N ASN E 84 -6.00 42.82 -26.88
CA ASN E 84 -5.56 43.07 -25.52
C ASN E 84 -4.09 42.70 -25.42
N GLN E 85 -3.47 43.10 -24.32
CA GLN E 85 -2.11 42.66 -24.00
C GLN E 85 -2.00 42.32 -22.52
N VAL E 88 -5.33 41.18 -19.66
CA VAL E 88 -5.74 41.85 -18.42
C VAL E 88 -5.87 40.87 -17.27
N PHE E 89 -5.46 41.32 -16.09
CA PHE E 89 -5.59 40.57 -14.84
C PHE E 89 -6.64 41.21 -13.94
N ASN E 90 -7.72 41.71 -14.53
CA ASN E 90 -8.66 42.60 -13.87
C ASN E 90 -10.09 42.08 -14.08
N PHE E 91 -10.39 40.93 -13.49
CA PHE E 91 -11.67 40.25 -13.67
C PHE E 91 -12.38 40.13 -12.33
N VAL E 92 -13.69 40.39 -12.32
CA VAL E 92 -14.52 40.16 -11.15
C VAL E 92 -15.90 39.71 -11.62
N ASP E 93 -16.53 38.85 -10.84
CA ASP E 93 -17.97 38.55 -10.94
C ASP E 93 -18.39 37.62 -9.82
N GLY E 95 -21.45 34.82 -9.37
CA GLY E 95 -21.81 34.79 -10.77
C GLY E 95 -23.13 35.48 -11.07
N SER E 96 -23.04 36.66 -11.67
CA SER E 96 -24.23 37.47 -11.97
C SER E 96 -25.22 36.89 -12.95
N LEU E 97 -24.84 36.85 -14.22
CA LEU E 97 -25.44 35.89 -15.13
C LEU E 97 -24.54 34.67 -15.25
N PRO E 98 -25.09 33.48 -15.50
CA PRO E 98 -24.23 32.30 -15.64
C PRO E 98 -23.36 32.39 -16.88
N GLY E 99 -22.08 32.08 -16.73
CA GLY E 99 -21.16 32.16 -17.84
C GLY E 99 -20.68 33.54 -18.22
N CYS E 100 -20.89 34.54 -17.37
CA CYS E 100 -20.56 35.92 -17.71
C CYS E 100 -19.70 36.55 -16.63
N ALA E 101 -18.99 37.62 -17.00
CA ALA E 101 -18.16 38.38 -16.08
C ALA E 101 -18.13 39.83 -16.54
N VAL E 102 -17.49 40.68 -15.72
CA VAL E 102 -17.51 42.12 -15.93
C VAL E 102 -16.14 42.71 -15.61
N LEU E 103 -15.83 43.87 -16.22
CA LEU E 103 -14.56 44.55 -16.09
C LEU E 103 -14.81 45.94 -15.50
N LYS E 104 -14.15 46.25 -14.37
CA LYS E 104 -14.36 47.51 -13.66
C LYS E 104 -13.04 48.23 -13.47
N LEU E 105 -13.10 49.57 -13.41
CA LEU E 105 -11.89 50.39 -13.35
C LEU E 105 -11.16 50.29 -12.01
N SER E 106 -9.92 50.78 -12.03
CA SER E 106 -9.03 50.82 -10.88
C SER E 106 -8.27 52.14 -10.88
N SER E 114 -6.07 54.47 -20.37
CA SER E 114 -6.39 53.21 -21.02
C SER E 114 -6.79 53.42 -22.47
N LEU E 115 -6.66 52.35 -23.27
CA LEU E 115 -7.04 52.40 -24.67
C LEU E 115 -8.55 52.44 -24.85
N TRP E 116 -9.31 51.99 -23.87
CA TRP E 116 -10.74 51.83 -24.02
C TRP E 116 -11.53 52.74 -23.08
N VAL E 117 -10.93 53.87 -22.69
CA VAL E 117 -11.58 54.76 -21.72
C VAL E 117 -12.95 55.16 -22.23
N GLU E 118 -13.08 55.28 -23.56
CA GLU E 118 -14.29 55.71 -24.23
C GLU E 118 -15.43 54.70 -24.11
N PHE E 119 -15.13 53.44 -23.87
CA PHE E 119 -16.17 52.41 -23.77
C PHE E 119 -16.53 52.09 -22.32
N ILE E 120 -15.94 52.79 -21.37
CA ILE E 120 -16.26 52.59 -19.96
C ILE E 120 -17.48 53.42 -19.61
N THR E 121 -18.46 52.79 -18.95
CA THR E 121 -19.69 53.47 -18.58
C THR E 121 -19.42 54.47 -17.46
N ALA E 122 -20.46 55.24 -17.11
CA ALA E 122 -20.34 56.13 -15.96
C ALA E 122 -20.15 55.35 -14.67
N SER E 123 -20.74 54.16 -14.57
CA SER E 123 -20.55 53.31 -13.41
C SER E 123 -19.13 52.78 -13.28
N GLY E 124 -18.33 52.88 -14.33
CA GLY E 124 -16.95 52.43 -14.30
C GLY E 124 -16.70 51.06 -14.91
N TYR E 125 -17.63 50.53 -15.68
CA TYR E 125 -17.49 49.21 -16.29
C TYR E 125 -17.16 49.33 -17.77
N LEU E 126 -16.27 48.46 -18.24
CA LEU E 126 -15.96 48.37 -19.66
C LEU E 126 -17.07 47.59 -20.36
N SER E 127 -17.78 48.26 -21.25
CA SER E 127 -19.04 47.76 -21.81
C SER E 127 -18.80 46.85 -23.01
N ALA E 128 -19.28 45.61 -22.92
CA ALA E 128 -19.25 44.72 -24.07
C ALA E 128 -20.17 45.21 -25.19
N ARG E 129 -21.31 45.80 -24.82
CA ARG E 129 -22.28 46.21 -25.83
C ARG E 129 -21.81 47.42 -26.61
N LYS E 130 -21.13 48.36 -25.94
CA LYS E 130 -20.66 49.56 -26.62
C LYS E 130 -19.45 49.28 -27.50
N ILE E 131 -18.62 48.31 -27.13
CA ILE E 131 -17.53 47.89 -28.01
C ILE E 131 -18.08 47.18 -29.24
N ARG E 132 -19.02 46.26 -29.02
CA ARG E 132 -19.65 45.55 -30.13
C ARG E 132 -20.44 46.51 -31.02
N SER E 133 -21.05 47.54 -30.43
CA SER E 133 -21.83 48.49 -31.22
C SER E 133 -20.94 49.26 -32.18
N ARG E 134 -19.86 49.85 -31.67
CA ARG E 134 -18.91 50.55 -32.54
C ARG E 134 -18.32 49.61 -33.58
N PHE E 135 -17.96 48.39 -33.16
CA PHE E 135 -17.40 47.42 -34.09
C PHE E 135 -18.40 47.05 -35.18
N GLN E 136 -19.68 46.90 -34.80
CA GLN E 136 -20.70 46.57 -35.80
C GLN E 136 -20.86 47.69 -36.82
N THR E 137 -20.89 48.94 -36.37
CA THR E 137 -21.00 50.06 -37.28
C THR E 137 -19.81 50.11 -38.24
N LEU E 138 -18.61 49.83 -37.72
CA LEU E 138 -17.43 49.83 -38.58
C LEU E 138 -17.49 48.69 -39.59
N VAL E 139 -17.93 47.50 -39.16
CA VAL E 139 -18.02 46.37 -40.07
C VAL E 139 -19.09 46.62 -41.12
N ALA E 140 -20.23 47.20 -40.71
CA ALA E 140 -21.28 47.54 -41.66
C ALA E 140 -20.77 48.50 -42.72
N GLN E 141 -19.84 49.38 -42.37
CA GLN E 141 -19.23 50.23 -43.38
C GLN E 141 -18.21 49.46 -44.21
N ALA E 142 -17.43 48.59 -43.55
CA ALA E 142 -16.38 47.85 -44.26
C ALA E 142 -16.97 46.90 -45.28
N VAL E 143 -18.12 46.29 -44.95
CA VAL E 143 -18.74 45.35 -45.87
C VAL E 143 -19.20 46.03 -47.16
N ASP E 144 -19.35 47.37 -47.14
CA ASP E 144 -19.70 48.11 -48.35
C ASP E 144 -18.50 48.67 -49.09
N LYS E 145 -17.34 48.77 -48.43
CA LYS E 145 -16.16 49.37 -49.04
C LYS E 145 -15.11 48.37 -49.50
N CYS E 146 -15.09 47.17 -48.94
CA CYS E 146 -13.98 46.25 -49.14
C CYS E 146 -13.99 45.64 -50.54
N SER E 147 -12.86 45.01 -50.88
CA SER E 147 -12.69 44.43 -52.22
C SER E 147 -13.68 43.29 -52.47
N TYR E 148 -14.01 42.51 -51.44
CA TYR E 148 -14.93 41.38 -51.58
C TYR E 148 -16.37 41.77 -51.33
N ARG E 149 -16.71 43.05 -51.49
CA ARG E 149 -18.04 43.53 -51.09
C ARG E 149 -19.17 42.90 -51.88
N ASP E 150 -18.89 42.38 -53.09
CA ASP E 150 -19.95 41.78 -53.88
C ASP E 150 -20.40 40.43 -53.34
N VAL E 151 -19.58 39.76 -52.52
CA VAL E 151 -19.90 38.42 -52.03
C VAL E 151 -20.12 38.40 -50.53
N VAL E 152 -20.02 39.53 -49.86
CA VAL E 152 -20.21 39.60 -48.41
C VAL E 152 -21.27 40.66 -48.08
N LYS E 153 -22.28 40.24 -47.32
CA LYS E 153 -23.23 41.12 -46.67
C LYS E 153 -23.14 40.89 -45.17
N MET E 154 -23.52 41.90 -44.40
CA MET E 154 -23.58 41.74 -42.96
C MET E 154 -25.00 41.32 -42.56
N VAL E 155 -25.07 40.36 -41.64
CA VAL E 155 -26.35 39.79 -41.24
C VAL E 155 -27.15 40.82 -40.45
N ALA E 156 -28.45 40.87 -40.68
CA ALA E 156 -29.32 41.85 -40.10
C ALA E 156 -30.01 41.31 -38.85
N ASP E 157 -30.55 42.23 -38.06
CA ASP E 157 -31.34 41.93 -36.87
C ASP E 157 -30.54 41.14 -35.84
N THR E 158 -29.41 41.72 -35.44
CA THR E 158 -28.63 41.18 -34.34
C THR E 158 -27.63 42.23 -33.89
N SER E 159 -27.39 42.28 -32.58
CA SER E 159 -26.36 43.17 -32.05
C SER E 159 -24.95 42.63 -32.27
N GLU E 160 -24.84 41.42 -32.81
CA GLU E 160 -23.56 40.77 -33.02
C GLU E 160 -23.18 40.82 -34.49
N VAL E 161 -21.87 40.87 -34.74
CA VAL E 161 -21.34 41.01 -36.09
C VAL E 161 -21.24 39.63 -36.72
N LYS E 162 -22.07 39.39 -37.72
CA LYS E 162 -22.06 38.14 -38.47
C LYS E 162 -21.98 38.47 -39.95
N LEU E 163 -21.05 37.84 -40.66
CA LEU E 163 -20.92 38.02 -42.09
C LEU E 163 -21.47 36.81 -42.82
N ARG E 164 -22.28 37.05 -43.84
CA ARG E 164 -22.73 36.01 -44.75
C ARG E 164 -21.96 36.14 -46.05
N ILE E 165 -21.25 35.10 -46.43
CA ILE E 165 -20.27 35.14 -47.51
C ILE E 165 -20.80 34.29 -48.65
N ARG E 166 -21.00 34.90 -49.81
CA ARG E 166 -21.43 34.22 -51.03
C ARG E 166 -22.76 33.51 -50.86
N ASP E 167 -23.58 33.98 -49.92
CA ASP E 167 -24.90 33.40 -49.64
C ASP E 167 -24.79 31.91 -49.30
N ARG E 168 -23.71 31.53 -48.62
CA ARG E 168 -23.45 30.12 -48.32
C ARG E 168 -22.88 29.92 -46.92
N TYR E 169 -21.94 30.78 -46.53
CA TYR E 169 -21.19 30.62 -45.30
C TYR E 169 -21.47 31.80 -44.37
N VAL E 170 -21.54 31.51 -43.07
CA VAL E 170 -21.76 32.54 -42.06
C VAL E 170 -20.61 32.52 -41.07
N VAL E 171 -20.04 33.69 -40.80
CA VAL E 171 -18.92 33.83 -39.87
C VAL E 171 -19.29 34.92 -38.87
N GLN E 172 -19.29 34.57 -37.60
CA GLN E 172 -19.45 35.55 -36.53
C GLN E 172 -18.06 36.03 -36.11
N ILE E 173 -17.90 37.33 -36.02
CA ILE E 173 -16.65 37.93 -35.57
C ILE E 173 -16.92 38.53 -34.20
N THR E 174 -16.29 37.96 -33.18
CA THR E 174 -16.60 38.30 -31.80
C THR E 174 -15.43 39.05 -31.20
N PRO E 175 -15.58 40.32 -30.86
CA PRO E 175 -14.52 41.04 -30.15
C PRO E 175 -14.28 40.42 -28.78
N ALA E 176 -13.04 40.44 -28.34
CA ALA E 176 -12.70 39.72 -27.13
C ALA E 176 -11.48 40.33 -26.46
N PHE E 177 -11.39 40.08 -25.16
CA PHE E 177 -10.22 40.40 -24.35
C PHE E 177 -9.68 39.08 -23.81
N LYS E 178 -8.37 38.89 -23.90
CA LYS E 178 -7.73 37.67 -23.42
C LYS E 178 -7.36 37.88 -21.95
N CYS E 179 -7.90 37.00 -21.09
CA CYS E 179 -7.66 37.02 -19.65
C CYS E 179 -6.93 35.77 -19.18
N THR E 180 -5.89 35.97 -18.36
CA THR E 180 -5.12 34.85 -17.83
C THR E 180 -4.87 35.01 -16.33
N GLY E 181 -5.94 34.92 -15.55
CA GLY E 181 -5.84 35.06 -14.11
C GLY E 181 -6.33 33.83 -13.37
N ILE E 182 -7.03 34.04 -12.27
CA ILE E 182 -7.60 32.92 -11.52
C ILE E 182 -8.95 32.62 -12.15
N TRP E 183 -9.34 31.35 -12.18
CA TRP E 183 -10.63 30.94 -12.76
C TRP E 183 -11.71 31.85 -12.19
N PRO E 184 -12.56 32.40 -13.06
CA PRO E 184 -13.59 33.33 -12.54
C PRO E 184 -14.21 32.86 -11.23
N ARG E 185 -14.83 33.80 -10.53
CA ARG E 185 -15.48 33.56 -9.24
C ARG E 185 -16.69 32.64 -9.34
N SER E 186 -16.92 32.06 -10.52
CA SER E 186 -17.92 31.03 -10.71
C SER E 186 -17.34 29.71 -11.20
N ALA E 187 -16.11 29.68 -11.71
CA ALA E 187 -15.48 28.45 -12.18
C ALA E 187 -14.18 28.08 -11.48
N ALA E 188 -13.75 28.86 -10.49
CA ALA E 188 -12.46 28.62 -9.84
C ALA E 188 -12.41 27.33 -9.02
N HIS E 189 -13.55 26.67 -8.83
CA HIS E 189 -13.59 25.43 -8.05
C HIS E 189 -12.78 24.31 -8.70
N TRP E 190 -12.65 24.33 -10.02
CA TRP E 190 -12.06 23.22 -10.77
C TRP E 190 -10.55 23.11 -10.57
N PRO E 191 -10.03 21.88 -10.43
CA PRO E 191 -10.84 20.66 -10.37
C PRO E 191 -11.27 20.29 -8.96
N LEU E 192 -12.48 19.76 -8.82
CA LEU E 192 -12.94 19.30 -7.53
C LEU E 192 -12.17 18.03 -7.12
N PRO E 193 -11.91 17.84 -5.82
CA PRO E 193 -11.15 16.70 -5.31
C PRO E 193 -11.80 15.35 -5.61
N ILE E 195 -12.75 13.62 -7.97
CA ILE E 195 -12.30 12.96 -9.19
C ILE E 195 -10.78 13.20 -9.32
N PRO E 196 -10.03 12.11 -9.51
CA PRO E 196 -8.56 12.23 -9.53
C PRO E 196 -8.00 13.06 -10.68
N TRP E 197 -8.61 13.04 -11.86
CA TRP E 197 -8.05 13.79 -12.97
C TRP E 197 -8.17 15.29 -12.73
N PRO E 198 -7.19 16.06 -13.22
CA PRO E 198 -6.00 15.41 -13.79
C PRO E 198 -4.75 15.46 -12.92
N GLY E 199 -3.71 14.80 -13.40
CA GLY E 199 -2.41 14.94 -12.80
C GLY E 199 -2.10 16.42 -12.74
N PRO E 200 -1.60 16.90 -11.62
CA PRO E 200 -1.34 18.34 -11.48
C PRO E 200 -0.47 18.93 -12.59
N ASN E 201 0.15 18.10 -13.43
CA ASN E 201 0.94 18.62 -14.55
C ASN E 201 0.07 19.41 -15.52
N ARG E 202 -1.16 18.96 -15.78
CA ARG E 202 -2.02 19.70 -16.68
C ARG E 202 -3.13 20.46 -15.96
N VAL E 203 -3.32 20.26 -14.66
CA VAL E 203 -4.11 21.24 -13.90
C VAL E 203 -3.47 22.61 -14.03
N ALA E 204 -2.15 22.68 -13.80
CA ALA E 204 -1.42 23.92 -13.97
C ALA E 204 -1.36 24.34 -15.42
N GLU E 205 -1.28 23.38 -16.35
CA GLU E 205 -1.29 23.70 -17.77
C GLU E 205 -2.63 24.29 -18.20
N VAL E 206 -3.73 23.64 -17.78
CA VAL E 206 -5.06 24.11 -18.18
C VAL E 206 -5.31 25.51 -17.63
N LYS E 207 -5.06 25.72 -16.33
CA LYS E 207 -5.31 27.03 -15.75
C LYS E 207 -4.34 28.09 -16.28
N ALA E 208 -3.13 27.71 -16.68
CA ALA E 208 -2.19 28.69 -17.21
C ALA E 208 -2.61 29.22 -18.58
N GLU E 209 -3.42 28.46 -19.33
CA GLU E 209 -3.89 28.93 -20.63
C GLU E 209 -4.78 30.15 -20.52
N GLY E 210 -5.36 30.39 -19.35
CA GLY E 210 -6.24 31.52 -19.17
C GLY E 210 -7.60 31.27 -19.82
N PHE E 211 -8.29 32.37 -20.05
CA PHE E 211 -9.66 32.34 -20.58
C PHE E 211 -9.92 33.62 -21.35
N ASN E 212 -11.03 33.63 -22.08
CA ASN E 212 -11.38 34.80 -22.90
C ASN E 212 -12.70 35.39 -22.44
N LEU E 213 -12.85 36.70 -22.67
CA LEU E 213 -14.10 37.41 -22.46
C LEU E 213 -14.61 37.87 -23.82
N LEU E 214 -15.78 37.38 -24.21
CA LEU E 214 -16.32 37.58 -25.54
C LEU E 214 -17.54 38.49 -25.52
N SER E 215 -17.67 39.31 -26.57
CA SER E 215 -18.81 40.20 -26.75
C SER E 215 -19.88 39.48 -27.58
N LYS E 216 -20.82 38.86 -26.86
CA LYS E 216 -22.03 38.30 -27.45
C LYS E 216 -23.15 38.51 -26.44
N GLU E 217 -24.36 38.09 -26.80
CA GLU E 217 -25.52 38.32 -25.95
C GLU E 217 -25.68 37.24 -24.89
N SER E 230 -27.21 43.77 -17.73
CA SER E 230 -27.08 44.43 -19.02
C SER E 230 -25.89 43.90 -19.82
N ASP E 231 -24.94 44.79 -20.10
CA ASP E 231 -23.85 44.55 -21.04
C ASP E 231 -22.65 43.94 -20.33
N ALA E 232 -22.57 42.62 -20.31
CA ALA E 232 -21.47 41.90 -19.68
C ALA E 232 -20.78 41.02 -20.71
N TRP E 233 -19.65 40.43 -20.29
CA TRP E 233 -18.80 39.64 -21.17
C TRP E 233 -19.00 38.14 -20.94
N VAL E 234 -19.00 37.38 -22.02
CA VAL E 234 -19.24 35.94 -21.96
C VAL E 234 -17.90 35.22 -21.77
N LEU E 235 -17.87 34.27 -20.84
CA LEU E 235 -16.66 33.50 -20.57
C LEU E 235 -16.46 32.42 -21.61
N GLN E 236 -15.20 32.15 -21.95
CA GLN E 236 -14.85 31.12 -22.92
C GLN E 236 -13.50 30.53 -22.53
N PHE E 237 -13.38 29.22 -22.67
CA PHE E 237 -12.22 28.45 -22.20
C PHE E 237 -11.65 27.59 -23.33
N ALA E 238 -11.65 28.11 -24.55
CA ALA E 238 -11.25 27.32 -25.72
C ALA E 238 -9.87 26.70 -25.53
N GLU E 239 -8.87 27.53 -25.28
CA GLU E 239 -7.50 27.03 -25.20
C GLU E 239 -7.28 26.17 -23.97
N ALA E 240 -7.94 26.49 -22.85
CA ALA E 240 -7.87 25.62 -21.67
C ALA E 240 -8.51 24.27 -21.96
N GLU E 241 -9.66 24.27 -22.63
CA GLU E 241 -10.32 23.02 -23.00
C GLU E 241 -9.43 22.18 -23.91
N ASN E 242 -8.75 22.83 -24.86
CA ASN E 242 -7.91 22.10 -25.80
C ASN E 242 -6.74 21.44 -25.09
N ARG E 243 -6.11 22.15 -24.15
CA ARG E 243 -5.03 21.56 -23.37
C ARG E 243 -5.54 20.43 -22.49
N LEU E 244 -6.79 20.51 -22.04
CA LEU E 244 -7.36 19.45 -21.24
C LEU E 244 -7.50 18.15 -22.04
N GLN E 245 -7.77 18.25 -23.34
CA GLN E 245 -8.07 17.08 -24.15
C GLN E 245 -6.89 16.58 -24.99
N MET E 246 -5.67 16.99 -24.67
CA MET E 246 -4.52 16.46 -25.39
C MET E 246 -4.18 15.05 -24.90
N GLY E 247 -3.68 14.23 -25.82
CA GLY E 247 -3.19 12.90 -25.47
C GLY E 247 -4.13 11.80 -25.92
N GLY E 248 -3.53 10.68 -26.35
CA GLY E 248 -4.26 9.48 -26.73
C GLY E 248 -5.17 9.71 -27.92
N CYS E 249 -6.30 9.00 -27.94
CA CYS E 249 -7.27 9.09 -29.01
C CYS E 249 -8.39 10.07 -28.70
N ARG E 250 -8.16 10.99 -27.77
CA ARG E 250 -9.18 11.96 -27.40
C ARG E 250 -9.59 12.80 -28.60
N LYS E 251 -8.62 13.30 -29.38
CA LYS E 251 -8.94 14.17 -30.50
C LYS E 251 -9.57 13.39 -31.65
N LYS E 252 -9.03 12.21 -31.97
CA LYS E 252 -9.64 11.38 -33.00
C LYS E 252 -11.08 11.05 -32.65
N CYS E 253 -11.35 10.82 -31.35
CA CYS E 253 -12.72 10.61 -30.90
C CYS E 253 -13.57 11.85 -31.18
N LEU E 254 -13.04 13.03 -30.86
CA LEU E 254 -13.76 14.27 -31.11
C LEU E 254 -14.02 14.47 -32.60
N SER E 255 -13.03 14.13 -33.45
CA SER E 255 -13.21 14.29 -34.89
C SER E 255 -14.31 13.38 -35.41
N ILE E 256 -14.38 12.14 -34.92
CA ILE E 256 -15.43 11.21 -35.33
C ILE E 256 -16.79 11.76 -34.94
N LEU E 257 -16.90 12.32 -33.74
CA LEU E 257 -18.16 12.88 -33.28
C LEU E 257 -18.61 14.04 -34.17
N LYS E 258 -17.69 14.96 -34.47
CA LYS E 258 -18.03 16.09 -35.33
C LYS E 258 -18.45 15.62 -36.71
N THR E 259 -17.84 14.55 -37.21
CA THR E 259 -18.21 14.03 -38.53
C THR E 259 -19.58 13.38 -38.51
N LEU E 260 -19.86 12.60 -37.47
CA LEU E 260 -21.18 11.99 -37.33
C LEU E 260 -22.25 13.08 -37.17
N ARG E 261 -21.93 14.15 -36.45
CA ARG E 261 -22.90 15.23 -36.25
C ARG E 261 -23.23 15.91 -37.57
N ASP E 262 -22.20 16.23 -38.37
CA ASP E 262 -22.45 16.86 -39.67
C ASP E 262 -23.35 16.00 -40.54
N ARG E 263 -23.11 14.69 -40.55
CA ARG E 263 -23.72 13.79 -41.51
C ARG E 263 -25.06 13.22 -41.07
N HIS E 264 -25.35 13.20 -39.76
CA HIS E 264 -26.56 12.53 -39.29
C HIS E 264 -27.32 13.30 -38.22
N LEU E 265 -26.73 14.32 -37.60
CA LEU E 265 -27.37 15.05 -36.51
C LEU E 265 -27.42 16.55 -36.80
N GLU E 266 -27.44 16.91 -38.09
CA GLU E 266 -27.68 18.30 -38.49
C GLU E 266 -29.19 18.44 -38.60
N LEU E 267 -29.80 18.90 -37.52
CA LEU E 267 -31.24 18.79 -37.34
C LEU E 267 -31.90 20.17 -37.25
N PRO E 268 -33.20 20.25 -37.52
CA PRO E 268 -33.90 21.54 -37.40
C PRO E 268 -33.77 22.12 -36.01
N GLY E 269 -33.40 23.40 -35.94
CA GLY E 269 -33.14 24.05 -34.68
C GLY E 269 -31.71 23.96 -34.21
N GLN E 270 -30.86 23.24 -34.96
CA GLN E 270 -29.50 22.83 -34.60
C GLN E 270 -29.38 22.57 -33.10
N PRO E 271 -30.04 21.51 -32.60
CA PRO E 271 -29.86 21.16 -31.18
C PRO E 271 -28.43 20.83 -30.83
N LEU E 272 -27.65 20.32 -31.79
CA LEU E 272 -26.28 19.91 -31.55
C LEU E 272 -25.35 20.66 -32.49
N ASN E 273 -24.26 21.19 -31.95
CA ASN E 273 -23.19 21.78 -32.73
C ASN E 273 -21.88 21.16 -32.23
N ASN E 274 -20.78 21.55 -32.87
CA ASN E 274 -19.50 20.93 -32.54
C ASN E 274 -19.07 21.19 -31.09
N TYR E 275 -19.49 22.31 -30.49
CA TYR E 275 -19.07 22.58 -29.12
C TYR E 275 -19.75 21.64 -28.14
N HIS E 276 -20.93 21.13 -28.46
CA HIS E 276 -21.54 20.08 -27.64
C HIS E 276 -20.67 18.82 -27.69
N MET E 277 -20.25 18.42 -28.88
CA MET E 277 -19.34 17.28 -29.01
C MET E 277 -18.07 17.48 -28.19
N LYS E 278 -17.49 18.68 -28.26
CA LYS E 278 -16.27 18.96 -27.50
C LYS E 278 -16.50 18.84 -26.01
N THR E 279 -17.64 19.33 -25.52
CA THR E 279 -17.93 19.29 -24.09
C THR E 279 -18.08 17.85 -23.59
N LEU E 280 -18.71 16.99 -24.40
CA LEU E 280 -18.90 15.61 -23.98
C LEU E 280 -17.59 14.86 -23.84
N VAL E 281 -16.63 15.15 -24.72
CA VAL E 281 -15.31 14.53 -24.59
C VAL E 281 -14.68 14.91 -23.26
N SER E 282 -14.84 16.18 -22.85
CA SER E 282 -14.30 16.61 -21.55
C SER E 282 -14.96 15.86 -20.40
N TYR E 283 -16.29 15.68 -20.45
CA TYR E 283 -16.95 14.84 -19.45
C TYR E 283 -16.30 13.46 -19.38
N GLU E 284 -16.02 12.87 -20.54
CA GLU E 284 -15.46 11.54 -20.59
C GLU E 284 -14.03 11.52 -20.06
N CYS E 285 -13.31 12.63 -20.21
CA CYS E 285 -11.94 12.71 -19.70
C CYS E 285 -11.92 12.66 -18.18
N GLU E 286 -12.91 13.29 -17.55
CA GLU E 286 -13.05 13.26 -16.10
C GLU E 286 -13.50 11.90 -15.61
N LYS E 287 -14.57 11.41 -16.23
CA LYS E 287 -15.08 10.09 -15.94
C LYS E 287 -13.97 9.04 -16.06
N HIS E 288 -13.11 9.20 -17.06
CA HIS E 288 -11.99 8.30 -17.32
C HIS E 288 -10.68 9.07 -17.21
N PRO E 289 -10.12 9.16 -16.00
CA PRO E 289 -9.01 10.07 -15.73
C PRO E 289 -7.68 9.53 -16.22
N ARG E 290 -7.47 8.24 -16.04
CA ARG E 290 -6.24 7.59 -16.45
C ARG E 290 -5.96 7.85 -17.93
N GLU E 291 -4.66 7.95 -18.25
CA GLU E 291 -4.24 8.02 -19.65
C GLU E 291 -4.46 6.70 -20.38
N SER E 292 -4.36 5.56 -19.69
CA SER E 292 -4.48 4.28 -20.35
C SER E 292 -5.87 4.00 -20.92
N ASP E 293 -6.92 4.62 -20.36
CA ASP E 293 -8.24 4.44 -20.94
C ASP E 293 -8.44 5.16 -22.27
N TRP E 294 -7.47 5.97 -22.70
CA TRP E 294 -7.54 6.62 -23.99
C TRP E 294 -6.48 6.09 -24.94
N ASP E 295 -5.97 4.89 -24.68
CA ASP E 295 -5.18 4.15 -25.65
C ASP E 295 -6.00 3.93 -26.92
N GLU E 296 -5.30 3.62 -28.02
CA GLU E 296 -5.99 3.43 -29.29
C GLU E 296 -6.98 2.28 -29.23
N SER E 297 -6.70 1.25 -28.44
CA SER E 297 -7.60 0.11 -28.33
C SER E 297 -8.89 0.45 -27.60
N CYS E 298 -8.93 1.55 -26.85
CA CYS E 298 -10.13 1.99 -26.14
C CYS E 298 -11.03 2.89 -26.97
N LEU E 299 -10.72 3.10 -28.25
CA LEU E 299 -11.47 4.06 -29.05
C LEU E 299 -12.96 3.72 -29.10
N GLY E 300 -13.30 2.43 -29.22
CA GLY E 300 -14.70 2.05 -29.26
C GLY E 300 -15.41 2.30 -27.94
N ASP E 301 -14.76 1.97 -26.83
CA ASP E 301 -15.38 2.19 -25.52
C ASP E 301 -15.64 3.67 -25.26
N ARG E 302 -14.67 4.53 -25.59
CA ARG E 302 -14.82 5.95 -25.30
C ARG E 302 -15.93 6.58 -26.13
N LEU E 303 -15.96 6.27 -27.43
CA LEU E 303 -17.00 6.82 -28.30
C LEU E 303 -18.39 6.36 -27.87
N ASN E 304 -18.52 5.07 -27.51
CA ASN E 304 -19.80 4.57 -27.02
C ASN E 304 -20.23 5.29 -25.75
N GLY E 305 -19.31 5.43 -24.79
CA GLY E 305 -19.65 6.15 -23.58
C GLY E 305 -20.08 7.58 -23.87
N ILE E 306 -19.44 8.22 -24.85
CA ILE E 306 -19.80 9.58 -25.20
C ILE E 306 -21.17 9.61 -25.89
N LEU E 307 -21.41 8.68 -26.81
CA LEU E 307 -22.69 8.63 -27.50
C LEU E 307 -23.84 8.40 -26.52
N LEU E 308 -23.66 7.45 -25.58
CA LEU E 308 -24.67 7.24 -24.57
C LEU E 308 -24.83 8.45 -23.67
N GLN E 309 -23.72 9.13 -23.36
CA GLN E 309 -23.79 10.36 -22.58
C GLN E 309 -24.51 11.45 -23.36
N LEU E 310 -24.30 11.51 -24.68
CA LEU E 310 -25.00 12.48 -25.51
C LEU E 310 -26.50 12.22 -25.50
N ILE E 311 -26.90 10.96 -25.66
CA ILE E 311 -28.31 10.61 -25.58
C ILE E 311 -28.86 10.98 -24.21
N SER E 312 -28.08 10.75 -23.16
CA SER E 312 -28.52 11.10 -21.81
C SER E 312 -28.74 12.59 -21.66
N CYS E 313 -27.82 13.41 -22.18
CA CYS E 313 -27.97 14.86 -22.10
C CYS E 313 -29.22 15.32 -22.82
N LEU E 314 -29.47 14.79 -24.02
CA LEU E 314 -30.64 15.20 -24.79
C LEU E 314 -31.94 14.81 -24.10
N GLN E 315 -31.98 13.60 -23.53
CA GLN E 315 -33.22 13.15 -22.90
C GLN E 315 -33.49 13.92 -21.61
N CYS E 316 -32.44 14.29 -20.88
CA CYS E 316 -32.57 15.10 -19.68
C CYS E 316 -32.75 16.58 -19.97
N ARG E 317 -32.71 16.99 -21.24
CA ARG E 317 -32.83 18.39 -21.65
C ARG E 317 -31.79 19.27 -20.96
N ARG E 318 -30.61 18.72 -20.67
CA ARG E 318 -29.59 19.43 -19.93
C ARG E 318 -28.22 19.03 -20.47
N CYS E 319 -27.32 20.01 -20.57
CA CYS E 319 -25.95 19.77 -20.97
C CYS E 319 -25.05 20.87 -20.41
N PRO E 320 -24.53 20.70 -19.20
CA PRO E 320 -23.79 21.80 -18.56
C PRO E 320 -22.45 22.06 -19.23
N HIS E 321 -22.05 23.33 -19.22
CA HIS E 321 -20.69 23.67 -19.62
C HIS E 321 -19.72 22.98 -18.68
N TYR E 322 -18.57 22.59 -19.22
CA TYR E 322 -17.65 21.75 -18.45
C TYR E 322 -17.04 22.51 -17.27
N PHE E 323 -16.50 23.70 -17.53
CA PHE E 323 -15.86 24.47 -16.47
C PHE E 323 -16.84 25.32 -15.69
N LEU E 324 -17.99 25.66 -16.29
CA LEU E 324 -19.03 26.49 -15.68
C LEU E 324 -20.30 25.64 -15.60
N PRO E 325 -20.41 24.79 -14.57
CA PRO E 325 -21.57 23.88 -14.51
C PRO E 325 -22.90 24.61 -14.39
N ASN E 326 -22.89 25.85 -13.90
CA ASN E 326 -24.11 26.65 -13.83
C ASN E 326 -24.63 27.06 -15.20
N LEU E 327 -23.83 26.94 -16.24
CA LEU E 327 -24.25 27.27 -17.59
C LEU E 327 -24.71 26.01 -18.30
N ASP E 328 -25.83 26.11 -19.00
CA ASP E 328 -26.43 24.97 -19.69
C ASP E 328 -26.35 25.20 -21.19
N LEU E 329 -25.61 24.34 -21.90
CA LEU E 329 -25.42 24.49 -23.33
C LEU E 329 -26.64 24.14 -24.16
N PHE E 330 -27.72 23.66 -23.52
CA PHE E 330 -28.98 23.46 -24.21
C PHE E 330 -29.96 24.58 -23.98
N GLN E 331 -29.58 25.59 -23.20
CA GLN E 331 -30.36 26.82 -23.12
C GLN E 331 -30.56 27.39 -24.51
N GLY E 332 -31.78 27.81 -24.79
CA GLY E 332 -32.15 28.30 -26.11
C GLY E 332 -32.44 27.22 -27.12
N LYS E 333 -32.31 25.94 -26.76
CA LYS E 333 -32.68 24.93 -27.74
C LYS E 333 -34.04 24.37 -27.36
N PRO E 334 -34.97 24.26 -28.31
CA PRO E 334 -36.30 23.72 -27.99
C PRO E 334 -36.24 22.23 -27.66
N HIS E 335 -37.03 21.83 -26.65
CA HIS E 335 -36.99 20.44 -26.19
C HIS E 335 -37.41 19.46 -27.27
N SER E 336 -38.32 19.87 -28.17
CA SER E 336 -38.69 18.99 -29.27
C SER E 336 -37.50 18.71 -30.18
N ALA E 337 -36.61 19.68 -30.35
CA ALA E 337 -35.42 19.46 -31.16
C ALA E 337 -34.42 18.57 -30.44
N LEU E 338 -34.26 18.78 -29.13
CA LEU E 338 -33.42 17.89 -28.32
C LEU E 338 -33.96 16.46 -28.36
N GLU E 339 -35.28 16.31 -28.25
CA GLU E 339 -35.87 14.98 -28.32
C GLU E 339 -35.67 14.35 -29.69
N ASN E 340 -35.82 15.14 -30.76
CA ASN E 340 -35.54 14.62 -32.08
C ASN E 340 -34.10 14.15 -32.18
N ALA E 341 -33.17 14.94 -31.63
CA ALA E 341 -31.76 14.56 -31.64
C ALA E 341 -31.52 13.31 -30.80
N ALA E 342 -32.22 13.18 -29.66
CA ALA E 342 -32.07 11.99 -28.84
C ALA E 342 -32.49 10.74 -29.61
N LYS E 343 -33.66 10.79 -30.27
CA LYS E 343 -34.11 9.67 -31.06
C LYS E 343 -33.12 9.32 -32.18
N GLN E 344 -32.61 10.33 -32.90
CA GLN E 344 -31.69 10.07 -33.99
C GLN E 344 -30.31 9.63 -33.50
N THR E 345 -29.84 10.20 -32.39
CA THR E 345 -28.55 9.77 -31.85
C THR E 345 -28.65 8.33 -31.38
N TRP E 346 -29.77 7.96 -30.73
CA TRP E 346 -29.94 6.60 -30.26
C TRP E 346 -29.98 5.63 -31.43
N ARG E 347 -30.74 5.95 -32.47
CA ARG E 347 -30.78 5.10 -33.66
C ARG E 347 -29.39 4.96 -34.26
N LEU E 348 -28.63 6.06 -34.33
CA LEU E 348 -27.29 6.03 -34.88
C LEU E 348 -26.36 5.17 -34.04
N ALA E 349 -26.33 5.43 -32.72
CA ALA E 349 -25.48 4.64 -31.83
C ALA E 349 -25.87 3.16 -31.83
N ARG E 350 -27.14 2.87 -32.14
CA ARG E 350 -27.57 1.49 -32.23
C ARG E 350 -26.96 0.79 -33.43
N GLU E 351 -27.04 1.42 -34.61
CA GLU E 351 -26.54 0.79 -35.83
C GLU E 351 -25.02 0.59 -35.76
N ILE E 352 -24.30 1.55 -35.17
CA ILE E 352 -22.85 1.44 -35.06
C ILE E 352 -22.48 0.24 -34.19
N LEU E 353 -23.16 0.09 -33.05
CA LEU E 353 -22.86 -1.03 -32.16
C LEU E 353 -23.35 -2.36 -32.73
N THR E 354 -24.51 -2.36 -33.38
CA THR E 354 -25.03 -3.61 -33.93
C THR E 354 -24.09 -4.15 -35.01
N ASN E 355 -23.63 -3.29 -35.91
CA ASN E 355 -22.72 -3.70 -36.98
C ASN E 355 -21.80 -2.53 -37.29
N PRO E 356 -20.57 -2.54 -36.75
CA PRO E 356 -19.64 -1.43 -37.04
C PRO E 356 -19.35 -1.25 -38.52
N LYS E 357 -19.55 -2.29 -39.34
CA LYS E 357 -19.37 -2.15 -40.78
C LYS E 357 -20.36 -1.17 -41.39
N SER E 358 -21.44 -0.84 -40.68
CA SER E 358 -22.36 0.18 -41.15
C SER E 358 -21.68 1.53 -41.32
N LEU E 359 -20.59 1.77 -40.58
CA LEU E 359 -19.84 3.02 -40.71
C LEU E 359 -19.38 3.27 -42.14
N GLU E 360 -19.21 2.20 -42.92
CA GLU E 360 -18.83 2.35 -44.33
C GLU E 360 -19.86 3.17 -45.09
N LYS E 361 -21.14 3.06 -44.72
CA LYS E 361 -22.21 3.77 -45.42
C LYS E 361 -22.86 4.83 -44.53
N LEU E 362 -22.20 5.21 -43.44
CA LEU E 362 -22.62 6.36 -42.64
C LEU E 362 -21.69 7.55 -42.93
N GLY F 1 17.55 17.54 17.13
CA GLY F 1 18.74 18.30 17.47
C GLY F 1 18.75 19.69 16.88
N ALA F 2 18.75 20.71 17.75
CA ALA F 2 18.67 22.09 17.30
C ALA F 2 20.01 22.60 16.80
N MET F 3 21.07 22.46 17.61
CA MET F 3 22.36 22.98 17.22
C MET F 3 23.12 22.05 16.27
N ASP F 4 22.60 20.84 16.03
CA ASP F 4 23.21 19.96 15.05
C ASP F 4 23.24 20.61 13.67
N ILE F 5 22.28 21.48 13.37
CA ILE F 5 22.33 22.25 12.14
C ILE F 5 23.28 23.44 12.27
N ALA F 6 23.39 24.04 13.47
CA ALA F 6 24.27 25.18 13.65
C ALA F 6 25.74 24.80 13.52
N ALA F 7 26.12 23.63 14.05
CA ALA F 7 27.50 23.17 13.89
C ALA F 7 27.75 22.75 12.46
N GLN F 8 26.74 22.15 11.83
CA GLN F 8 26.85 21.76 10.42
C GLN F 8 27.06 22.98 9.53
N ALA F 9 26.34 24.06 9.79
CA ALA F 9 26.52 25.28 9.01
C ALA F 9 27.91 25.87 9.24
N LYS F 10 28.39 25.82 10.49
CA LYS F 10 29.71 26.37 10.80
C LYS F 10 30.80 25.59 10.09
N LEU F 11 30.66 24.27 9.99
CA LEU F 11 31.64 23.48 9.24
C LEU F 11 31.60 23.85 7.76
N VAL F 12 30.39 24.04 7.21
CA VAL F 12 30.26 24.43 5.82
C VAL F 12 30.87 25.80 5.59
N TYR F 13 30.68 26.73 6.53
CA TYR F 13 31.21 28.07 6.38
C TYR F 13 32.74 28.04 6.32
N HIS F 14 33.37 27.31 7.23
CA HIS F 14 34.83 27.32 7.31
C HIS F 14 35.47 26.50 6.21
N LEU F 15 34.78 25.46 5.73
CA LEU F 15 35.28 24.73 4.56
C LEU F 15 35.27 25.61 3.32
N ASN F 16 34.22 26.43 3.17
CA ASN F 16 34.15 27.32 2.02
C ASN F 16 35.21 28.40 2.08
N LYS F 17 35.51 28.92 3.27
CA LYS F 17 36.65 29.81 3.41
C LYS F 17 37.94 29.09 3.05
N TYR F 18 38.08 27.83 3.51
CA TYR F 18 39.26 27.05 3.16
C TYR F 18 39.39 26.90 1.65
N TYR F 19 38.27 26.60 0.97
CA TYR F 19 38.31 26.46 -0.48
C TYR F 19 38.65 27.78 -1.16
N ASN F 20 38.05 28.89 -0.69
CA ASN F 20 38.28 30.18 -1.32
C ASN F 20 39.69 30.69 -1.07
N GLU F 21 40.33 30.27 0.03
CA GLU F 21 41.68 30.73 0.33
C GLU F 21 42.73 29.72 -0.10
N LYS F 22 42.85 28.62 0.67
CA LYS F 22 43.95 27.68 0.43
C LYS F 22 43.80 26.93 -0.89
N CYS F 23 42.59 26.48 -1.22
CA CYS F 23 42.42 25.69 -2.45
C CYS F 23 42.67 26.54 -3.69
N GLN F 24 42.20 27.79 -3.68
CA GLN F 24 42.39 28.65 -4.85
C GLN F 24 43.86 28.99 -5.05
N ALA F 25 44.60 29.21 -3.96
CA ALA F 25 46.04 29.42 -4.06
C ALA F 25 46.73 28.18 -4.62
N ARG F 26 46.31 26.99 -4.18
CA ARG F 26 46.87 25.76 -4.72
C ARG F 26 46.64 25.65 -6.21
N LYS F 27 45.42 25.97 -6.68
CA LYS F 27 45.14 25.92 -8.11
C LYS F 27 46.02 26.90 -8.87
N ALA F 28 46.23 28.09 -8.32
CA ALA F 28 47.03 29.10 -9.00
C ALA F 28 48.51 28.72 -9.01
N ALA F 29 49.02 28.20 -7.90
CA ALA F 29 50.43 27.84 -7.83
C ALA F 29 50.75 26.69 -8.77
N ILE F 30 49.88 25.68 -8.82
CA ILE F 30 50.11 24.54 -9.70
C ILE F 30 49.91 24.94 -11.16
N ALA F 31 48.95 25.83 -11.45
CA ALA F 31 48.75 26.29 -12.81
C ALA F 31 49.99 26.98 -13.36
N LYS F 32 50.64 27.81 -12.55
CA LYS F 32 51.88 28.45 -12.96
C LYS F 32 52.98 27.41 -13.19
N THR F 33 53.11 26.47 -12.25
CA THR F 33 54.11 25.41 -12.37
C THR F 33 53.85 24.53 -13.59
N ILE F 34 52.57 24.26 -13.88
CA ILE F 34 52.24 23.40 -15.02
C ILE F 34 52.67 24.06 -16.32
N ARG F 35 52.58 25.39 -16.40
CA ARG F 35 53.01 26.09 -17.60
C ARG F 35 54.53 26.02 -17.77
N GLU F 36 55.27 26.37 -16.72
CA GLU F 36 56.74 26.30 -16.77
C GLU F 36 57.22 24.91 -17.14
N VAL F 37 56.48 23.87 -16.73
CA VAL F 37 56.95 22.51 -16.89
C VAL F 37 56.63 21.99 -18.29
N CYS F 38 55.50 22.38 -18.86
CA CYS F 38 55.12 21.87 -20.17
C CYS F 38 55.98 22.46 -21.29
N LYS F 39 56.45 23.69 -21.12
CA LYS F 39 57.37 24.27 -22.10
C LYS F 39 58.62 23.41 -22.25
N VAL F 40 59.16 22.93 -21.12
CA VAL F 40 60.34 22.07 -21.18
C VAL F 40 59.98 20.70 -21.73
N VAL F 41 58.81 20.17 -21.35
CA VAL F 41 58.41 18.85 -21.82
C VAL F 41 58.12 18.88 -23.32
N SER F 42 57.48 19.95 -23.80
CA SER F 42 57.21 20.06 -25.24
C SER F 42 58.50 20.14 -26.03
N ASP F 43 59.51 20.81 -25.49
CA ASP F 43 60.79 20.93 -26.18
C ASP F 43 61.52 19.59 -26.22
N VAL F 44 61.47 18.83 -25.13
CA VAL F 44 62.08 17.50 -25.11
C VAL F 44 61.41 16.60 -26.14
N LEU F 45 60.08 16.66 -26.23
CA LEU F 45 59.36 15.79 -27.15
C LEU F 45 59.53 16.22 -28.60
N LYS F 46 59.85 17.49 -28.84
CA LYS F 46 60.11 17.97 -30.19
C LYS F 46 61.40 17.38 -30.74
N GLU F 47 62.42 17.19 -29.89
CA GLU F 47 63.66 16.59 -30.35
C GLU F 47 63.49 15.08 -30.55
N VAL F 48 62.70 14.43 -29.68
CA VAL F 48 62.33 13.03 -29.92
C VAL F 48 61.66 12.89 -31.27
N GLU F 49 60.74 13.82 -31.58
CA GLU F 49 59.95 13.71 -32.79
C GLU F 49 60.80 13.91 -34.04
N VAL F 50 61.90 14.66 -33.93
CA VAL F 50 62.83 14.77 -35.05
C VAL F 50 63.49 13.42 -35.31
N GLN F 51 63.85 12.70 -34.23
CA GLN F 51 64.44 11.38 -34.40
C GLN F 51 63.39 10.34 -34.77
N GLU F 52 62.15 10.51 -34.31
CA GLU F 52 61.09 9.53 -34.50
C GLU F 52 59.76 10.25 -34.63
N PRO F 53 59.27 10.45 -35.86
CA PRO F 53 58.04 11.24 -36.06
C PRO F 53 56.78 10.59 -35.49
N ARG F 54 56.78 9.31 -35.16
CA ARG F 54 55.57 8.69 -34.61
C ARG F 54 55.26 9.15 -33.19
N PHE F 55 56.25 9.67 -32.47
CA PHE F 55 56.01 10.21 -31.13
C PHE F 55 55.74 11.70 -31.26
N ILE F 56 54.50 12.01 -31.65
CA ILE F 56 54.05 13.40 -31.81
C ILE F 56 53.79 14.00 -30.45
N SER F 57 54.16 15.27 -30.27
CA SER F 57 53.83 16.00 -29.06
C SER F 57 52.34 16.30 -29.02
N SER F 58 51.65 15.78 -28.02
CA SER F 58 50.20 15.92 -27.90
C SER F 58 49.80 16.82 -26.73
N LEU F 59 50.62 17.82 -26.42
CA LEU F 59 50.34 18.74 -25.31
C LEU F 59 49.58 19.96 -25.83
N ASN F 60 48.31 19.72 -26.16
CA ASN F 60 47.42 20.78 -26.60
C ASN F 60 46.80 21.44 -25.37
N GLU F 61 47.13 22.71 -25.13
CA GLU F 61 46.35 23.50 -24.19
C GLU F 61 45.02 23.81 -24.84
N MET F 62 43.96 23.19 -24.33
CA MET F 62 42.63 23.29 -24.94
C MET F 62 41.61 23.48 -23.84
N ASP F 63 40.93 24.64 -23.85
CA ASP F 63 39.96 25.02 -22.83
C ASP F 63 40.64 25.19 -21.46
N ASN F 64 41.79 25.85 -21.47
CA ASN F 64 42.53 26.27 -20.28
C ASN F 64 43.06 25.10 -19.45
N ARG F 65 43.14 23.91 -20.02
CA ARG F 65 43.73 22.75 -19.35
C ARG F 65 44.47 21.91 -20.39
N TYR F 66 45.66 21.44 -20.02
CA TYR F 66 46.46 20.61 -20.91
C TYR F 66 45.87 19.20 -20.96
N GLU F 67 45.57 18.73 -22.17
CA GLU F 67 44.99 17.40 -22.34
C GLU F 67 46.02 16.33 -22.03
N GLY F 68 45.62 15.34 -21.24
CA GLY F 68 46.50 14.24 -20.90
C GLY F 68 47.35 14.44 -19.66
N LEU F 69 47.21 15.57 -18.98
CA LEU F 69 48.07 15.92 -17.84
C LEU F 69 47.40 15.54 -16.52
N GLU F 70 48.19 14.97 -15.62
CA GLU F 70 47.74 14.58 -14.30
C GLU F 70 48.57 15.27 -13.24
N VAL F 71 47.90 15.81 -12.22
CA VAL F 71 48.57 16.40 -11.07
C VAL F 71 48.66 15.33 -9.99
N ILE F 72 49.89 15.03 -9.56
CA ILE F 72 50.14 14.11 -8.46
C ILE F 72 50.54 14.86 -7.20
N SER F 73 51.29 15.94 -7.38
CA SER F 73 51.86 16.72 -6.31
C SER F 73 52.12 18.12 -6.85
N PRO F 74 52.34 19.11 -5.99
CA PRO F 74 52.74 20.43 -6.50
C PRO F 74 54.01 20.39 -7.35
N THR F 75 54.80 19.31 -7.24
CA THR F 75 56.04 19.19 -8.01
C THR F 75 56.13 17.91 -8.82
N GLU F 76 55.06 17.11 -8.90
CA GLU F 76 55.09 15.87 -9.64
C GLU F 76 53.87 15.78 -10.55
N PHE F 77 54.09 15.34 -11.78
CA PHE F 77 53.05 15.32 -12.79
C PHE F 77 53.23 14.10 -13.67
N GLU F 78 52.14 13.73 -14.35
CA GLU F 78 52.17 12.67 -15.35
C GLU F 78 51.59 13.23 -16.64
N VAL F 79 52.37 13.17 -17.71
CA VAL F 79 51.91 13.54 -19.03
C VAL F 79 51.56 12.25 -19.76
N VAL F 80 50.31 12.12 -20.15
CA VAL F 80 49.87 10.97 -20.93
C VAL F 80 50.05 11.32 -22.39
N LEU F 81 50.94 10.58 -23.07
CA LEU F 81 51.30 10.86 -24.44
C LEU F 81 50.48 9.96 -25.35
N TYR F 82 49.50 10.55 -26.03
CA TYR F 82 48.61 9.79 -26.89
C TYR F 82 49.31 9.51 -28.21
N LEU F 83 49.32 8.24 -28.60
CA LEU F 83 50.03 7.79 -29.78
C LEU F 83 49.03 7.61 -30.91
N ASN F 84 49.32 8.26 -32.04
CA ASN F 84 48.50 8.04 -33.22
C ASN F 84 48.50 6.56 -33.57
N GLN F 85 47.39 6.10 -34.13
CA GLN F 85 47.28 4.69 -34.43
C GLN F 85 46.28 4.49 -35.57
N MET F 86 46.49 3.40 -36.29
CA MET F 86 45.47 2.87 -37.19
C MET F 86 44.64 1.87 -36.41
N GLY F 87 43.32 1.90 -36.63
CA GLY F 87 42.45 0.95 -35.97
C GLY F 87 42.77 -0.39 -36.61
N VAL F 88 43.67 -1.15 -36.00
CA VAL F 88 44.08 -2.45 -36.51
C VAL F 88 44.21 -3.43 -35.35
N PHE F 89 43.95 -3.00 -34.12
CA PHE F 89 44.09 -3.84 -32.95
C PHE F 89 42.74 -4.07 -32.30
N ASN F 90 42.55 -5.27 -31.76
CA ASN F 90 41.41 -5.57 -30.91
C ASN F 90 41.79 -5.35 -29.45
N PHE F 91 40.88 -4.78 -28.69
CA PHE F 91 41.02 -4.72 -27.24
C PHE F 91 40.65 -6.08 -26.67
N VAL F 92 41.47 -6.59 -25.76
CA VAL F 92 41.28 -7.92 -25.19
C VAL F 92 41.44 -7.81 -23.68
N ASP F 93 40.33 -7.91 -22.95
CA ASP F 93 40.33 -7.87 -21.49
C ASP F 93 39.68 -9.14 -20.97
N ASP F 94 40.51 -10.14 -20.67
CA ASP F 94 40.12 -11.17 -19.72
C ASP F 94 40.67 -10.76 -18.36
N GLY F 95 40.73 -11.67 -17.40
CA GLY F 95 41.24 -11.31 -16.09
C GLY F 95 42.65 -11.80 -15.84
N SER F 96 43.48 -11.89 -16.89
CA SER F 96 44.81 -12.46 -16.75
C SER F 96 45.65 -11.68 -15.75
N LEU F 97 45.69 -10.35 -15.89
CA LEU F 97 46.33 -9.55 -14.86
C LEU F 97 45.45 -8.36 -14.50
N PRO F 98 45.30 -8.08 -13.20
CA PRO F 98 44.33 -7.06 -12.77
C PRO F 98 44.75 -5.65 -13.15
N GLY F 99 43.80 -4.88 -13.65
CA GLY F 99 44.05 -3.51 -14.05
C GLY F 99 44.77 -3.35 -15.37
N CYS F 100 44.94 -4.43 -16.12
CA CYS F 100 45.69 -4.39 -17.37
C CYS F 100 44.89 -5.04 -18.49
N ALA F 101 45.26 -4.73 -19.71
CA ALA F 101 44.62 -5.29 -20.90
C ALA F 101 45.67 -5.41 -22.00
N VAL F 102 45.24 -5.94 -23.13
CA VAL F 102 46.16 -6.31 -24.21
C VAL F 102 45.54 -5.92 -25.55
N LEU F 103 46.42 -5.64 -26.52
CA LEU F 103 46.01 -5.25 -27.86
C LEU F 103 46.51 -6.30 -28.82
N LYS F 104 45.60 -6.91 -29.57
CA LYS F 104 45.94 -7.97 -30.50
C LYS F 104 45.50 -7.58 -31.89
N LEU F 105 46.29 -8.00 -32.88
CA LEU F 105 46.05 -7.65 -34.27
C LEU F 105 44.88 -8.49 -34.79
N SER F 106 43.83 -7.83 -35.28
CA SER F 106 42.63 -8.56 -35.68
C SER F 106 42.90 -9.50 -36.84
N ASP F 107 43.75 -9.09 -37.77
CA ASP F 107 44.11 -9.89 -38.93
C ASP F 107 45.59 -9.67 -39.22
N GLY F 108 46.30 -10.76 -39.53
CA GLY F 108 47.70 -10.64 -39.86
C GLY F 108 47.99 -9.79 -41.08
N ARG F 109 47.02 -9.65 -41.98
CA ARG F 109 47.23 -8.87 -43.20
C ARG F 109 47.47 -7.39 -42.89
N LYS F 110 46.88 -6.88 -41.81
CA LYS F 110 47.02 -5.48 -41.45
C LYS F 110 48.25 -5.21 -40.59
N ARG F 111 49.05 -6.25 -40.30
CA ARG F 111 50.32 -6.07 -39.59
C ARG F 111 51.19 -5.03 -40.29
N SER F 112 51.17 -5.02 -41.62
CA SER F 112 51.97 -4.04 -42.37
C SER F 112 51.42 -2.64 -42.21
N MET F 113 50.09 -2.49 -42.22
CA MET F 113 49.47 -1.18 -42.18
C MET F 113 49.41 -0.61 -40.77
N SER F 114 49.95 -1.30 -39.77
CA SER F 114 50.05 -0.71 -38.45
C SER F 114 51.14 0.36 -38.45
N LEU F 115 50.97 1.36 -37.59
CA LEU F 115 51.95 2.41 -37.45
C LEU F 115 53.16 1.95 -36.62
N TRP F 116 52.97 0.92 -35.81
CA TRP F 116 53.92 0.42 -34.83
C TRP F 116 54.36 -1.01 -35.15
N VAL F 117 54.51 -1.30 -36.45
CA VAL F 117 54.69 -2.66 -36.95
C VAL F 117 55.82 -3.41 -36.23
N GLU F 118 56.93 -2.73 -35.97
CA GLU F 118 58.08 -3.42 -35.36
C GLU F 118 57.84 -3.80 -33.91
N PHE F 119 56.84 -3.22 -33.26
CA PHE F 119 56.55 -3.49 -31.85
C PHE F 119 55.49 -4.57 -31.66
N ILE F 120 55.00 -5.16 -32.74
CA ILE F 120 54.05 -6.25 -32.68
C ILE F 120 54.81 -7.57 -32.54
N THR F 121 54.41 -8.39 -31.58
CA THR F 121 55.11 -9.64 -31.36
C THR F 121 54.79 -10.62 -32.50
N ALA F 122 55.48 -11.77 -32.48
CA ALA F 122 55.15 -12.82 -33.42
C ALA F 122 53.74 -13.36 -33.14
N SER F 123 53.34 -13.39 -31.87
CA SER F 123 51.98 -13.80 -31.52
C SER F 123 50.95 -12.81 -32.01
N GLY F 124 51.36 -11.59 -32.38
CA GLY F 124 50.45 -10.60 -32.88
C GLY F 124 50.03 -9.54 -31.88
N TYR F 125 50.73 -9.42 -30.76
CA TYR F 125 50.37 -8.47 -29.72
C TYR F 125 51.26 -7.24 -29.79
N LEU F 126 50.65 -6.07 -29.59
CA LEU F 126 51.41 -4.82 -29.52
C LEU F 126 52.04 -4.68 -28.14
N SER F 127 53.37 -4.66 -28.11
CA SER F 127 54.11 -4.74 -26.86
C SER F 127 54.20 -3.36 -26.21
N ALA F 128 53.64 -3.24 -25.01
CA ALA F 128 53.77 -2.00 -24.24
C ALA F 128 55.21 -1.79 -23.79
N ARG F 129 55.92 -2.87 -23.46
CA ARG F 129 57.27 -2.71 -22.94
C ARG F 129 58.26 -2.35 -24.04
N LYS F 130 58.09 -2.91 -25.24
CA LYS F 130 58.97 -2.55 -26.34
C LYS F 130 58.79 -1.09 -26.75
N ILE F 131 57.55 -0.60 -26.73
CA ILE F 131 57.30 0.79 -27.08
C ILE F 131 57.91 1.72 -26.04
N ARG F 132 57.71 1.41 -24.75
CA ARG F 132 58.29 2.24 -23.70
C ARG F 132 59.81 2.19 -23.73
N SER F 133 60.39 1.03 -24.05
CA SER F 133 61.83 0.89 -24.05
C SER F 133 62.47 1.79 -25.12
N ARG F 134 61.90 1.80 -26.33
CA ARG F 134 62.42 2.68 -27.37
C ARG F 134 62.18 4.14 -27.02
N PHE F 135 60.97 4.46 -26.56
CA PHE F 135 60.67 5.82 -26.13
C PHE F 135 61.66 6.28 -25.06
N GLN F 136 62.01 5.37 -24.14
CA GLN F 136 62.99 5.70 -23.11
C GLN F 136 64.35 5.99 -23.72
N THR F 137 64.76 5.18 -24.70
CA THR F 137 66.04 5.41 -25.38
C THR F 137 66.04 6.75 -26.10
N LEU F 138 64.94 7.09 -26.75
CA LEU F 138 64.86 8.36 -27.47
C LEU F 138 64.87 9.55 -26.50
N VAL F 139 64.15 9.44 -25.38
CA VAL F 139 64.09 10.54 -24.44
C VAL F 139 65.43 10.77 -23.76
N ALA F 140 66.15 9.69 -23.43
CA ALA F 140 67.46 9.84 -22.79
C ALA F 140 68.44 10.60 -23.66
N GLN F 141 68.37 10.43 -24.98
CA GLN F 141 69.20 11.22 -25.88
C GLN F 141 68.63 12.62 -26.06
N ALA F 142 67.31 12.75 -26.14
CA ALA F 142 66.69 14.05 -26.37
C ALA F 142 66.94 15.01 -25.23
N VAL F 143 66.99 14.49 -23.99
CA VAL F 143 67.20 15.36 -22.84
C VAL F 143 68.57 16.01 -22.87
N ASP F 144 69.51 15.47 -23.65
CA ASP F 144 70.82 16.09 -23.83
C ASP F 144 70.93 16.92 -25.11
N LYS F 145 69.96 16.84 -26.01
CA LYS F 145 70.07 17.46 -27.33
C LYS F 145 69.08 18.58 -27.60
N CYS F 146 67.98 18.67 -26.85
CA CYS F 146 66.97 19.69 -27.07
C CYS F 146 67.46 21.05 -26.57
N SER F 147 66.69 22.09 -26.91
CA SER F 147 67.06 23.46 -26.56
C SER F 147 67.16 23.65 -25.05
N TYR F 148 66.29 22.96 -24.29
CA TYR F 148 66.28 23.07 -22.83
C TYR F 148 67.16 22.02 -22.16
N ARG F 149 68.20 21.54 -22.86
CA ARG F 149 69.04 20.46 -22.33
C ARG F 149 69.62 20.80 -20.97
N ASP F 150 69.81 22.09 -20.68
CA ASP F 150 70.51 22.51 -19.46
C ASP F 150 69.63 22.47 -18.22
N VAL F 151 68.30 22.46 -18.38
CA VAL F 151 67.40 22.51 -17.24
C VAL F 151 66.61 21.23 -17.04
N VAL F 152 66.80 20.23 -17.90
CA VAL F 152 66.07 18.96 -17.77
C VAL F 152 67.07 17.82 -17.81
N LYS F 153 66.93 16.87 -16.88
CA LYS F 153 67.60 15.58 -16.94
C LYS F 153 66.53 14.48 -16.88
N MET F 154 66.94 13.25 -17.17
CA MET F 154 66.03 12.11 -17.11
C MET F 154 66.32 11.25 -15.89
N VAL F 155 65.26 10.89 -15.16
CA VAL F 155 65.37 10.08 -13.96
C VAL F 155 65.63 8.63 -14.38
N ALA F 156 66.55 7.97 -13.68
CA ALA F 156 66.95 6.62 -14.03
C ALA F 156 66.27 5.59 -13.12
N ASP F 157 66.80 4.36 -13.15
CA ASP F 157 66.43 3.23 -12.30
C ASP F 157 64.99 2.74 -12.52
N THR F 158 64.22 3.46 -13.32
CA THR F 158 62.87 3.06 -13.67
C THR F 158 62.78 2.74 -15.15
N SER F 159 61.99 1.75 -15.51
CA SER F 159 61.76 1.44 -16.91
C SER F 159 60.83 2.45 -17.57
N GLU F 160 60.15 3.26 -16.78
CA GLU F 160 59.33 4.35 -17.29
C GLU F 160 60.16 5.60 -17.53
N VAL F 161 59.57 6.55 -18.21
CA VAL F 161 60.24 7.78 -18.62
C VAL F 161 59.79 8.90 -17.69
N LYS F 162 60.72 9.40 -16.88
CA LYS F 162 60.45 10.50 -15.96
C LYS F 162 61.50 11.58 -16.18
N LEU F 163 61.03 12.83 -16.31
CA LEU F 163 61.91 13.98 -16.46
C LEU F 163 61.97 14.78 -15.16
N ARG F 164 63.18 15.19 -14.78
CA ARG F 164 63.38 16.09 -13.67
C ARG F 164 63.76 17.47 -14.22
N ILE F 165 62.97 18.48 -13.89
CA ILE F 165 63.07 19.81 -14.49
C ILE F 165 63.54 20.79 -13.42
N ARG F 166 64.62 21.52 -13.73
CA ARG F 166 65.20 22.53 -12.83
C ARG F 166 65.47 21.95 -11.44
N ASP F 167 65.70 20.63 -11.39
CA ASP F 167 66.01 19.90 -10.17
C ASP F 167 64.95 20.12 -9.09
N ARG F 168 63.70 20.36 -9.49
CA ARG F 168 62.63 20.55 -8.53
C ARG F 168 61.31 19.91 -8.94
N TYR F 169 60.98 19.80 -10.22
CA TYR F 169 59.74 19.18 -10.67
C TYR F 169 60.06 17.86 -11.37
N VAL F 170 59.18 16.88 -11.18
CA VAL F 170 59.30 15.57 -11.81
C VAL F 170 58.06 15.33 -12.66
N VAL F 171 58.28 14.95 -13.92
CA VAL F 171 57.20 14.70 -14.88
C VAL F 171 57.40 13.33 -15.49
N GLN F 172 56.40 12.45 -15.34
CA GLN F 172 56.40 11.16 -16.00
C GLN F 172 55.68 11.29 -17.35
N ILE F 173 56.31 10.77 -18.40
CA ILE F 173 55.73 10.79 -19.73
C ILE F 173 55.36 9.36 -20.11
N THR F 174 54.06 9.12 -20.25
CA THR F 174 53.55 7.76 -20.43
C THR F 174 52.95 7.61 -21.82
N PRO F 175 53.54 6.78 -22.69
CA PRO F 175 52.90 6.52 -23.99
C PRO F 175 51.57 5.83 -23.78
N ALA F 176 50.60 6.15 -24.63
CA ALA F 176 49.25 5.68 -24.37
C ALA F 176 48.44 5.63 -25.66
N PHE F 177 47.41 4.80 -25.62
CA PHE F 177 46.38 4.75 -26.65
C PHE F 177 45.03 5.02 -26.00
N LYS F 178 44.24 5.87 -26.65
CA LYS F 178 42.88 6.14 -26.20
C LYS F 178 41.96 5.12 -26.84
N CYS F 179 41.19 4.42 -26.03
CA CYS F 179 40.21 3.47 -26.51
C CYS F 179 38.82 4.03 -26.28
N THR F 180 38.09 4.27 -27.37
CA THR F 180 36.71 4.72 -27.31
C THR F 180 35.85 3.69 -28.03
N GLY F 181 34.54 3.78 -27.81
CA GLY F 181 33.63 2.85 -28.44
C GLY F 181 33.57 1.47 -27.83
N ILE F 182 34.26 1.26 -26.71
CA ILE F 182 34.18 0.00 -25.97
C ILE F 182 34.29 0.32 -24.50
N TRP F 183 33.64 -0.49 -23.67
CA TRP F 183 33.83 -0.44 -22.24
C TRP F 183 34.52 -1.71 -21.78
N PRO F 184 35.51 -1.62 -20.88
CA PRO F 184 36.30 -2.80 -20.56
C PRO F 184 35.50 -3.82 -19.76
N ARG F 185 35.71 -5.10 -20.13
CA ARG F 185 34.93 -6.18 -19.53
C ARG F 185 35.12 -6.23 -18.02
N SER F 186 36.35 -6.02 -17.54
CA SER F 186 36.62 -5.99 -16.11
C SER F 186 35.88 -4.85 -15.41
N ALA F 187 35.34 -3.89 -16.16
CA ALA F 187 34.55 -2.80 -15.61
C ALA F 187 33.11 -2.83 -16.09
N ALA F 188 32.72 -3.85 -16.87
CA ALA F 188 31.37 -3.93 -17.42
C ALA F 188 30.32 -4.19 -16.34
N HIS F 189 30.73 -4.58 -15.14
CA HIS F 189 29.78 -4.71 -14.04
C HIS F 189 29.22 -3.36 -13.65
N TRP F 190 30.01 -2.30 -13.80
CA TRP F 190 29.60 -0.96 -13.44
C TRP F 190 28.68 -0.39 -14.51
N PRO F 191 27.58 0.27 -14.09
CA PRO F 191 27.17 0.40 -12.70
C PRO F 191 26.41 -0.82 -12.23
N LEU F 192 26.54 -1.17 -10.95
CA LEU F 192 25.84 -2.32 -10.43
C LEU F 192 24.33 -2.07 -10.48
N PRO F 193 23.54 -3.09 -10.81
CA PRO F 193 22.10 -2.86 -11.04
C PRO F 193 21.37 -2.15 -9.92
N HIS F 194 21.81 -2.27 -8.67
CA HIS F 194 21.01 -1.73 -7.57
C HIS F 194 21.28 -0.25 -7.28
N ILE F 195 22.50 0.23 -7.47
CA ILE F 195 22.79 1.60 -7.02
C ILE F 195 22.07 2.59 -7.93
N PRO F 196 21.28 3.52 -7.37
CA PRO F 196 20.62 4.54 -8.19
C PRO F 196 21.56 5.58 -8.80
N TRP F 197 22.83 5.61 -8.39
CA TRP F 197 23.77 6.61 -8.89
C TRP F 197 24.91 5.95 -9.68
N PRO F 198 25.28 6.53 -10.83
CA PRO F 198 24.65 7.76 -11.33
C PRO F 198 23.41 7.53 -12.19
N GLY F 199 22.76 8.63 -12.57
CA GLY F 199 21.66 8.58 -13.49
C GLY F 199 22.02 7.89 -14.78
N PRO F 200 21.13 7.01 -15.27
CA PRO F 200 21.41 6.34 -16.54
C PRO F 200 21.66 7.31 -17.68
N ASN F 201 21.03 8.49 -17.61
CA ASN F 201 21.32 9.53 -18.58
C ASN F 201 22.77 10.00 -18.50
N ARG F 202 23.35 9.99 -17.29
CA ARG F 202 24.74 10.41 -17.12
C ARG F 202 25.72 9.25 -17.22
N VAL F 203 25.29 8.02 -16.89
CA VAL F 203 26.14 6.85 -17.10
C VAL F 203 26.58 6.77 -18.55
N ALA F 204 25.66 7.02 -19.49
CA ALA F 204 26.01 6.96 -20.90
C ALA F 204 27.04 8.02 -21.27
N GLU F 205 27.03 9.17 -20.59
CA GLU F 205 28.09 10.15 -20.78
C GLU F 205 29.43 9.61 -20.29
N VAL F 206 29.44 8.98 -19.12
CA VAL F 206 30.69 8.47 -18.55
C VAL F 206 31.32 7.42 -19.47
N LYS F 207 30.51 6.46 -19.92
CA LYS F 207 31.03 5.42 -20.79
C LYS F 207 31.45 5.96 -22.14
N ALA F 208 30.81 7.04 -22.60
CA ALA F 208 31.18 7.63 -23.88
C ALA F 208 32.55 8.28 -23.84
N GLU F 209 33.04 8.66 -22.65
CA GLU F 209 34.38 9.23 -22.54
C GLU F 209 35.46 8.22 -22.88
N GLY F 210 35.16 6.93 -22.80
CA GLY F 210 36.15 5.91 -23.08
C GLY F 210 37.16 5.78 -21.96
N PHE F 211 38.31 5.20 -22.31
CA PHE F 211 39.36 4.93 -21.35
C PHE F 211 40.71 4.95 -22.06
N ASN F 212 41.78 4.90 -21.27
CA ASN F 212 43.12 4.94 -21.80
C ASN F 212 43.87 3.66 -21.45
N LEU F 213 44.84 3.32 -22.32
CA LEU F 213 45.78 2.24 -22.08
C LEU F 213 47.17 2.84 -21.95
N LEU F 214 47.80 2.63 -20.80
CA LEU F 214 49.07 3.26 -20.48
C LEU F 214 50.18 2.22 -20.47
N SER F 215 51.35 2.62 -20.98
CA SER F 215 52.55 1.80 -20.97
C SER F 215 53.33 2.14 -19.72
N LYS F 216 53.14 1.35 -18.67
CA LYS F 216 53.83 1.53 -17.40
C LYS F 216 53.85 0.17 -16.71
N GLU F 217 54.54 0.11 -15.59
CA GLU F 217 54.55 -1.12 -14.79
C GLU F 217 53.43 -1.08 -13.76
N CYS F 218 53.00 -2.27 -13.35
CA CYS F 218 51.87 -2.39 -12.43
C CYS F 218 52.02 -3.64 -11.57
N HIS F 219 50.90 -4.19 -11.12
CA HIS F 219 50.81 -5.42 -10.32
C HIS F 219 52.01 -5.69 -9.42
N SER F 230 55.57 -10.55 -17.96
CA SER F 230 54.42 -10.29 -18.82
C SER F 230 54.23 -8.80 -19.05
N ASP F 231 54.15 -8.38 -20.31
CA ASP F 231 53.90 -6.99 -20.65
C ASP F 231 52.48 -6.84 -21.18
N ALA F 232 51.78 -5.83 -20.66
CA ALA F 232 50.42 -5.50 -21.08
C ALA F 232 50.22 -4.02 -20.82
N TRP F 233 49.07 -3.51 -21.22
CA TRP F 233 48.76 -2.09 -21.08
C TRP F 233 47.89 -1.86 -19.85
N VAL F 234 48.19 -0.78 -19.13
CA VAL F 234 47.51 -0.47 -17.87
C VAL F 234 46.29 0.39 -18.16
N LEU F 235 45.16 0.02 -17.55
CA LEU F 235 43.90 0.74 -17.75
C LEU F 235 43.87 2.03 -16.93
N GLN F 236 43.25 3.06 -17.51
CA GLN F 236 43.10 4.35 -16.85
C GLN F 236 41.80 5.00 -17.33
N PHE F 237 41.09 5.65 -16.40
CA PHE F 237 39.76 6.18 -16.64
C PHE F 237 39.65 7.66 -16.28
N ALA F 238 40.71 8.43 -16.58
CA ALA F 238 40.76 9.82 -16.16
C ALA F 238 39.53 10.62 -16.61
N GLU F 239 39.24 10.58 -17.91
CA GLU F 239 38.13 11.38 -18.44
C GLU F 239 36.79 10.90 -17.90
N ALA F 240 36.55 9.59 -17.94
CA ALA F 240 35.29 9.06 -17.42
C ALA F 240 35.11 9.42 -15.95
N GLU F 241 36.18 9.32 -15.16
CA GLU F 241 36.10 9.70 -13.75
C GLU F 241 35.72 11.17 -13.59
N ASN F 242 36.28 12.04 -14.43
CA ASN F 242 36.00 13.47 -14.31
C ASN F 242 34.55 13.79 -14.67
N ARG F 243 34.03 13.16 -15.74
CA ARG F 243 32.62 13.33 -16.07
C ARG F 243 31.74 12.81 -14.94
N LEU F 244 32.12 11.67 -14.35
CA LEU F 244 31.33 11.04 -13.31
C LEU F 244 31.13 11.94 -12.11
N GLN F 245 32.11 12.79 -11.78
CA GLN F 245 32.08 13.57 -10.54
C GLN F 245 31.55 14.99 -10.75
N MET F 246 30.89 15.24 -11.88
CA MET F 246 30.28 16.54 -12.11
C MET F 246 28.98 16.66 -11.32
N GLY F 247 28.66 17.88 -10.92
CA GLY F 247 27.40 18.17 -10.27
C GLY F 247 27.58 18.43 -8.79
N GLY F 248 26.81 19.38 -8.26
CA GLY F 248 26.83 19.70 -6.85
C GLY F 248 28.20 20.19 -6.39
N CYS F 249 28.51 19.90 -5.13
CA CYS F 249 29.77 20.28 -4.53
C CYS F 249 30.80 19.17 -4.55
N ARG F 250 30.63 18.18 -5.45
CA ARG F 250 31.54 17.05 -5.51
C ARG F 250 32.97 17.51 -5.78
N LYS F 251 33.16 18.33 -6.82
CA LYS F 251 34.51 18.73 -7.19
C LYS F 251 35.12 19.68 -6.18
N LYS F 252 34.31 20.53 -5.55
CA LYS F 252 34.83 21.36 -4.46
C LYS F 252 35.29 20.49 -3.30
N CYS F 253 34.56 19.40 -3.01
CA CYS F 253 34.99 18.46 -1.98
C CYS F 253 36.33 17.84 -2.35
N LEU F 254 36.49 17.39 -3.60
CA LEU F 254 37.75 16.81 -4.04
C LEU F 254 38.88 17.81 -3.96
N SER F 255 38.61 19.08 -4.30
CA SER F 255 39.64 20.10 -4.23
C SER F 255 40.11 20.31 -2.80
N ILE F 256 39.18 20.32 -1.84
CA ILE F 256 39.56 20.43 -0.44
C ILE F 256 40.40 19.24 -0.01
N LEU F 257 40.02 18.04 -0.45
CA LEU F 257 40.76 16.84 -0.11
C LEU F 257 42.18 16.89 -0.64
N LYS F 258 42.35 17.27 -1.91
CA LYS F 258 43.69 17.37 -2.48
C LYS F 258 44.53 18.40 -1.74
N THR F 259 43.92 19.50 -1.30
CA THR F 259 44.67 20.53 -0.58
C THR F 259 45.05 20.06 0.81
N LEU F 260 44.13 19.40 1.52
CA LEU F 260 44.46 18.86 2.83
C LEU F 260 45.54 17.78 2.74
N ARG F 261 45.48 16.95 1.69
CA ARG F 261 46.48 15.90 1.54
C ARG F 261 47.87 16.49 1.31
N ASP F 262 47.99 17.48 0.42
CA ASP F 262 49.28 18.10 0.17
C ASP F 262 49.88 18.67 1.45
N ARG F 263 49.06 19.28 2.28
CA ARG F 263 49.52 20.06 3.43
C ARG F 263 49.72 19.23 4.69
N HIS F 264 49.06 18.07 4.80
CA HIS F 264 49.13 17.31 6.04
C HIS F 264 49.30 15.81 5.87
N LEU F 265 49.09 15.26 4.68
CA LEU F 265 49.12 13.81 4.49
C LEU F 265 50.13 13.39 3.44
N GLU F 266 51.16 14.20 3.22
CA GLU F 266 52.33 13.77 2.45
C GLU F 266 53.30 13.14 3.43
N LEU F 267 53.21 11.83 3.59
CA LEU F 267 53.79 11.12 4.70
C LEU F 267 54.86 10.15 4.24
N PRO F 268 55.78 9.76 5.12
CA PRO F 268 56.83 8.79 4.75
C PRO F 268 56.24 7.50 4.20
N GLY F 269 56.80 7.05 3.08
CA GLY F 269 56.30 5.90 2.36
C GLY F 269 55.27 6.20 1.29
N GLN F 270 54.88 7.48 1.15
CA GLN F 270 53.86 7.90 0.19
C GLN F 270 52.56 7.11 0.27
N PRO F 271 51.99 6.95 1.47
CA PRO F 271 50.79 6.10 1.58
C PRO F 271 49.57 6.67 0.90
N LEU F 272 49.44 8.00 0.83
CA LEU F 272 48.25 8.65 0.29
C LEU F 272 48.63 9.56 -0.86
N ASN F 273 47.86 9.48 -1.94
CA ASN F 273 48.01 10.37 -3.09
C ASN F 273 46.64 10.96 -3.44
N ASN F 274 46.66 11.89 -4.39
CA ASN F 274 45.42 12.56 -4.78
C ASN F 274 44.43 11.59 -5.41
N TYR F 275 44.92 10.54 -6.07
CA TYR F 275 44.01 9.60 -6.71
C TYR F 275 43.22 8.78 -5.70
N HIS F 276 43.75 8.62 -4.47
CA HIS F 276 42.94 8.04 -3.41
C HIS F 276 41.75 8.92 -3.09
N MET F 277 42.00 10.23 -2.90
CA MET F 277 40.92 11.18 -2.68
C MET F 277 39.88 11.14 -3.79
N LYS F 278 40.34 11.12 -5.04
CA LYS F 278 39.42 11.07 -6.17
C LYS F 278 38.57 9.80 -6.14
N THR F 279 39.18 8.67 -5.80
CA THR F 279 38.43 7.41 -5.76
C THR F 279 37.38 7.41 -4.66
N LEU F 280 37.72 7.97 -3.48
CA LEU F 280 36.77 7.98 -2.38
C LEU F 280 35.55 8.86 -2.68
N VAL F 281 35.75 9.97 -3.39
CA VAL F 281 34.63 10.82 -3.75
C VAL F 281 33.62 10.04 -4.57
N SER F 282 34.09 9.24 -5.54
CA SER F 282 33.18 8.41 -6.33
C SER F 282 32.45 7.40 -5.46
N TYR F 283 33.14 6.84 -4.46
CA TYR F 283 32.50 5.85 -3.59
C TYR F 283 31.53 6.52 -2.63
N GLU F 284 31.85 7.73 -2.18
CA GLU F 284 30.89 8.50 -1.39
C GLU F 284 29.68 8.86 -2.23
N CYS F 285 29.85 9.02 -3.54
CA CYS F 285 28.72 9.29 -4.41
C CYS F 285 27.78 8.08 -4.49
N GLU F 286 28.33 6.87 -4.49
CA GLU F 286 27.45 5.69 -4.45
C GLU F 286 26.79 5.55 -3.08
N LYS F 287 27.50 5.92 -2.02
CA LYS F 287 26.95 5.82 -0.68
C LYS F 287 25.81 6.82 -0.48
N HIS F 288 25.93 8.01 -1.05
CA HIS F 288 24.90 9.06 -0.99
C HIS F 288 24.50 9.41 -2.42
N PRO F 289 23.54 8.67 -2.99
CA PRO F 289 23.29 8.76 -4.44
C PRO F 289 22.44 9.94 -4.89
N ARG F 290 21.80 10.66 -3.99
CA ARG F 290 20.90 11.73 -4.40
C ARG F 290 21.67 13.00 -4.71
N GLU F 291 21.14 13.79 -5.66
CA GLU F 291 21.74 15.08 -5.96
C GLU F 291 21.67 16.02 -4.76
N SER F 292 20.61 15.91 -3.96
CA SER F 292 20.50 16.74 -2.76
C SER F 292 21.54 16.38 -1.72
N ASP F 293 22.09 15.17 -1.77
CA ASP F 293 23.17 14.79 -0.86
C ASP F 293 24.47 15.51 -1.17
N TRP F 294 24.59 16.13 -2.34
CA TRP F 294 25.78 16.91 -2.69
C TRP F 294 25.43 18.39 -2.89
N ASP F 295 24.31 18.82 -2.32
CA ASP F 295 23.98 20.22 -2.18
C ASP F 295 25.08 20.95 -1.39
N GLU F 296 25.12 22.27 -1.54
CA GLU F 296 26.16 23.06 -0.86
C GLU F 296 26.09 22.91 0.66
N SER F 297 24.88 22.75 1.21
CA SER F 297 24.75 22.61 2.66
C SER F 297 25.27 21.27 3.16
N CYS F 298 25.41 20.28 2.29
CA CYS F 298 25.93 18.97 2.66
C CYS F 298 27.44 18.88 2.58
N LEU F 299 28.13 19.99 2.27
CA LEU F 299 29.57 19.94 2.06
C LEU F 299 30.31 19.40 3.28
N GLY F 300 29.89 19.80 4.48
CA GLY F 300 30.54 19.31 5.69
C GLY F 300 30.32 17.84 5.93
N ASP F 301 29.08 17.37 5.74
CA ASP F 301 28.80 15.94 5.91
C ASP F 301 29.58 15.10 4.92
N ARG F 302 29.65 15.55 3.66
CA ARG F 302 30.35 14.77 2.64
C ARG F 302 31.84 14.69 2.93
N LEU F 303 32.46 15.81 3.29
CA LEU F 303 33.89 15.80 3.60
C LEU F 303 34.17 14.94 4.82
N ASN F 304 33.32 15.04 5.85
CA ASN F 304 33.48 14.19 7.03
C ASN F 304 33.40 12.72 6.65
N GLY F 305 32.37 12.35 5.89
CA GLY F 305 32.21 10.96 5.48
C GLY F 305 33.39 10.43 4.70
N ILE F 306 33.96 11.26 3.83
CA ILE F 306 35.09 10.80 3.01
C ILE F 306 36.34 10.63 3.87
N LEU F 307 36.63 11.60 4.75
CA LEU F 307 37.79 11.48 5.62
C LEU F 307 37.68 10.27 6.53
N LEU F 308 36.50 10.06 7.12
CA LEU F 308 36.30 8.87 7.94
C LEU F 308 36.41 7.61 7.10
N GLN F 309 35.92 7.65 5.85
CA GLN F 309 36.08 6.51 4.96
C GLN F 309 37.56 6.27 4.64
N LEU F 310 38.34 7.34 4.52
CA LEU F 310 39.78 7.20 4.29
C LEU F 310 40.45 6.49 5.46
N ILE F 311 40.09 6.87 6.69
CA ILE F 311 40.65 6.20 7.86
C ILE F 311 40.28 4.72 7.85
N SER F 312 39.03 4.42 7.47
CA SER F 312 38.60 3.02 7.39
C SER F 312 39.42 2.26 6.36
N CYS F 313 39.66 2.87 5.19
CA CYS F 313 40.48 2.22 4.17
C CYS F 313 41.87 1.95 4.69
N LEU F 314 42.47 2.92 5.39
CA LEU F 314 43.82 2.75 5.90
C LEU F 314 43.90 1.65 6.96
N GLN F 315 42.95 1.65 7.89
CA GLN F 315 42.99 0.67 8.97
C GLN F 315 42.66 -0.74 8.47
N CYS F 316 41.76 -0.85 7.49
CA CYS F 316 41.48 -2.13 6.88
C CYS F 316 42.55 -2.55 5.88
N ARG F 317 43.45 -1.63 5.52
CA ARG F 317 44.57 -1.89 4.62
C ARG F 317 44.09 -2.29 3.22
N ARG F 318 42.92 -1.80 2.82
CA ARG F 318 42.38 -2.06 1.50
C ARG F 318 41.65 -0.81 1.01
N CYS F 319 41.83 -0.50 -0.28
CA CYS F 319 41.19 0.67 -0.89
C CYS F 319 40.97 0.35 -2.37
N PRO F 320 39.82 -0.22 -2.71
CA PRO F 320 39.62 -0.70 -4.08
C PRO F 320 39.50 0.43 -5.09
N HIS F 321 40.01 0.16 -6.28
CA HIS F 321 39.81 1.04 -7.43
C HIS F 321 38.32 1.12 -7.76
N TYR F 322 37.88 2.29 -8.21
CA TYR F 322 36.44 2.50 -8.36
C TYR F 322 35.87 1.68 -9.51
N PHE F 323 36.50 1.76 -10.69
CA PHE F 323 36.01 1.03 -11.85
C PHE F 323 36.51 -0.40 -11.94
N LEU F 324 37.66 -0.69 -11.33
CA LEU F 324 38.26 -2.02 -11.35
C LEU F 324 38.41 -2.51 -9.91
N PRO F 325 37.33 -3.04 -9.33
CA PRO F 325 37.38 -3.43 -7.91
C PRO F 325 38.38 -4.52 -7.59
N ASN F 326 38.79 -5.32 -8.58
CA ASN F 326 39.83 -6.32 -8.33
C ASN F 326 41.18 -5.69 -8.02
N LEU F 327 41.35 -4.41 -8.30
CA LEU F 327 42.60 -3.68 -8.08
C LEU F 327 42.55 -2.93 -6.75
N ASP F 328 43.65 -2.99 -5.99
CA ASP F 328 43.75 -2.35 -4.69
C ASP F 328 44.76 -1.21 -4.75
N LEU F 329 44.31 0.00 -4.46
CA LEU F 329 45.19 1.17 -4.52
C LEU F 329 46.21 1.22 -3.39
N PHE F 330 46.16 0.29 -2.43
CA PHE F 330 47.17 0.19 -1.39
C PHE F 330 48.19 -0.92 -1.62
N GLN F 331 48.07 -1.67 -2.72
CA GLN F 331 49.00 -2.76 -2.99
C GLN F 331 50.43 -2.24 -3.05
N GLY F 332 51.27 -2.73 -2.14
CA GLY F 332 52.67 -2.35 -2.09
C GLY F 332 53.02 -1.35 -1.02
N LYS F 333 52.07 -0.93 -0.21
CA LYS F 333 52.53 -0.01 0.81
C LYS F 333 52.74 -0.72 2.14
N PRO F 334 53.84 -0.42 2.83
CA PRO F 334 54.09 -1.09 4.11
C PRO F 334 53.02 -0.70 5.11
N HIS F 335 52.56 -1.70 5.86
CA HIS F 335 51.42 -1.51 6.75
C HIS F 335 51.72 -0.49 7.85
N SER F 336 52.99 -0.36 8.26
CA SER F 336 53.34 0.67 9.22
C SER F 336 53.04 2.07 8.67
N ALA F 337 53.20 2.25 7.35
CA ALA F 337 52.90 3.54 6.74
C ALA F 337 51.40 3.79 6.66
N LEU F 338 50.63 2.76 6.28
CA LEU F 338 49.18 2.90 6.27
C LEU F 338 48.65 3.19 7.67
N GLU F 339 49.17 2.51 8.68
CA GLU F 339 48.74 2.77 10.06
C GLU F 339 49.14 4.18 10.48
N ASN F 340 50.36 4.61 10.13
CA ASN F 340 50.76 5.99 10.41
C ASN F 340 49.86 6.97 9.67
N ALA F 341 49.51 6.67 8.42
CA ALA F 341 48.60 7.54 7.68
C ALA F 341 47.22 7.55 8.32
N ALA F 342 46.79 6.39 8.83
CA ALA F 342 45.50 6.32 9.53
C ALA F 342 45.49 7.24 10.74
N LYS F 343 46.57 7.20 11.53
CA LYS F 343 46.66 8.05 12.71
C LYS F 343 46.63 9.53 12.33
N GLN F 344 47.40 9.91 11.31
CA GLN F 344 47.50 11.32 10.95
C GLN F 344 46.18 11.80 10.34
N THR F 345 45.53 10.98 9.52
CA THR F 345 44.24 11.35 8.96
C THR F 345 43.19 11.52 10.06
N TRP F 346 43.20 10.63 11.05
CA TRP F 346 42.25 10.77 12.16
C TRP F 346 42.52 12.03 12.96
N ARG F 347 43.79 12.32 13.27
CA ARG F 347 44.11 13.55 14.00
C ARG F 347 43.65 14.77 13.23
N LEU F 348 43.77 14.75 11.90
CA LEU F 348 43.28 15.85 11.08
C LEU F 348 41.75 15.90 11.09
N ALA F 349 41.11 14.77 10.83
CA ALA F 349 39.66 14.74 10.77
C ALA F 349 39.05 15.11 12.11
N ARG F 350 39.59 14.58 13.20
CA ARG F 350 39.06 14.89 14.53
C ARG F 350 39.04 16.39 14.77
N GLU F 351 40.13 17.08 14.43
CA GLU F 351 40.23 18.51 14.72
C GLU F 351 39.30 19.33 13.84
N ILE F 352 38.95 18.83 12.65
CA ILE F 352 38.12 19.63 11.75
C ILE F 352 36.67 19.63 12.21
N LEU F 353 36.12 18.45 12.52
CA LEU F 353 34.73 18.40 12.98
C LEU F 353 34.61 18.93 14.40
N THR F 354 35.61 18.66 15.25
CA THR F 354 35.58 19.17 16.63
C THR F 354 35.57 20.69 16.63
N ASN F 355 36.40 21.31 15.80
CA ASN F 355 36.49 22.78 15.72
C ASN F 355 36.71 23.17 14.27
N PRO F 356 35.64 23.51 13.54
CA PRO F 356 35.81 23.90 12.12
C PRO F 356 36.67 25.13 11.91
N LYS F 357 36.78 26.01 12.91
CA LYS F 357 37.63 27.19 12.77
C LYS F 357 39.12 26.83 12.65
N SER F 358 39.50 25.60 13.00
CA SER F 358 40.88 25.16 12.84
C SER F 358 41.33 25.20 11.39
N LEU F 359 40.40 25.11 10.43
CA LEU F 359 40.76 25.16 9.02
C LEU F 359 41.53 26.42 8.64
N GLU F 360 41.34 27.50 9.41
CA GLU F 360 42.08 28.74 9.12
C GLU F 360 43.58 28.53 9.21
N LYS F 361 44.03 27.63 10.07
CA LYS F 361 45.45 27.34 10.24
C LYS F 361 45.86 26.01 9.63
N LEU F 362 44.98 25.39 8.84
CA LEU F 362 45.31 24.13 8.17
C LEU F 362 45.69 24.38 6.72
N GLY G 1 20.47 10.99 19.64
CA GLY G 1 20.90 11.28 21.00
C GLY G 1 21.91 10.28 21.53
N ALA G 2 23.16 10.71 21.61
CA ALA G 2 24.23 9.80 22.04
C ALA G 2 24.20 9.57 23.54
N MET G 3 23.90 10.60 24.32
CA MET G 3 23.84 10.45 25.77
C MET G 3 22.53 9.86 26.24
N ASP G 4 21.56 9.68 25.35
CA ASP G 4 20.29 9.08 25.74
C ASP G 4 20.29 7.57 25.57
N ILE G 5 21.13 7.03 24.69
CA ILE G 5 21.25 5.57 24.63
C ILE G 5 21.95 5.07 25.89
N ALA G 6 22.88 5.84 26.43
CA ALA G 6 23.50 5.46 27.70
C ALA G 6 22.52 5.57 28.85
N ALA G 7 21.67 6.62 28.82
CA ALA G 7 20.68 6.80 29.87
C ALA G 7 19.54 5.79 29.72
N GLN G 8 19.13 5.50 28.49
CA GLN G 8 18.10 4.48 28.28
C GLN G 8 18.61 3.11 28.73
N ALA G 9 19.87 2.81 28.42
CA ALA G 9 20.46 1.55 28.86
C ALA G 9 20.65 1.51 30.37
N LYS G 10 21.04 2.65 30.97
CA LYS G 10 21.28 2.68 32.41
C LYS G 10 20.00 2.39 33.19
N LEU G 11 18.87 2.91 32.73
CA LEU G 11 17.60 2.60 33.39
C LEU G 11 17.25 1.13 33.28
N VAL G 12 17.47 0.54 32.10
CA VAL G 12 17.17 -0.88 31.91
C VAL G 12 18.06 -1.74 32.79
N TYR G 13 19.33 -1.37 32.93
CA TYR G 13 20.25 -2.16 33.75
C TYR G 13 19.80 -2.18 35.21
N HIS G 14 19.46 -1.01 35.76
CA HIS G 14 19.13 -0.94 37.18
C HIS G 14 17.72 -1.45 37.47
N LEU G 15 16.80 -1.37 36.50
CA LEU G 15 15.49 -2.00 36.68
C LEU G 15 15.63 -3.52 36.77
N ASN G 16 16.50 -4.10 35.95
CA ASN G 16 16.71 -5.54 36.01
C ASN G 16 17.38 -5.96 37.31
N LYS G 17 18.31 -5.14 37.82
CA LYS G 17 18.85 -5.40 39.15
C LYS G 17 17.75 -5.32 40.19
N TYR G 18 16.88 -4.31 40.08
CA TYR G 18 15.75 -4.20 41.01
C TYR G 18 14.87 -5.44 40.95
N TYR G 19 14.58 -5.93 39.74
CA TYR G 19 13.79 -7.15 39.61
C TYR G 19 14.50 -8.35 40.22
N ASN G 20 15.79 -8.50 39.93
CA ASN G 20 16.53 -9.66 40.41
C ASN G 20 16.79 -9.59 41.92
N GLU G 21 16.82 -8.40 42.50
CA GLU G 21 17.09 -8.27 43.93
C GLU G 21 15.78 -8.15 44.71
N LYS G 22 15.14 -6.99 44.61
CA LYS G 22 13.97 -6.69 45.43
C LYS G 22 12.76 -7.53 45.00
N CYS G 23 12.51 -7.64 43.69
CA CYS G 23 11.32 -8.35 43.24
C CYS G 23 11.42 -9.85 43.50
N GLN G 24 12.58 -10.45 43.27
CA GLN G 24 12.73 -11.88 43.53
C GLN G 24 12.68 -12.16 45.03
N ALA G 25 13.25 -11.26 45.85
CA ALA G 25 13.11 -11.41 47.29
C ALA G 25 11.64 -11.33 47.69
N ARG G 26 10.88 -10.43 47.08
CA ARG G 26 9.46 -10.34 47.34
C ARG G 26 8.76 -11.66 46.98
N LYS G 27 9.11 -12.25 45.84
CA LYS G 27 8.50 -13.51 45.44
C LYS G 27 8.78 -14.62 46.45
N ALA G 28 10.00 -14.68 46.97
CA ALA G 28 10.36 -15.73 47.91
C ALA G 28 9.70 -15.53 49.26
N ALA G 29 9.68 -14.28 49.75
CA ALA G 29 9.12 -14.00 51.07
C ALA G 29 7.62 -14.28 51.09
N ILE G 30 6.90 -13.90 50.03
CA ILE G 30 5.47 -14.13 50.00
C ILE G 30 5.18 -15.62 49.92
N ALA G 31 6.00 -16.37 49.18
CA ALA G 31 5.84 -17.83 49.12
C ALA G 31 6.02 -18.45 50.50
N LYS G 32 7.00 -17.98 51.27
CA LYS G 32 7.17 -18.46 52.64
C LYS G 32 5.96 -18.12 53.49
N THR G 33 5.46 -16.89 53.36
CA THR G 33 4.25 -16.51 54.07
C THR G 33 3.05 -17.31 53.57
N ILE G 34 2.98 -17.57 52.27
CA ILE G 34 1.87 -18.31 51.70
C ILE G 34 1.84 -19.74 52.22
N ARG G 35 3.03 -20.34 52.41
CA ARG G 35 3.08 -21.72 52.89
C ARG G 35 2.56 -21.84 54.31
N GLU G 36 2.90 -20.88 55.18
CA GLU G 36 2.39 -20.88 56.54
C GLU G 36 0.92 -20.49 56.60
N VAL G 37 0.44 -19.76 55.61
CA VAL G 37 -0.94 -19.28 55.62
C VAL G 37 -1.89 -20.25 54.91
N CYS G 38 -1.43 -20.91 53.84
CA CYS G 38 -2.31 -21.83 53.12
C CYS G 38 -2.59 -23.09 53.92
N LYS G 39 -1.80 -23.36 54.96
CA LYS G 39 -2.10 -24.47 55.85
C LYS G 39 -3.25 -24.11 56.78
N VAL G 40 -3.11 -22.99 57.50
CA VAL G 40 -4.15 -22.52 58.42
C VAL G 40 -5.49 -22.45 57.71
N VAL G 41 -5.48 -22.04 56.45
CA VAL G 41 -6.72 -21.96 55.69
C VAL G 41 -7.29 -23.35 55.45
N SER G 42 -6.40 -24.32 55.17
CA SER G 42 -6.85 -25.69 54.96
C SER G 42 -7.42 -26.31 56.23
N ASP G 43 -6.83 -26.01 57.39
CA ASP G 43 -7.36 -26.53 58.65
C ASP G 43 -8.71 -25.90 58.95
N VAL G 44 -8.84 -24.60 58.71
CA VAL G 44 -10.13 -23.94 58.88
C VAL G 44 -11.16 -24.49 57.90
N LEU G 45 -10.76 -24.71 56.64
CA LEU G 45 -11.72 -25.16 55.64
C LEU G 45 -12.11 -26.63 55.74
N LYS G 46 -11.34 -27.46 56.44
CA LYS G 46 -11.74 -28.85 56.58
C LYS G 46 -12.70 -29.05 57.74
N GLU G 47 -12.53 -28.29 58.82
CA GLU G 47 -13.57 -28.21 59.84
C GLU G 47 -14.86 -27.69 59.24
N VAL G 48 -14.77 -26.76 58.29
CA VAL G 48 -15.96 -26.29 57.58
C VAL G 48 -16.67 -27.44 56.89
N GLU G 49 -15.94 -28.24 56.11
CA GLU G 49 -16.59 -29.29 55.34
C GLU G 49 -17.03 -30.47 56.21
N VAL G 50 -16.47 -30.62 57.41
CA VAL G 50 -17.00 -31.63 58.31
C VAL G 50 -18.46 -31.31 58.61
N GLN G 51 -18.76 -30.02 58.75
CA GLN G 51 -20.15 -29.56 58.86
C GLN G 51 -20.88 -29.56 57.51
N GLU G 52 -20.16 -29.36 56.40
CA GLU G 52 -20.79 -29.17 55.10
C GLU G 52 -19.94 -29.72 53.96
N PRO G 53 -20.26 -30.93 53.47
CA PRO G 53 -19.43 -31.53 52.41
C PRO G 53 -19.48 -30.82 51.06
N ARG G 54 -20.44 -29.92 50.82
CA ARG G 54 -20.47 -29.23 49.52
C ARG G 54 -19.37 -28.20 49.34
N PHE G 55 -18.78 -27.70 50.43
CA PHE G 55 -17.67 -26.76 50.33
C PHE G 55 -16.37 -27.54 50.43
N ILE G 56 -15.79 -27.86 49.28
CA ILE G 56 -14.51 -28.57 49.20
C ILE G 56 -13.40 -27.55 48.98
N SER G 57 -12.35 -27.65 49.77
CA SER G 57 -11.22 -26.73 49.63
C SER G 57 -10.46 -27.04 48.35
N SER G 58 -10.17 -25.98 47.58
CA SER G 58 -9.39 -26.09 46.36
C SER G 58 -7.95 -25.61 46.55
N LEU G 59 -7.56 -25.29 47.78
CA LEU G 59 -6.23 -24.79 48.07
C LEU G 59 -5.19 -25.89 47.85
N ASN G 60 -4.92 -26.22 46.59
CA ASN G 60 -4.00 -27.29 46.23
C ASN G 60 -2.86 -26.71 45.41
N GLU G 61 -1.64 -26.84 45.92
CA GLU G 61 -0.47 -26.27 45.27
C GLU G 61 -0.16 -27.02 43.98
N MET G 62 -0.22 -26.31 42.85
CA MET G 62 -0.10 -26.90 41.52
C MET G 62 0.85 -26.06 40.68
N ASP G 63 1.82 -26.73 40.04
CA ASP G 63 2.83 -26.07 39.20
C ASP G 63 3.68 -25.09 40.00
N ASN G 64 3.96 -25.42 41.25
CA ASN G 64 4.75 -24.65 42.22
C ASN G 64 4.01 -23.44 42.76
N ARG G 65 2.71 -23.32 42.47
CA ARG G 65 1.90 -22.23 43.00
C ARG G 65 0.56 -22.79 43.46
N TYR G 66 -0.05 -22.11 44.42
CA TYR G 66 -1.35 -22.51 44.96
C TYR G 66 -2.41 -21.88 44.06
N GLU G 67 -2.84 -22.63 43.04
CA GLU G 67 -3.69 -22.07 42.01
C GLU G 67 -5.04 -21.64 42.58
N GLY G 68 -5.57 -20.55 42.03
CA GLY G 68 -6.78 -19.93 42.54
C GLY G 68 -6.54 -18.87 43.59
N LEU G 69 -5.29 -18.66 44.00
CA LEU G 69 -4.94 -17.71 45.04
C LEU G 69 -4.43 -16.42 44.42
N GLU G 70 -4.87 -15.28 44.97
CA GLU G 70 -4.45 -13.98 44.49
C GLU G 70 -3.73 -13.24 45.61
N VAL G 71 -2.59 -12.66 45.27
CA VAL G 71 -1.83 -11.86 46.22
C VAL G 71 -2.22 -10.40 46.07
N ILE G 72 -2.64 -9.80 47.18
CA ILE G 72 -2.94 -8.39 47.25
C ILE G 72 -1.84 -7.59 47.93
N SER G 73 -1.17 -8.18 48.92
CA SER G 73 -0.16 -7.52 49.74
C SER G 73 0.75 -8.59 50.31
N PRO G 74 1.93 -8.21 50.83
CA PRO G 74 2.74 -9.21 51.54
C PRO G 74 2.02 -9.84 52.72
N THR G 75 0.94 -9.21 53.21
CA THR G 75 0.19 -9.72 54.36
C THR G 75 -1.29 -9.90 54.06
N GLU G 76 -1.72 -9.76 52.81
CA GLU G 76 -3.12 -9.88 52.44
C GLU G 76 -3.25 -10.79 51.23
N PHE G 77 -4.24 -11.67 51.28
CA PHE G 77 -4.41 -12.67 50.24
C PHE G 77 -5.90 -12.90 50.01
N GLU G 78 -6.22 -13.42 48.84
CA GLU G 78 -7.58 -13.84 48.51
C GLU G 78 -7.51 -15.27 48.00
N VAL G 79 -8.21 -16.17 48.67
CA VAL G 79 -8.35 -17.55 48.23
C VAL G 79 -9.71 -17.67 47.57
N VAL G 80 -9.71 -18.03 46.29
CA VAL G 80 -10.94 -18.26 45.55
C VAL G 80 -11.29 -19.73 45.72
N LEU G 81 -12.42 -20.00 46.36
CA LEU G 81 -12.84 -21.35 46.67
C LEU G 81 -13.80 -21.78 45.57
N TYR G 82 -13.32 -22.65 44.69
CA TYR G 82 -14.12 -23.07 43.54
C TYR G 82 -15.12 -24.13 43.97
N LEU G 83 -16.37 -23.92 43.63
CA LEU G 83 -17.43 -24.80 44.04
C LEU G 83 -17.74 -25.72 42.88
N GLN G 85 -17.07 -26.79 37.35
CA GLN G 85 -18.22 -27.62 37.05
C GLN G 85 -19.39 -26.73 36.63
N MET G 86 -20.62 -27.18 36.89
CA MET G 86 -21.78 -26.38 36.49
C MET G 86 -23.01 -26.87 37.23
N GLY G 87 -23.90 -25.93 37.52
CA GLY G 87 -25.30 -26.20 37.70
C GLY G 87 -26.06 -26.04 36.39
N VAL G 88 -27.39 -26.06 36.50
CA VAL G 88 -28.23 -25.80 35.35
C VAL G 88 -28.28 -24.29 35.13
N PHE G 89 -27.43 -23.56 35.83
CA PHE G 89 -27.46 -22.10 35.82
C PHE G 89 -26.90 -21.55 34.52
N ASN G 90 -27.67 -20.68 33.87
CA ASN G 90 -27.19 -19.92 32.72
C ASN G 90 -26.62 -18.59 33.20
N PHE G 91 -25.46 -18.22 32.67
CA PHE G 91 -24.87 -16.94 33.01
C PHE G 91 -25.50 -15.86 32.13
N VAL G 92 -26.14 -14.89 32.75
CA VAL G 92 -26.86 -13.82 32.06
C VAL G 92 -26.10 -12.53 32.27
N ASP G 93 -25.84 -11.81 31.17
CA ASP G 93 -25.04 -10.59 31.18
C ASP G 93 -25.85 -9.49 30.53
N ASP G 94 -26.64 -8.78 31.33
CA ASP G 94 -27.24 -7.53 30.85
C ASP G 94 -26.33 -6.44 31.41
N GLY G 95 -26.71 -5.18 31.25
CA GLY G 95 -25.79 -4.07 31.42
C GLY G 95 -25.83 -3.43 32.79
N SER G 96 -26.91 -3.67 33.54
CA SER G 96 -27.13 -3.03 34.83
C SER G 96 -26.07 -3.39 35.88
N LEU G 97 -25.31 -4.45 35.67
CA LEU G 97 -24.45 -5.00 36.72
C LEU G 97 -22.97 -4.80 36.40
N PRO G 98 -22.44 -3.59 36.51
CA PRO G 98 -21.08 -3.34 36.01
C PRO G 98 -20.07 -4.18 36.78
N GLY G 99 -19.31 -4.97 36.05
CA GLY G 99 -18.36 -5.87 36.67
C GLY G 99 -18.98 -7.06 37.37
N CYS G 100 -20.30 -7.24 37.26
CA CYS G 100 -21.02 -8.27 38.00
C CYS G 100 -21.94 -9.06 37.08
N ALA G 101 -22.38 -10.23 37.54
CA ALA G 101 -23.28 -11.07 36.76
C ALA G 101 -24.21 -11.86 37.68
N VAL G 102 -25.11 -12.63 37.07
CA VAL G 102 -26.19 -13.34 37.76
C VAL G 102 -26.35 -14.73 37.13
N LEU G 103 -26.83 -15.68 37.93
CA LEU G 103 -26.99 -17.07 37.52
C LEU G 103 -28.45 -17.52 37.65
N LYS G 104 -29.05 -17.95 36.53
CA LYS G 104 -30.44 -18.39 36.46
C LYS G 104 -30.56 -19.74 35.75
N LEU G 105 -31.62 -20.49 36.08
CA LEU G 105 -31.95 -21.76 35.43
C LEU G 105 -31.85 -21.68 33.90
N MET G 113 -34.70 -28.18 41.53
CA MET G 113 -33.82 -28.89 42.45
C MET G 113 -32.37 -28.81 41.96
N SER G 114 -31.43 -28.81 42.91
CA SER G 114 -30.05 -28.41 42.64
C SER G 114 -29.21 -28.69 43.87
N LEU G 115 -27.89 -28.71 43.68
CA LEU G 115 -26.99 -28.91 44.81
C LEU G 115 -27.03 -27.74 45.77
N TRP G 116 -27.39 -26.55 45.28
CA TRP G 116 -27.43 -25.33 46.07
C TRP G 116 -28.87 -24.82 46.13
N VAL G 117 -29.84 -25.75 46.16
CA VAL G 117 -31.25 -25.41 45.94
C VAL G 117 -31.73 -24.33 46.91
N GLU G 118 -31.28 -24.38 48.17
CA GLU G 118 -31.77 -23.41 49.15
C GLU G 118 -31.28 -22.00 48.84
N PHE G 119 -30.23 -21.86 48.03
CA PHE G 119 -29.65 -20.57 47.70
C PHE G 119 -30.21 -19.97 46.42
N ILE G 120 -31.18 -20.63 45.79
CA ILE G 120 -31.86 -20.09 44.62
C ILE G 120 -33.02 -19.24 45.09
N THR G 121 -33.13 -18.03 44.57
CA THR G 121 -34.19 -17.13 45.01
C THR G 121 -35.54 -17.61 44.47
N ALA G 122 -36.60 -16.94 44.91
CA ALA G 122 -37.92 -17.24 44.35
C ALA G 122 -37.99 -16.88 42.88
N SER G 123 -37.32 -15.80 42.47
CA SER G 123 -37.22 -15.46 41.05
C SER G 123 -36.38 -16.47 40.28
N GLY G 124 -35.61 -17.30 40.96
CA GLY G 124 -34.81 -18.31 40.31
C GLY G 124 -33.35 -18.00 40.13
N TYR G 125 -32.81 -17.02 40.86
CA TYR G 125 -31.42 -16.63 40.73
C TYR G 125 -30.61 -17.23 41.86
N LEU G 126 -29.40 -17.69 41.54
CA LEU G 126 -28.50 -18.22 42.56
C LEU G 126 -27.85 -17.05 43.30
N SER G 127 -28.13 -16.95 44.59
CA SER G 127 -27.76 -15.76 45.35
C SER G 127 -26.32 -15.87 45.82
N ALA G 128 -25.48 -14.93 45.38
CA ALA G 128 -24.12 -14.86 45.88
C ALA G 128 -24.09 -14.49 47.36
N ARG G 129 -25.09 -13.75 47.83
CA ARG G 129 -25.11 -13.31 49.22
C ARG G 129 -25.53 -14.43 50.16
N LYS G 130 -26.60 -15.15 49.81
CA LYS G 130 -27.03 -16.29 50.63
C LYS G 130 -25.90 -17.30 50.78
N ILE G 131 -25.20 -17.59 49.69
CA ILE G 131 -24.07 -18.51 49.74
C ILE G 131 -22.96 -17.95 50.64
N ARG G 132 -22.65 -16.67 50.46
CA ARG G 132 -21.60 -16.04 51.27
C ARG G 132 -22.00 -15.98 52.75
N SER G 133 -23.27 -15.70 53.04
CA SER G 133 -23.70 -15.63 54.43
C SER G 133 -23.64 -17.00 55.11
N ARG G 134 -23.91 -18.07 54.36
CA ARG G 134 -23.86 -19.42 54.92
C ARG G 134 -22.43 -19.83 55.22
N PHE G 135 -21.59 -19.91 54.19
CA PHE G 135 -20.17 -20.22 54.28
C PHE G 135 -19.51 -19.45 55.43
N GLN G 136 -19.94 -18.21 55.64
CA GLN G 136 -19.38 -17.40 56.71
C GLN G 136 -19.65 -18.01 58.09
N THR G 137 -20.88 -18.48 58.32
CA THR G 137 -21.18 -19.13 59.59
C THR G 137 -20.37 -20.41 59.77
N LEU G 138 -20.16 -21.15 58.68
CA LEU G 138 -19.38 -22.38 58.76
C LEU G 138 -17.93 -22.10 59.15
N VAL G 139 -17.34 -21.06 58.55
CA VAL G 139 -15.93 -20.77 58.81
C VAL G 139 -15.72 -20.26 60.23
N ALA G 140 -16.61 -19.39 60.71
CA ALA G 140 -16.49 -18.88 62.07
C ALA G 140 -16.59 -20.00 63.09
N GLN G 141 -17.41 -21.00 62.81
CA GLN G 141 -17.49 -22.17 63.69
C GLN G 141 -16.26 -23.05 63.49
N ALA G 142 -15.76 -23.14 62.25
CA ALA G 142 -14.52 -23.88 62.03
C ALA G 142 -13.35 -23.18 62.71
N VAL G 143 -13.33 -21.85 62.64
CA VAL G 143 -12.32 -21.05 63.32
C VAL G 143 -12.46 -21.18 64.83
N ASP G 144 -13.57 -21.74 65.30
CA ASP G 144 -13.87 -21.95 66.71
C ASP G 144 -13.36 -23.28 67.24
N LYS G 145 -13.25 -24.30 66.39
CA LYS G 145 -12.77 -25.61 66.80
C LYS G 145 -11.38 -25.94 66.26
N CYS G 146 -10.92 -25.26 65.22
CA CYS G 146 -9.77 -25.69 64.43
C CYS G 146 -8.52 -25.83 65.28
N SER G 147 -7.52 -26.49 64.69
CA SER G 147 -6.25 -26.73 65.37
C SER G 147 -5.55 -25.43 65.71
N TYR G 148 -5.72 -24.40 64.87
CA TYR G 148 -5.05 -23.12 65.03
C TYR G 148 -5.89 -22.10 65.79
N ARG G 149 -6.67 -22.54 66.78
CA ARG G 149 -7.77 -21.73 67.30
C ARG G 149 -7.29 -20.39 67.84
N ASP G 150 -6.29 -20.40 68.72
CA ASP G 150 -5.88 -19.16 69.37
C ASP G 150 -5.08 -18.25 68.44
N VAL G 151 -4.54 -18.77 67.35
CA VAL G 151 -3.70 -17.98 66.46
C VAL G 151 -4.38 -17.65 65.16
N VAL G 152 -5.59 -18.16 64.93
CA VAL G 152 -6.40 -17.79 63.77
C VAL G 152 -7.79 -17.39 64.28
N LYS G 153 -8.15 -16.14 64.03
CA LYS G 153 -9.46 -15.61 64.33
C LYS G 153 -10.08 -15.10 63.04
N MET G 154 -11.37 -14.83 63.07
CA MET G 154 -12.10 -14.45 61.87
C MET G 154 -12.54 -13.00 61.97
N VAL G 155 -12.35 -12.26 60.87
CA VAL G 155 -12.60 -10.83 60.82
C VAL G 155 -14.11 -10.55 60.84
N ALA G 156 -14.50 -9.54 61.63
CA ALA G 156 -15.89 -9.16 61.82
C ALA G 156 -16.24 -7.93 60.98
N ASP G 157 -17.46 -7.41 61.18
CA ASP G 157 -17.95 -6.19 60.54
C ASP G 157 -17.99 -6.31 59.02
N THR G 158 -18.15 -7.52 58.48
CA THR G 158 -18.04 -7.68 57.04
C THR G 158 -18.83 -8.87 56.55
N SER G 159 -19.40 -8.73 55.35
CA SER G 159 -20.07 -9.83 54.67
C SER G 159 -19.08 -10.80 54.04
N GLU G 160 -17.80 -10.47 54.04
CA GLU G 160 -16.78 -11.35 53.50
C GLU G 160 -16.23 -12.28 54.58
N VAL G 161 -15.80 -13.46 54.15
CA VAL G 161 -15.14 -14.41 55.04
C VAL G 161 -13.65 -14.11 54.97
N LYS G 162 -13.12 -13.54 56.05
CA LYS G 162 -11.70 -13.21 56.13
C LYS G 162 -11.10 -13.78 57.40
N LEU G 163 -9.97 -14.45 57.28
CA LEU G 163 -9.25 -15.01 58.41
C LEU G 163 -8.04 -14.14 58.72
N ARG G 164 -7.85 -13.83 60.00
CA ARG G 164 -6.65 -13.15 60.47
C ARG G 164 -5.81 -14.19 61.20
N ILE G 165 -4.60 -14.44 60.70
CA ILE G 165 -3.77 -15.58 61.11
C ILE G 165 -2.54 -15.02 61.83
N ARG G 166 -2.25 -15.57 63.02
CA ARG G 166 -1.04 -15.21 63.78
C ARG G 166 -1.03 -13.71 64.10
N ASP G 167 -2.10 -13.01 63.71
CA ASP G 167 -2.32 -11.58 63.97
C ASP G 167 -1.42 -10.69 63.11
N ARG G 168 -0.90 -11.19 61.99
CA ARG G 168 -0.23 -10.32 61.03
C ARG G 168 -0.48 -10.73 59.58
N TYR G 169 -1.36 -11.70 59.33
CA TYR G 169 -1.75 -12.09 57.99
C TYR G 169 -3.27 -12.14 57.91
N VAL G 170 -3.82 -11.68 56.78
CA VAL G 170 -5.25 -11.67 56.53
C VAL G 170 -5.54 -12.42 55.23
N VAL G 171 -6.51 -13.33 55.27
CA VAL G 171 -6.89 -14.14 54.12
C VAL G 171 -8.39 -14.02 53.89
N GLN G 172 -8.78 -13.55 52.71
CA GLN G 172 -10.18 -13.55 52.30
C GLN G 172 -10.46 -14.83 51.52
N ILE G 173 -11.54 -15.53 51.86
CA ILE G 173 -11.95 -16.76 51.18
C ILE G 173 -13.26 -16.47 50.46
N THR G 174 -13.23 -16.49 49.12
CA THR G 174 -14.36 -16.06 48.29
C THR G 174 -14.95 -17.24 47.54
N PRO G 175 -16.21 -17.60 47.81
CA PRO G 175 -16.85 -18.64 47.02
C PRO G 175 -16.97 -18.22 45.56
N ALA G 176 -16.80 -19.18 44.65
CA ALA G 176 -16.72 -18.83 43.24
C ALA G 176 -17.06 -20.02 42.37
N PHE G 177 -17.44 -19.72 41.13
CA PHE G 177 -17.64 -20.71 40.09
C PHE G 177 -16.70 -20.41 38.92
N LYS G 178 -16.06 -21.45 38.41
CA LYS G 178 -15.14 -21.33 37.27
C LYS G 178 -15.87 -21.56 35.95
N CYS G 179 -15.76 -20.59 35.05
CA CYS G 179 -16.27 -20.70 33.69
C CYS G 179 -15.09 -20.77 32.73
N THR G 180 -15.03 -21.82 31.92
CA THR G 180 -13.99 -21.97 30.92
C THR G 180 -14.59 -21.96 29.52
N GLY G 181 -13.79 -21.50 28.56
CA GLY G 181 -14.17 -21.49 27.16
C GLY G 181 -15.22 -20.47 26.77
N ILE G 182 -15.85 -19.79 27.72
CA ILE G 182 -16.89 -18.83 27.42
C ILE G 182 -16.43 -17.44 27.85
N TRP G 183 -17.06 -16.42 27.26
CA TRP G 183 -16.71 -15.05 27.49
C TRP G 183 -17.98 -14.25 27.80
N PRO G 184 -17.95 -13.38 28.81
CA PRO G 184 -19.18 -12.67 29.18
C PRO G 184 -19.53 -11.63 28.13
N ARG G 185 -20.84 -11.41 27.95
CA ARG G 185 -21.32 -10.65 26.81
C ARG G 185 -21.12 -9.14 26.98
N SER G 186 -21.10 -8.64 28.23
CA SER G 186 -20.71 -7.26 28.47
C SER G 186 -19.27 -6.99 28.05
N ALA G 187 -18.49 -8.04 27.80
CA ALA G 187 -17.12 -7.92 27.33
C ALA G 187 -16.94 -8.48 25.94
N ALA G 188 -18.03 -8.93 25.29
CA ALA G 188 -17.93 -9.51 23.96
C ALA G 188 -17.55 -8.48 22.90
N HIS G 189 -17.67 -7.18 23.22
CA HIS G 189 -17.24 -6.14 22.30
C HIS G 189 -15.73 -6.14 22.14
N TRP G 190 -15.01 -6.58 23.17
CA TRP G 190 -13.55 -6.57 23.16
C TRP G 190 -12.99 -7.66 22.26
N PRO G 191 -11.94 -7.33 21.49
CA PRO G 191 -11.34 -5.99 21.41
C PRO G 191 -12.03 -5.06 20.42
N LEU G 192 -12.00 -3.76 20.74
CA LEU G 192 -12.59 -2.77 19.84
C LEU G 192 -11.77 -2.72 18.56
N PRO G 193 -12.43 -2.66 17.39
CA PRO G 193 -11.69 -2.78 16.12
C PRO G 193 -10.63 -1.71 15.90
N HIS G 194 -10.78 -0.53 16.50
CA HIS G 194 -9.81 0.54 16.24
C HIS G 194 -8.42 0.22 16.77
N ILE G 195 -8.30 -0.71 17.72
CA ILE G 195 -7.03 -0.98 18.38
C ILE G 195 -6.29 -2.11 17.68
N PRO G 196 -5.02 -1.91 17.30
CA PRO G 196 -4.25 -2.99 16.64
C PRO G 196 -3.92 -4.16 17.55
N TRP G 197 -4.10 -4.05 18.86
CA TRP G 197 -3.61 -5.07 19.78
C TRP G 197 -4.71 -5.63 20.70
N PRO G 198 -4.70 -6.95 20.92
CA PRO G 198 -3.72 -7.88 20.33
C PRO G 198 -4.17 -8.48 19.00
N GLY G 199 -3.29 -9.27 18.39
CA GLY G 199 -3.61 -10.02 17.21
C GLY G 199 -4.84 -10.89 17.39
N PRO G 200 -5.38 -11.41 16.28
CA PRO G 200 -6.59 -12.22 16.38
C PRO G 200 -6.39 -13.51 17.16
N ASN G 201 -5.22 -14.14 17.04
CA ASN G 201 -4.99 -15.42 17.70
C ASN G 201 -4.83 -15.25 19.21
N ARG G 202 -4.27 -14.12 19.65
CA ARG G 202 -4.14 -13.88 21.08
C ARG G 202 -5.50 -13.61 21.73
N VAL G 203 -6.39 -12.94 21.01
CA VAL G 203 -7.75 -12.73 21.49
C VAL G 203 -8.43 -14.07 21.77
N ALA G 204 -8.25 -15.03 20.86
CA ALA G 204 -8.86 -16.35 21.04
C ALA G 204 -8.27 -17.07 22.25
N GLU G 205 -6.94 -17.03 22.40
CA GLU G 205 -6.30 -17.65 23.56
C GLU G 205 -6.86 -17.07 24.85
N VAL G 206 -7.07 -15.76 24.89
CA VAL G 206 -7.52 -15.10 26.11
C VAL G 206 -8.97 -15.50 26.42
N LYS G 207 -9.85 -15.45 25.41
CA LYS G 207 -11.24 -15.80 25.63
C LYS G 207 -11.39 -17.27 25.99
N ALA G 208 -10.45 -18.11 25.54
CA ALA G 208 -10.48 -19.53 25.88
C ALA G 208 -10.18 -19.77 27.35
N GLU G 209 -9.47 -18.84 28.02
CA GLU G 209 -9.23 -18.97 29.45
C GLU G 209 -10.50 -18.88 30.27
N GLY G 210 -11.56 -18.29 29.71
CA GLY G 210 -12.79 -18.15 30.44
C GLY G 210 -12.68 -17.07 31.51
N PHE G 211 -13.59 -17.15 32.48
CA PHE G 211 -13.67 -16.16 33.54
C PHE G 211 -14.21 -16.82 34.79
N ASN G 212 -14.15 -16.11 35.90
CA ASN G 212 -14.67 -16.61 37.17
C ASN G 212 -15.77 -15.68 37.68
N LEU G 213 -16.68 -16.28 38.43
CA LEU G 213 -17.75 -15.56 39.11
C LEU G 213 -17.51 -15.68 40.60
N LEU G 214 -17.27 -14.55 41.26
CA LEU G 214 -16.93 -14.54 42.68
C LEU G 214 -18.05 -13.92 43.48
N SER G 215 -18.31 -14.47 44.66
CA SER G 215 -19.30 -13.93 45.58
C SER G 215 -18.60 -12.95 46.51
N LYS G 216 -18.74 -11.66 46.21
CA LYS G 216 -18.20 -10.61 47.05
C LYS G 216 -19.00 -9.34 46.78
N GLU G 217 -18.79 -8.35 47.63
CA GLU G 217 -19.40 -7.05 47.44
C GLU G 217 -18.58 -6.21 46.47
N CYS G 218 -19.25 -5.28 45.79
CA CYS G 218 -18.56 -4.40 44.86
C CYS G 218 -19.06 -2.97 45.00
N HIS G 219 -20.27 -2.71 44.51
CA HIS G 219 -20.87 -1.38 44.58
C HIS G 219 -21.58 -1.23 45.92
N SER G 220 -20.75 -1.13 46.97
CA SER G 220 -21.23 -1.13 48.35
C SER G 220 -20.38 -0.23 49.22
N SER G 230 -29.65 -7.16 45.95
CA SER G 230 -28.59 -6.85 45.01
C SER G 230 -27.44 -7.84 45.12
N ASP G 231 -27.77 -9.13 45.06
CA ASP G 231 -26.80 -10.21 45.27
C ASP G 231 -26.30 -10.72 43.92
N ALA G 232 -25.22 -10.12 43.43
CA ALA G 232 -24.65 -10.56 42.16
C ALA G 232 -23.22 -11.03 42.36
N TRP G 233 -22.70 -11.66 41.32
CA TRP G 233 -21.37 -12.26 41.34
C TRP G 233 -20.40 -11.35 40.60
N VAL G 234 -19.20 -11.23 41.14
CA VAL G 234 -18.20 -10.31 40.59
C VAL G 234 -17.39 -11.03 39.51
N LEU G 235 -17.23 -10.38 38.37
CA LEU G 235 -16.45 -10.96 37.28
C LEU G 235 -14.96 -10.82 37.56
N GLN G 236 -14.21 -11.83 37.16
CA GLN G 236 -12.77 -11.87 37.38
C GLN G 236 -12.13 -12.61 36.22
N PHE G 237 -10.97 -12.11 35.80
CA PHE G 237 -10.31 -12.56 34.57
C PHE G 237 -8.86 -12.93 34.85
N ALA G 238 -8.61 -13.56 36.01
CA ALA G 238 -7.24 -13.84 36.43
C ALA G 238 -6.47 -14.63 35.37
N GLU G 239 -7.09 -15.69 34.82
CA GLU G 239 -6.41 -16.50 33.84
C GLU G 239 -6.38 -15.83 32.47
N ALA G 240 -7.45 -15.10 32.12
CA ALA G 240 -7.47 -14.42 30.83
C ALA G 240 -6.46 -13.28 30.81
N GLU G 241 -6.38 -12.51 31.90
CA GLU G 241 -5.40 -11.43 31.98
C GLU G 241 -3.98 -11.96 31.90
N ASN G 242 -3.72 -13.11 32.53
CA ASN G 242 -2.36 -13.66 32.51
C ASN G 242 -1.97 -14.09 31.09
N ARG G 243 -2.92 -14.64 30.33
CA ARG G 243 -2.63 -14.96 28.93
C ARG G 243 -2.50 -13.70 28.09
N LEU G 244 -3.25 -12.64 28.44
CA LEU G 244 -3.19 -11.40 27.68
C LEU G 244 -1.81 -10.75 27.78
N GLN G 245 -1.16 -10.87 28.93
CA GLN G 245 0.09 -10.18 29.20
C GLN G 245 1.31 -11.08 29.00
N MET G 246 1.15 -12.15 28.24
CA MET G 246 2.30 -12.99 27.91
C MET G 246 3.20 -12.30 26.89
N GLY G 247 4.49 -12.56 27.01
CA GLY G 247 5.45 -12.07 26.02
C GLY G 247 6.26 -10.89 26.49
N GLY G 248 7.54 -10.87 26.12
CA GLY G 248 8.40 -9.76 26.42
C GLY G 248 8.56 -9.51 27.91
N CYS G 249 8.73 -8.24 28.26
CA CYS G 249 8.93 -7.80 29.63
C CYS G 249 7.64 -7.31 30.29
N ARG G 250 6.48 -7.70 29.77
CA ARG G 250 5.21 -7.27 30.35
C ARG G 250 5.09 -7.72 31.81
N LYS G 251 5.22 -9.03 32.04
CA LYS G 251 5.10 -9.56 33.39
C LYS G 251 6.20 -9.02 34.30
N LYS G 252 7.40 -8.84 33.76
CA LYS G 252 8.49 -8.25 34.54
C LYS G 252 8.12 -6.84 34.99
N CYS G 253 7.49 -6.06 34.10
CA CYS G 253 7.03 -4.73 34.47
C CYS G 253 6.02 -4.78 35.59
N LEU G 254 5.08 -5.72 35.52
CA LEU G 254 4.07 -5.86 36.55
C LEU G 254 4.71 -6.20 37.89
N SER G 255 5.73 -7.06 37.89
CA SER G 255 6.39 -7.42 39.15
C SER G 255 7.08 -6.22 39.77
N ILE G 256 7.77 -5.41 38.94
CA ILE G 256 8.41 -4.20 39.45
C ILE G 256 7.37 -3.24 40.01
N LEU G 257 6.24 -3.10 39.32
CA LEU G 257 5.17 -2.23 39.79
C LEU G 257 4.62 -2.72 41.14
N LYS G 258 4.34 -4.03 41.25
CA LYS G 258 3.84 -4.57 42.51
C LYS G 258 4.85 -4.37 43.63
N THR G 259 6.14 -4.50 43.32
CA THR G 259 7.17 -4.35 44.35
C THR G 259 7.32 -2.90 44.77
N LEU G 260 7.32 -1.98 43.81
CA LEU G 260 7.37 -0.56 44.13
C LEU G 260 6.14 -0.13 44.91
N ARG G 261 4.97 -0.69 44.58
CA ARG G 261 3.75 -0.35 45.30
C ARG G 261 3.83 -0.79 46.74
N ASP G 262 4.28 -2.02 47.00
CA ASP G 262 4.43 -2.49 48.38
C ASP G 262 5.35 -1.57 49.19
N ARG G 263 6.44 -1.12 48.58
CA ARG G 263 7.50 -0.43 49.30
C ARG G 263 7.29 1.08 49.40
N HIS G 264 6.50 1.67 48.50
CA HIS G 264 6.36 3.13 48.50
C HIS G 264 4.94 3.64 48.31
N LEU G 265 3.99 2.82 47.86
CA LEU G 265 2.65 3.30 47.54
C LEU G 265 1.56 2.55 48.28
N GLU G 266 1.87 1.98 49.44
CA GLU G 266 0.85 1.44 50.34
C GLU G 266 0.40 2.58 51.24
N LEU G 267 -0.69 3.23 50.86
CA LEU G 267 -1.07 4.52 51.39
C LEU G 267 -2.37 4.44 52.18
N PRO G 268 -2.62 5.39 53.08
CA PRO G 268 -3.86 5.36 53.85
C PRO G 268 -5.09 5.35 52.96
N GLY G 269 -5.99 4.40 53.24
CA GLY G 269 -7.16 4.20 52.42
C GLY G 269 -7.00 3.23 51.28
N GLN G 270 -5.81 2.65 51.11
CA GLN G 270 -5.46 1.76 50.00
C GLN G 270 -5.95 2.33 48.66
N PRO G 271 -5.44 3.50 48.25
CA PRO G 271 -5.86 4.02 46.94
C PRO G 271 -5.35 3.18 45.78
N LEU G 272 -4.19 2.53 45.94
CA LEU G 272 -3.58 1.75 44.87
C LEU G 272 -3.37 0.33 45.34
N ASN G 273 -3.75 -0.63 44.50
CA ASN G 273 -3.53 -2.04 44.74
C ASN G 273 -2.88 -2.66 43.51
N ASN G 274 -2.52 -3.94 43.65
CA ASN G 274 -1.82 -4.62 42.57
C ASN G 274 -2.66 -4.72 41.31
N TYR G 275 -3.98 -4.78 41.45
CA TYR G 275 -4.84 -4.90 40.27
C TYR G 275 -4.87 -3.62 39.46
N HIS G 276 -4.62 -2.46 40.08
CA HIS G 276 -4.43 -1.24 39.29
C HIS G 276 -3.20 -1.36 38.40
N MET G 277 -2.08 -1.81 38.99
CA MET G 277 -0.87 -2.03 38.22
C MET G 277 -1.11 -2.98 37.06
N LYS G 278 -1.79 -4.09 37.32
CA LYS G 278 -2.04 -5.08 36.28
C LYS G 278 -2.90 -4.50 35.16
N THR G 279 -3.90 -3.69 35.51
CA THR G 279 -4.76 -3.10 34.49
C THR G 279 -3.99 -2.10 33.64
N LEU G 280 -3.10 -1.31 34.25
CA LEU G 280 -2.33 -0.32 33.51
C LEU G 280 -1.37 -0.98 32.53
N VAL G 281 -0.79 -2.13 32.92
CA VAL G 281 0.07 -2.86 32.00
C VAL G 281 -0.69 -3.26 30.75
N SER G 282 -1.94 -3.72 30.92
CA SER G 282 -2.76 -4.06 29.76
C SER G 282 -3.03 -2.84 28.88
N TYR G 283 -3.22 -1.68 29.50
CA TYR G 283 -3.53 -0.48 28.73
C TYR G 283 -2.31 0.04 27.99
N GLU G 284 -1.12 -0.05 28.60
CA GLU G 284 0.09 0.29 27.88
C GLU G 284 0.35 -0.66 26.73
N CYS G 285 -0.13 -1.91 26.84
CA CYS G 285 -0.01 -2.84 25.72
C CYS G 285 -0.85 -2.38 24.53
N GLU G 286 -2.01 -1.78 24.77
CA GLU G 286 -2.78 -1.24 23.66
C GLU G 286 -2.11 0.01 23.09
N LYS G 287 -1.62 0.89 23.97
CA LYS G 287 -0.92 2.08 23.49
C LYS G 287 0.27 1.72 22.63
N HIS G 288 1.03 0.68 23.03
CA HIS G 288 2.26 0.28 22.37
C HIS G 288 2.04 -1.14 21.87
N PRO G 289 1.43 -1.30 20.68
CA PRO G 289 0.94 -2.62 20.28
C PRO G 289 1.97 -3.56 19.68
N ARG G 290 3.09 -3.05 19.15
CA ARG G 290 4.10 -3.93 18.56
C ARG G 290 4.75 -4.78 19.64
N GLU G 291 5.08 -6.03 19.29
CA GLU G 291 5.83 -6.87 20.22
C GLU G 291 7.22 -6.30 20.49
N SER G 292 7.81 -5.63 19.50
CA SER G 292 9.12 -5.01 19.71
C SER G 292 9.05 -3.87 20.72
N ASP G 293 7.87 -3.28 20.95
CA ASP G 293 7.73 -2.28 21.99
C ASP G 293 7.86 -2.88 23.38
N TRP G 294 7.78 -4.19 23.51
CA TRP G 294 7.98 -4.89 24.78
C TRP G 294 9.20 -5.79 24.73
N ASP G 295 10.11 -5.51 23.79
CA ASP G 295 11.43 -6.10 23.81
C ASP G 295 12.11 -5.78 25.12
N GLU G 296 13.12 -6.57 25.47
CA GLU G 296 13.79 -6.36 26.75
C GLU G 296 14.43 -4.99 26.86
N SER G 297 14.89 -4.43 25.73
CA SER G 297 15.52 -3.12 25.76
C SER G 297 14.53 -2.00 26.04
N CYS G 298 13.24 -2.25 25.88
CA CYS G 298 12.20 -1.27 26.13
C CYS G 298 11.71 -1.26 27.57
N LEU G 299 12.34 -2.04 28.46
CA LEU G 299 11.84 -2.16 29.83
C LEU G 299 11.76 -0.81 30.53
N GLY G 300 12.76 0.05 30.32
CA GLY G 300 12.74 1.35 30.96
C GLY G 300 11.63 2.24 30.41
N ASP G 301 11.44 2.22 29.10
CA ASP G 301 10.37 3.00 28.50
C ASP G 301 9.00 2.53 28.98
N ARG G 302 8.81 1.21 29.09
CA ARG G 302 7.51 0.68 29.48
C ARG G 302 7.17 1.03 30.92
N LEU G 303 8.12 0.82 31.85
CA LEU G 303 7.84 1.15 33.24
C LEU G 303 7.62 2.65 33.41
N ASN G 304 8.43 3.47 32.75
CA ASN G 304 8.24 4.91 32.80
C ASN G 304 6.87 5.29 32.26
N GLY G 305 6.51 4.76 31.09
CA GLY G 305 5.20 5.04 30.53
C GLY G 305 4.06 4.63 31.44
N ILE G 306 4.22 3.49 32.12
CA ILE G 306 3.15 3.01 33.00
C ILE G 306 3.03 3.90 34.24
N LEU G 307 4.17 4.26 34.85
CA LEU G 307 4.13 5.10 36.03
C LEU G 307 3.50 6.45 35.72
N LEU G 308 3.86 7.05 34.59
CA LEU G 308 3.25 8.32 34.20
C LEU G 308 1.75 8.15 33.95
N GLN G 309 1.35 7.02 33.36
CA GLN G 309 -0.08 6.76 33.18
C GLN G 309 -0.78 6.61 34.52
N LEU G 310 -0.13 5.97 35.49
CA LEU G 310 -0.70 5.85 36.82
C LEU G 310 -0.89 7.23 37.45
N ILE G 311 0.11 8.09 37.33
CA ILE G 311 -0.02 9.47 37.82
C ILE G 311 -1.17 10.17 37.11
N SER G 312 -1.30 9.95 35.80
CA SER G 312 -2.40 10.54 35.06
C SER G 312 -3.75 10.01 35.55
N CYS G 313 -3.83 8.70 35.77
CA CYS G 313 -5.07 8.12 36.30
C CYS G 313 -5.42 8.71 37.66
N LEU G 314 -4.42 8.83 38.55
CA LEU G 314 -4.68 9.38 39.87
C LEU G 314 -5.13 10.84 39.81
N GLN G 315 -4.46 11.63 38.97
CA GLN G 315 -4.81 13.06 38.89
C GLN G 315 -6.15 13.27 38.21
N CYS G 316 -6.49 12.44 37.22
CA CYS G 316 -7.80 12.52 36.57
C CYS G 316 -8.90 11.87 37.40
N ARG G 317 -8.58 11.27 38.54
CA ARG G 317 -9.56 10.66 39.44
C ARG G 317 -10.32 9.52 38.78
N ARG G 318 -9.72 8.85 37.79
CA ARG G 318 -10.39 7.75 37.13
C ARG G 318 -9.38 6.76 36.57
N CYS G 319 -9.81 5.49 36.51
CA CYS G 319 -9.00 4.36 36.06
C CYS G 319 -9.92 3.22 35.63
N PRO G 320 -10.32 3.17 34.36
CA PRO G 320 -11.31 2.17 33.95
C PRO G 320 -10.75 0.75 33.93
N HIS G 321 -11.63 -0.19 34.23
CA HIS G 321 -11.33 -1.62 34.08
C HIS G 321 -11.02 -1.94 32.63
N TYR G 322 -10.10 -2.90 32.43
CA TYR G 322 -9.61 -3.14 31.07
C TYR G 322 -10.66 -3.80 30.19
N PHE G 323 -11.29 -4.89 30.68
CA PHE G 323 -12.26 -5.61 29.88
C PHE G 323 -13.67 -5.04 29.99
N LEU G 324 -13.98 -4.37 31.10
CA LEU G 324 -15.30 -3.81 31.37
C LEU G 324 -15.13 -2.31 31.58
N PRO G 325 -15.11 -1.53 30.50
CA PRO G 325 -14.81 -0.09 30.63
C PRO G 325 -15.84 0.69 31.45
N ASN G 326 -17.07 0.18 31.59
CA ASN G 326 -18.07 0.84 32.41
C ASN G 326 -17.74 0.85 33.89
N LEU G 327 -16.82 -0.01 34.33
CA LEU G 327 -16.40 -0.10 35.72
C LEU G 327 -15.12 0.71 35.95
N ASP G 328 -15.09 1.46 37.05
CA ASP G 328 -13.95 2.30 37.40
C ASP G 328 -13.30 1.75 38.65
N LEU G 329 -12.02 1.39 38.55
CA LEU G 329 -11.28 0.78 39.64
C LEU G 329 -10.94 1.76 40.76
N PHE G 330 -11.24 3.05 40.62
CA PHE G 330 -11.09 4.00 41.71
C PHE G 330 -12.40 4.29 42.43
N GLN G 331 -13.46 3.55 42.09
CA GLN G 331 -14.73 3.69 42.77
C GLN G 331 -14.58 3.38 44.25
N GLY G 332 -15.26 4.17 45.09
CA GLY G 332 -15.16 4.03 46.52
C GLY G 332 -13.88 4.58 47.12
N LYS G 333 -12.98 5.14 46.30
CA LYS G 333 -11.77 5.71 46.87
C LYS G 333 -11.92 7.22 46.97
N PRO G 334 -11.62 7.83 48.11
CA PRO G 334 -11.73 9.29 48.21
C PRO G 334 -10.68 9.98 47.35
N HIS G 335 -11.09 11.08 46.69
CA HIS G 335 -10.18 11.77 45.78
C HIS G 335 -8.96 12.31 46.52
N SER G 336 -9.10 12.67 47.80
CA SER G 336 -7.93 13.11 48.57
C SER G 336 -6.90 11.99 48.68
N ALA G 337 -7.35 10.74 48.74
CA ALA G 337 -6.41 9.63 48.78
C ALA G 337 -5.73 9.42 47.43
N LEU G 338 -6.51 9.53 46.35
CA LEU G 338 -5.93 9.47 45.01
C LEU G 338 -4.93 10.60 44.80
N GLU G 339 -5.25 11.81 45.29
CA GLU G 339 -4.34 12.94 45.13
C GLU G 339 -3.02 12.70 45.87
N ASN G 340 -3.10 12.18 47.09
CA ASN G 340 -1.88 11.84 47.82
C ASN G 340 -1.08 10.79 47.07
N ALA G 341 -1.77 9.79 46.50
CA ALA G 341 -1.09 8.76 45.72
C ALA G 341 -0.44 9.36 44.48
N ALA G 342 -1.09 10.35 43.86
CA ALA G 342 -0.48 11.02 42.70
C ALA G 342 0.83 11.69 43.09
N LYS G 343 0.85 12.39 44.22
CA LYS G 343 2.06 13.07 44.66
C LYS G 343 3.18 12.06 44.97
N GLN G 344 2.85 11.00 45.68
CA GLN G 344 3.87 10.02 46.05
C GLN G 344 4.40 9.27 44.82
N THR G 345 3.52 8.89 43.90
CA THR G 345 3.96 8.23 42.68
C THR G 345 4.82 9.15 41.82
N TRP G 346 4.41 10.42 41.70
CA TRP G 346 5.20 11.37 40.92
C TRP G 346 6.58 11.57 41.53
N ARG G 347 6.65 11.63 42.86
CA ARG G 347 7.96 11.73 43.52
C ARG G 347 8.78 10.48 43.28
N LEU G 348 8.15 9.30 43.34
CA LEU G 348 8.87 8.06 43.08
C LEU G 348 9.35 7.98 41.64
N ALA G 349 8.45 8.22 40.68
CA ALA G 349 8.83 8.14 39.28
C ALA G 349 9.90 9.16 38.93
N ARG G 350 9.81 10.37 39.50
CA ARG G 350 10.80 11.40 39.21
C ARG G 350 12.19 10.98 39.66
N GLU G 351 12.28 10.33 40.82
CA GLU G 351 13.58 9.91 41.32
C GLU G 351 14.16 8.77 40.49
N ILE G 352 13.33 7.82 40.09
CA ILE G 352 13.80 6.68 39.30
C ILE G 352 14.31 7.17 37.94
N LEU G 353 13.53 8.04 37.29
CA LEU G 353 13.91 8.52 35.96
C LEU G 353 15.11 9.45 36.03
N THR G 354 15.18 10.31 37.07
CA THR G 354 16.29 11.25 37.19
C THR G 354 17.62 10.51 37.34
N ASN G 355 17.65 9.49 38.20
CA ASN G 355 18.87 8.72 38.44
C ASN G 355 18.45 7.27 38.68
N PRO G 356 18.54 6.41 37.66
CA PRO G 356 18.15 5.00 37.84
C PRO G 356 18.93 4.28 38.92
N LYS G 357 20.14 4.72 39.26
CA LYS G 357 20.89 4.07 40.33
C LYS G 357 20.20 4.22 41.68
N SER G 358 19.26 5.15 41.81
CA SER G 358 18.48 5.28 43.03
C SER G 358 17.70 4.01 43.35
N LEU G 359 17.41 3.19 42.32
CA LEU G 359 16.69 1.94 42.52
C LEU G 359 17.39 1.02 43.51
N GLU G 360 18.72 1.15 43.64
CA GLU G 360 19.46 0.31 44.58
C GLU G 360 18.97 0.52 46.01
N LYS G 361 18.68 1.76 46.39
CA LYS G 361 18.20 2.04 47.74
C LYS G 361 16.69 2.22 47.81
N LEU G 362 15.98 1.81 46.77
CA LEU G 362 14.52 1.73 46.83
C LEU G 362 14.11 0.29 47.12
N ASP H 4 13.68 22.58 23.86
CA ASP H 4 14.18 23.19 22.64
C ASP H 4 13.07 23.96 21.93
N ILE H 5 11.82 23.60 22.23
CA ILE H 5 10.67 24.32 21.69
C ILE H 5 10.61 25.75 22.24
N ALA H 6 11.13 25.97 23.45
CA ALA H 6 11.14 27.32 24.02
C ALA H 6 12.04 28.27 23.22
N ALA H 7 13.16 27.77 22.70
CA ALA H 7 14.05 28.62 21.93
C ALA H 7 13.42 29.04 20.61
N GLN H 8 12.68 28.13 19.98
CA GLN H 8 11.94 28.46 18.77
C GLN H 8 10.87 29.51 19.06
N ALA H 9 10.19 29.39 20.20
CA ALA H 9 9.18 30.36 20.58
C ALA H 9 9.80 31.72 20.87
N LYS H 10 10.96 31.74 21.53
CA LYS H 10 11.62 33.00 21.85
C LYS H 10 12.03 33.75 20.60
N LEU H 11 12.53 33.03 19.59
CA LEU H 11 12.93 33.68 18.34
C LEU H 11 11.73 34.28 17.61
N VAL H 12 10.62 33.55 17.54
CA VAL H 12 9.43 34.07 16.86
C VAL H 12 8.90 35.29 17.58
N TYR H 13 8.92 35.28 18.91
CA TYR H 13 8.41 36.42 19.67
C TYR H 13 9.23 37.68 19.37
N HIS H 14 10.56 37.56 19.39
CA HIS H 14 11.40 38.74 19.21
C HIS H 14 11.46 39.21 17.77
N LEU H 15 11.30 38.30 16.81
CA LEU H 15 11.19 38.72 15.41
C LEU H 15 9.93 39.54 15.19
N ASN H 16 8.83 39.15 15.82
CA ASN H 16 7.59 39.91 15.67
C ASN H 16 7.68 41.28 16.34
N LYS H 17 8.35 41.37 17.48
CA LYS H 17 8.63 42.70 18.04
C LYS H 17 9.50 43.50 17.09
N TYR H 18 10.53 42.86 16.52
CA TYR H 18 11.37 43.54 15.55
C TYR H 18 10.56 44.04 14.36
N TYR H 19 9.66 43.20 13.86
CA TYR H 19 8.79 43.61 12.75
C TYR H 19 7.88 44.76 13.17
N ASN H 20 7.29 44.68 14.37
CA ASN H 20 6.37 45.73 14.80
C ASN H 20 7.09 47.03 15.12
N GLU H 21 8.37 46.95 15.50
CA GLU H 21 9.13 48.15 15.86
C GLU H 21 10.02 48.63 14.72
N LYS H 22 11.14 47.94 14.45
CA LYS H 22 12.07 48.44 13.44
C LYS H 22 11.52 48.36 12.02
N CYS H 23 10.84 47.26 11.67
CA CYS H 23 10.37 47.13 10.30
C CYS H 23 9.31 48.18 9.98
N GLN H 24 8.43 48.46 10.93
CA GLN H 24 7.40 49.47 10.70
C GLN H 24 8.02 50.87 10.61
N ALA H 25 9.06 51.13 11.42
CA ALA H 25 9.77 52.41 11.30
C ALA H 25 10.41 52.56 9.93
N ARG H 26 10.99 51.47 9.40
CA ARG H 26 11.53 51.51 8.05
C ARG H 26 10.44 51.84 7.04
N LYS H 27 9.27 51.21 7.21
CA LYS H 27 8.14 51.48 6.32
C LYS H 27 7.71 52.94 6.38
N ALA H 28 7.74 53.54 7.57
CA ALA H 28 7.31 54.92 7.70
C ALA H 28 8.31 55.88 7.08
N ALA H 29 9.61 55.66 7.29
CA ALA H 29 10.61 56.57 6.76
C ALA H 29 10.70 56.50 5.23
N ILE H 30 10.68 55.30 4.67
CA ILE H 30 10.82 55.16 3.22
C ILE H 30 9.56 55.66 2.50
N ALA H 31 8.39 55.43 3.08
CA ALA H 31 7.16 55.95 2.47
C ALA H 31 7.19 57.47 2.41
N LYS H 32 7.67 58.11 3.47
CA LYS H 32 7.83 59.56 3.45
C LYS H 32 8.82 59.98 2.37
N THR H 33 9.93 59.24 2.25
CA THR H 33 10.89 59.51 1.19
C THR H 33 10.27 59.28 -0.18
N ILE H 34 9.44 58.24 -0.32
CA ILE H 34 8.84 57.92 -1.61
C ILE H 34 7.88 59.01 -2.05
N ARG H 35 7.02 59.48 -1.15
CA ARG H 35 6.05 60.49 -1.54
C ARG H 35 6.71 61.85 -1.75
N GLU H 36 7.77 62.15 -1.01
CA GLU H 36 8.57 63.34 -1.30
C GLU H 36 9.22 63.27 -2.67
N VAL H 37 9.61 62.07 -3.09
CA VAL H 37 10.36 61.87 -4.32
C VAL H 37 9.44 61.75 -5.54
N CYS H 38 8.27 61.13 -5.38
CA CYS H 38 7.39 60.92 -6.52
C CYS H 38 6.77 62.22 -7.00
N LYS H 39 6.37 63.10 -6.06
CA LYS H 39 5.81 64.39 -6.46
C LYS H 39 6.80 65.19 -7.29
N VAL H 40 8.10 65.05 -7.03
CA VAL H 40 9.10 65.69 -7.88
C VAL H 40 9.20 64.95 -9.20
N VAL H 41 9.15 63.62 -9.17
CA VAL H 41 9.18 62.84 -10.41
C VAL H 41 7.91 63.08 -11.20
N SER H 42 6.77 63.18 -10.52
CA SER H 42 5.51 63.39 -11.19
C SER H 42 5.47 64.75 -11.89
N ASP H 43 6.00 65.79 -11.26
CA ASP H 43 5.99 67.11 -11.87
C ASP H 43 6.91 67.17 -13.08
N VAL H 44 8.08 66.53 -12.98
CA VAL H 44 9.00 66.47 -14.13
C VAL H 44 8.31 65.79 -15.31
N LEU H 45 7.61 64.69 -15.06
CA LEU H 45 6.97 63.94 -16.13
C LEU H 45 5.69 64.56 -16.65
N LYS H 46 5.09 65.54 -15.95
CA LYS H 46 3.98 66.28 -16.53
C LYS H 46 4.42 66.95 -17.83
N GLU H 47 5.47 67.77 -17.73
CA GLU H 47 5.98 68.50 -18.90
C GLU H 47 6.48 67.56 -19.99
N VAL H 48 7.09 66.43 -19.62
CA VAL H 48 7.51 65.48 -20.63
C VAL H 48 6.34 65.06 -21.51
N GLU H 49 5.19 64.75 -20.88
CA GLU H 49 4.07 64.23 -21.65
C GLU H 49 3.37 65.30 -22.47
N VAL H 50 3.39 66.57 -22.03
CA VAL H 50 2.81 67.59 -22.89
C VAL H 50 3.60 67.68 -24.19
N GLN H 51 4.92 67.50 -24.11
CA GLN H 51 5.74 67.46 -25.31
C GLN H 51 5.53 66.17 -26.09
N GLU H 52 5.19 65.08 -25.40
CA GLU H 52 4.99 63.78 -26.05
C GLU H 52 3.93 63.01 -25.28
N PRO H 53 2.68 63.04 -25.75
CA PRO H 53 1.60 62.35 -25.02
C PRO H 53 1.73 60.84 -24.98
N ARG H 54 2.62 60.24 -25.78
CA ARG H 54 2.80 58.79 -25.74
C ARG H 54 3.40 58.32 -24.42
N PHE H 55 4.01 59.21 -23.65
CA PHE H 55 4.46 58.87 -22.32
C PHE H 55 3.27 59.11 -21.40
N ILE H 56 3.13 58.28 -20.35
CA ILE H 56 1.91 58.24 -19.55
C ILE H 56 2.23 58.38 -18.07
N SER H 57 1.59 59.35 -17.42
CA SER H 57 1.75 59.59 -15.99
C SER H 57 0.80 58.66 -15.25
N SER H 58 1.36 57.60 -14.68
CA SER H 58 0.55 56.59 -14.01
C SER H 58 0.95 56.45 -12.54
N LEU H 59 0.74 57.52 -11.77
CA LEU H 59 1.08 57.52 -10.36
C LEU H 59 -0.15 57.39 -9.48
N ASN H 60 -0.29 56.24 -8.81
CA ASN H 60 -1.42 56.01 -7.92
C ASN H 60 -1.09 56.45 -6.50
N GLU H 61 -1.94 57.28 -5.93
CA GLU H 61 -1.73 57.78 -4.58
C GLU H 61 -1.63 56.62 -3.60
N ARG H 65 0.41 53.86 -2.37
CA ARG H 65 1.26 53.03 -3.22
C ARG H 65 1.48 53.73 -4.56
N TYR H 66 2.37 53.19 -5.39
CA TYR H 66 2.64 53.81 -6.69
C TYR H 66 2.99 52.72 -7.68
N GLU H 67 2.23 52.62 -8.76
CA GLU H 67 2.46 51.57 -9.74
C GLU H 67 3.83 51.73 -10.37
N GLY H 68 4.47 50.59 -10.67
CA GLY H 68 5.77 50.62 -11.31
C GLY H 68 6.93 51.01 -10.44
N LEU H 69 6.71 51.29 -9.16
CA LEU H 69 7.76 51.79 -8.28
C LEU H 69 8.39 50.65 -7.50
N GLU H 70 9.72 50.60 -7.49
CA GLU H 70 10.51 49.63 -6.77
C GLU H 70 11.51 50.33 -5.87
N VAL H 71 11.66 49.84 -4.65
CA VAL H 71 12.66 50.35 -3.72
C VAL H 71 13.94 49.54 -3.84
N ILE H 72 15.06 50.23 -4.01
CA ILE H 72 16.37 49.58 -4.02
C ILE H 72 17.08 49.74 -2.68
N SER H 73 16.91 50.92 -2.07
CA SER H 73 17.55 51.28 -0.83
C SER H 73 16.74 52.40 -0.21
N PRO H 74 17.00 52.75 1.06
CA PRO H 74 16.31 53.92 1.64
C PRO H 74 16.47 55.20 0.84
N THR H 75 17.45 55.29 -0.06
CA THR H 75 17.67 56.51 -0.84
C THR H 75 17.70 56.30 -2.35
N GLU H 76 17.36 55.10 -2.85
CA GLU H 76 17.43 54.81 -4.27
C GLU H 76 16.14 54.14 -4.72
N PHE H 77 15.61 54.57 -5.87
CA PHE H 77 14.31 54.10 -6.34
C PHE H 77 14.31 53.99 -7.86
N GLU H 78 13.40 53.17 -8.37
CA GLU H 78 13.15 53.01 -9.80
C GLU H 78 11.67 53.11 -10.10
N VAL H 79 11.31 54.00 -11.02
CA VAL H 79 9.94 54.09 -11.54
C VAL H 79 9.92 53.38 -12.88
N VAL H 80 9.13 52.31 -12.96
CA VAL H 80 8.91 51.60 -14.23
C VAL H 80 7.67 52.22 -14.86
N LEU H 81 7.84 52.88 -16.00
CA LEU H 81 6.77 53.65 -16.63
C LEU H 81 6.11 52.83 -17.74
N TYR H 82 4.87 52.42 -17.51
CA TYR H 82 4.16 51.56 -18.45
C TYR H 82 3.55 52.37 -19.59
N LEU H 83 3.86 51.98 -20.82
CA LEU H 83 3.42 52.65 -22.02
C LEU H 83 2.32 51.85 -22.71
N ASN H 84 1.51 52.55 -23.51
CA ASN H 84 0.47 51.91 -24.31
C ASN H 84 1.03 51.39 -25.62
N GLN H 85 0.28 50.49 -26.26
CA GLN H 85 0.77 49.79 -27.43
C GLN H 85 -0.40 49.14 -28.16
N MET H 86 -0.28 49.07 -29.49
CA MET H 86 -1.22 48.33 -30.32
C MET H 86 -0.68 46.93 -30.56
N GLY H 87 -1.60 45.98 -30.81
CA GLY H 87 -1.21 44.59 -30.93
C GLY H 87 -0.39 44.23 -32.14
N VAL H 88 0.58 45.08 -32.49
CA VAL H 88 1.30 44.95 -33.77
C VAL H 88 2.65 44.26 -33.63
N PHE H 89 3.13 44.02 -32.42
CA PHE H 89 4.45 43.45 -32.20
C PHE H 89 4.36 42.04 -31.64
N ASN H 90 5.10 41.11 -32.23
CA ASN H 90 5.24 39.77 -31.71
C ASN H 90 6.40 39.72 -30.72
N PHE H 91 6.22 38.97 -29.63
CA PHE H 91 7.29 38.76 -28.66
C PHE H 91 8.18 37.61 -29.13
N VAL H 92 9.49 37.81 -29.01
CA VAL H 92 10.47 36.81 -29.44
C VAL H 92 11.57 36.74 -28.40
N ASP H 93 11.72 35.58 -27.76
CA ASP H 93 12.79 35.35 -26.79
C ASP H 93 13.56 34.10 -27.21
N ASP H 94 14.62 34.31 -27.99
CA ASP H 94 15.70 33.35 -28.11
C ASP H 94 16.83 33.77 -27.18
N GLY H 95 17.69 32.82 -26.84
CA GLY H 95 18.67 33.15 -25.83
C GLY H 95 19.93 33.83 -26.33
N SER H 96 19.83 34.49 -27.49
CA SER H 96 20.99 35.18 -28.04
C SER H 96 21.38 36.37 -27.18
N LEU H 97 20.38 37.04 -26.57
CA LEU H 97 20.60 38.06 -25.56
C LEU H 97 20.06 37.54 -24.24
N PRO H 98 20.90 36.89 -23.42
CA PRO H 98 20.40 36.26 -22.19
C PRO H 98 19.74 37.26 -21.26
N GLY H 99 18.56 36.89 -20.76
CA GLY H 99 17.78 37.77 -19.92
C GLY H 99 17.09 38.88 -20.67
N CYS H 100 17.14 38.87 -21.99
CA CYS H 100 16.58 39.93 -22.80
C CYS H 100 15.71 39.32 -23.90
N ALA H 101 14.83 40.16 -24.44
CA ALA H 101 13.98 39.78 -25.55
C ALA H 101 13.73 41.03 -26.38
N VAL H 102 13.03 40.85 -27.51
CA VAL H 102 12.87 41.91 -28.49
C VAL H 102 11.45 41.87 -29.02
N LEU H 103 11.00 43.01 -29.52
CA LEU H 103 9.67 43.16 -30.07
C LEU H 103 9.82 43.43 -31.56
N LYS H 104 9.21 42.57 -32.37
CA LYS H 104 9.30 42.64 -33.81
C LYS H 104 7.89 42.79 -34.38
N LEU H 105 7.80 43.51 -35.49
CA LEU H 105 6.50 43.81 -36.06
C LEU H 105 5.94 42.55 -36.72
N SER H 106 4.64 42.31 -36.53
CA SER H 106 4.04 41.08 -37.04
C SER H 106 3.82 41.13 -38.55
N ASP H 107 3.42 42.29 -39.06
CA ASP H 107 3.13 42.44 -40.49
C ASP H 107 3.55 43.84 -40.92
N GLY H 108 4.27 43.94 -42.04
CA GLY H 108 4.78 45.22 -42.47
C GLY H 108 3.72 46.27 -42.72
N ARG H 109 2.53 45.84 -43.14
CA ARG H 109 1.44 46.79 -43.34
C ARG H 109 1.04 47.45 -42.02
N LYS H 110 1.22 46.75 -40.90
CA LYS H 110 0.85 47.26 -39.59
C LYS H 110 1.80 48.32 -39.06
N ARG H 111 2.93 48.57 -39.74
CA ARG H 111 3.91 49.51 -39.23
C ARG H 111 3.31 50.90 -39.03
N SER H 112 2.47 51.33 -39.98
CA SER H 112 1.92 52.68 -39.90
C SER H 112 0.95 52.83 -38.75
N MET H 113 0.23 51.77 -38.38
CA MET H 113 -0.76 51.85 -37.32
C MET H 113 -0.15 51.86 -35.92
N SER H 114 1.16 51.63 -35.80
CA SER H 114 1.74 51.56 -34.47
C SER H 114 1.77 52.93 -33.82
N LEU H 115 1.74 52.94 -32.49
CA LEU H 115 1.86 54.17 -31.74
C LEU H 115 3.29 54.68 -31.77
N TRP H 116 4.24 53.79 -32.04
CA TRP H 116 5.67 54.02 -32.00
C TRP H 116 6.31 53.84 -33.37
N VAL H 117 5.60 54.25 -34.42
CA VAL H 117 6.04 54.00 -35.79
C VAL H 117 7.46 54.51 -36.01
N GLU H 118 7.78 55.66 -35.42
CA GLU H 118 9.09 56.28 -35.63
C GLU H 118 10.23 55.50 -34.97
N PHE H 119 9.92 54.67 -33.97
CA PHE H 119 10.92 53.94 -33.21
C PHE H 119 11.12 52.51 -33.70
N ILE H 120 10.42 52.10 -34.74
CA ILE H 120 10.57 50.75 -35.31
C ILE H 120 11.73 50.78 -36.31
N THR H 121 12.62 49.80 -36.22
CA THR H 121 13.76 49.75 -37.11
C THR H 121 13.30 49.39 -38.52
N ALA H 122 14.25 49.43 -39.46
CA ALA H 122 13.93 49.01 -40.83
C ALA H 122 13.59 47.53 -40.88
N SER H 123 14.27 46.71 -40.07
CA SER H 123 13.97 45.29 -39.98
C SER H 123 12.62 45.00 -39.32
N GLY H 124 12.01 45.98 -38.68
CA GLY H 124 10.73 45.79 -38.03
C GLY H 124 10.74 45.64 -36.52
N TYR H 125 11.81 46.05 -35.86
CA TYR H 125 11.92 45.92 -34.41
C TYR H 125 11.63 47.25 -33.71
N LEU H 126 10.90 47.17 -32.61
CA LEU H 126 10.68 48.34 -31.76
C LEU H 126 11.93 48.53 -30.90
N SER H 127 12.61 49.65 -31.10
CA SER H 127 13.93 49.86 -30.51
C SER H 127 13.76 50.41 -29.10
N ALA H 128 14.24 49.67 -28.10
CA ALA H 128 14.24 50.18 -26.74
C ALA H 128 15.20 51.35 -26.57
N ARG H 129 16.28 51.38 -27.36
CA ARG H 129 17.30 52.40 -27.14
C ARG H 129 16.84 53.77 -27.61
N LYS H 130 16.18 53.86 -28.77
CA LYS H 130 15.75 55.16 -29.25
C LYS H 130 14.57 55.68 -28.44
N ILE H 131 13.69 54.80 -27.98
CA ILE H 131 12.63 55.22 -27.07
C ILE H 131 13.23 55.81 -25.81
N ARG H 132 14.23 55.14 -25.23
CA ARG H 132 14.87 55.63 -24.03
C ARG H 132 15.61 56.94 -24.30
N SER H 133 16.29 57.04 -25.45
CA SER H 133 17.03 58.25 -25.78
C SER H 133 16.09 59.44 -25.99
N ARG H 134 15.06 59.25 -26.82
CA ARG H 134 14.01 60.25 -26.95
C ARG H 134 13.50 60.69 -25.58
N PHE H 135 13.07 59.72 -24.76
CA PHE H 135 12.66 60.02 -23.40
C PHE H 135 13.76 60.72 -22.63
N GLN H 136 15.02 60.32 -22.84
CA GLN H 136 16.13 60.96 -22.16
C GLN H 136 16.28 62.42 -22.57
N THR H 137 16.19 62.71 -23.87
CA THR H 137 16.29 64.10 -24.31
C THR H 137 15.13 64.94 -23.77
N LEU H 138 13.92 64.39 -23.75
CA LEU H 138 12.78 65.11 -23.19
C LEU H 138 12.95 65.35 -21.69
N VAL H 139 13.40 64.33 -20.96
CA VAL H 139 13.55 64.49 -19.51
C VAL H 139 14.67 65.48 -19.20
N ALA H 140 15.78 65.39 -19.93
CA ALA H 140 16.88 66.34 -19.71
C ALA H 140 16.44 67.77 -19.96
N GLN H 141 15.51 67.97 -20.91
CA GLN H 141 14.94 69.29 -21.11
C GLN H 141 13.95 69.64 -20.00
N ALA H 142 13.18 68.64 -19.56
CA ALA H 142 12.14 68.88 -18.56
C ALA H 142 12.73 69.27 -17.21
N VAL H 143 13.88 68.71 -16.85
CA VAL H 143 14.44 69.03 -15.54
C VAL H 143 14.81 70.49 -15.41
N ASP H 144 14.99 71.22 -16.52
CA ASP H 144 15.29 72.64 -16.44
C ASP H 144 14.05 73.52 -16.49
N LYS H 145 12.91 72.98 -16.91
CA LYS H 145 11.71 73.77 -17.15
C LYS H 145 10.74 73.78 -15.98
N CYS H 146 10.67 72.68 -15.22
CA CYS H 146 9.64 72.50 -14.21
C CYS H 146 9.97 73.28 -12.94
N SER H 147 8.98 73.29 -12.03
CA SER H 147 9.10 74.06 -10.78
C SER H 147 10.29 73.62 -9.95
N TYR H 148 10.65 72.33 -9.98
CA TYR H 148 11.66 71.77 -9.11
C TYR H 148 13.08 71.77 -9.69
N ARG H 149 13.40 72.63 -10.67
CA ARG H 149 14.76 72.63 -11.19
C ARG H 149 15.76 72.99 -10.11
N ASP H 150 15.39 73.89 -9.21
CA ASP H 150 16.19 74.17 -8.01
C ASP H 150 16.80 72.93 -7.37
N VAL H 151 15.99 71.87 -7.24
CA VAL H 151 16.35 70.70 -6.44
C VAL H 151 16.52 69.43 -7.26
N VAL H 152 16.38 69.46 -8.57
CA VAL H 152 16.46 68.24 -9.38
C VAL H 152 17.55 68.38 -10.45
N LYS H 153 18.31 67.30 -10.62
CA LYS H 153 19.34 67.22 -11.64
C LYS H 153 19.29 65.85 -12.30
N MET H 154 19.67 65.80 -13.57
CA MET H 154 19.75 64.56 -14.33
C MET H 154 21.18 64.05 -14.40
N VAL H 155 21.34 62.74 -14.20
CA VAL H 155 22.65 62.12 -14.20
C VAL H 155 23.20 62.08 -15.62
N ALA H 156 24.49 62.39 -15.76
CA ALA H 156 25.14 62.49 -17.07
C ALA H 156 25.93 61.23 -17.41
N ASP H 157 26.58 61.29 -18.59
CA ASP H 157 27.46 60.24 -19.16
C ASP H 157 26.88 58.83 -19.06
N THR H 158 25.55 58.69 -19.10
CA THR H 158 24.96 57.37 -18.98
C THR H 158 23.72 57.30 -19.86
N SER H 159 23.45 56.11 -20.39
CA SER H 159 22.33 55.91 -21.30
C SER H 159 20.97 55.92 -20.59
N GLU H 160 20.86 55.34 -19.41
CA GLU H 160 19.56 55.30 -18.74
C GLU H 160 19.18 56.70 -18.24
N VAL H 161 17.98 56.83 -17.69
CA VAL H 161 17.45 58.10 -17.23
C VAL H 161 17.32 58.04 -15.71
N LYS H 162 18.16 58.81 -15.01
CA LYS H 162 18.15 58.90 -13.56
C LYS H 162 18.09 60.35 -13.12
N LEU H 163 17.22 60.63 -12.15
CA LEU H 163 17.13 61.95 -11.53
C LEU H 163 17.78 61.91 -10.16
N ARG H 164 18.57 62.95 -9.86
CA ARG H 164 19.12 63.16 -8.53
C ARG H 164 18.34 64.29 -7.85
N ILE H 165 17.73 63.98 -6.71
CA ILE H 165 16.78 64.85 -6.05
C ILE H 165 17.38 65.33 -4.73
N ARG H 166 17.44 66.65 -4.55
CA ARG H 166 17.97 67.28 -3.33
C ARG H 166 19.38 66.80 -3.01
N ASP H 167 20.09 66.30 -4.03
CA ASP H 167 21.42 65.71 -3.89
C ASP H 167 21.42 64.52 -2.94
N ARG H 168 20.24 63.97 -2.66
CA ARG H 168 20.05 62.92 -1.65
C ARG H 168 19.50 61.63 -2.22
N TYR H 169 18.54 61.69 -3.12
CA TYR H 169 17.83 60.52 -3.61
C TYR H 169 17.96 60.41 -5.13
N VAL H 170 18.08 59.18 -5.62
CA VAL H 170 18.22 58.91 -7.05
C VAL H 170 17.05 58.03 -7.48
N VAL H 171 16.41 58.43 -8.58
CA VAL H 171 15.25 57.71 -9.12
C VAL H 171 15.51 57.43 -10.59
N GLN H 172 15.50 56.16 -10.98
CA GLN H 172 15.55 55.81 -12.38
C GLN H 172 14.13 55.69 -12.92
N ILE H 173 13.87 56.33 -14.04
CA ILE H 173 12.57 56.28 -14.69
C ILE H 173 12.74 55.47 -15.96
N THR H 174 12.13 54.28 -15.98
CA THR H 174 12.39 53.29 -17.01
C THR H 174 11.17 53.10 -17.90
N PRO H 175 11.23 53.44 -19.18
CA PRO H 175 10.13 53.13 -20.08
C PRO H 175 9.93 51.63 -20.19
N ALA H 176 8.68 51.20 -20.27
CA ALA H 176 8.41 49.78 -20.21
C ALA H 176 7.09 49.43 -20.85
N PHE H 177 6.99 48.17 -21.28
CA PHE H 177 5.74 47.55 -21.72
C PHE H 177 5.49 46.33 -20.85
N LYS H 178 4.27 46.21 -20.33
CA LYS H 178 3.87 45.11 -19.47
C LYS H 178 3.24 44.00 -20.32
N CYS H 179 3.78 42.78 -20.22
CA CYS H 179 3.19 41.62 -20.90
C CYS H 179 2.56 40.73 -19.85
N THR H 180 1.26 40.50 -19.97
CA THR H 180 0.53 39.65 -19.03
C THR H 180 -0.03 38.43 -19.74
N GLY H 181 -0.15 37.35 -18.98
CA GLY H 181 -0.64 36.10 -19.54
C GLY H 181 0.30 35.45 -20.52
N ILE H 182 1.56 35.85 -20.54
CA ILE H 182 2.56 35.33 -21.45
C ILE H 182 3.78 34.95 -20.64
N TRP H 183 4.30 33.76 -20.87
CA TRP H 183 5.49 33.36 -20.12
C TRP H 183 6.66 33.25 -21.08
N PRO H 184 7.82 33.82 -20.73
CA PRO H 184 8.94 33.86 -21.68
C PRO H 184 9.62 32.50 -21.82
N ARG H 185 10.16 32.27 -23.02
CA ARG H 185 10.89 31.03 -23.30
C ARG H 185 12.08 30.88 -22.37
N SER H 186 12.70 31.98 -21.95
CA SER H 186 13.84 31.92 -21.04
C SER H 186 13.45 31.49 -19.64
N ALA H 187 12.16 31.50 -19.29
CA ALA H 187 11.69 31.06 -17.99
C ALA H 187 10.74 29.87 -18.05
N ALA H 188 10.50 29.30 -19.23
CA ALA H 188 9.53 28.22 -19.38
C ALA H 188 9.93 26.94 -18.67
N HIS H 189 11.20 26.82 -18.25
CA HIS H 189 11.63 25.65 -17.49
C HIS H 189 10.97 25.58 -16.12
N TRP H 190 10.61 26.72 -15.55
CA TRP H 190 10.03 26.75 -14.20
C TRP H 190 8.58 26.27 -14.15
N PRO H 191 8.26 25.41 -13.18
CA PRO H 191 9.26 24.78 -12.31
C PRO H 191 9.83 23.49 -12.91
N LEU H 192 11.12 23.23 -12.69
CA LEU H 192 11.78 22.03 -13.18
C LEU H 192 11.28 20.78 -12.44
N PRO H 193 11.58 19.59 -12.96
CA PRO H 193 11.11 18.35 -12.30
C PRO H 193 11.77 18.07 -10.96
N HIS H 194 13.03 18.45 -10.75
CA HIS H 194 13.71 18.19 -9.48
C HIS H 194 13.35 19.20 -8.40
N ILE H 195 12.54 20.20 -8.77
CA ILE H 195 12.11 21.29 -7.90
C ILE H 195 10.85 20.87 -7.16
N PRO H 196 10.75 21.09 -5.85
CA PRO H 196 9.53 20.65 -5.14
C PRO H 196 8.31 21.35 -5.70
N TRP H 197 7.33 20.55 -6.11
CA TRP H 197 6.11 20.99 -6.77
C TRP H 197 5.42 22.07 -5.95
N PRO H 198 5.36 23.30 -6.45
CA PRO H 198 4.54 24.33 -5.77
C PRO H 198 3.07 24.00 -5.95
N GLY H 199 2.18 24.78 -5.34
CA GLY H 199 0.78 24.63 -5.58
C GLY H 199 0.48 24.69 -7.07
N PRO H 200 -0.49 23.89 -7.54
CA PRO H 200 -0.88 24.00 -8.95
C PRO H 200 -1.43 25.37 -9.27
N ASN H 201 -2.19 25.96 -8.35
CA ASN H 201 -2.56 27.37 -8.49
C ASN H 201 -1.34 28.27 -8.36
N ARG H 202 -0.40 27.90 -7.49
CA ARG H 202 0.82 28.69 -7.33
C ARG H 202 1.56 28.82 -8.67
N VAL H 203 1.66 27.74 -9.42
CA VAL H 203 2.35 27.79 -10.70
C VAL H 203 1.57 28.61 -11.71
N ALA H 204 0.26 28.36 -11.79
CA ALA H 204 -0.58 29.10 -12.74
C ALA H 204 -0.66 30.58 -12.39
N GLU H 205 -0.87 30.90 -11.11
CA GLU H 205 -1.00 32.29 -10.71
C GLU H 205 0.31 33.05 -10.93
N VAL H 206 1.45 32.40 -10.70
CA VAL H 206 2.73 33.07 -10.95
C VAL H 206 2.91 33.33 -12.43
N LYS H 207 2.68 32.31 -13.27
CA LYS H 207 2.88 32.47 -14.71
C LYS H 207 1.86 33.41 -15.33
N ALA H 208 0.65 33.49 -14.78
CA ALA H 208 -0.36 34.34 -15.39
C ALA H 208 -0.06 35.82 -15.22
N GLU H 209 0.69 36.21 -14.18
CA GLU H 209 1.06 37.60 -14.06
C GLU H 209 2.06 38.03 -15.14
N GLY H 210 2.76 37.07 -15.76
CA GLY H 210 3.61 37.48 -16.87
C GLY H 210 4.89 38.18 -16.45
N PHE H 211 5.36 39.04 -17.36
CA PHE H 211 6.62 39.73 -17.20
C PHE H 211 6.53 41.11 -17.85
N ASN H 212 7.52 41.95 -17.56
CA ASN H 212 7.61 43.30 -18.10
C ASN H 212 8.86 43.41 -18.95
N LEU H 213 8.80 44.30 -19.93
CA LEU H 213 9.95 44.60 -20.77
C LEU H 213 10.41 46.03 -20.50
N LEU H 214 11.63 46.17 -20.01
CA LEU H 214 12.18 47.46 -19.57
C LEU H 214 13.33 47.87 -20.48
N SER H 215 13.46 49.17 -20.73
CA SER H 215 14.59 49.71 -21.50
C SER H 215 15.67 50.12 -20.50
N LYS H 216 16.72 49.29 -20.41
CA LYS H 216 17.87 49.52 -19.55
C LYS H 216 19.03 48.77 -20.20
N GLU H 217 20.23 48.88 -19.61
CA GLU H 217 21.39 48.17 -20.13
C GLU H 217 21.49 46.76 -19.53
N CYS H 218 22.23 45.89 -20.23
CA CYS H 218 22.52 44.56 -19.71
C CYS H 218 23.64 44.01 -20.56
N HIS H 219 23.99 42.74 -20.35
CA HIS H 219 25.27 42.04 -20.57
C HIS H 219 26.44 42.68 -19.82
N SER H 230 23.88 44.04 -28.12
CA SER H 230 23.22 44.98 -29.02
C SER H 230 22.10 45.75 -28.34
N ASP H 231 20.93 45.75 -28.99
CA ASP H 231 19.77 46.53 -28.56
C ASP H 231 18.57 45.62 -28.40
N ALA H 232 17.93 45.68 -27.23
CA ALA H 232 16.77 44.85 -26.92
C ALA H 232 16.18 45.29 -25.58
N TRP H 233 15.07 44.65 -25.20
CA TRP H 233 14.36 44.96 -23.96
C TRP H 233 14.73 43.95 -22.88
N VAL H 234 14.93 44.45 -21.66
CA VAL H 234 15.37 43.65 -20.51
C VAL H 234 14.15 43.12 -19.76
N LEU H 235 14.20 41.83 -19.40
CA LEU H 235 13.11 41.16 -18.72
C LEU H 235 13.04 41.48 -17.23
N GLN H 236 11.81 41.56 -16.71
CA GLN H 236 11.54 41.78 -15.29
C GLN H 236 10.26 41.03 -14.93
N PHE H 237 10.24 40.43 -13.73
CA PHE H 237 9.16 39.57 -13.27
C PHE H 237 8.67 40.05 -11.91
N ALA H 238 8.65 41.37 -11.71
CA ALA H 238 8.34 41.93 -10.39
C ALA H 238 7.01 41.43 -9.85
N GLU H 239 6.00 41.30 -10.70
CA GLU H 239 4.67 40.95 -10.23
C GLU H 239 4.53 39.44 -10.05
N ALA H 240 5.13 38.66 -10.96
CA ALA H 240 5.19 37.21 -10.75
C ALA H 240 5.92 36.89 -9.44
N GLU H 241 7.01 37.60 -9.16
CA GLU H 241 7.72 37.40 -7.90
C GLU H 241 6.85 37.75 -6.70
N ASN H 242 6.06 38.84 -6.79
CA ASN H 242 5.25 39.23 -5.64
C ASN H 242 4.19 38.19 -5.32
N ARG H 243 3.63 37.53 -6.33
CA ARG H 243 2.61 36.52 -6.08
C ARG H 243 3.22 35.19 -5.68
N LEU H 244 4.36 34.83 -6.28
CA LEU H 244 5.13 33.70 -5.77
C LEU H 244 5.33 33.82 -4.27
N GLN H 245 5.46 35.03 -3.75
CA GLN H 245 5.69 35.28 -2.34
C GLN H 245 4.42 35.72 -1.61
N MET H 246 3.25 35.57 -2.22
CA MET H 246 2.03 35.82 -1.50
C MET H 246 1.70 34.64 -0.57
N GLY H 247 1.07 34.95 0.56
CA GLY H 247 0.60 33.91 1.45
C GLY H 247 1.46 33.73 2.68
N GLY H 248 0.82 33.44 3.81
CA GLY H 248 1.53 33.17 5.05
C GLY H 248 2.34 34.35 5.53
N CYS H 249 3.46 34.05 6.18
CA CYS H 249 4.37 35.07 6.72
C CYS H 249 5.54 35.35 5.80
N ARG H 250 5.42 35.01 4.51
CA ARG H 250 6.51 35.26 3.57
C ARG H 250 6.86 36.74 3.51
N LYS H 251 5.86 37.60 3.34
CA LYS H 251 6.12 39.02 3.14
C LYS H 251 6.69 39.65 4.40
N LYS H 252 6.23 39.24 5.58
CA LYS H 252 6.81 39.74 6.82
C LYS H 252 8.27 39.30 6.95
N CYS H 253 8.58 38.08 6.52
CA CYS H 253 9.96 37.62 6.50
C CYS H 253 10.82 38.51 5.61
N LEU H 254 10.32 38.84 4.41
CA LEU H 254 11.05 39.72 3.51
C LEU H 254 11.30 41.09 4.13
N SER H 255 10.32 41.62 4.85
CA SER H 255 10.47 42.93 5.48
C SER H 255 11.60 42.93 6.51
N ILE H 256 11.66 41.88 7.33
CA ILE H 256 12.73 41.77 8.32
C ILE H 256 14.09 41.69 7.63
N LEU H 257 14.17 40.94 6.52
CA LEU H 257 15.41 40.85 5.78
C LEU H 257 15.82 42.21 5.22
N LYS H 258 14.89 42.91 4.57
CA LYS H 258 15.20 44.24 4.07
C LYS H 258 15.57 45.19 5.20
N THR H 259 14.97 45.03 6.37
CA THR H 259 15.31 45.88 7.50
C THR H 259 16.71 45.54 8.03
N LEU H 260 17.01 44.23 8.17
CA LEU H 260 18.33 43.83 8.62
C LEU H 260 19.42 44.21 7.61
N ARG H 261 19.13 44.10 6.31
CA ARG H 261 20.12 44.46 5.31
C ARG H 261 20.46 45.95 5.38
N ASP H 262 19.43 46.80 5.45
CA ASP H 262 19.66 48.24 5.54
C ASP H 262 20.51 48.58 6.76
N ARG H 263 20.27 47.92 7.89
CA ARG H 263 20.88 48.33 9.15
C ARG H 263 22.25 47.71 9.41
N HIS H 264 22.56 46.57 8.78
CA HIS H 264 23.81 45.88 9.08
C HIS H 264 24.57 45.35 7.89
N LEU H 265 23.97 45.28 6.69
CA LEU H 265 24.62 44.67 5.54
C LEU H 265 24.73 45.63 4.36
N GLU H 266 24.74 46.94 4.64
CA GLU H 266 25.10 47.95 3.66
C GLU H 266 26.61 48.12 3.77
N LEU H 267 27.35 47.43 2.92
CA LEU H 267 28.76 47.15 3.12
C LEU H 267 29.62 47.82 2.07
N PRO H 268 30.92 48.01 2.35
CA PRO H 268 31.81 48.59 1.34
C PRO H 268 31.78 47.76 0.07
N GLY H 269 31.59 48.45 -1.06
CA GLY H 269 31.41 47.79 -2.33
C GLY H 269 29.97 47.48 -2.66
N GLN H 270 29.05 47.64 -1.70
CA GLN H 270 27.62 47.41 -1.89
C GLN H 270 27.36 46.00 -2.42
N PRO H 271 27.74 44.95 -1.67
CA PRO H 271 27.49 43.61 -2.18
C PRO H 271 26.03 43.20 -2.15
N LEU H 272 25.23 43.73 -1.23
CA LEU H 272 23.84 43.33 -1.04
C LEU H 272 22.90 44.52 -1.15
N ASN H 273 21.80 44.33 -1.88
CA ASN H 273 20.70 45.29 -1.96
C ASN H 273 19.38 44.57 -1.68
N ASN H 274 18.28 45.33 -1.67
CA ASN H 274 16.99 44.76 -1.31
C ASN H 274 16.53 43.67 -2.29
N TYR H 275 16.90 43.77 -3.56
CA TYR H 275 16.44 42.76 -4.52
C TYR H 275 17.10 41.41 -4.28
N HIS H 276 18.30 41.39 -3.68
CA HIS H 276 18.87 40.13 -3.22
C HIS H 276 17.98 39.50 -2.16
N MET H 277 17.55 40.31 -1.19
CA MET H 277 16.62 39.83 -0.18
C MET H 277 15.36 39.26 -0.83
N LYS H 278 14.85 39.94 -1.85
CA LYS H 278 13.67 39.46 -2.57
C LYS H 278 13.93 38.12 -3.23
N THR H 279 15.11 37.96 -3.85
CA THR H 279 15.43 36.71 -4.53
C THR H 279 15.60 35.56 -3.54
N LEU H 280 16.21 35.84 -2.38
CA LEU H 280 16.46 34.79 -1.40
C LEU H 280 15.15 34.23 -0.85
N VAL H 281 14.16 35.10 -0.63
CA VAL H 281 12.87 34.62 -0.14
C VAL H 281 12.24 33.65 -1.14
N SER H 282 12.31 33.99 -2.44
CA SER H 282 11.77 33.10 -3.45
C SER H 282 12.50 31.76 -3.50
N TYR H 283 13.82 31.75 -3.22
CA TYR H 283 14.53 30.49 -3.05
C TYR H 283 13.87 29.66 -1.95
N GLU H 284 13.60 30.30 -0.81
CA GLU H 284 13.00 29.59 0.31
C GLU H 284 11.57 29.17 0.03
N CYS H 285 10.87 29.92 -0.82
CA CYS H 285 9.50 29.54 -1.17
C CYS H 285 9.49 28.22 -1.94
N GLU H 286 10.48 28.01 -2.82
CA GLU H 286 10.57 26.74 -3.54
C GLU H 286 11.02 25.61 -2.65
N LYS H 287 12.08 25.85 -1.89
CA LYS H 287 12.51 24.90 -0.88
C LYS H 287 11.31 24.41 -0.07
N HIS H 288 10.42 25.32 0.31
CA HIS H 288 9.25 25.00 1.12
C HIS H 288 8.01 25.55 0.43
N PRO H 289 7.45 24.82 -0.55
CA PRO H 289 6.37 25.38 -1.35
C PRO H 289 5.01 25.25 -0.67
N ARG H 290 4.90 24.42 0.35
CA ARG H 290 3.63 24.22 1.01
C ARG H 290 3.35 25.35 1.99
N GLU H 291 2.07 25.66 2.16
CA GLU H 291 1.66 26.86 2.89
C GLU H 291 1.92 26.71 4.38
N SER H 292 1.80 25.49 4.91
CA SER H 292 2.05 25.27 6.33
C SER H 292 3.50 25.52 6.71
N ASP H 293 4.42 25.47 5.74
CA ASP H 293 5.81 25.83 6.01
C ASP H 293 5.97 27.32 6.27
N TRP H 294 4.96 28.13 5.96
CA TRP H 294 4.99 29.56 6.20
C TRP H 294 3.92 30.02 7.19
N ASP H 295 3.42 29.11 8.02
CA ASP H 295 2.59 29.51 9.16
C ASP H 295 3.39 30.46 10.05
N GLU H 296 2.67 31.21 10.90
CA GLU H 296 3.31 32.23 11.72
C GLU H 296 4.37 31.66 12.66
N SER H 297 4.16 30.43 13.15
CA SER H 297 5.13 29.83 14.06
C SER H 297 6.43 29.45 13.36
N CYS H 298 6.43 29.39 12.03
CA CYS H 298 7.61 29.04 11.25
C CYS H 298 8.49 30.24 10.91
N LEU H 299 8.15 31.43 11.41
CA LEU H 299 8.90 32.63 11.02
C LEU H 299 10.38 32.49 11.32
N GLY H 300 10.70 31.88 12.48
CA GLY H 300 12.10 31.69 12.83
C GLY H 300 12.81 30.70 11.90
N ASP H 301 12.15 29.59 11.57
CA ASP H 301 12.76 28.61 10.69
C ASP H 301 13.07 29.19 9.32
N ARG H 302 12.13 29.95 8.74
CA ARG H 302 12.32 30.48 7.40
C ARG H 302 13.45 31.50 7.35
N LEU H 303 13.47 32.43 8.30
CA LEU H 303 14.54 33.43 8.31
C LEU H 303 15.89 32.78 8.51
N ASN H 304 15.96 31.75 9.34
CA ASN H 304 17.22 31.04 9.54
C ASN H 304 17.72 30.42 8.23
N GLY H 305 16.84 29.70 7.53
CA GLY H 305 17.23 29.12 6.26
C GLY H 305 17.64 30.16 5.24
N ILE H 306 16.99 31.32 5.26
CA ILE H 306 17.30 32.36 4.29
C ILE H 306 18.66 32.97 4.57
N LEU H 307 18.97 33.26 5.84
CA LEU H 307 20.28 33.81 6.18
C LEU H 307 21.40 32.86 5.83
N LEU H 308 21.24 31.58 6.15
CA LEU H 308 22.25 30.59 5.76
C LEU H 308 22.35 30.46 4.25
N GLN H 309 21.21 30.54 3.56
CA GLN H 309 21.24 30.53 2.10
C GLN H 309 21.98 31.74 1.54
N LEU H 310 21.82 32.90 2.18
CA LEU H 310 22.54 34.09 1.77
C LEU H 310 24.05 33.89 1.93
N ILE H 311 24.46 33.35 3.07
CA ILE H 311 25.88 33.09 3.33
C ILE H 311 26.45 32.14 2.27
N SER H 312 25.68 31.10 1.92
CA SER H 312 26.13 30.17 0.90
C SER H 312 26.32 30.87 -0.43
N CYS H 313 25.38 31.73 -0.81
CA CYS H 313 25.50 32.49 -2.05
C CYS H 313 26.75 33.35 -2.03
N LEU H 314 27.00 34.04 -0.92
CA LEU H 314 28.16 34.92 -0.83
C LEU H 314 29.46 34.14 -0.91
N GLN H 315 29.56 33.02 -0.18
CA GLN H 315 30.80 32.24 -0.22
C GLN H 315 30.98 31.54 -1.55
N CYS H 316 29.89 31.08 -2.17
CA CYS H 316 29.97 30.49 -3.50
C CYS H 316 30.11 31.53 -4.60
N ARG H 317 30.06 32.82 -4.25
CA ARG H 317 30.26 33.92 -5.20
C ARG H 317 29.23 33.92 -6.31
N ARG H 318 28.04 33.37 -6.07
CA ARG H 318 27.03 33.30 -7.12
C ARG H 318 25.64 33.31 -6.49
N CYS H 319 24.75 34.13 -7.06
CA CYS H 319 23.37 34.28 -6.61
C CYS H 319 22.49 34.45 -7.83
N PRO H 320 21.97 33.36 -8.38
CA PRO H 320 21.25 33.45 -9.65
C PRO H 320 19.92 34.15 -9.52
N HIS H 321 19.52 34.84 -10.59
CA HIS H 321 18.17 35.37 -10.67
C HIS H 321 17.19 34.20 -10.61
N TYR H 322 16.04 34.43 -9.98
CA TYR H 322 15.19 33.29 -9.69
C TYR H 322 14.57 32.70 -10.95
N PHE H 323 13.99 33.55 -11.78
CA PHE H 323 13.36 33.06 -13.00
C PHE H 323 14.33 32.91 -14.16
N LEU H 324 15.46 33.61 -14.13
CA LEU H 324 16.47 33.56 -15.19
C LEU H 324 17.77 33.04 -14.58
N PRO H 325 17.92 31.72 -14.46
CA PRO H 325 19.12 31.17 -13.82
C PRO H 325 20.41 31.51 -14.54
N ASN H 326 20.33 31.86 -15.83
CA ASN H 326 21.54 32.29 -16.54
C ASN H 326 22.07 33.62 -16.02
N LEU H 327 21.25 34.37 -15.28
CA LEU H 327 21.66 35.66 -14.73
C LEU H 327 22.12 35.50 -13.29
N ASP H 328 23.22 36.17 -12.96
CA ASP H 328 23.81 36.13 -11.63
C ASP H 328 23.70 37.53 -11.04
N LEU H 329 22.98 37.65 -9.91
CA LEU H 329 22.80 38.96 -9.31
C LEU H 329 24.06 39.50 -8.66
N PHE H 330 25.14 38.71 -8.65
CA PHE H 330 26.44 39.15 -8.18
C PHE H 330 27.38 39.49 -9.33
N GLN H 331 26.84 39.78 -10.51
CA GLN H 331 27.62 39.74 -11.75
C GLN H 331 28.81 40.70 -11.72
N GLY H 332 28.68 41.84 -11.07
CA GLY H 332 29.69 42.89 -11.09
C GLY H 332 30.45 43.12 -9.81
N LYS H 333 30.25 42.33 -8.80
CA LYS H 333 30.85 42.65 -7.51
C LYS H 333 32.17 41.91 -7.29
N PRO H 334 33.15 42.65 -6.76
CA PRO H 334 34.44 42.03 -6.45
C PRO H 334 34.29 41.01 -5.33
N HIS H 335 35.01 39.91 -5.46
CA HIS H 335 34.86 38.80 -4.52
C HIS H 335 35.20 39.20 -3.10
N SER H 336 36.09 40.17 -2.91
CA SER H 336 36.43 40.64 -1.57
C SER H 336 35.22 41.24 -0.87
N ALA H 337 34.35 41.92 -1.61
CA ALA H 337 33.15 42.49 -0.98
C ALA H 337 32.13 41.41 -0.65
N LEU H 338 31.93 40.47 -1.57
CA LEU H 338 31.04 39.32 -1.29
C LEU H 338 31.56 38.51 -0.11
N GLU H 339 32.88 38.28 -0.06
CA GLU H 339 33.46 37.53 1.05
C GLU H 339 33.27 38.28 2.35
N ASN H 340 33.46 39.61 2.32
CA ASN H 340 33.20 40.44 3.49
C ASN H 340 31.75 40.34 3.92
N ALA H 341 30.81 40.34 2.96
CA ALA H 341 29.40 40.21 3.30
C ALA H 341 29.11 38.86 3.93
N ALA H 342 29.78 37.80 3.46
CA ALA H 342 29.61 36.48 4.05
C ALA H 342 30.00 36.47 5.52
N LYS H 343 31.08 37.17 5.87
CA LYS H 343 31.50 37.24 7.27
C LYS H 343 30.48 38.03 8.10
N GLN H 344 30.05 39.18 7.61
CA GLN H 344 29.12 40.01 8.38
C GLN H 344 27.76 39.32 8.52
N THR H 345 27.27 38.71 7.45
CA THR H 345 26.02 37.99 7.51
C THR H 345 26.11 36.79 8.45
N TRP H 346 27.25 36.10 8.43
CA TRP H 346 27.45 34.95 9.32
C TRP H 346 27.39 35.37 10.78
N ARG H 347 28.17 36.39 11.16
CA ARG H 347 28.16 36.82 12.56
C ARG H 347 26.82 37.40 12.96
N LEU H 348 26.09 38.01 12.02
CA LEU H 348 24.75 38.50 12.31
C LEU H 348 23.80 37.34 12.55
N ALA H 349 23.81 36.35 11.65
CA ALA H 349 22.92 35.20 11.80
C ALA H 349 23.21 34.45 13.09
N ARG H 350 24.50 34.32 13.43
CA ARG H 350 24.88 33.63 14.67
C ARG H 350 24.32 34.36 15.90
N GLU H 351 24.44 35.69 15.93
CA GLU H 351 24.03 36.46 17.11
C GLU H 351 22.52 36.44 17.30
N ILE H 352 21.75 36.56 16.21
CA ILE H 352 20.29 36.44 16.29
C ILE H 352 19.88 35.07 16.83
N LEU H 353 20.50 34.02 16.30
CA LEU H 353 20.13 32.67 16.70
C LEU H 353 20.54 32.37 18.14
N THR H 354 21.74 32.80 18.52
CA THR H 354 22.25 32.57 19.86
C THR H 354 21.40 33.29 20.91
N ASN H 355 21.01 34.53 20.64
CA ASN H 355 20.24 35.34 21.57
C ASN H 355 19.23 36.17 20.81
N PRO H 356 17.98 35.72 20.71
CA PRO H 356 16.96 36.49 19.96
C PRO H 356 16.67 37.85 20.56
N LYS H 357 16.89 38.07 21.85
CA LYS H 357 16.65 39.38 22.44
C LYS H 357 17.60 40.43 21.88
N SER H 358 18.69 40.01 21.24
CA SER H 358 19.61 40.96 20.61
C SER H 358 18.91 41.79 19.54
N LEU H 359 17.81 41.28 18.96
CA LEU H 359 17.07 42.03 17.96
C LEU H 359 16.59 43.37 18.50
N GLU H 360 16.40 43.47 19.82
CA GLU H 360 15.98 44.74 20.42
C GLU H 360 17.01 45.84 20.17
N LYS H 361 18.29 45.51 20.30
CA LYS H 361 19.35 46.48 20.06
C LYS H 361 19.92 46.40 18.65
N LEU H 362 19.29 45.63 17.78
CA LEU H 362 19.61 45.65 16.36
C LEU H 362 18.72 46.65 15.64
N ALA I 2 14.03 12.54 25.95
CA ALA I 2 15.10 12.01 26.79
C ALA I 2 14.95 12.53 28.20
N MET I 3 15.40 13.76 28.43
CA MET I 3 14.92 14.55 29.56
C MET I 3 13.86 15.53 29.11
N ASP I 4 13.45 15.46 27.84
CA ASP I 4 12.24 16.14 27.38
C ASP I 4 10.99 15.43 27.88
N ILE I 5 11.08 14.14 28.18
CA ILE I 5 9.93 13.43 28.75
C ILE I 5 9.75 13.78 30.22
N ALA I 6 10.85 13.92 30.97
CA ALA I 6 10.74 14.34 32.37
C ALA I 6 10.19 15.75 32.48
N ALA I 7 10.44 16.59 31.48
CA ALA I 7 9.87 17.94 31.46
C ALA I 7 8.45 17.93 30.91
N GLN I 8 8.19 17.11 29.89
CA GLN I 8 6.83 16.95 29.40
C GLN I 8 5.94 16.40 30.50
N ALA I 9 6.46 15.48 31.30
CA ALA I 9 5.68 14.93 32.41
C ALA I 9 5.50 15.97 33.52
N LYS I 10 6.53 16.77 33.79
CA LYS I 10 6.42 17.77 34.85
C LYS I 10 5.38 18.82 34.50
N LEU I 11 5.31 19.22 33.23
CA LEU I 11 4.30 20.19 32.82
C LEU I 11 2.89 19.61 32.94
N VAL I 12 2.69 18.37 32.49
CA VAL I 12 1.38 17.75 32.57
C VAL I 12 0.96 17.55 34.03
N TYR I 13 1.91 17.23 34.91
CA TYR I 13 1.59 17.06 36.32
C TYR I 13 1.11 18.36 36.94
N HIS I 14 1.92 19.42 36.81
CA HIS I 14 1.57 20.68 37.47
C HIS I 14 0.37 21.35 36.84
N LEU I 15 0.10 21.08 35.55
CA LEU I 15 -1.12 21.60 34.95
C LEU I 15 -2.36 20.90 35.51
N ASN I 16 -2.25 19.59 35.78
CA ASN I 16 -3.37 18.89 36.39
C ASN I 16 -3.57 19.31 37.84
N LYS I 17 -2.47 19.57 38.56
CA LYS I 17 -2.58 20.12 39.90
C LYS I 17 -3.27 21.49 39.87
N TYR I 18 -2.86 22.34 38.93
CA TYR I 18 -3.48 23.66 38.78
C TYR I 18 -4.97 23.53 38.49
N TYR I 19 -5.33 22.63 37.57
CA TYR I 19 -6.75 22.41 37.26
C TYR I 19 -7.50 21.86 38.46
N ASN I 20 -6.91 20.88 39.17
CA ASN I 20 -7.56 20.34 40.35
C ASN I 20 -7.67 21.38 41.46
N GLU I 21 -6.72 22.30 41.57
CA GLU I 21 -6.69 23.26 42.66
C GLU I 21 -7.32 24.58 42.26
N LYS I 22 -6.66 25.34 41.37
CA LYS I 22 -7.13 26.68 41.03
C LYS I 22 -8.43 26.63 40.23
N CYS I 23 -8.46 25.81 39.17
CA CYS I 23 -9.63 25.77 38.30
C CYS I 23 -10.87 25.32 39.05
N GLN I 24 -10.77 24.22 39.80
CA GLN I 24 -11.91 23.74 40.57
C GLN I 24 -12.38 24.79 41.57
N ALA I 25 -11.44 25.48 42.21
CA ALA I 25 -11.82 26.61 43.06
C ALA I 25 -12.62 27.63 42.26
N ARG I 26 -12.08 28.07 41.12
CA ARG I 26 -12.80 29.01 40.26
C ARG I 26 -14.07 28.38 39.71
N LYS I 27 -13.99 27.14 39.23
CA LYS I 27 -15.14 26.48 38.61
C LYS I 27 -16.30 26.38 39.60
N ALA I 28 -16.05 25.79 40.77
CA ALA I 28 -17.12 25.58 41.73
C ALA I 28 -17.58 26.87 42.38
N ALA I 29 -16.70 27.88 42.48
CA ALA I 29 -17.10 29.14 43.10
C ALA I 29 -18.00 29.95 42.16
N ILE I 30 -17.58 30.08 40.89
CA ILE I 30 -18.45 30.70 39.91
C ILE I 30 -19.78 29.96 39.82
N ALA I 31 -19.73 28.63 39.92
CA ALA I 31 -20.94 27.82 39.75
C ALA I 31 -21.91 27.99 40.92
N LYS I 32 -21.41 27.88 42.15
CA LYS I 32 -22.30 28.10 43.28
C LYS I 32 -22.80 29.55 43.35
N THR I 33 -22.07 30.47 42.72
CA THR I 33 -22.43 31.88 42.68
C THR I 33 -22.97 32.31 41.32
N ILE I 34 -23.42 31.36 40.49
CA ILE I 34 -23.85 31.73 39.14
C ILE I 34 -25.36 31.96 39.06
N ARG I 35 -26.15 31.24 39.85
CA ARG I 35 -27.60 31.43 39.83
C ARG I 35 -28.15 31.80 41.20
N GLU I 36 -27.27 32.04 42.18
CA GLU I 36 -27.64 32.94 43.27
C GLU I 36 -28.05 34.29 42.72
N VAL I 37 -27.58 34.62 41.51
CA VAL I 37 -27.96 35.84 40.81
C VAL I 37 -29.08 35.61 39.78
N CYS I 38 -29.49 34.36 39.56
CA CYS I 38 -30.39 34.06 38.44
C CYS I 38 -31.78 33.59 38.84
N LYS I 39 -31.99 33.13 40.08
CA LYS I 39 -33.36 33.08 40.58
C LYS I 39 -33.99 34.46 40.51
N VAL I 40 -33.16 35.50 40.61
CA VAL I 40 -33.53 36.88 40.36
C VAL I 40 -34.03 37.10 38.94
N VAL I 41 -33.62 36.28 37.99
CA VAL I 41 -33.76 36.62 36.58
C VAL I 41 -35.09 36.16 35.97
N SER I 42 -35.64 35.01 36.39
CA SER I 42 -36.88 34.52 35.81
C SER I 42 -38.09 34.71 36.72
N ASP I 43 -37.93 35.37 37.86
CA ASP I 43 -39.04 36.04 38.52
C ASP I 43 -39.22 37.45 37.99
N VAL I 44 -38.14 38.05 37.47
CA VAL I 44 -38.24 39.28 36.72
C VAL I 44 -38.82 39.01 35.33
N LEU I 45 -38.57 37.81 34.79
CA LEU I 45 -39.06 37.39 33.48
C LEU I 45 -40.31 36.53 33.56
N LYS I 46 -40.68 36.07 34.76
CA LYS I 46 -42.07 35.66 34.99
C LYS I 46 -42.99 36.88 34.98
N GLU I 47 -42.43 38.08 35.12
CA GLU I 47 -43.19 39.31 35.12
C GLU I 47 -43.21 40.01 33.77
N VAL I 48 -42.44 39.55 32.78
CA VAL I 48 -42.55 40.11 31.44
C VAL I 48 -43.42 39.25 30.55
N GLU I 49 -43.38 37.93 30.71
CA GLU I 49 -44.16 37.05 29.86
C GLU I 49 -45.63 37.02 30.26
N VAL I 50 -45.96 37.46 31.47
CA VAL I 50 -47.37 37.69 31.82
C VAL I 50 -47.87 39.00 31.24
N GLN I 51 -46.97 39.88 30.84
CA GLN I 51 -47.34 41.17 30.26
C GLN I 51 -47.36 41.17 28.73
N GLU I 52 -46.40 40.51 28.09
CA GLU I 52 -46.36 40.43 26.62
C GLU I 52 -45.57 39.20 26.21
N PRO I 53 -46.23 38.05 26.10
CA PRO I 53 -45.60 36.79 25.73
C PRO I 53 -45.14 36.75 24.26
N TYR I 66 -27.78 25.34 32.96
CA TYR I 66 -28.89 26.13 32.45
C TYR I 66 -28.59 26.53 31.01
N GLU I 67 -29.45 26.11 30.09
CA GLU I 67 -29.17 26.25 28.67
C GLU I 67 -29.19 27.71 28.25
N GLY I 68 -28.23 28.09 27.41
CA GLY I 68 -28.22 29.40 26.81
C GLY I 68 -27.57 30.49 27.64
N LEU I 69 -26.59 30.15 28.48
CA LEU I 69 -25.88 31.14 29.28
C LEU I 69 -24.38 30.99 29.07
N GLU I 70 -23.68 32.12 29.12
CA GLU I 70 -22.23 32.15 29.04
C GLU I 70 -21.67 32.95 30.20
N VAL I 71 -20.46 32.59 30.61
CA VAL I 71 -19.75 33.28 31.70
C VAL I 71 -18.66 34.15 31.08
N ILE I 72 -18.77 35.46 31.27
CA ILE I 72 -17.77 36.39 30.76
C ILE I 72 -16.60 36.53 31.73
N SER I 73 -16.90 36.58 33.02
CA SER I 73 -15.91 36.72 34.08
C SER I 73 -16.53 36.21 35.37
N PRO I 74 -15.75 36.09 36.45
CA PRO I 74 -16.37 35.76 37.74
C PRO I 74 -17.44 36.76 38.18
N THR I 75 -17.49 37.95 37.60
CA THR I 75 -18.48 38.95 37.95
C THR I 75 -19.39 39.35 36.79
N GLU I 76 -19.26 38.72 35.62
CA GLU I 76 -20.01 39.14 34.44
C GLU I 76 -20.60 37.93 33.73
N PHE I 77 -21.85 38.08 33.29
CA PHE I 77 -22.63 36.95 32.77
C PHE I 77 -23.56 37.44 31.67
N GLU I 78 -24.08 36.48 30.90
CA GLU I 78 -25.04 36.81 29.85
C GLU I 78 -26.06 35.69 29.71
N VAL I 79 -27.32 36.07 29.48
CA VAL I 79 -28.44 35.13 29.32
C VAL I 79 -29.03 35.34 27.93
N VAL I 80 -29.22 34.25 27.20
CA VAL I 80 -29.82 34.27 25.87
C VAL I 80 -31.24 33.74 25.97
N LEU I 81 -32.16 34.36 25.23
CA LEU I 81 -33.58 34.00 25.26
C LEU I 81 -34.02 33.56 23.87
N TYR I 82 -34.58 32.36 23.78
CA TYR I 82 -35.04 31.81 22.52
C TYR I 82 -36.55 32.04 22.35
N LEU I 83 -36.95 32.26 21.11
CA LEU I 83 -38.35 32.55 20.80
C LEU I 83 -39.09 31.29 20.34
N LEU I 97 -23.10 43.21 5.67
CA LEU I 97 -22.95 43.33 7.12
C LEU I 97 -22.29 42.07 7.69
N PRO I 98 -21.07 42.23 8.22
CA PRO I 98 -20.29 41.05 8.63
C PRO I 98 -20.72 40.51 9.99
N GLY I 99 -20.67 39.20 10.12
CA GLY I 99 -21.17 38.55 11.33
C GLY I 99 -22.65 38.73 11.53
N CYS I 100 -23.40 38.98 10.46
CA CYS I 100 -24.81 39.34 10.55
C CYS I 100 -25.56 38.75 9.38
N ALA I 101 -26.76 38.23 9.66
CA ALA I 101 -27.69 37.75 8.66
C ALA I 101 -28.98 38.56 8.72
N VAL I 102 -29.89 38.28 7.80
CA VAL I 102 -31.10 39.07 7.67
C VAL I 102 -32.32 38.19 7.43
N PHE I 119 -43.76 43.37 14.16
CA PHE I 119 -42.47 44.04 14.25
C PHE I 119 -41.84 44.21 12.89
N ILE I 120 -42.10 43.22 12.02
CA ILE I 120 -41.80 43.31 10.60
C ILE I 120 -42.34 44.64 10.10
N THR I 121 -41.44 45.56 9.74
CA THR I 121 -41.84 46.90 9.34
C THR I 121 -41.64 47.19 7.86
N ALA I 122 -40.63 46.62 7.24
CA ALA I 122 -40.42 46.76 5.80
C ALA I 122 -39.86 45.48 5.21
N TYR I 125 -39.48 42.73 6.61
CA TYR I 125 -38.21 42.65 7.32
C TYR I 125 -38.34 42.67 8.85
N LEU I 126 -38.29 41.49 9.45
CA LEU I 126 -38.18 41.35 10.89
C LEU I 126 -36.74 41.66 11.29
N SER I 127 -36.53 42.77 11.99
CA SER I 127 -35.20 43.27 12.30
C SER I 127 -34.98 43.31 13.81
N ALA I 128 -33.70 43.23 14.20
CA ALA I 128 -33.36 43.06 15.61
C ALA I 128 -33.59 44.34 16.42
N ARG I 129 -33.32 45.51 15.82
CA ARG I 129 -33.42 46.75 16.56
C ARG I 129 -34.83 46.97 17.09
N LYS I 130 -35.84 46.66 16.28
CA LYS I 130 -37.22 46.72 16.75
C LYS I 130 -37.44 45.85 17.97
N ILE I 131 -36.77 44.69 18.02
CA ILE I 131 -37.02 43.72 19.07
C ILE I 131 -36.36 44.16 20.38
N ARG I 132 -35.07 44.48 20.33
CA ARG I 132 -34.36 44.91 21.54
C ARG I 132 -34.91 46.22 22.08
N SER I 133 -35.63 47.00 21.26
CA SER I 133 -36.17 48.27 21.72
C SER I 133 -37.39 48.05 22.60
N ARG I 134 -38.32 47.19 22.19
CA ARG I 134 -39.48 46.91 23.03
C ARG I 134 -39.06 46.26 24.34
N PHE I 135 -38.06 45.37 24.29
CA PHE I 135 -37.67 44.63 25.48
C PHE I 135 -36.79 45.45 26.41
N GLN I 136 -36.09 46.47 25.91
CA GLN I 136 -35.26 47.32 26.77
C GLN I 136 -36.11 47.95 27.88
N THR I 137 -37.17 48.65 27.50
CA THR I 137 -38.02 49.28 28.51
C THR I 137 -38.98 48.30 29.17
N LEU I 138 -39.27 47.16 28.53
CA LEU I 138 -40.07 46.12 29.16
C LEU I 138 -39.31 45.38 30.26
N VAL I 139 -38.02 45.61 30.40
CA VAL I 139 -37.27 45.13 31.55
C VAL I 139 -36.72 46.26 32.40
N ALA I 140 -36.72 47.50 31.91
CA ALA I 140 -36.86 48.65 32.80
C ALA I 140 -38.24 48.67 33.44
N GLN I 141 -39.13 47.76 33.02
CA GLN I 141 -40.46 47.60 33.60
C GLN I 141 -40.40 46.81 34.90
N ALA I 142 -39.58 45.76 34.96
CA ALA I 142 -39.52 44.88 36.11
C ALA I 142 -38.37 45.22 37.07
N VAL I 143 -37.54 46.21 36.75
CA VAL I 143 -36.49 46.60 37.69
C VAL I 143 -37.10 47.15 38.97
N ASP I 144 -38.27 47.79 38.88
CA ASP I 144 -38.93 48.38 40.04
C ASP I 144 -40.26 47.70 40.36
N LYS I 145 -40.51 46.52 39.80
CA LYS I 145 -41.81 45.86 39.94
C LYS I 145 -41.76 44.59 40.76
N CYS I 146 -40.82 43.69 40.46
CA CYS I 146 -40.77 42.42 41.17
C CYS I 146 -40.31 42.63 42.61
N SER I 147 -40.37 41.56 43.39
CA SER I 147 -39.85 41.59 44.76
C SER I 147 -38.33 41.77 44.82
N TYR I 148 -37.65 41.85 43.69
CA TYR I 148 -36.20 41.86 43.59
C TYR I 148 -35.62 43.25 43.40
N ARG I 149 -36.45 44.28 43.45
CA ARG I 149 -35.96 45.64 43.19
C ARG I 149 -35.02 46.15 44.28
N ASP I 150 -35.15 45.65 45.50
CA ASP I 150 -34.38 46.16 46.64
C ASP I 150 -32.89 45.95 46.48
N VAL I 161 -29.67 46.11 27.07
CA VAL I 161 -30.61 45.44 27.95
C VAL I 161 -29.81 44.68 28.99
N LYS I 162 -29.08 45.45 29.81
CA LYS I 162 -28.14 44.91 30.78
C LYS I 162 -28.61 45.29 32.17
N LEU I 163 -28.47 44.35 33.12
CA LEU I 163 -29.02 44.49 34.45
C LEU I 163 -27.92 44.29 35.48
N ARG I 164 -27.82 45.21 36.44
CA ARG I 164 -26.83 45.14 37.51
C ARG I 164 -27.51 44.66 38.79
N ILE I 165 -26.84 43.73 39.48
CA ILE I 165 -27.44 43.02 40.61
C ILE I 165 -26.47 42.98 41.79
N ARG I 166 -26.98 43.25 42.98
CA ARG I 166 -26.28 43.01 44.25
C ARG I 166 -24.94 43.73 44.36
N ASP I 167 -24.75 44.80 43.59
CA ASP I 167 -23.55 45.63 43.58
C ASP I 167 -22.27 44.85 43.26
N ARG I 168 -22.36 43.57 42.88
CA ARG I 168 -21.16 42.78 42.63
C ARG I 168 -21.25 41.96 41.34
N TYR I 169 -22.46 41.55 40.94
CA TYR I 169 -22.64 40.72 39.75
C TYR I 169 -23.55 41.42 38.74
N VAL I 170 -23.33 41.15 37.45
CA VAL I 170 -24.02 41.86 36.37
C VAL I 170 -24.32 40.90 35.22
N VAL I 171 -25.56 40.96 34.71
CA VAL I 171 -26.02 40.06 33.66
C VAL I 171 -26.70 40.86 32.54
N GLN I 172 -26.35 40.55 31.30
CA GLN I 172 -27.03 41.09 30.12
C GLN I 172 -27.92 40.01 29.51
N ILE I 173 -29.14 40.39 29.12
CA ILE I 173 -30.13 39.44 28.63
C ILE I 173 -30.45 39.80 27.18
N THR I 174 -30.12 38.87 26.26
CA THR I 174 -30.25 39.05 24.82
C THR I 174 -31.32 38.11 24.26
N PRO I 175 -32.15 38.57 23.33
CA PRO I 175 -33.10 37.68 22.67
C PRO I 175 -32.46 36.97 21.48
N ALA I 176 -32.99 35.78 21.20
CA ALA I 176 -32.53 34.99 20.05
C ALA I 176 -33.71 34.51 19.21
N LYS I 178 -32.73 31.30 16.94
CA LYS I 178 -32.36 29.89 16.87
C LYS I 178 -32.67 29.32 15.50
N CYS I 179 -31.64 28.78 14.83
CA CYS I 179 -31.78 28.23 13.49
C CYS I 179 -30.90 27.01 13.37
N THR I 180 -31.51 25.83 13.23
CA THR I 180 -30.78 24.62 12.87
C THR I 180 -30.81 24.38 11.37
N GLY I 181 -30.61 25.42 10.57
CA GLY I 181 -30.69 25.31 9.12
C GLY I 181 -29.73 24.30 8.52
N TRP I 183 -27.04 27.59 7.61
CA TRP I 183 -25.63 27.94 7.68
C TRP I 183 -25.30 29.12 6.76
N PRO I 184 -24.94 30.30 7.40
CA PRO I 184 -24.63 31.42 6.48
C PRO I 184 -23.58 31.01 5.44
N ARG I 185 -23.35 31.89 4.46
CA ARG I 185 -22.38 31.62 3.42
C ARG I 185 -20.97 32.11 3.76
N SER I 186 -20.82 33.07 4.66
CA SER I 186 -19.49 33.53 5.05
C SER I 186 -18.67 32.41 5.68
N ALA I 187 -19.34 31.36 6.16
CA ALA I 187 -18.66 30.24 6.80
C ALA I 187 -19.17 28.88 6.35
N ALA I 188 -20.09 28.83 5.37
CA ALA I 188 -20.56 27.55 4.86
C ALA I 188 -19.43 26.74 4.24
N HIS I 189 -18.29 27.37 3.96
CA HIS I 189 -17.12 26.64 3.49
C HIS I 189 -16.62 25.64 4.51
N TRP I 190 -16.98 25.81 5.79
CA TRP I 190 -16.50 24.93 6.84
C TRP I 190 -17.12 23.53 6.75
N PRO I 191 -16.27 22.49 6.79
CA PRO I 191 -14.82 22.70 6.78
C PRO I 191 -14.22 22.66 5.37
N LEU I 192 -13.12 23.38 5.18
CA LEU I 192 -12.31 23.26 3.97
C LEU I 192 -11.83 21.83 3.85
N PRO I 193 -11.26 21.40 2.70
CA PRO I 193 -10.83 20.00 2.59
C PRO I 193 -9.72 19.62 3.55
N HIS I 194 -9.24 20.58 4.35
CA HIS I 194 -7.96 20.43 5.03
C HIS I 194 -8.03 19.59 6.30
N ILE I 195 -9.15 19.61 7.02
CA ILE I 195 -9.15 19.04 8.37
C ILE I 195 -10.42 18.24 8.68
N GLY I 199 -13.44 14.18 12.51
CA GLY I 199 -14.14 13.25 11.65
C GLY I 199 -15.36 13.85 11.00
N PRO I 200 -15.96 13.12 10.05
CA PRO I 200 -17.20 13.60 9.42
C PRO I 200 -18.40 13.37 10.33
N ASN I 201 -18.28 12.36 11.20
CA ASN I 201 -19.27 12.14 12.24
C ASN I 201 -19.46 13.39 13.07
N ARG I 202 -18.36 14.04 13.47
CA ARG I 202 -18.47 15.20 14.33
C ARG I 202 -18.92 16.43 13.56
N VAL I 203 -18.48 16.57 12.30
CA VAL I 203 -18.97 17.66 11.47
C VAL I 203 -20.49 17.59 11.35
N ALA I 204 -21.05 16.39 11.36
CA ALA I 204 -22.50 16.23 11.27
C ALA I 204 -23.20 16.81 12.48
N GLU I 205 -22.81 16.38 13.69
CA GLU I 205 -23.45 16.88 14.89
C GLU I 205 -23.19 18.36 15.11
N VAL I 206 -22.00 18.85 14.74
CA VAL I 206 -21.68 20.26 14.94
C VAL I 206 -22.60 21.14 14.12
N LYS I 207 -22.71 20.85 12.83
CA LYS I 207 -23.65 21.62 12.01
C LYS I 207 -25.10 21.22 12.27
N ALA I 208 -25.33 20.11 12.96
CA ALA I 208 -26.67 19.78 13.43
C ALA I 208 -27.04 20.52 14.71
N GLU I 209 -26.06 21.13 15.40
CA GLU I 209 -26.40 21.99 16.52
C GLU I 209 -27.18 23.22 16.05
N GLY I 210 -26.82 23.74 14.89
CA GLY I 210 -27.49 24.90 14.33
C GLY I 210 -26.68 26.17 14.49
N PHE I 211 -27.37 27.30 14.66
CA PHE I 211 -26.74 28.60 14.87
C PHE I 211 -27.82 29.57 15.32
N ASN I 212 -27.43 30.54 16.13
CA ASN I 212 -28.35 31.50 16.73
C ASN I 212 -28.21 32.88 16.10
N LEU I 213 -29.19 33.74 16.39
CA LEU I 213 -29.22 35.12 15.91
C LEU I 213 -29.61 36.01 17.08
N LEU I 214 -28.75 36.98 17.42
CA LEU I 214 -28.94 37.78 18.61
C LEU I 214 -29.03 39.27 18.27
N SER I 215 -29.53 40.04 19.24
CA SER I 215 -29.58 41.49 19.14
C SER I 215 -28.42 42.12 19.90
N TRP I 233 -29.11 41.61 13.70
CA TRP I 233 -28.97 40.18 13.87
C TRP I 233 -27.50 39.76 13.90
N VAL I 234 -27.08 39.13 14.98
CA VAL I 234 -25.68 38.72 15.19
C VAL I 234 -25.63 37.21 15.32
N LEU I 235 -24.81 36.57 14.49
CA LEU I 235 -24.68 35.12 14.49
C LEU I 235 -23.85 34.65 15.68
N GLN I 236 -24.25 33.53 16.27
CA GLN I 236 -23.58 32.95 17.43
C GLN I 236 -23.61 31.43 17.35
N PHE I 237 -22.69 30.78 18.08
CA PHE I 237 -22.50 29.34 17.96
C PHE I 237 -22.27 28.65 19.30
N ALA I 238 -22.76 29.22 20.39
CA ALA I 238 -22.47 28.76 21.75
C ALA I 238 -22.26 27.25 21.87
N GLU I 239 -23.19 26.47 21.32
CA GLU I 239 -23.15 25.01 21.46
C GLU I 239 -22.69 24.29 20.20
N ALA I 240 -22.77 24.93 19.03
CA ALA I 240 -22.13 24.36 17.85
C ALA I 240 -20.64 24.17 18.08
N GLU I 241 -20.01 25.13 18.75
CA GLU I 241 -18.61 25.00 19.14
C GLU I 241 -18.42 24.14 20.38
N ASN I 242 -19.50 23.72 21.04
CA ASN I 242 -19.36 22.89 22.24
C ASN I 242 -19.10 21.43 21.90
N ARG I 243 -19.81 20.89 20.90
CA ARG I 243 -19.52 19.53 20.44
C ARG I 243 -18.30 19.48 19.55
N LEU I 244 -17.97 20.59 18.88
CA LEU I 244 -16.66 20.69 18.22
C LEU I 244 -15.53 20.60 19.22
N GLN I 245 -15.79 20.99 20.48
CA GLN I 245 -14.78 20.98 21.53
C GLN I 245 -15.01 19.89 22.57
N MET I 246 -16.02 19.03 22.39
CA MET I 246 -16.25 17.96 23.35
C MET I 246 -15.19 16.88 23.19
N GLY I 247 -14.86 16.22 24.30
CA GLY I 247 -13.94 15.11 24.28
C GLY I 247 -12.51 15.52 24.58
N GLY I 248 -11.73 14.53 25.03
CA GLY I 248 -10.33 14.71 25.37
C GLY I 248 -10.15 15.75 26.47
N CYS I 249 -8.93 16.26 26.57
CA CYS I 249 -8.61 17.37 27.49
C CYS I 249 -8.90 18.75 26.90
N ARG I 250 -9.87 18.85 25.99
CA ARG I 250 -10.21 20.14 25.38
C ARG I 250 -10.81 21.10 26.41
N LYS I 251 -11.87 20.67 27.09
CA LYS I 251 -12.49 21.52 28.11
C LYS I 251 -11.51 21.84 29.22
N LYS I 252 -10.67 20.88 29.61
CA LYS I 252 -9.69 21.12 30.65
C LYS I 252 -8.69 22.19 30.24
N CYS I 253 -8.24 22.14 28.99
CA CYS I 253 -7.38 23.19 28.45
C CYS I 253 -8.08 24.54 28.53
N LEU I 254 -9.34 24.59 28.11
CA LEU I 254 -10.10 25.83 28.16
C LEU I 254 -10.24 26.35 29.59
N SER I 255 -10.48 25.44 30.54
CA SER I 255 -10.65 25.85 31.93
C SER I 255 -9.37 26.45 32.49
N ILE I 256 -8.22 25.85 32.17
CA ILE I 256 -6.95 26.42 32.60
C ILE I 256 -6.74 27.79 31.96
N LEU I 257 -7.05 27.92 30.68
CA LEU I 257 -6.91 29.21 30.00
C LEU I 257 -7.83 30.25 30.61
N LYS I 258 -9.10 29.88 30.84
CA LYS I 258 -10.02 30.79 31.51
C LYS I 258 -9.50 31.18 32.88
N THR I 259 -9.01 30.21 33.65
CA THR I 259 -8.47 30.51 34.97
C THR I 259 -7.24 31.42 34.87
N LEU I 260 -6.34 31.12 33.92
CA LEU I 260 -5.15 31.95 33.75
C LEU I 260 -5.52 33.35 33.30
N ARG I 261 -6.49 33.48 32.38
CA ARG I 261 -6.89 34.80 31.91
C ARG I 261 -7.54 35.62 33.03
N ASP I 262 -8.43 35.00 33.81
CA ASP I 262 -9.04 35.69 34.94
C ASP I 262 -7.97 36.22 35.90
N ARG I 263 -6.98 35.39 36.22
CA ARG I 263 -6.03 35.71 37.27
C ARG I 263 -4.85 36.53 36.79
N HIS I 264 -4.59 36.60 35.48
CA HIS I 264 -3.38 37.25 35.02
C HIS I 264 -3.53 38.11 33.77
N LEU I 265 -4.63 38.02 33.02
CA LEU I 265 -4.73 38.74 31.76
C LEU I 265 -5.99 39.61 31.71
N GLU I 266 -6.45 40.10 32.85
CA GLU I 266 -7.50 41.11 32.88
C GLU I 266 -6.81 42.47 32.80
N LEU I 267 -6.59 42.92 31.57
CA LEU I 267 -5.70 44.02 31.26
C LEU I 267 -6.48 45.29 30.92
N PRO I 268 -5.84 46.45 31.02
CA PRO I 268 -6.56 47.71 30.71
C PRO I 268 -7.00 47.75 29.26
N GLY I 269 -8.26 48.14 29.05
CA GLY I 269 -8.87 48.07 27.75
C GLY I 269 -9.52 46.73 27.44
N GLN I 270 -9.47 45.78 28.37
CA GLN I 270 -10.02 44.44 28.22
C GLN I 270 -9.69 43.83 26.86
N PRO I 271 -8.41 43.75 26.51
CA PRO I 271 -8.07 43.18 25.19
C PRO I 271 -8.38 41.70 25.09
N LEU I 272 -8.42 40.99 26.20
CA LEU I 272 -8.64 39.54 26.23
C LEU I 272 -9.84 39.21 27.10
N ASN I 273 -10.77 38.45 26.54
CA ASN I 273 -11.89 37.88 27.28
C ASN I 273 -11.82 36.36 27.18
N ASN I 274 -12.67 35.69 27.96
CA ASN I 274 -12.67 34.24 27.94
C ASN I 274 -13.05 33.68 26.58
N TYR I 275 -13.88 34.43 25.82
CA TYR I 275 -14.26 33.96 24.49
C TYR I 275 -13.07 33.93 23.54
N HIS I 276 -12.03 34.72 23.79
CA HIS I 276 -10.79 34.56 23.04
C HIS I 276 -10.17 33.19 23.30
N MET I 277 -10.10 32.80 24.57
CA MET I 277 -9.60 31.48 24.92
C MET I 277 -10.40 30.38 24.22
N LYS I 278 -11.73 30.49 24.25
CA LYS I 278 -12.58 29.49 23.63
C LYS I 278 -12.35 29.43 22.12
N THR I 279 -12.14 30.59 21.49
CA THR I 279 -11.91 30.60 20.05
C THR I 279 -10.55 29.98 19.70
N LEU I 280 -9.55 30.18 20.55
CA LEU I 280 -8.23 29.63 20.25
C LEU I 280 -8.20 28.11 20.43
N VAL I 281 -8.94 27.59 21.40
CA VAL I 281 -9.08 26.15 21.53
C VAL I 281 -9.68 25.57 20.26
N SER I 282 -10.68 26.24 19.68
CA SER I 282 -11.26 25.78 18.43
C SER I 282 -10.25 25.81 17.30
N TYR I 283 -9.43 26.86 17.22
CA TYR I 283 -8.37 26.88 16.22
C TYR I 283 -7.33 25.80 16.50
N GLU I 284 -6.98 25.61 17.77
CA GLU I 284 -6.12 24.49 18.13
C GLU I 284 -6.78 23.17 17.78
N CYS I 285 -8.09 23.07 17.97
CA CYS I 285 -8.81 21.87 17.55
C CYS I 285 -8.72 21.68 16.05
N GLU I 286 -8.78 22.77 15.28
CA GLU I 286 -8.67 22.65 13.84
C GLU I 286 -7.25 22.27 13.42
N LYS I 287 -6.25 22.79 14.13
CA LYS I 287 -4.88 22.40 13.84
C LYS I 287 -4.65 20.92 14.13
N HIS I 288 -5.22 20.42 15.24
CA HIS I 288 -5.04 19.03 15.66
C HIS I 288 -6.42 18.40 15.88
N PRO I 289 -7.09 17.99 14.79
CA PRO I 289 -8.42 17.39 14.96
C PRO I 289 -8.42 15.94 15.40
N ARG I 290 -7.30 15.24 15.29
CA ARG I 290 -7.28 13.83 15.69
C ARG I 290 -7.39 13.72 17.21
N GLU I 291 -8.16 12.72 17.66
CA GLU I 291 -8.45 12.61 19.09
C GLU I 291 -7.21 12.32 19.91
N SER I 292 -6.22 11.64 19.34
CA SER I 292 -5.02 11.29 20.09
C SER I 292 -4.13 12.49 20.38
N ASP I 293 -4.38 13.64 19.75
CA ASP I 293 -3.69 14.87 20.12
C ASP I 293 -4.31 15.58 21.30
N TRP I 294 -5.44 15.08 21.81
CA TRP I 294 -6.13 15.70 22.94
C TRP I 294 -6.30 14.72 24.10
N ASP I 295 -5.53 13.64 24.14
CA ASP I 295 -5.59 12.79 25.32
C ASP I 295 -4.84 13.46 26.46
N GLU I 296 -4.88 12.83 27.64
CA GLU I 296 -4.38 13.49 28.85
C GLU I 296 -2.88 13.76 28.76
N SER I 297 -2.12 12.83 28.18
CA SER I 297 -0.68 12.98 28.08
C SER I 297 -0.25 14.14 27.18
N CYS I 298 -1.18 14.74 26.43
CA CYS I 298 -0.87 15.83 25.51
C CYS I 298 -1.28 17.20 26.06
N LEU I 299 -1.72 17.27 27.32
CA LEU I 299 -2.28 18.51 27.85
C LEU I 299 -1.29 19.66 27.76
N GLY I 300 -0.04 19.42 28.12
CA GLY I 300 0.95 20.48 28.10
C GLY I 300 1.24 21.00 26.70
N ASP I 301 1.29 20.09 25.72
CA ASP I 301 1.52 20.52 24.34
C ASP I 301 0.38 21.37 23.83
N ARG I 302 -0.87 20.98 24.11
CA ARG I 302 -2.00 21.77 23.66
C ARG I 302 -2.06 23.11 24.40
N LEU I 303 -1.74 23.12 25.70
CA LEU I 303 -1.79 24.36 26.45
C LEU I 303 -0.73 25.35 25.98
N ASN I 304 0.50 24.87 25.78
CA ASN I 304 1.56 25.76 25.32
C ASN I 304 1.35 26.20 23.88
N GLY I 305 0.78 25.34 23.04
CA GLY I 305 0.49 25.72 21.67
C GLY I 305 -0.58 26.79 21.58
N ILE I 306 -1.58 26.73 22.46
CA ILE I 306 -2.63 27.74 22.46
C ILE I 306 -2.08 29.09 22.93
N LEU I 307 -1.23 29.07 23.96
CA LEU I 307 -0.66 30.32 24.46
C LEU I 307 0.19 31.01 23.39
N LEU I 308 1.09 30.25 22.75
CA LEU I 308 1.89 30.83 21.68
C LEU I 308 1.02 31.33 20.54
N GLN I 309 -0.10 30.66 20.27
CA GLN I 309 -1.04 31.14 19.26
C GLN I 309 -1.70 32.43 19.72
N LEU I 310 -2.03 32.53 21.01
CA LEU I 310 -2.57 33.76 21.56
C LEU I 310 -1.57 34.91 21.42
N ILE I 311 -0.31 34.65 21.78
CA ILE I 311 0.74 35.65 21.59
C ILE I 311 0.85 36.04 20.13
N SER I 312 0.85 35.04 19.23
CA SER I 312 0.90 35.32 17.80
C SER I 312 -0.27 36.18 17.37
N CYS I 313 -1.47 35.88 17.87
CA CYS I 313 -2.65 36.68 17.52
C CYS I 313 -2.49 38.13 17.99
N LEU I 314 -1.95 38.33 19.19
CA LEU I 314 -1.81 39.68 19.72
C LEU I 314 -0.74 40.45 18.98
N GLN I 315 0.41 39.81 18.73
CA GLN I 315 1.45 40.47 17.94
C GLN I 315 0.99 40.76 16.53
N CYS I 316 0.27 39.82 15.92
CA CYS I 316 -0.25 40.02 14.56
C CYS I 316 -1.45 40.95 14.50
N ARG I 317 -2.00 41.35 15.66
CA ARG I 317 -3.14 42.27 15.73
C ARG I 317 -4.37 41.72 15.00
N ARG I 318 -4.52 40.39 14.99
CA ARG I 318 -5.63 39.75 14.31
C ARG I 318 -6.06 38.52 15.08
N CYS I 319 -7.37 38.30 15.16
CA CYS I 319 -7.96 37.13 15.81
C CYS I 319 -9.38 36.93 15.32
N PRO I 320 -9.57 36.28 14.17
CA PRO I 320 -10.91 36.15 13.62
C PRO I 320 -11.79 35.21 14.43
N HIS I 321 -13.09 35.37 14.25
CA HIS I 321 -14.05 34.41 14.80
C HIS I 321 -13.82 33.04 14.17
N TYR I 322 -14.02 31.98 14.95
CA TYR I 322 -13.69 30.66 14.45
C TYR I 322 -14.56 30.28 13.25
N PHE I 323 -15.87 30.49 13.37
CA PHE I 323 -16.72 30.14 12.25
C PHE I 323 -16.75 31.25 11.21
N LEU I 324 -16.95 32.49 11.63
CA LEU I 324 -16.98 33.61 10.69
C LEU I 324 -15.58 34.21 10.50
N PRO I 325 -14.86 33.82 9.44
CA PRO I 325 -13.49 34.33 9.27
C PRO I 325 -13.44 35.81 8.93
N ASN I 326 -14.56 36.40 8.51
CA ASN I 326 -14.63 37.81 8.15
C ASN I 326 -14.84 38.72 9.35
N LEU I 327 -15.13 38.17 10.52
CA LEU I 327 -15.27 38.94 11.75
C LEU I 327 -14.00 38.82 12.58
N ASP I 328 -13.66 39.90 13.27
CA ASP I 328 -12.44 39.94 14.08
C ASP I 328 -12.78 40.24 15.53
N LEU I 329 -12.16 39.52 16.44
CA LEU I 329 -12.42 39.65 17.87
C LEU I 329 -11.57 40.72 18.53
N PHE I 330 -10.71 41.41 17.77
CA PHE I 330 -9.96 42.55 18.27
C PHE I 330 -10.49 43.87 17.75
N GLN I 331 -11.61 43.86 17.03
CA GLN I 331 -12.18 45.08 16.49
C GLN I 331 -12.57 46.03 17.61
N GLY I 332 -12.19 47.30 17.47
CA GLY I 332 -12.43 48.28 18.50
C GLY I 332 -11.42 48.28 19.63
N LYS I 333 -10.56 47.27 19.71
CA LYS I 333 -9.49 47.26 20.70
C LYS I 333 -8.30 48.05 20.16
N PRO I 334 -7.76 49.00 20.91
CA PRO I 334 -6.56 49.70 20.46
C PRO I 334 -5.37 48.74 20.41
N HIS I 335 -4.49 48.95 19.42
CA HIS I 335 -3.37 48.03 19.22
C HIS I 335 -2.38 48.10 20.37
N SER I 336 -2.26 49.25 21.04
CA SER I 336 -1.38 49.33 22.19
C SER I 336 -1.85 48.41 23.31
N ALA I 337 -3.16 48.19 23.42
CA ALA I 337 -3.67 47.25 24.40
C ALA I 337 -3.33 45.81 24.01
N LEU I 338 -3.44 45.49 22.72
CA LEU I 338 -3.11 44.14 22.26
C LEU I 338 -1.62 43.86 22.39
N GLU I 339 -0.77 44.88 22.13
CA GLU I 339 0.66 44.71 22.28
C GLU I 339 1.04 44.54 23.75
N ASN I 340 0.41 45.31 24.64
CA ASN I 340 0.61 45.10 26.07
C ASN I 340 0.14 43.71 26.48
N ALA I 341 -0.99 43.27 25.93
CA ALA I 341 -1.47 41.91 26.20
C ALA I 341 -0.47 40.86 25.73
N ALA I 342 0.23 41.15 24.62
CA ALA I 342 1.19 40.18 24.10
C ALA I 342 2.42 40.08 25.01
N LYS I 343 2.88 41.20 25.54
CA LYS I 343 4.02 41.17 26.46
C LYS I 343 3.68 40.41 27.73
N GLN I 344 2.45 40.56 28.24
CA GLN I 344 2.08 39.89 29.48
C GLN I 344 1.80 38.41 29.26
N THR I 345 1.07 38.07 28.20
CA THR I 345 0.85 36.66 27.88
C THR I 345 2.17 35.93 27.65
N TRP I 346 3.13 36.60 27.00
CA TRP I 346 4.45 36.02 26.83
C TRP I 346 5.17 35.85 28.16
N ARG I 347 5.11 36.89 29.01
CA ARG I 347 5.73 36.80 30.33
C ARG I 347 5.13 35.67 31.15
N LEU I 348 3.85 35.38 30.96
CA LEU I 348 3.20 34.30 31.70
C LEU I 348 3.49 32.94 31.08
N ALA I 349 3.38 32.83 29.75
CA ALA I 349 3.65 31.56 29.09
C ALA I 349 5.08 31.09 29.32
N ARG I 350 6.04 32.02 29.40
CA ARG I 350 7.42 31.61 29.55
C ARG I 350 7.75 31.17 30.97
N GLU I 351 7.07 31.70 32.00
CA GLU I 351 7.32 31.22 33.35
C GLU I 351 6.77 29.83 33.55
N ILE I 352 5.62 29.53 32.95
CA ILE I 352 5.04 28.20 33.05
C ILE I 352 5.91 27.19 32.30
N LEU I 353 6.29 27.53 31.07
CA LEU I 353 7.10 26.61 30.27
C LEU I 353 8.52 26.48 30.81
N THR I 354 9.02 27.51 31.50
CA THR I 354 10.35 27.42 32.10
C THR I 354 10.35 26.49 33.31
N ASN I 355 9.50 26.80 34.29
CA ASN I 355 9.33 25.94 35.47
C ASN I 355 7.84 25.78 35.71
N PRO I 356 7.27 24.63 35.33
CA PRO I 356 5.82 24.41 35.55
C PRO I 356 5.42 24.41 37.02
N LYS I 357 6.37 24.23 37.94
CA LYS I 357 6.04 24.30 39.36
C LYS I 357 5.52 25.68 39.75
N SER I 358 5.83 26.71 38.96
CA SER I 358 5.34 28.05 39.25
C SER I 358 3.82 28.11 39.28
N LEU I 359 3.14 27.17 38.62
CA LEU I 359 1.68 27.14 38.63
C LEU I 359 1.11 27.00 40.03
N GLU I 360 1.91 26.58 41.02
CA GLU I 360 1.41 26.47 42.38
C GLU I 360 1.11 27.85 42.97
N LYS I 361 2.02 28.81 42.77
CA LYS I 361 1.80 30.18 43.21
C LYS I 361 1.27 31.06 42.09
N LEU I 362 0.59 30.47 41.10
CA LEU I 362 -0.06 31.22 40.04
C LEU I 362 -1.58 31.18 40.19
N GLY J 1 -20.52 -15.38 -16.69
CA GLY J 1 -20.76 -15.38 -15.26
C GLY J 1 -21.53 -16.60 -14.79
N ALA J 2 -22.86 -16.56 -14.93
CA ALA J 2 -23.68 -17.71 -14.59
C ALA J 2 -23.58 -18.81 -15.64
N MET J 3 -23.34 -18.44 -16.90
CA MET J 3 -23.02 -19.42 -17.93
C MET J 3 -21.72 -20.14 -17.62
N ASP J 4 -20.91 -19.60 -16.71
CA ASP J 4 -19.63 -20.16 -16.34
C ASP J 4 -19.69 -21.00 -15.07
N ILE J 5 -20.62 -20.68 -14.15
CA ILE J 5 -20.82 -21.55 -12.99
C ILE J 5 -21.53 -22.83 -13.39
N ALA J 6 -22.42 -22.77 -14.38
CA ALA J 6 -23.11 -23.98 -14.83
C ALA J 6 -22.15 -24.93 -15.52
N ALA J 7 -21.21 -24.40 -16.31
CA ALA J 7 -20.25 -25.26 -17.00
C ALA J 7 -19.23 -25.85 -16.04
N GLN J 8 -18.76 -25.05 -15.07
CA GLN J 8 -17.82 -25.57 -14.09
C GLN J 8 -18.46 -26.64 -13.20
N ALA J 9 -19.71 -26.42 -12.78
CA ALA J 9 -20.38 -27.41 -11.95
C ALA J 9 -20.65 -28.70 -12.70
N LYS J 10 -21.05 -28.59 -13.98
CA LYS J 10 -21.30 -29.80 -14.77
C LYS J 10 -20.01 -30.60 -14.96
N LEU J 11 -18.90 -29.91 -15.20
CA LEU J 11 -17.62 -30.61 -15.36
C LEU J 11 -17.19 -31.29 -14.06
N VAL J 12 -17.33 -30.58 -12.94
CA VAL J 12 -16.96 -31.17 -11.65
C VAL J 12 -17.84 -32.37 -11.34
N TYR J 13 -19.12 -32.29 -11.67
CA TYR J 13 -20.04 -33.39 -11.40
C TYR J 13 -19.62 -34.66 -12.14
N HIS J 14 -19.35 -34.55 -13.44
CA HIS J 14 -19.07 -35.74 -14.22
C HIS J 14 -17.68 -36.28 -13.99
N LEU J 15 -16.72 -35.43 -13.62
CA LEU J 15 -15.41 -35.94 -13.21
C LEU J 15 -15.50 -36.76 -11.93
N ASN J 16 -16.32 -36.32 -10.98
CA ASN J 16 -16.49 -37.08 -9.74
C ASN J 16 -17.21 -38.39 -10.01
N LYS J 17 -18.17 -38.38 -10.94
CA LYS J 17 -18.78 -39.62 -11.41
C LYS J 17 -17.74 -40.53 -12.05
N TYR J 18 -16.89 -39.96 -12.90
CA TYR J 18 -15.83 -40.73 -13.53
C TYR J 18 -14.89 -41.33 -12.49
N TYR J 19 -14.53 -40.53 -11.48
CA TYR J 19 -13.67 -41.04 -10.40
C TYR J 19 -14.38 -42.15 -9.63
N ASN J 20 -15.67 -41.96 -9.34
CA ASN J 20 -16.40 -42.95 -8.56
C ASN J 20 -16.67 -44.22 -9.36
N GLU J 21 -16.75 -44.13 -10.68
CA GLU J 21 -17.02 -45.32 -11.48
C GLU J 21 -15.74 -45.91 -12.07
N LYS J 22 -15.17 -45.26 -13.09
CA LYS J 22 -14.02 -45.84 -13.78
C LYS J 22 -12.77 -45.87 -12.90
N CYS J 23 -12.48 -44.77 -12.18
CA CYS J 23 -11.26 -44.75 -11.39
C CYS J 23 -11.32 -45.74 -10.24
N GLN J 24 -12.48 -45.87 -9.58
CA GLN J 24 -12.60 -46.81 -8.48
C GLN J 24 -12.51 -48.24 -8.97
N ALA J 25 -13.07 -48.53 -10.15
CA ALA J 25 -12.90 -49.85 -10.75
C ALA J 25 -11.44 -50.14 -11.06
N ARG J 26 -10.72 -49.16 -11.59
CA ARG J 26 -9.30 -49.33 -11.86
C ARG J 26 -8.53 -49.64 -10.59
N LYS J 27 -8.82 -48.92 -9.51
CA LYS J 27 -8.13 -49.17 -8.24
C LYS J 27 -8.40 -50.59 -7.75
N ALA J 28 -9.64 -51.08 -7.90
CA ALA J 28 -9.97 -52.41 -7.42
C ALA J 28 -9.31 -53.49 -8.28
N ALA J 29 -9.34 -53.32 -9.61
CA ALA J 29 -8.77 -54.32 -10.49
C ALA J 29 -7.25 -54.41 -10.31
N ILE J 30 -6.59 -53.26 -10.20
CA ILE J 30 -5.14 -53.27 -10.01
C ILE J 30 -4.78 -53.79 -8.62
N ALA J 31 -5.60 -53.48 -7.62
CA ALA J 31 -5.37 -54.03 -6.28
C ALA J 31 -5.45 -55.55 -6.28
N LYS J 32 -6.42 -56.10 -7.00
CA LYS J 32 -6.52 -57.55 -7.13
C LYS J 32 -5.28 -58.13 -7.81
N THR J 33 -4.85 -57.51 -8.92
CA THR J 33 -3.65 -57.98 -9.60
C THR J 33 -2.41 -57.82 -8.74
N ILE J 34 -2.33 -56.72 -7.98
CA ILE J 34 -1.17 -56.49 -7.14
C ILE J 34 -1.04 -57.55 -6.06
N ARG J 35 -2.17 -58.03 -5.53
CA ARG J 35 -2.12 -59.09 -4.53
C ARG J 35 -1.56 -60.38 -5.11
N GLU J 36 -2.01 -60.74 -6.32
CA GLU J 36 -1.47 -61.91 -7.01
C GLU J 36 0.01 -61.74 -7.29
N VAL J 37 0.40 -60.57 -7.79
CA VAL J 37 1.78 -60.33 -8.20
C VAL J 37 2.72 -60.31 -6.99
N CYS J 38 2.25 -59.77 -5.87
CA CYS J 38 3.11 -59.68 -4.69
C CYS J 38 3.32 -61.03 -4.02
N LYS J 39 2.36 -61.96 -4.14
CA LYS J 39 2.59 -63.31 -3.67
C LYS J 39 3.72 -63.96 -4.45
N VAL J 40 3.71 -63.80 -5.77
CA VAL J 40 4.69 -64.45 -6.63
C VAL J 40 6.07 -63.84 -6.44
N VAL J 41 6.14 -62.52 -6.28
CA VAL J 41 7.43 -61.87 -6.10
C VAL J 41 8.03 -62.25 -4.75
N SER J 42 7.20 -62.33 -3.71
CA SER J 42 7.69 -62.74 -2.40
C SER J 42 8.18 -64.18 -2.43
N ASP J 43 7.49 -65.04 -3.21
CA ASP J 43 7.90 -66.43 -3.30
C ASP J 43 9.22 -66.57 -4.03
N VAL J 44 9.39 -65.85 -5.13
CA VAL J 44 10.65 -65.88 -5.87
C VAL J 44 11.79 -65.35 -5.00
N LEU J 45 11.53 -64.27 -4.26
CA LEU J 45 12.58 -63.62 -3.50
C LEU J 45 12.97 -64.46 -2.28
N LYS J 46 11.99 -65.11 -1.64
CA LYS J 46 12.30 -66.04 -0.56
C LYS J 46 13.22 -67.15 -1.03
N GLU J 47 13.03 -67.61 -2.27
CA GLU J 47 13.87 -68.66 -2.82
C GLU J 47 15.26 -68.11 -3.15
N VAL J 48 15.32 -66.88 -3.65
CA VAL J 48 16.60 -66.19 -3.85
C VAL J 48 17.36 -66.10 -2.53
N GLU J 49 16.66 -65.79 -1.44
CA GLU J 49 17.31 -65.50 -0.17
C GLU J 49 18.00 -66.72 0.43
N VAL J 50 17.52 -67.93 0.16
CA VAL J 50 18.22 -69.11 0.66
C VAL J 50 19.59 -69.24 -0.02
N GLN J 51 19.66 -68.92 -1.31
CA GLN J 51 20.94 -68.97 -2.00
C GLN J 51 21.81 -67.78 -1.65
N GLU J 52 21.21 -66.64 -1.33
CA GLU J 52 21.93 -65.39 -1.09
C GLU J 52 21.17 -64.62 -0.04
N PRO J 53 21.56 -64.72 1.23
CA PRO J 53 20.81 -64.04 2.29
C PRO J 53 20.85 -62.53 2.21
N ARG J 54 21.74 -61.94 1.41
CA ARG J 54 21.80 -60.49 1.30
C ARG J 54 20.63 -59.90 0.52
N PHE J 55 19.95 -60.70 -0.31
CA PHE J 55 18.77 -60.22 -1.04
C PHE J 55 17.51 -60.56 -0.25
N ILE J 56 17.23 -59.76 0.77
CA ILE J 56 16.03 -59.91 1.58
C ILE J 56 14.92 -59.08 0.97
N SER J 57 13.74 -59.68 0.84
CA SER J 57 12.59 -58.98 0.29
C SER J 57 12.16 -57.86 1.23
N SER J 58 12.25 -56.63 0.75
CA SER J 58 11.73 -55.47 1.48
C SER J 58 10.26 -55.24 1.21
N LEU J 59 9.58 -56.21 0.61
CA LEU J 59 8.18 -56.08 0.19
C LEU J 59 7.28 -56.45 1.36
N ASN J 60 6.75 -55.45 2.04
CA ASN J 60 5.78 -55.63 3.11
C ASN J 60 4.55 -54.78 2.83
N GLU J 61 3.39 -55.26 3.27
CA GLU J 61 2.14 -54.53 3.12
C GLU J 61 1.79 -53.90 4.46
N MET J 62 2.26 -52.66 4.65
CA MET J 62 1.93 -51.86 5.83
C MET J 62 1.01 -50.73 5.38
N ASP J 63 -0.15 -50.62 6.03
CA ASP J 63 -1.15 -49.58 5.76
C ASP J 63 -1.85 -49.79 4.42
N ASN J 64 -2.11 -51.06 4.08
CA ASN J 64 -2.88 -51.45 2.89
C ASN J 64 -2.15 -51.12 1.58
N ARG J 65 -0.84 -50.85 1.65
CA ARG J 65 -0.05 -50.55 0.46
CA ARG J 65 -0.06 -50.56 0.46
C ARG J 65 1.31 -51.22 0.59
N TYR J 66 1.85 -51.67 -0.55
CA TYR J 66 3.13 -52.37 -0.58
C TYR J 66 4.26 -51.37 -0.79
N GLU J 67 5.18 -51.31 0.18
CA GLU J 67 6.31 -50.38 0.07
C GLU J 67 7.28 -50.84 -1.01
N GLY J 68 7.62 -49.92 -1.91
CA GLY J 68 8.55 -50.18 -2.98
C GLY J 68 7.91 -50.54 -4.31
N LEU J 69 6.59 -50.61 -4.38
CA LEU J 69 5.87 -51.04 -5.56
C LEU J 69 5.36 -49.85 -6.36
N GLU J 70 5.55 -49.90 -7.68
CA GLU J 70 5.08 -48.88 -8.62
C GLU J 70 4.16 -49.52 -9.65
N VAL J 71 3.05 -48.84 -9.91
CA VAL J 71 2.14 -49.24 -10.99
C VAL J 71 2.52 -48.46 -12.24
N ILE J 72 2.79 -49.18 -13.32
CA ILE J 72 3.07 -48.59 -14.62
C ILE J 72 1.87 -48.71 -15.54
N SER J 73 1.17 -49.84 -15.45
CA SER J 73 0.07 -50.21 -16.30
C SER J 73 -0.77 -51.23 -15.54
N PRO J 74 -2.02 -51.49 -15.96
CA PRO J 74 -2.78 -52.57 -15.31
C PRO J 74 -2.06 -53.91 -15.34
N THR J 75 -1.06 -54.07 -16.21
CA THR J 75 -0.34 -55.33 -16.34
C THR J 75 1.17 -55.18 -16.16
N GLU J 76 1.67 -54.01 -15.76
CA GLU J 76 3.10 -53.78 -15.61
C GLU J 76 3.38 -53.10 -14.27
N PHE J 77 4.40 -53.57 -13.57
CA PHE J 77 4.72 -53.10 -12.24
C PHE J 77 6.22 -53.09 -12.05
N GLU J 78 6.68 -52.28 -11.09
CA GLU J 78 8.08 -52.27 -10.69
C GLU J 78 8.15 -52.41 -9.18
N VAL J 79 8.86 -53.43 -8.71
CA VAL J 79 9.16 -53.58 -7.30
C VAL J 79 10.60 -53.14 -7.11
N VAL J 80 10.81 -52.12 -6.29
CA VAL J 80 12.16 -51.69 -5.95
C VAL J 80 12.58 -52.46 -4.70
N LEU J 81 13.67 -53.21 -4.83
CA LEU J 81 14.15 -54.08 -3.77
C LEU J 81 15.21 -53.33 -2.99
N TYR J 82 14.86 -52.92 -1.77
CA TYR J 82 15.78 -52.15 -0.96
C TYR J 82 16.81 -53.11 -0.39
N LEU J 83 18.08 -52.77 -0.58
CA LEU J 83 19.16 -53.65 -0.18
C LEU J 83 19.74 -53.15 1.12
N ASN J 84 20.15 -54.10 1.96
CA ASN J 84 20.80 -53.73 3.20
C ASN J 84 22.19 -53.19 2.92
N GLN J 85 22.55 -52.13 3.61
CA GLN J 85 23.80 -51.44 3.41
C GLN J 85 24.40 -51.11 4.78
N MET J 86 25.72 -51.16 4.85
CA MET J 86 26.45 -50.84 6.07
CA MET J 86 26.40 -50.84 6.10
C MET J 86 26.73 -49.35 6.23
N GLY J 87 26.48 -48.56 5.20
CA GLY J 87 26.75 -47.13 5.27
C GLY J 87 28.22 -46.77 5.16
N VAL J 88 29.00 -47.56 4.43
CA VAL J 88 30.41 -47.28 4.24
C VAL J 88 30.67 -46.55 2.92
N PHE J 89 29.63 -45.97 2.32
CA PHE J 89 29.74 -45.35 1.01
C PHE J 89 29.36 -43.87 1.09
N ASN J 90 29.91 -43.09 0.16
CA ASN J 90 29.57 -41.69 -0.01
C ASN J 90 28.75 -41.53 -1.29
N PHE J 91 27.66 -40.80 -1.19
CA PHE J 91 26.85 -40.45 -2.36
C PHE J 91 27.54 -39.33 -3.13
N VAL J 92 27.83 -39.56 -4.40
CA VAL J 92 28.60 -38.61 -5.21
C VAL J 92 27.75 -38.26 -6.43
N ASP J 93 27.07 -37.11 -6.37
CA ASP J 93 26.30 -36.60 -7.49
C ASP J 93 27.06 -35.42 -8.09
N ASP J 94 27.75 -35.67 -9.19
CA ASP J 94 28.21 -34.63 -10.10
C ASP J 94 27.37 -34.74 -11.38
N GLY J 95 27.66 -33.87 -12.34
CA GLY J 95 26.83 -33.89 -13.53
C GLY J 95 27.27 -34.89 -14.58
N SER J 96 28.08 -35.88 -14.18
CA SER J 96 28.65 -36.82 -15.15
C SER J 96 27.57 -37.52 -15.95
N LEU J 97 26.63 -38.16 -15.27
CA LEU J 97 25.52 -38.84 -15.94
C LEU J 97 24.21 -38.22 -15.47
N PRO J 98 23.49 -37.50 -16.34
CA PRO J 98 22.24 -36.85 -15.92
C PRO J 98 21.22 -37.87 -15.43
N GLY J 99 20.61 -37.56 -14.28
CA GLY J 99 19.66 -38.46 -13.65
C GLY J 99 20.28 -39.63 -12.93
N CYS J 100 21.60 -39.65 -12.79
CA CYS J 100 22.31 -40.77 -12.18
C CYS J 100 23.32 -40.24 -11.17
N ALA J 101 23.75 -41.14 -10.30
CA ALA J 101 24.76 -40.82 -9.31
C ALA J 101 25.59 -42.07 -9.04
N VAL J 102 26.59 -41.93 -8.17
CA VAL J 102 27.57 -42.98 -7.97
C VAL J 102 27.85 -43.11 -6.48
N LEU J 103 28.24 -44.31 -6.06
CA LEU J 103 28.53 -44.61 -4.67
C LEU J 103 29.99 -44.99 -4.53
N LYS J 104 30.70 -44.27 -3.66
CA LYS J 104 32.13 -44.47 -3.46
C LYS J 104 32.43 -44.81 -2.01
N LEU J 105 33.44 -45.65 -1.82
CA LEU J 105 33.85 -46.08 -0.49
C LEU J 105 34.60 -44.94 0.18
N SER J 106 34.12 -44.53 1.37
CA SER J 106 34.73 -43.39 2.06
C SER J 106 36.14 -43.70 2.57
N ASP J 107 36.51 -44.97 2.64
CA ASP J 107 37.82 -45.36 3.16
C ASP J 107 38.10 -46.80 2.77
N GLY J 108 39.22 -47.03 2.09
CA GLY J 108 39.59 -48.38 1.67
C GLY J 108 39.61 -49.39 2.80
N ARG J 109 39.82 -48.93 4.05
CA ARG J 109 39.82 -49.83 5.19
C ARG J 109 38.47 -50.54 5.35
N LYS J 110 37.37 -49.81 5.19
CA LYS J 110 36.05 -50.41 5.36
C LYS J 110 35.58 -51.17 4.12
N ARG J 111 36.45 -51.42 3.13
CA ARG J 111 36.06 -52.28 2.02
C ARG J 111 35.66 -53.66 2.52
N SER J 112 36.45 -54.22 3.45
CA SER J 112 36.10 -55.49 4.06
C SER J 112 34.88 -55.37 4.98
N MET J 113 34.61 -54.17 5.50
CA MET J 113 33.43 -53.97 6.33
C MET J 113 32.14 -53.94 5.53
N SER J 114 32.20 -54.04 4.20
CA SER J 114 31.00 -53.90 3.39
C SER J 114 30.31 -55.25 3.18
N LEU J 115 29.00 -55.19 2.99
CA LEU J 115 28.19 -56.35 2.70
C LEU J 115 28.31 -56.81 1.25
N TRP J 116 28.71 -55.90 0.35
CA TRP J 116 28.77 -56.14 -1.09
C TRP J 116 30.20 -55.99 -1.61
N VAL J 117 31.18 -56.45 -0.81
CA VAL J 117 32.59 -56.18 -1.09
C VAL J 117 32.97 -56.59 -2.51
N GLU J 118 32.45 -57.73 -2.98
CA GLU J 118 32.83 -58.23 -4.30
C GLU J 118 32.31 -57.35 -5.43
N PHE J 119 31.30 -56.52 -5.17
CA PHE J 119 30.71 -55.68 -6.19
C PHE J 119 31.31 -54.28 -6.20
N ILE J 120 32.28 -54.02 -5.33
CA ILE J 120 33.01 -52.76 -5.32
C ILE J 120 34.17 -52.88 -6.30
N THR J 121 34.32 -51.89 -7.18
CA THR J 121 35.37 -51.93 -8.18
C THR J 121 36.73 -51.71 -7.53
N ALA J 122 37.79 -51.86 -8.34
CA ALA J 122 39.12 -51.52 -7.86
C ALA J 122 39.24 -50.03 -7.60
N SER J 123 38.55 -49.21 -8.41
CA SER J 123 38.50 -47.77 -8.20
C SER J 123 37.74 -47.39 -6.93
N GLY J 124 36.99 -48.33 -6.34
CA GLY J 124 36.27 -48.07 -5.12
C GLY J 124 34.79 -47.77 -5.27
N TYR J 125 34.20 -48.08 -6.41
CA TYR J 125 32.79 -47.79 -6.66
C TYR J 125 31.95 -49.05 -6.53
N LEU J 126 30.77 -48.92 -5.93
CA LEU J 126 29.81 -50.01 -5.85
C LEU J 126 29.08 -50.13 -7.19
N SER J 127 29.25 -51.27 -7.86
CA SER J 127 28.79 -51.41 -9.24
C SER J 127 27.32 -51.79 -9.26
N ALA J 128 26.48 -50.92 -9.83
CA ALA J 128 25.08 -51.23 -10.01
C ALA J 128 24.88 -52.35 -11.03
N ARG J 129 25.69 -52.37 -12.09
CA ARG J 129 25.52 -53.37 -13.14
C ARG J 129 25.90 -54.75 -12.63
N LYS J 130 26.95 -54.84 -11.81
CA LYS J 130 27.38 -56.15 -11.32
C LYS J 130 26.41 -56.70 -10.27
N ILE J 131 25.89 -55.84 -9.40
CA ILE J 131 24.88 -56.27 -8.43
C ILE J 131 23.64 -56.80 -9.15
N ARG J 132 23.18 -56.07 -10.17
CA ARG J 132 22.01 -56.53 -10.93
C ARG J 132 22.32 -57.84 -11.66
N SER J 133 23.54 -57.99 -12.15
CA SER J 133 23.91 -59.20 -12.88
C SER J 133 23.85 -60.43 -11.99
N ARG J 134 24.40 -60.35 -10.77
CA ARG J 134 24.29 -61.47 -9.83
C ARG J 134 22.85 -61.72 -9.45
N PHE J 135 22.12 -60.66 -9.10
CA PHE J 135 20.70 -60.77 -8.79
C PHE J 135 19.93 -61.40 -9.93
N GLN J 136 20.28 -61.06 -11.17
CA GLN J 136 19.62 -61.66 -12.33
C GLN J 136 19.90 -63.16 -12.40
N THR J 137 21.15 -63.56 -12.16
CA THR J 137 21.48 -64.98 -12.16
C THR J 137 20.71 -65.72 -11.08
N LEU J 138 20.58 -65.10 -9.90
CA LEU J 138 19.86 -65.71 -8.80
C LEU J 138 18.36 -65.84 -9.10
N VAL J 139 17.76 -64.80 -9.67
CA VAL J 139 16.33 -64.83 -9.97
C VAL J 139 16.02 -65.85 -11.05
N ALA J 140 16.88 -65.96 -12.07
CA ALA J 140 16.67 -66.95 -13.11
C ALA J 140 16.64 -68.37 -12.54
N GLN J 141 17.42 -68.62 -11.49
CA GLN J 141 17.36 -69.92 -10.83
C GLN J 141 16.13 -70.05 -9.94
N ALA J 142 15.73 -68.97 -9.27
CA ALA J 142 14.62 -69.06 -8.33
C ALA J 142 13.29 -69.33 -9.02
N VAL J 143 13.06 -68.74 -10.19
CA VAL J 143 11.77 -68.93 -10.86
C VAL J 143 11.56 -70.37 -11.30
N ASP J 144 12.61 -71.19 -11.34
CA ASP J 144 12.46 -72.60 -11.60
C ASP J 144 12.40 -73.44 -10.34
N LYS J 145 12.61 -72.83 -9.17
CA LYS J 145 12.63 -73.54 -7.89
C LYS J 145 11.52 -73.14 -6.93
N CYS J 146 10.88 -71.98 -7.13
CA CYS J 146 9.96 -71.42 -6.16
C CYS J 146 8.57 -72.08 -6.28
N SER J 147 7.72 -71.78 -5.29
CA SER J 147 6.41 -72.40 -5.22
C SER J 147 5.56 -72.10 -6.45
N TYR J 148 5.71 -70.90 -7.02
CA TYR J 148 4.92 -70.49 -8.18
C TYR J 148 5.63 -70.78 -9.50
N ARG J 149 6.66 -71.63 -9.50
CA ARG J 149 7.49 -71.85 -10.67
C ARG J 149 6.69 -72.12 -11.93
N ASP J 150 5.52 -72.75 -11.82
CA ASP J 150 4.74 -73.09 -12.99
C ASP J 150 4.08 -71.87 -13.63
N VAL J 151 3.94 -70.76 -12.90
CA VAL J 151 3.27 -69.57 -13.39
C VAL J 151 4.22 -68.39 -13.57
N VAL J 152 5.52 -68.57 -13.33
CA VAL J 152 6.49 -67.48 -13.45
C VAL J 152 7.57 -67.89 -14.44
N LYS J 153 7.88 -66.98 -15.36
CA LYS J 153 9.08 -67.06 -16.18
C LYS J 153 9.83 -65.74 -16.03
N MET J 154 11.15 -65.79 -16.18
CA MET J 154 11.94 -64.57 -16.21
C MET J 154 12.04 -64.07 -17.64
N VAL J 155 11.85 -62.76 -17.81
CA VAL J 155 11.88 -62.15 -19.14
C VAL J 155 13.29 -62.19 -19.69
N ALA J 156 13.41 -62.50 -20.98
CA ALA J 156 14.70 -62.67 -21.63
C ALA J 156 15.10 -61.41 -22.39
N ASP J 157 16.36 -61.41 -22.85
CA ASP J 157 16.90 -60.37 -23.72
C ASP J 157 16.91 -59.00 -23.05
N THR J 158 17.34 -58.97 -21.78
CA THR J 158 17.43 -57.71 -21.05
C THR J 158 18.28 -57.92 -19.80
N SER J 159 19.06 -56.89 -19.46
CA SER J 159 19.82 -56.90 -18.21
C SER J 159 18.96 -56.55 -17.00
N GLU J 160 17.71 -56.13 -17.21
CA GLU J 160 16.80 -55.90 -16.11
C GLU J 160 16.18 -57.23 -15.67
N VAL J 161 15.92 -57.33 -14.38
CA VAL J 161 15.23 -58.49 -13.83
C VAL J 161 13.73 -58.25 -13.95
N LYS J 162 13.08 -58.99 -14.84
CA LYS J 162 11.64 -58.88 -15.05
C LYS J 162 11.00 -60.26 -14.98
N LEU J 163 9.91 -60.37 -14.23
CA LEU J 163 9.14 -61.60 -14.14
C LEU J 163 7.87 -61.46 -14.97
N ARG J 164 7.56 -62.48 -15.76
CA ARG J 164 6.29 -62.56 -16.47
C ARG J 164 5.44 -63.63 -15.77
N ILE J 165 4.27 -63.23 -15.28
CA ILE J 165 3.45 -64.03 -14.39
C ILE J 165 2.18 -64.42 -15.12
N ARG J 166 1.88 -65.72 -15.13
CA ARG J 166 0.67 -66.27 -15.76
C ARG J 166 0.52 -65.80 -17.20
N ASP J 167 1.64 -65.48 -17.85
CA ASP J 167 1.65 -64.97 -19.22
C ASP J 167 0.75 -63.75 -19.38
N ARG J 168 0.68 -62.92 -18.35
CA ARG J 168 -0.24 -61.77 -18.35
C ARG J 168 0.41 -60.52 -17.78
N TYR J 169 1.14 -60.66 -16.68
CA TYR J 169 1.64 -59.52 -15.93
C TYR J 169 3.16 -59.55 -15.95
N VAL J 170 3.76 -58.37 -16.02
CA VAL J 170 5.21 -58.22 -16.01
C VAL J 170 5.60 -57.38 -14.80
N VAL J 171 6.57 -57.87 -14.03
CA VAL J 171 7.04 -57.21 -12.83
C VAL J 171 8.54 -57.06 -12.93
N GLN J 172 9.02 -55.83 -12.89
CA GLN J 172 10.45 -55.58 -12.83
C GLN J 172 10.85 -55.47 -11.36
N ILE J 173 11.91 -56.17 -10.99
CA ILE J 173 12.43 -56.13 -9.64
C ILE J 173 13.77 -55.42 -9.71
N THR J 174 13.83 -54.23 -9.13
CA THR J 174 14.96 -53.34 -9.30
C THR J 174 15.72 -53.24 -7.99
N PRO J 175 16.96 -53.73 -7.92
CA PRO J 175 17.75 -53.53 -6.69
C PRO J 175 18.00 -52.06 -6.47
N ALA J 176 17.99 -51.66 -5.21
CA ALA J 176 18.02 -50.23 -4.91
C ALA J 176 18.60 -50.00 -3.54
N PHE J 177 19.12 -48.80 -3.35
CA PHE J 177 19.52 -48.28 -2.05
C PHE J 177 18.75 -47.02 -1.76
N LYS J 178 18.24 -46.94 -0.54
CA LYS J 178 17.50 -45.76 -0.09
C LYS J 178 18.51 -44.83 0.54
N CYS J 179 18.55 -43.59 0.06
CA CYS J 179 19.47 -42.58 0.59
C CYS J 179 18.68 -41.54 1.37
N THR J 180 18.99 -41.41 2.65
CA THR J 180 18.42 -40.39 3.52
C THR J 180 19.54 -39.49 4.05
N GLY J 181 19.14 -38.36 4.64
CA GLY J 181 20.07 -37.44 5.23
C GLY J 181 20.90 -36.62 4.26
N ILE J 182 20.81 -36.88 2.96
CA ILE J 182 21.40 -36.03 1.95
C ILE J 182 20.35 -35.75 0.88
N TRP J 183 20.34 -34.54 0.37
CA TRP J 183 19.52 -34.19 -0.77
C TRP J 183 20.43 -34.05 -1.99
N PRO J 184 20.03 -34.59 -3.15
CA PRO J 184 20.94 -34.59 -4.30
C PRO J 184 21.14 -33.18 -4.83
N ARG J 185 22.40 -32.84 -5.11
CA ARG J 185 22.73 -31.52 -5.62
C ARG J 185 22.04 -31.25 -6.95
N SER J 186 21.84 -32.29 -7.78
CA SER J 186 21.09 -32.11 -9.01
C SER J 186 19.63 -31.76 -8.75
N ALA J 187 19.15 -31.94 -7.52
CA ALA J 187 17.80 -31.57 -7.13
C ALA J 187 17.78 -30.50 -6.04
N ALA J 188 18.95 -29.97 -5.66
CA ALA J 188 19.07 -29.01 -4.56
C ALA J 188 18.44 -27.66 -4.89
N HIS J 189 18.13 -27.39 -6.16
CA HIS J 189 17.45 -26.16 -6.50
C HIS J 189 16.04 -26.11 -5.91
N TRP J 190 15.41 -27.28 -5.77
CA TRP J 190 14.05 -27.38 -5.25
C TRP J 190 14.09 -27.21 -3.73
N PRO J 191 13.13 -26.45 -3.17
CA PRO J 191 12.05 -25.71 -3.82
C PRO J 191 12.49 -24.35 -4.33
N LEU J 192 11.88 -23.89 -5.41
CA LEU J 192 12.22 -22.60 -5.96
C LEU J 192 11.83 -21.49 -4.98
N PRO J 193 12.59 -20.40 -4.94
CA PRO J 193 12.25 -19.30 -4.00
C PRO J 193 10.96 -18.58 -4.34
N HIS J 194 10.49 -18.67 -5.59
CA HIS J 194 9.30 -17.92 -6.00
C HIS J 194 8.02 -18.54 -5.47
N ILE J 195 7.93 -19.87 -5.44
CA ILE J 195 6.66 -20.55 -5.23
C ILE J 195 6.34 -20.69 -3.75
N PRO J 196 5.16 -20.22 -3.32
CA PRO J 196 4.76 -20.38 -1.91
C PRO J 196 4.39 -21.82 -1.56
N TRP J 197 4.77 -22.77 -2.39
CA TRP J 197 4.31 -24.15 -2.26
C TRP J 197 5.43 -25.17 -2.46
N PRO J 198 5.42 -26.25 -1.67
CA PRO J 198 4.46 -26.51 -0.59
C PRO J 198 4.81 -25.67 0.63
N GLY J 199 4.02 -25.76 1.70
CA GLY J 199 4.38 -25.14 2.93
C GLY J 199 5.79 -25.54 3.29
N PRO J 200 6.66 -24.57 3.56
CA PRO J 200 8.08 -24.87 3.81
C PRO J 200 8.25 -25.91 4.91
N ASN J 201 7.23 -26.02 5.76
CA ASN J 201 7.17 -27.11 6.73
C ASN J 201 7.09 -28.46 6.01
N ARG J 202 6.43 -28.51 4.86
CA ARG J 202 6.33 -29.76 4.11
C ARG J 202 7.52 -29.97 3.18
N VAL J 203 8.23 -28.90 2.81
CA VAL J 203 9.51 -29.07 2.13
C VAL J 203 10.44 -29.93 2.99
N ALA J 204 10.49 -29.63 4.29
CA ALA J 204 11.31 -30.42 5.20
C ALA J 204 10.78 -31.85 5.29
N GLU J 205 9.47 -32.02 5.23
CA GLU J 205 8.89 -33.37 5.22
C GLU J 205 9.25 -34.11 3.93
N VAL J 206 9.14 -33.42 2.79
CA VAL J 206 9.44 -34.06 1.51
C VAL J 206 10.91 -34.48 1.46
N LYS J 207 11.82 -33.56 1.82
CA LYS J 207 13.25 -33.87 1.76
C LYS J 207 13.66 -34.90 2.79
N ALA J 208 12.98 -34.94 3.95
CA ALA J 208 13.34 -35.94 4.96
C ALA J 208 13.00 -37.35 4.52
N GLU J 209 12.06 -37.50 3.60
CA GLU J 209 11.71 -38.82 3.07
C GLU J 209 12.88 -39.44 2.30
N GLY J 210 13.83 -38.62 1.86
CA GLY J 210 14.99 -39.08 1.13
C GLY J 210 14.65 -39.43 -0.32
N PHE J 211 15.55 -40.22 -0.91
CA PHE J 211 15.45 -40.59 -2.31
C PHE J 211 16.07 -41.96 -2.48
N ASN J 212 15.88 -42.55 -3.66
CA ASN J 212 16.38 -43.88 -3.93
C ASN J 212 17.39 -43.87 -5.07
N LEU J 213 18.31 -44.84 -5.00
CA LEU J 213 19.26 -45.13 -6.07
C LEU J 213 18.90 -46.50 -6.62
N LEU J 214 18.57 -46.55 -7.91
CA LEU J 214 18.10 -47.78 -8.54
C LEU J 214 19.14 -48.32 -9.50
N SER J 215 19.27 -49.64 -9.53
CA SER J 215 20.15 -50.32 -10.47
C SER J 215 19.30 -50.72 -11.68
N LYS J 216 19.38 -49.91 -12.73
CA LYS J 216 18.68 -50.19 -13.97
C LYS J 216 19.42 -49.48 -15.10
N GLU J 217 19.00 -49.77 -16.33
CA GLU J 217 19.51 -49.03 -17.47
C GLU J 217 18.84 -47.66 -17.55
N CYS J 218 19.53 -46.73 -18.19
CA CYS J 218 19.02 -45.38 -18.39
C CYS J 218 19.96 -44.64 -19.32
N HIS J 219 19.38 -43.83 -20.21
CA HIS J 219 20.06 -42.76 -20.97
C HIS J 219 19.09 -42.15 -21.98
N GLU J 229 27.81 -47.14 -21.42
CA GLU J 229 29.20 -47.52 -21.18
C GLU J 229 29.55 -47.64 -19.69
N SER J 230 29.13 -46.70 -18.86
CA SER J 230 29.44 -46.71 -17.44
C SER J 230 28.20 -47.09 -16.64
N ASP J 231 28.43 -47.68 -15.47
CA ASP J 231 27.34 -48.15 -14.61
C ASP J 231 27.26 -47.25 -13.38
N ALA J 232 26.19 -46.47 -13.30
CA ALA J 232 25.90 -45.63 -12.15
C ALA J 232 24.50 -45.98 -11.67
N TRP J 233 24.09 -45.39 -10.55
CA TRP J 233 22.78 -45.68 -9.99
C TRP J 233 21.79 -44.58 -10.39
N VAL J 234 20.57 -45.00 -10.70
CA VAL J 234 19.55 -44.10 -11.22
C VAL J 234 18.77 -43.50 -10.06
N LEU J 235 18.58 -42.18 -10.11
CA LEU J 235 17.85 -41.46 -9.08
C LEU J 235 16.35 -41.65 -9.23
N GLN J 236 15.65 -41.76 -8.10
CA GLN J 236 14.21 -41.92 -8.08
C GLN J 236 13.67 -41.29 -6.81
N PHE J 237 12.49 -40.65 -6.91
CA PHE J 237 11.93 -39.86 -5.82
C PHE J 237 10.50 -40.28 -5.51
N ALA J 238 10.21 -41.59 -5.57
CA ALA J 238 8.84 -42.07 -5.41
C ALA J 238 8.21 -41.56 -4.11
N GLU J 239 8.87 -41.80 -2.98
CA GLU J 239 8.26 -41.46 -1.69
C GLU J 239 8.14 -39.95 -1.51
N ALA J 240 9.18 -39.19 -1.87
CA ALA J 240 9.12 -37.73 -1.75
C ALA J 240 8.00 -37.17 -2.62
N GLU J 241 7.84 -37.69 -3.83
CA GLU J 241 6.78 -37.24 -4.72
C GLU J 241 5.40 -37.46 -4.10
N ASN J 242 5.21 -38.60 -3.43
CA ASN J 242 3.91 -38.92 -2.86
C ASN J 242 3.57 -37.99 -1.70
N ARG J 243 4.52 -37.77 -0.80
CA ARG J 243 4.31 -36.79 0.27
C ARG J 243 4.01 -35.41 -0.30
N LEU J 244 4.58 -35.09 -1.46
CA LEU J 244 4.46 -33.78 -2.05
C LEU J 244 3.05 -33.50 -2.56
N GLN J 245 2.33 -34.51 -3.04
CA GLN J 245 1.04 -34.32 -3.70
C GLN J 245 -0.13 -34.58 -2.77
N MET J 246 0.09 -34.56 -1.46
CA MET J 246 -0.99 -34.70 -0.49
C MET J 246 -1.78 -33.39 -0.40
N GLY J 247 -3.06 -33.52 -0.11
CA GLY J 247 -3.92 -32.37 0.14
C GLY J 247 -4.85 -32.08 -1.03
N GLY J 248 -6.08 -31.67 -0.71
CA GLY J 248 -7.06 -31.28 -1.69
C GLY J 248 -7.41 -32.41 -2.64
N CYS J 249 -7.73 -32.05 -3.89
CA CYS J 249 -8.11 -32.99 -4.92
C CYS J 249 -6.94 -33.37 -5.81
N ARG J 250 -5.70 -33.16 -5.35
CA ARG J 250 -4.52 -33.47 -6.15
C ARG J 250 -4.49 -34.96 -6.54
N LYS J 251 -4.72 -35.84 -5.56
CA LYS J 251 -4.64 -37.27 -5.83
C LYS J 251 -5.79 -37.74 -6.71
N LYS J 252 -7.02 -37.29 -6.41
CA LYS J 252 -8.15 -37.65 -7.27
C LYS J 252 -7.92 -37.17 -8.70
N CYS J 253 -7.32 -35.99 -8.85
CA CYS J 253 -6.96 -35.51 -10.18
C CYS J 253 -5.95 -36.45 -10.84
N LEU J 254 -4.94 -36.88 -10.09
CA LEU J 254 -3.95 -37.82 -10.62
C LEU J 254 -4.60 -39.15 -11.01
N SER J 255 -5.55 -39.63 -10.19
CA SER J 255 -6.21 -40.90 -10.50
C SER J 255 -7.01 -40.81 -11.80
N ILE J 256 -7.73 -39.70 -12.01
CA ILE J 256 -8.49 -39.52 -13.24
C ILE J 256 -7.57 -39.51 -14.44
N LEU J 257 -6.41 -38.85 -14.31
CA LEU J 257 -5.46 -38.80 -15.40
C LEU J 257 -4.93 -40.19 -15.75
N LYS J 258 -4.53 -40.97 -14.74
CA LYS J 258 -4.03 -42.32 -15.00
C LYS J 258 -5.10 -43.19 -15.65
N THR J 259 -6.37 -42.99 -15.27
CA THR J 259 -7.44 -43.78 -15.86
C THR J 259 -7.68 -43.38 -17.31
N LEU J 260 -7.65 -42.07 -17.60
CA LEU J 260 -7.80 -41.62 -18.97
C LEU J 260 -6.63 -42.08 -19.84
N ARG J 261 -5.41 -42.10 -19.27
CA ARG J 261 -4.27 -42.56 -20.05
C ARG J 261 -4.39 -44.04 -20.41
N ASP J 262 -4.75 -44.88 -19.43
CA ASP J 262 -4.89 -46.31 -19.71
C ASP J 262 -5.91 -46.56 -20.80
N ARG J 263 -7.01 -45.82 -20.79
CA ARG J 263 -8.15 -46.11 -21.65
C ARG J 263 -8.05 -45.43 -23.01
N HIS J 264 -7.27 -44.36 -23.14
CA HIS J 264 -7.24 -43.61 -24.39
C HIS J 264 -5.86 -43.17 -24.86
N LEU J 265 -4.82 -43.25 -24.04
CA LEU J 265 -3.52 -42.70 -24.42
C LEU J 265 -2.41 -43.76 -24.35
N GLU J 266 -2.78 -45.03 -24.51
CA GLU J 266 -1.82 -46.11 -24.72
C GLU J 266 -1.60 -46.21 -26.22
N LEU J 267 -0.56 -45.53 -26.71
CA LEU J 267 -0.41 -45.22 -28.12
C LEU J 267 0.82 -45.88 -28.73
N PRO J 268 0.84 -46.03 -30.07
CA PRO J 268 2.03 -46.59 -30.73
C PRO J 268 3.27 -45.79 -30.41
N GLY J 269 4.34 -46.50 -30.03
CA GLY J 269 5.56 -45.89 -29.57
C GLY J 269 5.60 -45.64 -28.09
N GLN J 270 4.48 -45.85 -27.38
CA GLN J 270 4.40 -45.65 -25.94
C GLN J 270 4.85 -44.24 -25.51
N PRO J 271 4.28 -43.19 -26.11
CA PRO J 271 4.77 -41.84 -25.79
C PRO J 271 4.40 -41.36 -24.40
N LEU J 272 3.28 -41.83 -23.84
CA LEU J 272 2.78 -41.33 -22.57
C LEU J 272 2.69 -42.47 -21.55
N ASN J 273 3.15 -42.19 -20.34
CA ASN J 273 3.02 -43.12 -19.23
C ASN J 273 2.42 -42.41 -18.03
N ASN J 274 2.11 -43.18 -16.99
CA ASN J 274 1.50 -42.61 -15.80
C ASN J 274 2.45 -41.65 -15.08
N TYR J 275 3.75 -41.87 -15.20
CA TYR J 275 4.70 -40.99 -14.54
C TYR J 275 4.73 -39.61 -15.17
N HIS J 276 4.34 -39.47 -16.44
CA HIS J 276 4.13 -38.15 -17.01
C HIS J 276 3.02 -37.42 -16.28
N MET J 277 1.89 -38.11 -16.08
CA MET J 277 0.77 -37.52 -15.32
C MET J 277 1.21 -37.09 -13.92
N LYS J 278 1.99 -37.92 -13.24
CA LYS J 278 2.44 -37.57 -11.90
C LYS J 278 3.31 -36.32 -11.92
N THR J 279 4.18 -36.20 -12.92
CA THR J 279 5.05 -35.03 -13.00
C THR J 279 4.26 -33.77 -13.30
N LEU J 280 3.25 -33.87 -14.17
CA LEU J 280 2.46 -32.69 -14.52
C LEU J 280 1.66 -32.19 -13.33
N VAL J 281 1.13 -33.10 -12.50
CA VAL J 281 0.41 -32.68 -11.31
C VAL J 281 1.31 -31.86 -10.39
N SER J 282 2.55 -32.31 -10.21
CA SER J 282 3.50 -31.57 -9.37
C SER J 282 3.77 -30.19 -9.94
N TYR J 283 3.90 -30.08 -11.27
CA TYR J 283 4.14 -28.78 -11.88
C TYR J 283 2.89 -27.90 -11.78
N GLU J 284 1.71 -28.48 -12.00
CA GLU J 284 0.47 -27.73 -11.84
C GLU J 284 0.34 -27.20 -10.41
N CYS J 285 0.91 -27.91 -9.44
CA CYS J 285 0.93 -27.42 -8.07
C CYS J 285 1.79 -26.17 -7.93
N GLU J 286 2.88 -26.07 -8.68
CA GLU J 286 3.69 -24.85 -8.64
C GLU J 286 2.95 -23.69 -9.30
N LYS J 287 2.25 -23.96 -10.40
CA LYS J 287 1.50 -22.90 -11.08
C LYS J 287 0.33 -22.42 -10.24
N HIS J 288 -0.30 -23.31 -9.47
CA HIS J 288 -1.42 -22.98 -8.60
C HIS J 288 -1.05 -23.39 -7.18
N PRO J 289 -0.36 -22.52 -6.45
CA PRO J 289 0.28 -22.95 -5.19
C PRO J 289 -0.61 -22.96 -3.96
N ARG J 290 -1.73 -22.26 -3.95
CA ARG J 290 -2.51 -22.24 -2.71
C ARG J 290 -3.40 -23.47 -2.59
N GLU J 291 -3.76 -23.79 -1.34
CA GLU J 291 -4.61 -24.95 -1.09
C GLU J 291 -6.00 -24.76 -1.68
N SER J 292 -6.49 -23.51 -1.73
CA SER J 292 -7.81 -23.27 -2.30
C SER J 292 -7.86 -23.55 -3.80
N ASP J 293 -6.72 -23.52 -4.48
CA ASP J 293 -6.68 -23.89 -5.89
C ASP J 293 -6.92 -25.37 -6.12
N TRP J 294 -6.84 -26.19 -5.06
CA TRP J 294 -7.10 -27.62 -5.15
C TRP J 294 -8.30 -28.05 -4.33
N ASP J 295 -9.20 -27.11 -4.03
CA ASP J 295 -10.51 -27.44 -3.48
C ASP J 295 -11.27 -28.39 -4.40
N GLU J 296 -12.30 -29.01 -3.83
CA GLU J 296 -13.11 -29.95 -4.61
C GLU J 296 -13.78 -29.25 -5.78
N SER J 297 -14.14 -27.96 -5.62
CA SER J 297 -14.77 -27.21 -6.68
C SER J 297 -13.81 -26.89 -7.82
N CYS J 298 -12.51 -26.95 -7.57
CA CYS J 298 -11.49 -26.67 -8.57
C CYS J 298 -11.10 -27.90 -9.38
N LEU J 299 -11.77 -29.04 -9.16
CA LEU J 299 -11.37 -30.28 -9.81
C LEU J 299 -11.38 -30.14 -11.33
N GLY J 300 -12.39 -29.45 -11.88
CA GLY J 300 -12.45 -29.26 -13.32
C GLY J 300 -11.33 -28.39 -13.85
N ASP J 301 -11.03 -27.30 -13.16
CA ASP J 301 -9.96 -26.40 -13.60
C ASP J 301 -8.62 -27.11 -13.60
N ARG J 302 -8.33 -27.86 -12.53
CA ARG J 302 -7.03 -28.51 -12.40
C ARG J 302 -6.86 -29.61 -13.44
N LEU J 303 -7.90 -30.42 -13.67
CA LEU J 303 -7.78 -31.47 -14.68
C LEU J 303 -7.58 -30.88 -16.07
N ASN J 304 -8.35 -29.83 -16.40
CA ASN J 304 -8.18 -29.16 -17.69
C ASN J 304 -6.79 -28.58 -17.84
N GLY J 305 -6.33 -27.85 -16.82
CA GLY J 305 -5.00 -27.26 -16.90
C GLY J 305 -3.90 -28.28 -17.13
N ILE J 306 -4.02 -29.44 -16.50
CA ILE J 306 -3.00 -30.47 -16.64
C ILE J 306 -3.04 -31.08 -18.04
N LEU J 307 -4.24 -31.39 -18.54
CA LEU J 307 -4.37 -31.96 -19.88
C LEU J 307 -3.84 -31.00 -20.94
N LEU J 308 -4.20 -29.73 -20.85
CA LEU J 308 -3.69 -28.74 -21.81
C LEU J 308 -2.18 -28.61 -21.68
N GLN J 309 -1.65 -28.68 -20.46
CA GLN J 309 -0.20 -28.67 -20.27
C GLN J 309 0.45 -29.89 -20.90
N LEU J 310 -0.23 -31.04 -20.83
CA LEU J 310 0.28 -32.24 -21.48
C LEU J 310 0.36 -32.05 -22.99
N ILE J 311 -0.70 -31.48 -23.58
CA ILE J 311 -0.68 -31.20 -25.01
C ILE J 311 0.47 -30.26 -25.34
N SER J 312 0.67 -29.25 -24.48
CA SER J 312 1.79 -28.32 -24.67
C SER J 312 3.13 -29.05 -24.61
N CYS J 313 3.28 -29.95 -23.65
CA CYS J 313 4.52 -30.73 -23.54
C CYS J 313 4.74 -31.56 -24.80
N LEU J 314 3.69 -32.22 -25.29
CA LEU J 314 3.84 -33.06 -26.48
C LEU J 314 4.19 -32.22 -27.71
N GLN J 315 3.52 -31.08 -27.88
CA GLN J 315 3.77 -30.26 -29.07
C GLN J 315 5.15 -29.60 -28.99
N CYS J 316 5.58 -29.20 -27.80
CA CYS J 316 6.92 -28.65 -27.63
C CYS J 316 8.00 -29.71 -27.58
N ARG J 317 7.63 -31.00 -27.58
CA ARG J 317 8.58 -32.12 -27.53
C ARG J 317 9.48 -32.07 -26.30
N ARG J 318 8.95 -31.56 -25.18
CA ARG J 318 9.73 -31.51 -23.95
C ARG J 318 8.81 -31.70 -22.76
N CYS J 319 9.28 -32.46 -21.77
CA CYS J 319 8.54 -32.68 -20.53
C CYS J 319 9.55 -32.98 -19.43
N PRO J 320 10.05 -31.94 -18.76
CA PRO J 320 11.13 -32.13 -17.80
C PRO J 320 10.67 -32.85 -16.53
N HIS J 321 11.59 -33.64 -15.97
CA HIS J 321 11.40 -34.25 -14.67
C HIS J 321 11.24 -33.16 -13.61
N TYR J 322 10.42 -33.44 -12.59
CA TYR J 322 10.08 -32.38 -11.64
C TYR J 322 11.27 -32.04 -10.75
N PHE J 323 11.92 -33.04 -10.17
CA PHE J 323 13.05 -32.81 -9.29
C PHE J 323 14.37 -32.66 -10.03
N LEU J 324 14.48 -33.26 -11.22
CA LEU J 324 15.70 -33.22 -12.03
C LEU J 324 15.36 -32.57 -13.38
N PRO J 325 15.33 -31.25 -13.44
CA PRO J 325 14.93 -30.58 -14.70
C PRO J 325 15.89 -30.86 -15.84
N ASN J 326 17.11 -31.31 -15.56
CA ASN J 326 18.03 -31.67 -16.64
C ASN J 326 17.56 -32.90 -17.41
N LEU J 327 16.63 -33.67 -16.85
CA LEU J 327 16.15 -34.89 -17.49
C LEU J 327 14.85 -34.61 -18.22
N ASP J 328 14.73 -35.15 -19.44
CA ASP J 328 13.55 -34.97 -20.27
C ASP J 328 12.84 -36.30 -20.40
N LEU J 329 11.60 -36.36 -19.92
CA LEU J 329 10.84 -37.61 -19.91
C LEU J 329 10.38 -38.04 -21.30
N PHE J 330 10.64 -37.24 -22.34
CA PHE J 330 10.39 -37.64 -23.71
C PHE J 330 11.65 -38.08 -24.44
N GLN J 331 12.78 -38.15 -23.75
CA GLN J 331 14.04 -38.53 -24.39
C GLN J 331 13.93 -39.91 -25.03
N GLY J 332 14.26 -39.98 -26.31
CA GLY J 332 14.19 -41.22 -27.05
C GLY J 332 12.86 -41.51 -27.69
N LYS J 333 11.90 -40.61 -27.58
CA LYS J 333 10.65 -40.93 -28.25
C LYS J 333 10.57 -40.21 -29.58
N PRO J 334 10.16 -40.93 -30.64
CA PRO J 334 10.10 -40.29 -31.97
C PRO J 334 9.04 -39.20 -32.02
N HIS J 335 9.37 -38.11 -32.72
CA HIS J 335 8.47 -36.97 -32.78
C HIS J 335 7.13 -37.31 -33.42
N SER J 336 7.12 -38.30 -34.33
CA SER J 336 5.86 -38.75 -34.89
C SER J 336 4.95 -39.32 -33.80
N ALA J 337 5.53 -39.98 -32.79
CA ALA J 337 4.73 -40.53 -31.70
C ALA J 337 4.25 -39.44 -30.76
N LEU J 338 5.13 -38.50 -30.39
CA LEU J 338 4.71 -37.38 -29.56
C LEU J 338 3.64 -36.56 -30.27
N GLU J 339 3.81 -36.32 -31.58
CA GLU J 339 2.85 -35.53 -32.32
C GLU J 339 1.50 -36.22 -32.37
N ASN J 340 1.49 -37.53 -32.59
CA ASN J 340 0.24 -38.30 -32.56
C ASN J 340 -0.39 -38.25 -31.18
N ALA J 341 0.42 -38.35 -30.12
CA ALA J 341 -0.11 -38.27 -28.77
C ALA J 341 -0.73 -36.90 -28.51
N ALA J 342 -0.12 -35.85 -29.07
CA ALA J 342 -0.69 -34.51 -28.95
C ALA J 342 -2.08 -34.46 -29.60
N LYS J 343 -2.21 -35.04 -30.80
CA LYS J 343 -3.51 -35.08 -31.46
C LYS J 343 -4.55 -35.79 -30.61
N GLN J 344 -4.23 -36.99 -30.12
CA GLN J 344 -5.21 -37.76 -29.35
C GLN J 344 -5.52 -37.12 -28.01
N THR J 345 -4.52 -36.54 -27.35
CA THR J 345 -4.75 -35.87 -26.08
C THR J 345 -5.67 -34.66 -26.30
N TRP J 346 -5.44 -33.90 -27.36
CA TRP J 346 -6.32 -32.76 -27.65
C TRP J 346 -7.72 -33.23 -27.99
N ARG J 347 -7.84 -34.29 -28.80
CA ARG J 347 -9.17 -34.84 -29.09
C ARG J 347 -9.90 -35.21 -27.81
N LEU J 348 -9.20 -35.83 -26.86
CA LEU J 348 -9.82 -36.22 -25.61
C LEU J 348 -10.17 -35.00 -24.76
N ALA J 349 -9.20 -34.10 -24.56
CA ALA J 349 -9.44 -32.92 -23.74
C ALA J 349 -10.54 -32.04 -24.31
N ARG J 350 -10.63 -31.97 -25.65
CA ARG J 350 -11.67 -31.15 -26.26
C ARG J 350 -13.05 -31.73 -25.98
N GLU J 351 -13.17 -33.06 -25.96
CA GLU J 351 -14.47 -33.68 -25.72
C GLU J 351 -14.90 -33.50 -24.27
N ILE J 352 -13.96 -33.64 -23.33
CA ILE J 352 -14.30 -33.49 -21.91
C ILE J 352 -14.76 -32.07 -21.64
N LEU J 353 -14.02 -31.08 -22.14
CA LEU J 353 -14.35 -29.69 -21.88
C LEU J 353 -15.63 -29.27 -22.61
N THR J 354 -15.78 -29.70 -23.86
CA THR J 354 -16.98 -29.35 -24.62
C THR J 354 -18.23 -29.96 -23.99
N ASN J 355 -18.16 -31.23 -23.61
CA ASN J 355 -19.30 -31.95 -23.05
C ASN J 355 -18.83 -32.92 -21.97
N PRO J 356 -18.89 -32.52 -20.70
CA PRO J 356 -18.47 -33.43 -19.62
C PRO J 356 -19.27 -34.73 -19.55
N LYS J 357 -20.49 -34.76 -20.08
CA LYS J 357 -21.26 -35.99 -20.07
C LYS J 357 -20.60 -37.09 -20.89
N SER J 358 -19.70 -36.74 -21.80
CA SER J 358 -18.96 -37.75 -22.55
C SER J 358 -18.13 -38.64 -21.64
N LEU J 359 -17.75 -38.15 -20.46
CA LEU J 359 -16.97 -38.94 -19.52
C LEU J 359 -17.68 -40.24 -19.16
N GLU J 360 -19.00 -40.26 -19.23
CA GLU J 360 -19.74 -41.49 -18.93
C GLU J 360 -19.35 -42.62 -19.88
N LYS J 361 -18.97 -42.28 -21.11
CA LYS J 361 -18.59 -43.26 -22.12
C LYS J 361 -17.09 -43.27 -22.39
N LEU J 362 -16.28 -42.75 -21.46
CA LEU J 362 -14.84 -42.77 -21.62
C LEU J 362 -14.20 -43.65 -20.56
#